data_4DX9
#
_entry.id   4DX9
#
_cell.length_a   75.622
_cell.length_b   122.207
_cell.length_c   135.269
_cell.angle_alpha   89.97
_cell.angle_beta   89.99
_cell.angle_gamma   108.11
#
_symmetry.space_group_name_H-M   'P 1'
#
loop_
_entity.id
_entity.type
_entity.pdbx_description
1 polymer 'Integrin beta-1-binding protein 1'
2 polymer 'Integrin beta-1'
#
loop_
_entity_poly.entity_id
_entity_poly.type
_entity_poly.pdbx_seq_one_letter_code
_entity_poly.pdbx_strand_id
1 'polypeptide(L)'
;GPLGSSSGQSNNNSDTCAEFRIKYVGAIEKLKLSEGKGLEGPLDLINYIDVAQQDGKLPFVPPEEEFI(MSE)GVSKYGI
KVSTSDQYDVLHRHALYLIIR(MSE)VCYDDGLGAGKSLLALKTTDASNEEYSLWVYQCNSLEQAQAICKVLSTAFDSVL
TSEKP
;
A,0,k,m,1,C,2,E,3,G,o,q,I,4,K,5,M,O,a,s,u,c,e,g,i,Q,S,U,W,w,Y,y
2 'polypeptide(L)' KSAVTTVVNPKYEGK l,n,x,D,8,H,p,B,9,F,r,J,7,L,6,N,P,t,v,b,d,f,h,j,R,T,V,X,Z,z
#
# COMPACT_ATOMS: atom_id res chain seq x y z
N CYS A 17 -68.65 17.17 -22.91
CA CYS A 17 -68.83 18.63 -23.16
C CYS A 17 -68.56 19.42 -21.88
N ALA A 18 -67.28 19.48 -21.50
CA ALA A 18 -66.85 20.20 -20.30
C ALA A 18 -65.98 21.40 -20.68
N GLU A 19 -66.12 22.47 -19.92
CA GLU A 19 -65.43 23.73 -20.20
C GLU A 19 -64.28 23.98 -19.24
N PHE A 20 -63.24 24.65 -19.75
CA PHE A 20 -62.02 24.91 -18.99
C PHE A 20 -61.53 26.35 -19.12
N ARG A 21 -60.47 26.68 -18.38
CA ARG A 21 -59.91 28.02 -18.36
C ARG A 21 -58.41 27.95 -18.64
N ILE A 22 -57.97 28.61 -19.71
CA ILE A 22 -56.57 28.54 -20.16
C ILE A 22 -56.02 29.89 -20.64
N LYS A 23 -54.71 29.91 -20.94
CA LYS A 23 -54.06 31.05 -21.59
C LYS A 23 -53.43 30.58 -22.90
N TYR A 24 -53.43 31.46 -23.90
CA TYR A 24 -52.94 31.11 -25.24
C TYR A 24 -51.46 31.45 -25.39
N VAL A 25 -50.75 30.69 -26.22
CA VAL A 25 -49.32 30.92 -26.46
C VAL A 25 -49.05 31.28 -27.92
N GLY A 26 -49.37 30.37 -28.84
CA GLY A 26 -49.15 30.60 -30.27
C GLY A 26 -49.47 29.41 -31.15
N ALA A 27 -49.13 29.54 -32.44
CA ALA A 27 -49.34 28.48 -33.42
C ALA A 27 -48.29 28.53 -34.53
N ILE A 28 -48.11 27.41 -35.22
CA ILE A 28 -47.16 27.28 -36.32
C ILE A 28 -47.92 27.32 -37.65
N GLU A 29 -47.47 28.19 -38.56
CA GLU A 29 -48.11 28.37 -39.86
C GLU A 29 -47.92 27.16 -40.77
N GLU A 40 -41.42 10.56 -32.21
CA GLU A 40 -42.10 9.28 -32.10
C GLU A 40 -43.09 9.28 -30.93
N GLY A 41 -42.62 9.69 -29.76
CA GLY A 41 -43.46 9.79 -28.56
C GLY A 41 -43.80 11.23 -28.22
N PRO A 42 -44.34 11.46 -27.00
CA PRO A 42 -44.69 12.81 -26.57
C PRO A 42 -43.46 13.63 -26.15
N LEU A 43 -42.35 12.94 -25.90
CA LEU A 43 -41.10 13.57 -25.49
C LEU A 43 -40.54 14.47 -26.59
N ASP A 44 -40.73 14.06 -27.84
CA ASP A 44 -40.33 14.83 -29.01
C ASP A 44 -41.14 16.12 -29.17
N LEU A 45 -42.44 16.05 -28.86
CA LEU A 45 -43.34 17.21 -28.96
C LEU A 45 -42.94 18.35 -28.02
N ILE A 46 -42.44 17.99 -26.84
CA ILE A 46 -41.97 18.96 -25.85
C ILE A 46 -40.74 19.71 -26.36
N ASN A 47 -39.84 18.99 -27.04
CA ASN A 47 -38.64 19.59 -27.61
C ASN A 47 -38.95 20.64 -28.68
N TYR A 48 -39.88 20.30 -29.57
CA TYR A 48 -40.25 21.19 -30.68
C TYR A 48 -40.79 22.52 -30.18
N ILE A 49 -41.41 22.51 -29.01
CA ILE A 49 -41.84 23.73 -28.34
C ILE A 49 -40.63 24.46 -27.76
N ASP A 50 -39.76 23.71 -27.09
CA ASP A 50 -38.56 24.26 -26.44
C ASP A 50 -37.55 24.87 -27.42
N VAL A 51 -37.57 24.40 -28.66
CA VAL A 51 -36.74 24.98 -29.72
C VAL A 51 -37.41 26.26 -30.25
N ALA A 52 -38.70 26.16 -30.55
CA ALA A 52 -39.49 27.30 -31.03
C ALA A 52 -39.72 28.35 -29.94
N GLN A 53 -39.28 28.05 -28.72
CA GLN A 53 -39.41 28.95 -27.58
C GLN A 53 -38.10 29.70 -27.36
N GLN A 54 -36.99 28.99 -27.55
CA GLN A 54 -35.64 29.57 -27.38
C GLN A 54 -35.24 30.40 -28.59
N ASP A 55 -35.99 30.30 -29.67
CA ASP A 55 -35.79 31.14 -30.85
C ASP A 55 -36.65 32.40 -30.76
N GLY A 56 -37.93 32.21 -30.46
CA GLY A 56 -38.88 33.31 -30.34
C GLY A 56 -40.14 33.12 -31.15
N LYS A 57 -40.30 31.93 -31.75
CA LYS A 57 -41.46 31.61 -32.56
C LYS A 57 -42.74 31.57 -31.71
N LEU A 58 -42.62 31.03 -30.50
CA LEU A 58 -43.71 31.03 -29.52
C LEU A 58 -43.16 31.50 -28.17
N PRO A 59 -43.85 32.46 -27.53
CA PRO A 59 -43.36 33.06 -26.28
C PRO A 59 -43.58 32.19 -25.05
N PHE A 60 -42.74 32.39 -24.04
CA PHE A 60 -42.85 31.67 -22.76
C PHE A 60 -44.10 32.09 -21.99
N VAL A 61 -44.01 33.21 -21.28
CA VAL A 61 -45.12 33.72 -20.48
C VAL A 61 -46.13 34.46 -21.37
N PRO A 62 -47.41 34.06 -21.29
CA PRO A 62 -48.47 34.68 -22.08
C PRO A 62 -49.14 35.86 -21.37
N PRO A 63 -49.93 36.66 -22.11
CA PRO A 63 -50.78 37.67 -21.47
C PRO A 63 -51.87 37.02 -20.62
N GLU A 64 -52.31 37.73 -19.58
CA GLU A 64 -53.27 37.20 -18.60
C GLU A 64 -54.64 36.83 -19.18
N GLU A 65 -54.85 37.14 -20.47
CA GLU A 65 -56.15 36.91 -21.12
C GLU A 65 -56.64 35.46 -21.04
N GLU A 66 -57.77 35.29 -20.36
CA GLU A 66 -58.32 33.98 -20.03
C GLU A 66 -59.37 33.54 -21.05
N PHE A 67 -59.11 32.42 -21.71
CA PHE A 67 -60.03 31.89 -22.72
C PHE A 67 -60.62 30.55 -22.31
N ILE A 68 -61.81 30.25 -22.86
CA ILE A 68 -62.53 29.01 -22.57
C ILE A 68 -62.11 27.91 -23.53
N GLY A 70 -63.45 24.48 -24.23
CA GLY A 70 -64.47 23.45 -24.09
C GLY A 70 -64.10 22.17 -24.81
N VAL A 71 -64.23 21.05 -24.10
CA VAL A 71 -63.90 19.75 -24.69
C VAL A 71 -65.19 18.96 -24.94
N SER A 72 -65.74 19.16 -26.14
CA SER A 72 -67.00 18.53 -26.54
C SER A 72 -66.76 17.28 -27.38
N LYS A 73 -67.83 16.53 -27.64
CA LYS A 73 -67.76 15.33 -28.48
C LYS A 73 -67.46 15.70 -29.94
N TYR A 74 -67.97 16.86 -30.36
CA TYR A 74 -67.77 17.38 -31.72
C TYR A 74 -66.30 17.69 -31.97
N GLY A 75 -65.70 18.47 -31.07
CA GLY A 75 -64.29 18.83 -31.16
C GLY A 75 -63.86 19.80 -30.08
N ILE A 76 -62.61 20.27 -30.16
CA ILE A 76 -62.08 21.18 -29.15
C ILE A 76 -62.62 22.60 -29.37
N LYS A 77 -63.64 22.95 -28.59
CA LYS A 77 -64.31 24.23 -28.69
C LYS A 77 -63.65 25.26 -27.77
N HIS A 88 -63.14 28.67 -34.18
CA HIS A 88 -61.92 27.95 -33.84
C HIS A 88 -62.26 26.60 -33.29
N ARG A 89 -62.20 25.59 -34.16
CA ARG A 89 -62.53 24.21 -33.80
C ARG A 89 -61.50 23.23 -34.34
N HIS A 90 -61.27 22.14 -33.60
CA HIS A 90 -60.30 21.11 -33.99
C HIS A 90 -60.92 19.74 -34.01
N ALA A 91 -60.53 18.94 -35.00
CA ALA A 91 -61.11 17.63 -35.24
C ALA A 91 -60.82 16.62 -34.12
N LEU A 92 -61.58 15.52 -34.12
CA LEU A 92 -61.40 14.45 -33.15
C LEU A 92 -60.74 13.23 -33.79
N TYR A 93 -60.83 13.14 -35.11
CA TYR A 93 -60.19 12.06 -35.87
C TYR A 93 -58.75 12.46 -36.22
N LEU A 94 -58.58 13.72 -36.60
CA LEU A 94 -57.28 14.23 -37.06
C LEU A 94 -56.33 14.54 -35.91
N ILE A 95 -56.87 14.72 -34.71
CA ILE A 95 -56.06 14.94 -33.50
C ILE A 95 -55.31 13.65 -33.15
N ILE A 96 -54.07 13.79 -32.70
CA ILE A 96 -53.21 12.64 -32.41
C ILE A 96 -52.76 12.57 -30.96
N ARG A 97 -52.16 13.65 -30.46
CA ARG A 97 -51.49 13.63 -29.16
C ARG A 97 -51.69 14.90 -28.34
N VAL A 99 -49.99 16.76 -24.84
CA VAL A 99 -48.91 16.74 -23.86
C VAL A 99 -49.06 17.89 -22.86
N CYS A 100 -48.78 17.61 -21.59
CA CYS A 100 -48.82 18.62 -20.54
C CYS A 100 -47.69 18.40 -19.53
N TYR A 101 -46.92 19.47 -19.28
CA TYR A 101 -45.77 19.41 -18.39
C TYR A 101 -45.62 20.69 -17.57
N ASP A 102 -44.42 20.95 -17.07
CA ASP A 102 -44.16 22.14 -16.25
C ASP A 102 -43.06 23.01 -16.88
N ASP A 103 -43.40 23.61 -18.02
CA ASP A 103 -42.50 24.48 -18.80
C ASP A 103 -41.00 24.30 -18.56
N GLY A 108 -45.37 28.23 -10.61
CA GLY A 108 -45.95 26.89 -10.62
C GLY A 108 -47.10 26.73 -11.60
N LYS A 109 -46.82 27.06 -12.87
CA LYS A 109 -47.81 26.91 -13.94
C LYS A 109 -47.50 25.71 -14.84
N SER A 110 -48.09 25.69 -16.03
CA SER A 110 -47.95 24.55 -16.96
C SER A 110 -47.95 24.97 -18.43
N LEU A 111 -47.90 23.97 -19.31
CA LEU A 111 -48.04 24.18 -20.76
C LEU A 111 -48.93 23.11 -21.39
N LEU A 112 -49.28 23.29 -22.67
CA LEU A 112 -50.07 22.31 -23.40
C LEU A 112 -49.65 22.19 -24.87
N ALA A 113 -49.96 21.05 -25.48
CA ALA A 113 -49.62 20.80 -26.88
C ALA A 113 -50.59 19.86 -27.56
N LEU A 114 -51.00 20.20 -28.78
CA LEU A 114 -51.91 19.36 -29.58
C LEU A 114 -51.21 18.83 -30.84
N LYS A 115 -51.96 18.10 -31.68
CA LYS A 115 -51.44 17.57 -32.94
C LYS A 115 -52.55 17.30 -33.96
N THR A 116 -53.01 18.37 -34.62
CA THR A 116 -54.06 18.26 -35.64
C THR A 116 -53.47 18.15 -37.05
N THR A 117 -54.22 17.54 -37.95
CA THR A 117 -53.80 17.36 -39.35
C THR A 117 -54.98 17.34 -40.30
N GLU A 123 -48.61 17.28 -43.80
CA GLU A 123 -48.59 18.54 -43.07
C GLU A 123 -49.25 18.42 -41.71
N TYR A 124 -48.47 18.63 -40.66
CA TYR A 124 -48.96 18.53 -39.28
C TYR A 124 -49.04 19.90 -38.60
N SER A 125 -49.90 20.01 -37.60
CA SER A 125 -50.02 21.22 -36.80
C SER A 125 -49.71 20.95 -35.33
N LEU A 126 -49.27 21.99 -34.62
CA LEU A 126 -48.92 21.88 -33.21
C LEU A 126 -49.45 23.08 -32.42
N TRP A 127 -50.69 22.97 -31.96
CA TRP A 127 -51.33 24.04 -31.20
C TRP A 127 -50.87 24.03 -29.77
N VAL A 128 -50.42 25.19 -29.29
CA VAL A 128 -49.83 25.33 -27.96
C VAL A 128 -50.67 26.26 -27.07
N TYR A 129 -50.85 25.86 -25.81
CA TYR A 129 -51.62 26.65 -24.85
C TYR A 129 -50.86 26.80 -23.53
N GLN A 130 -51.58 27.17 -22.46
CA GLN A 130 -51.00 27.32 -21.12
C GLN A 130 -52.08 27.22 -20.03
N CYS A 131 -51.91 26.24 -19.13
CA CYS A 131 -52.88 25.98 -18.06
C CYS A 131 -52.48 26.62 -16.73
N ASN A 132 -53.45 26.69 -15.82
CA ASN A 132 -53.24 27.29 -14.50
C ASN A 132 -52.34 26.45 -13.61
N SER A 133 -52.53 25.13 -13.67
CA SER A 133 -51.70 24.18 -12.92
C SER A 133 -51.48 22.88 -13.71
N LEU A 134 -50.77 21.95 -13.11
CA LEU A 134 -50.50 20.65 -13.75
C LEU A 134 -51.70 19.72 -13.65
N GLU A 135 -52.35 19.71 -12.49
CA GLU A 135 -53.50 18.83 -12.25
C GLU A 135 -54.64 19.07 -13.22
N GLN A 136 -54.94 20.34 -13.49
CA GLN A 136 -55.99 20.71 -14.44
C GLN A 136 -55.55 20.42 -15.87
N ALA A 137 -54.26 20.58 -16.14
CA ALA A 137 -53.69 20.28 -17.45
C ALA A 137 -53.73 18.77 -17.73
N GLN A 138 -53.56 17.99 -16.68
CA GLN A 138 -53.69 16.53 -16.75
C GLN A 138 -55.16 16.13 -16.82
N ALA A 139 -56.02 16.94 -16.21
CA ALA A 139 -57.46 16.67 -16.19
C ALA A 139 -58.10 16.78 -17.57
N ILE A 140 -57.54 17.63 -18.42
CA ILE A 140 -58.03 17.77 -19.80
C ILE A 140 -57.81 16.48 -20.59
N CYS A 141 -56.64 15.87 -20.41
CA CYS A 141 -56.33 14.56 -21.01
C CYS A 141 -57.40 13.52 -20.67
N LYS A 142 -57.81 13.51 -19.40
CA LYS A 142 -58.83 12.59 -18.91
C LYS A 142 -60.15 12.67 -19.68
N VAL A 143 -60.49 13.88 -20.14
CA VAL A 143 -61.71 14.10 -20.92
C VAL A 143 -61.54 13.50 -22.32
N LEU A 144 -60.34 13.67 -22.88
CA LEU A 144 -60.01 13.10 -24.19
C LEU A 144 -59.87 11.57 -24.14
N SER A 145 -59.69 11.04 -22.94
CA SER A 145 -59.56 9.59 -22.74
C SER A 145 -60.86 8.85 -23.06
N THR A 146 -62.00 9.48 -22.74
CA THR A 146 -63.31 8.89 -23.03
C THR A 146 -63.97 9.49 -24.29
N ALA A 147 -63.66 10.75 -24.58
CA ALA A 147 -64.17 11.41 -25.79
C ALA A 147 -63.65 10.72 -27.06
N PHE A 148 -62.50 10.06 -26.93
CA PHE A 148 -61.97 9.19 -27.98
C PHE A 148 -62.79 7.91 -28.07
N ASP A 149 -63.15 7.36 -26.90
CA ASP A 149 -63.99 6.16 -26.81
C ASP A 149 -65.46 6.48 -27.07
N SER A 150 -65.76 7.77 -27.24
CA SER A 150 -67.11 8.22 -27.57
C SER A 150 -67.41 8.05 -29.06
N VAL A 151 -66.34 8.08 -29.88
CA VAL A 151 -66.45 7.90 -31.33
C VAL A 151 -65.97 6.52 -31.77
N CYS B 17 -18.91 16.43 -69.56
CA CYS B 17 -17.90 17.51 -69.67
C CYS B 17 -17.74 18.25 -68.34
N ALA B 18 -16.49 18.44 -67.93
CA ALA B 18 -16.19 19.15 -66.68
C ALA B 18 -14.81 19.81 -66.76
N GLU B 19 -14.75 21.09 -66.38
CA GLU B 19 -13.51 21.87 -66.48
C GLU B 19 -12.83 22.07 -65.13
N PHE B 20 -11.50 22.03 -65.12
CA PHE B 20 -10.70 22.16 -63.89
C PHE B 20 -9.45 23.00 -64.09
N ARG B 21 -9.05 23.71 -63.03
CA ARG B 21 -7.80 24.48 -63.03
C ARG B 21 -6.63 23.57 -62.62
N ILE B 22 -5.65 23.48 -63.50
CA ILE B 22 -4.47 22.63 -63.27
C ILE B 22 -3.16 23.33 -63.64
N LYS B 23 -2.05 22.62 -63.51
CA LYS B 23 -0.73 23.10 -63.91
C LYS B 23 0.03 22.02 -64.67
N TYR B 24 0.73 22.42 -65.73
CA TYR B 24 1.53 21.51 -66.55
C TYR B 24 2.95 21.43 -66.00
N VAL B 25 3.50 20.21 -65.96
CA VAL B 25 4.85 19.98 -65.44
C VAL B 25 5.81 19.53 -66.56
N GLY B 26 6.21 18.25 -66.53
CA GLY B 26 7.17 17.73 -67.50
C GLY B 26 6.65 16.55 -68.31
N ALA B 27 7.54 15.93 -69.09
CA ALA B 27 7.18 14.81 -69.96
C ALA B 27 8.29 13.78 -70.11
N ILE B 28 7.93 12.50 -69.97
CA ILE B 28 8.85 11.38 -70.20
C ILE B 28 8.16 10.26 -70.98
N GLY B 41 1.63 -0.80 -62.46
CA GLY B 41 0.35 -0.80 -61.75
C GLY B 41 -0.12 0.59 -61.39
N PRO B 42 -0.82 0.73 -60.26
CA PRO B 42 -1.23 2.06 -59.79
C PRO B 42 -0.08 2.88 -59.20
N LEU B 43 0.86 2.20 -58.55
CA LEU B 43 1.97 2.86 -57.85
C LEU B 43 3.34 2.53 -58.44
N ASP B 44 3.40 1.43 -59.19
CA ASP B 44 4.59 1.05 -59.93
C ASP B 44 4.83 2.07 -61.04
N LEU B 45 3.73 2.64 -61.53
CA LEU B 45 3.75 3.71 -62.51
C LEU B 45 4.25 5.01 -61.89
N ILE B 46 3.94 5.21 -60.61
CA ILE B 46 4.36 6.40 -59.87
C ILE B 46 5.88 6.47 -59.77
N ASN B 47 6.51 5.38 -59.33
CA ASN B 47 7.95 5.33 -59.11
C ASN B 47 8.79 5.46 -60.39
N TYR B 48 8.11 5.48 -61.53
CA TYR B 48 8.74 5.70 -62.83
C TYR B 48 9.13 7.18 -62.97
N ILE B 49 8.26 8.06 -62.47
CA ILE B 49 8.49 9.51 -62.50
C ILE B 49 9.40 9.94 -61.36
N ASP B 50 9.34 9.19 -60.26
CA ASP B 50 10.08 9.52 -59.03
C ASP B 50 11.60 9.47 -59.23
N VAL B 51 12.04 8.68 -60.20
CA VAL B 51 13.46 8.61 -60.58
C VAL B 51 13.80 9.69 -61.61
N ALA B 52 12.81 10.06 -62.42
CA ALA B 52 12.96 11.13 -63.41
C ALA B 52 13.20 12.49 -62.76
N GLN B 53 12.59 12.71 -61.59
CA GLN B 53 12.80 13.92 -60.80
C GLN B 53 14.18 13.93 -60.13
N GLN B 54 14.64 12.75 -59.71
CA GLN B 54 15.93 12.59 -59.02
C GLN B 54 17.15 12.87 -59.89
N ASP B 55 17.04 12.58 -61.19
CA ASP B 55 18.12 12.87 -62.14
C ASP B 55 18.25 14.36 -62.44
N GLY B 56 17.10 15.03 -62.61
CA GLY B 56 17.08 16.49 -62.82
C GLY B 56 16.30 16.96 -64.03
N LYS B 57 15.86 16.03 -64.86
CA LYS B 57 15.13 16.34 -66.09
C LYS B 57 13.71 16.83 -65.80
N LEU B 58 13.11 16.32 -64.74
CA LEU B 58 11.76 16.71 -64.32
C LEU B 58 11.79 17.78 -63.22
N PRO B 59 11.00 18.85 -63.38
CA PRO B 59 10.93 19.92 -62.38
C PRO B 59 9.99 19.62 -61.21
N PHE B 60 10.42 19.95 -60.00
CA PHE B 60 9.63 19.74 -58.80
C PHE B 60 8.52 20.78 -58.69
N VAL B 61 8.90 22.06 -58.76
CA VAL B 61 7.95 23.16 -58.78
C VAL B 61 7.66 23.52 -60.24
N PRO B 62 6.39 23.32 -60.68
CA PRO B 62 6.04 23.42 -62.10
C PRO B 62 5.95 24.86 -62.58
N PRO B 63 5.97 25.08 -63.90
CA PRO B 63 5.83 26.43 -64.45
C PRO B 63 4.51 27.04 -64.00
N GLU B 64 4.47 28.37 -63.86
CA GLU B 64 3.21 29.08 -63.65
C GLU B 64 2.53 29.35 -64.99
N GLU B 65 2.37 28.29 -65.78
CA GLU B 65 1.47 28.36 -66.91
C GLU B 65 0.27 27.51 -66.52
N GLU B 66 -0.69 28.15 -65.86
CA GLU B 66 -1.92 27.48 -65.44
C GLU B 66 -2.74 27.14 -66.68
N PHE B 67 -3.45 26.03 -66.62
CA PHE B 67 -4.23 25.56 -67.75
C PHE B 67 -5.69 25.28 -67.37
N ILE B 68 -6.56 25.31 -68.37
CA ILE B 68 -7.97 24.96 -68.19
C ILE B 68 -8.26 23.72 -69.05
N GLY B 70 -10.61 20.06 -69.83
CA GLY B 70 -11.95 19.49 -69.75
C GLY B 70 -11.98 18.02 -70.13
N VAL B 71 -12.60 17.20 -69.29
CA VAL B 71 -12.80 15.79 -69.58
C VAL B 71 -14.22 15.60 -70.12
N SER B 72 -14.34 15.54 -71.43
CA SER B 72 -15.65 15.47 -72.09
C SER B 72 -16.08 14.03 -72.34
N LYS B 73 -16.02 13.59 -73.60
CA LYS B 73 -16.38 12.23 -73.99
C LYS B 73 -15.50 11.77 -75.15
N TYR B 74 -14.82 12.73 -75.78
CA TYR B 74 -13.92 12.46 -76.90
C TYR B 74 -12.48 12.30 -76.44
N GLY B 75 -12.11 13.02 -75.38
CA GLY B 75 -10.77 12.93 -74.80
C GLY B 75 -10.45 14.03 -73.80
N ILE B 76 -9.21 14.48 -73.81
CA ILE B 76 -8.72 15.52 -72.89
C ILE B 76 -8.05 16.66 -73.65
N LYS B 77 -8.55 17.88 -73.44
CA LYS B 77 -8.01 19.07 -74.09
C LYS B 77 -7.46 20.04 -73.03
N VAL B 78 -6.13 20.15 -72.99
CA VAL B 78 -5.44 21.02 -72.04
C VAL B 78 -4.96 22.30 -72.75
N SER B 79 -5.58 23.43 -72.40
CA SER B 79 -5.28 24.71 -73.04
C SER B 79 -5.53 25.88 -72.10
N THR B 80 -4.89 27.02 -72.39
CA THR B 80 -5.07 28.24 -71.61
C THR B 80 -6.23 29.06 -72.16
N LEU B 87 -3.91 22.97 -76.20
CA LEU B 87 -2.55 22.66 -76.63
C LEU B 87 -2.32 21.15 -76.72
N HIS B 88 -2.75 20.42 -75.69
CA HIS B 88 -2.56 18.98 -75.61
C HIS B 88 -3.79 18.20 -76.02
N ARG B 89 -3.58 17.14 -76.79
CA ARG B 89 -4.66 16.32 -77.33
C ARG B 89 -4.46 14.86 -76.96
N HIS B 90 -5.35 14.34 -76.10
CA HIS B 90 -5.29 12.94 -75.66
C HIS B 90 -6.64 12.29 -75.78
N ALA B 91 -6.80 11.43 -76.79
CA ALA B 91 -8.07 10.76 -77.07
C ALA B 91 -8.39 9.67 -76.04
N LEU B 92 -9.68 9.52 -75.75
CA LEU B 92 -10.17 8.60 -74.72
C LEU B 92 -9.89 7.13 -75.05
N TYR B 93 -9.83 6.83 -76.35
CA TYR B 93 -9.46 5.49 -76.81
C TYR B 93 -8.00 5.16 -76.51
N LEU B 94 -7.18 6.20 -76.38
CA LEU B 94 -5.75 6.04 -76.10
C LEU B 94 -5.44 6.11 -74.60
N ILE B 95 -6.34 6.72 -73.84
CA ILE B 95 -6.22 6.80 -72.39
C ILE B 95 -6.57 5.45 -71.76
N ILE B 96 -5.78 5.04 -70.76
CA ILE B 96 -6.00 3.76 -70.07
C ILE B 96 -5.99 3.85 -68.54
N ARG B 97 -4.97 4.50 -67.98
CA ARG B 97 -4.78 4.55 -66.53
C ARG B 97 -4.28 5.91 -66.05
N VAL B 99 -3.43 8.34 -62.84
CA VAL B 99 -3.01 8.23 -61.44
C VAL B 99 -2.75 9.62 -60.85
N CYS B 100 -3.39 9.90 -59.70
CA CYS B 100 -3.12 11.13 -58.95
C CYS B 100 -2.76 10.80 -57.51
N TYR B 101 -1.70 11.43 -57.01
CA TYR B 101 -1.21 11.19 -55.64
C TYR B 101 -0.63 12.46 -55.01
N ASP B 102 -0.46 12.42 -53.69
CA ASP B 102 0.07 13.56 -52.96
C ASP B 102 1.56 13.73 -53.21
N ASP B 103 1.97 14.98 -53.44
CA ASP B 103 3.37 15.31 -53.69
C ASP B 103 4.17 15.25 -52.39
N GLY B 104 3.60 15.84 -51.33
CA GLY B 104 4.24 15.84 -50.01
C GLY B 104 5.55 16.58 -49.97
N LEU B 105 5.72 17.55 -50.88
CA LEU B 105 6.93 18.36 -50.92
C LEU B 105 6.99 19.20 -49.65
N GLY B 106 5.95 20.02 -49.45
CA GLY B 106 5.78 20.78 -48.21
C GLY B 106 4.36 20.67 -47.71
N ALA B 107 3.41 20.69 -48.65
CA ALA B 107 1.99 20.69 -48.34
C ALA B 107 1.18 20.10 -49.48
N LYS B 109 -0.57 19.22 -52.06
CA LYS B 109 -0.43 19.35 -53.49
C LYS B 109 -0.49 18.00 -54.20
N SER B 110 -1.22 17.96 -55.31
CA SER B 110 -1.43 16.74 -56.09
C SER B 110 -0.39 16.57 -57.19
N LEU B 111 -0.32 15.35 -57.74
CA LEU B 111 0.59 15.02 -58.81
C LEU B 111 -0.12 14.05 -59.77
N LEU B 112 -1.09 14.58 -60.51
CA LEU B 112 -1.91 13.79 -61.42
C LEU B 112 -1.17 13.46 -62.72
N ALA B 113 -1.04 12.17 -63.00
CA ALA B 113 -0.31 11.69 -64.18
C ALA B 113 -1.22 10.99 -65.18
N LEU B 114 -1.00 11.28 -66.46
CA LEU B 114 -1.82 10.73 -67.53
C LEU B 114 -1.01 9.76 -68.41
N LYS B 115 -1.63 8.64 -68.78
CA LYS B 115 -0.97 7.58 -69.53
C LYS B 115 -1.66 7.33 -70.87
N THR B 116 -0.86 7.28 -71.93
CA THR B 116 -1.35 7.03 -73.29
C THR B 116 -0.42 6.07 -74.03
N SER B 125 3.60 7.50 -73.84
CA SER B 125 4.40 7.86 -72.66
C SER B 125 3.53 8.42 -71.54
N LEU B 126 4.18 8.99 -70.52
CA LEU B 126 3.50 9.52 -69.34
C LEU B 126 3.59 11.03 -69.27
N TRP B 127 2.53 11.64 -68.74
CA TRP B 127 2.44 13.10 -68.62
C TRP B 127 2.18 13.52 -67.21
N VAL B 128 2.80 14.62 -66.80
CA VAL B 128 2.69 15.12 -65.42
C VAL B 128 1.85 16.40 -65.37
N TYR B 129 0.88 16.42 -64.46
CA TYR B 129 -0.03 17.56 -64.27
C TYR B 129 -0.28 17.83 -62.78
N GLN B 130 0.27 18.94 -62.29
CA GLN B 130 0.10 19.31 -60.88
C GLN B 130 -1.25 19.97 -60.64
N CYS B 131 -1.93 19.54 -59.57
CA CYS B 131 -3.19 20.14 -59.15
C CYS B 131 -3.02 20.95 -57.86
N ASN B 132 -3.96 21.84 -57.60
CA ASN B 132 -3.90 22.77 -56.46
C ASN B 132 -4.16 22.12 -55.09
N SER B 133 -4.82 20.97 -55.10
CA SER B 133 -5.14 20.26 -53.86
C SER B 133 -4.99 18.74 -54.03
N LEU B 134 -6.03 18.00 -53.67
CA LEU B 134 -6.06 16.55 -53.85
C LEU B 134 -7.46 16.09 -54.25
N GLU B 135 -8.46 16.71 -53.64
CA GLU B 135 -9.86 16.42 -53.95
C GLU B 135 -10.22 16.83 -55.37
N GLN B 136 -9.62 17.92 -55.85
CA GLN B 136 -9.84 18.39 -57.22
C GLN B 136 -9.25 17.45 -58.27
N ALA B 137 -8.18 16.75 -57.89
CA ALA B 137 -7.59 15.74 -58.76
C ALA B 137 -8.48 14.51 -58.86
N GLN B 138 -9.14 14.17 -57.75
CA GLN B 138 -10.09 13.06 -57.70
C GLN B 138 -11.32 13.34 -58.56
N ALA B 139 -11.68 14.62 -58.66
CA ALA B 139 -12.77 15.07 -59.53
C ALA B 139 -12.46 14.80 -60.99
N ILE B 140 -11.23 15.11 -61.41
CA ILE B 140 -10.79 14.88 -62.78
C ILE B 140 -10.84 13.38 -63.10
N CYS B 141 -10.42 12.56 -62.13
CA CYS B 141 -10.43 11.11 -62.26
C CYS B 141 -11.85 10.55 -62.27
N LYS B 142 -12.73 11.13 -61.46
CA LYS B 142 -14.13 10.72 -61.39
C LYS B 142 -14.87 10.91 -62.71
N VAL B 143 -14.69 12.09 -63.32
CA VAL B 143 -15.33 12.42 -64.59
C VAL B 143 -14.76 11.55 -65.72
N LEU B 144 -13.50 11.14 -65.56
CA LEU B 144 -12.87 10.21 -66.49
C LEU B 144 -13.46 8.80 -66.34
N SER B 145 -13.84 8.44 -65.11
CA SER B 145 -14.41 7.11 -64.84
C SER B 145 -15.73 6.90 -65.59
N THR B 146 -16.66 7.86 -65.43
CA THR B 146 -17.96 7.81 -66.11
C THR B 146 -17.85 7.97 -67.63
N ALA B 147 -16.76 8.59 -68.09
CA ALA B 147 -16.48 8.72 -69.51
C ALA B 147 -16.22 7.34 -70.13
N PHE B 148 -15.38 6.56 -69.45
CA PHE B 148 -15.09 5.18 -69.87
C PHE B 148 -16.27 4.25 -69.64
N ASP B 149 -17.01 4.49 -68.55
CA ASP B 149 -18.17 3.67 -68.19
C ASP B 149 -19.34 3.83 -69.18
N SER B 150 -19.35 4.94 -69.91
CA SER B 150 -20.38 5.19 -70.91
C SER B 150 -19.99 4.63 -72.28
N VAL B 151 -18.78 4.96 -72.75
CA VAL B 151 -18.34 4.62 -74.11
C VAL B 151 -18.28 3.11 -74.42
N LEU B 152 -18.23 2.30 -73.36
CA LEU B 152 -18.26 0.84 -73.50
C LEU B 152 -19.70 0.31 -73.45
N THR B 153 -20.37 0.37 -74.59
CA THR B 153 -21.74 -0.16 -74.73
C THR B 153 -21.89 -0.93 -76.05
N CYS C 17 -61.14 -24.37 62.73
CA CYS C 17 -60.58 -25.75 62.74
C CYS C 17 -61.25 -26.60 61.67
N ALA C 18 -60.44 -27.16 60.77
CA ALA C 18 -60.93 -27.96 59.65
C ALA C 18 -59.98 -29.09 59.28
N GLU C 19 -60.55 -30.23 58.88
CA GLU C 19 -59.78 -31.40 58.46
C GLU C 19 -59.95 -31.69 56.98
N PHE C 20 -58.87 -32.14 56.34
CA PHE C 20 -58.87 -32.49 54.93
C PHE C 20 -58.14 -33.81 54.68
N ARG C 21 -58.64 -34.58 53.71
CA ARG C 21 -58.08 -35.89 53.39
C ARG C 21 -57.32 -35.82 52.07
N ILE C 22 -56.00 -35.92 52.15
CA ILE C 22 -55.13 -35.69 50.99
C ILE C 22 -53.99 -36.71 50.83
N LYS C 23 -53.19 -36.54 49.78
CA LYS C 23 -52.02 -37.39 49.53
C LYS C 23 -50.71 -36.60 49.73
N TYR C 24 -49.62 -37.32 49.92
CA TYR C 24 -48.30 -36.71 50.12
C TYR C 24 -47.37 -37.00 48.95
N VAL C 25 -46.82 -35.94 48.36
CA VAL C 25 -45.95 -36.06 47.20
C VAL C 25 -44.48 -36.17 47.63
N GLY C 26 -44.03 -35.22 48.45
CA GLY C 26 -42.65 -35.21 48.95
C GLY C 26 -42.26 -33.89 49.56
N ALA C 27 -40.95 -33.66 49.69
CA ALA C 27 -40.42 -32.43 50.29
C ALA C 27 -39.03 -32.07 49.76
N ILE C 28 -38.76 -30.77 49.70
CA ILE C 28 -37.44 -30.26 49.37
C ILE C 28 -36.88 -29.46 50.55
N GLU C 29 -35.88 -30.03 51.22
CA GLU C 29 -35.19 -29.37 52.31
C GLU C 29 -34.24 -28.29 51.81
N GLY C 41 -42.43 -14.79 46.43
CA GLY C 41 -43.27 -14.74 45.24
C GLY C 41 -44.08 -16.01 45.04
N PRO C 42 -45.33 -15.89 44.55
CA PRO C 42 -46.20 -17.04 44.34
C PRO C 42 -45.78 -17.93 43.16
N LEU C 43 -45.27 -17.29 42.10
CA LEU C 43 -44.87 -18.02 40.89
C LEU C 43 -43.49 -18.67 41.01
N ASP C 44 -42.60 -18.03 41.77
CA ASP C 44 -41.24 -18.53 41.99
C ASP C 44 -41.25 -19.87 42.72
N LEU C 45 -42.24 -20.06 43.60
CA LEU C 45 -42.43 -21.32 44.33
C LEU C 45 -42.92 -22.45 43.44
N ILE C 46 -43.72 -22.13 42.42
CA ILE C 46 -44.23 -23.12 41.47
C ILE C 46 -43.09 -23.64 40.58
N ASN C 47 -42.26 -22.72 40.08
CA ASN C 47 -41.10 -23.07 39.26
C ASN C 47 -40.14 -24.06 39.93
N TYR C 48 -39.97 -23.92 41.24
CA TYR C 48 -39.06 -24.76 42.00
C TYR C 48 -39.56 -26.20 42.15
N ILE C 49 -40.88 -26.38 42.03
CA ILE C 49 -41.49 -27.71 42.10
C ILE C 49 -41.35 -28.45 40.76
N ASP C 50 -41.57 -27.71 39.66
CA ASP C 50 -41.46 -28.28 38.31
C ASP C 50 -40.04 -28.73 37.94
N VAL C 51 -39.05 -27.96 38.39
CA VAL C 51 -37.63 -28.28 38.14
C VAL C 51 -37.21 -29.56 38.88
N ALA C 52 -37.59 -29.66 40.15
CA ALA C 52 -37.27 -30.82 40.98
C ALA C 52 -38.01 -32.10 40.55
N GLN C 53 -39.13 -31.93 39.84
CA GLN C 53 -39.87 -33.08 39.31
C GLN C 53 -39.20 -33.72 38.10
N GLN C 54 -38.43 -32.92 37.35
CA GLN C 54 -37.79 -33.36 36.12
C GLN C 54 -36.50 -34.15 36.33
N ASP C 55 -35.71 -33.74 37.32
CA ASP C 55 -34.43 -34.40 37.63
C ASP C 55 -34.62 -35.80 38.22
N GLY C 56 -35.53 -35.93 39.18
CA GLY C 56 -35.82 -37.20 39.82
C GLY C 56 -35.91 -37.12 41.34
N LYS C 57 -36.33 -35.96 41.83
CA LYS C 57 -36.51 -35.74 43.28
C LYS C 57 -37.95 -36.00 43.69
N LEU C 58 -38.88 -35.36 42.99
CA LEU C 58 -40.31 -35.49 43.27
C LEU C 58 -41.02 -36.28 42.17
N PRO C 59 -41.78 -37.33 42.57
CA PRO C 59 -42.55 -38.12 41.61
C PRO C 59 -43.76 -37.35 41.07
N PHE C 60 -44.06 -37.54 39.79
CA PHE C 60 -45.23 -36.93 39.16
C PHE C 60 -46.51 -37.53 39.73
N VAL C 61 -46.53 -38.86 39.85
CA VAL C 61 -47.64 -39.57 40.48
C VAL C 61 -47.21 -40.01 41.87
N PRO C 62 -47.89 -39.50 42.92
CA PRO C 62 -47.56 -39.83 44.31
C PRO C 62 -48.06 -41.22 44.73
N PRO C 63 -47.52 -41.76 45.85
CA PRO C 63 -47.94 -43.06 46.39
C PRO C 63 -49.40 -43.09 46.84
N GLU C 64 -49.92 -44.30 47.04
CA GLU C 64 -51.32 -44.49 47.43
C GLU C 64 -51.61 -44.09 48.87
N GLU C 65 -50.58 -44.12 49.72
CA GLU C 65 -50.73 -43.79 51.15
C GLU C 65 -51.26 -42.37 51.35
N GLU C 66 -52.47 -42.28 51.90
CA GLU C 66 -53.17 -41.02 52.10
C GLU C 66 -52.89 -40.46 53.49
N PHE C 67 -52.91 -39.12 53.58
CA PHE C 67 -52.66 -38.42 54.84
C PHE C 67 -53.75 -37.38 55.12
N ILE C 68 -54.13 -37.26 56.39
CA ILE C 68 -55.12 -36.29 56.83
C ILE C 68 -54.45 -34.98 57.23
N GLY C 70 -55.09 -31.60 59.07
CA GLY C 70 -55.97 -30.89 60.00
C GLY C 70 -55.44 -29.53 60.39
N VAL C 71 -56.04 -28.48 59.84
CA VAL C 71 -55.66 -27.10 60.16
C VAL C 71 -56.44 -26.63 61.39
N SER C 72 -55.72 -26.15 62.39
CA SER C 72 -56.32 -25.67 63.63
C SER C 72 -55.80 -24.28 64.00
N LYS C 73 -56.19 -23.78 65.17
CA LYS C 73 -55.68 -22.52 65.71
C LYS C 73 -54.25 -22.65 66.26
N TYR C 74 -53.71 -23.87 66.22
CA TYR C 74 -52.42 -24.17 66.83
C TYR C 74 -51.38 -24.63 65.79
N GLY C 75 -51.83 -25.37 64.79
CA GLY C 75 -50.93 -25.83 63.73
C GLY C 75 -51.54 -26.84 62.76
N ILE C 76 -50.94 -26.91 61.57
CA ILE C 76 -51.34 -27.85 60.54
C ILE C 76 -50.73 -29.22 60.82
N LYS C 77 -51.58 -30.23 61.02
CA LYS C 77 -51.14 -31.57 61.37
C LYS C 77 -51.35 -32.55 60.21
N VAL C 78 -50.25 -33.20 59.80
CA VAL C 78 -50.29 -34.21 58.74
C VAL C 78 -50.07 -35.59 59.37
N SER C 79 -51.09 -36.44 59.26
CA SER C 79 -51.05 -37.78 59.87
C SER C 79 -51.92 -38.78 59.11
N THR C 80 -51.66 -40.07 59.30
CA THR C 80 -52.41 -41.14 58.65
C THR C 80 -53.86 -41.23 59.13
N LEU C 87 -47.03 -37.27 61.24
CA LEU C 87 -45.92 -37.25 60.30
C LEU C 87 -45.27 -35.88 60.23
N HIS C 88 -46.10 -34.82 60.19
CA HIS C 88 -45.62 -33.45 60.13
C HIS C 88 -46.36 -32.54 61.08
N ARG C 89 -45.63 -31.68 61.77
CA ARG C 89 -46.22 -30.58 62.53
C ARG C 89 -45.65 -29.25 62.07
N HIS C 90 -46.53 -28.27 61.87
CA HIS C 90 -46.12 -26.92 61.47
C HIS C 90 -46.78 -25.87 62.31
N ALA C 91 -45.96 -25.04 62.95
CA ALA C 91 -46.46 -23.93 63.76
C ALA C 91 -46.76 -22.70 62.91
N LEU C 94 -44.19 -20.27 61.99
CA LEU C 94 -43.15 -20.73 61.07
C LEU C 94 -43.61 -20.75 59.62
N ILE C 95 -44.93 -20.79 59.41
CA ILE C 95 -45.51 -20.80 58.05
C ILE C 95 -45.42 -19.42 57.41
N ILE C 96 -44.98 -19.39 56.14
CA ILE C 96 -44.83 -18.13 55.41
C ILE C 96 -45.84 -18.02 54.25
N ARG C 97 -45.88 -19.04 53.40
CA ARG C 97 -46.75 -19.01 52.21
C ARG C 97 -47.28 -20.39 51.82
N VAL C 99 -49.23 -22.24 48.47
CA VAL C 99 -49.59 -22.11 47.06
C VAL C 99 -50.29 -23.37 46.57
N CYS C 100 -51.39 -23.21 45.84
CA CYS C 100 -52.08 -24.33 45.19
C CYS C 100 -52.33 -24.04 43.70
N TYR C 101 -52.22 -25.09 42.89
CA TYR C 101 -52.33 -24.95 41.42
C TYR C 101 -52.66 -26.28 40.74
N ASP C 102 -53.31 -26.19 39.57
CA ASP C 102 -53.57 -27.35 38.72
C ASP C 102 -52.25 -27.86 38.16
N ASP C 103 -52.05 -29.18 38.24
CA ASP C 103 -50.81 -29.82 37.78
C ASP C 103 -50.61 -29.69 36.27
N GLY C 108 -57.96 -32.93 35.72
CA GLY C 108 -56.78 -32.22 36.21
C GLY C 108 -56.67 -32.23 37.72
N LYS C 109 -55.55 -32.73 38.22
CA LYS C 109 -55.30 -32.81 39.66
C LYS C 109 -54.65 -31.51 40.15
N SER C 110 -54.46 -31.38 41.46
CA SER C 110 -53.82 -30.19 42.02
C SER C 110 -52.84 -30.49 43.15
N LEU C 111 -51.84 -29.62 43.30
CA LEU C 111 -50.85 -29.73 44.36
C LEU C 111 -50.93 -28.50 45.28
N LEU C 112 -50.22 -28.55 46.40
CA LEU C 112 -50.16 -27.41 47.33
C LEU C 112 -48.84 -27.32 48.10
N ALA C 113 -48.01 -26.36 47.72
CA ALA C 113 -46.73 -26.11 48.37
C ALA C 113 -46.93 -25.41 49.72
N LEU C 114 -46.03 -25.68 50.67
CA LEU C 114 -46.13 -25.10 52.00
C LEU C 114 -44.78 -24.58 52.47
N LYS C 115 -44.61 -23.26 52.43
CA LYS C 115 -43.35 -22.62 52.85
C LYS C 115 -43.32 -22.44 54.36
N THR C 116 -42.25 -22.95 54.97
CA THR C 116 -42.06 -22.88 56.42
C THR C 116 -40.64 -22.49 56.81
N THR C 117 -40.48 -22.00 58.04
CA THR C 117 -39.17 -21.65 58.58
C THR C 117 -38.68 -22.75 59.53
N TYR C 124 -35.05 -22.56 54.68
CA TYR C 124 -36.38 -22.62 54.08
C TYR C 124 -36.70 -24.02 53.56
N SER C 125 -37.70 -24.65 54.18
CA SER C 125 -38.17 -25.97 53.77
C SER C 125 -39.59 -25.89 53.22
N LEU C 126 -39.83 -26.57 52.11
CA LEU C 126 -41.17 -26.65 51.52
C LEU C 126 -41.68 -28.08 51.42
N TRP C 127 -42.98 -28.25 51.61
CA TRP C 127 -43.62 -29.56 51.64
C TRP C 127 -44.69 -29.62 50.59
N VAL C 128 -44.65 -30.65 49.74
CA VAL C 128 -45.56 -30.77 48.61
C VAL C 128 -46.63 -31.84 48.87
N TYR C 129 -47.89 -31.44 48.76
CA TYR C 129 -49.03 -32.32 48.94
C TYR C 129 -49.91 -32.34 47.69
N GLN C 130 -50.90 -33.23 47.64
CA GLN C 130 -51.81 -33.30 46.51
C GLN C 130 -53.29 -33.31 46.91
N CYS C 131 -54.10 -32.61 46.11
CA CYS C 131 -55.56 -32.68 46.21
C CYS C 131 -56.13 -33.20 44.88
N ASN C 132 -57.17 -34.02 44.98
CA ASN C 132 -57.82 -34.60 43.80
C ASN C 132 -58.58 -33.58 42.94
N SER C 133 -58.92 -32.45 43.54
CA SER C 133 -59.56 -31.34 42.84
C SER C 133 -58.84 -30.02 43.13
N LEU C 134 -59.15 -29.01 42.32
CA LEU C 134 -58.56 -27.68 42.50
C LEU C 134 -59.32 -26.88 43.55
N GLU C 135 -60.64 -27.10 43.62
CA GLU C 135 -61.51 -26.40 44.56
C GLU C 135 -61.20 -26.79 46.01
N GLN C 136 -60.89 -28.07 46.22
CA GLN C 136 -60.53 -28.58 47.55
C GLN C 136 -59.21 -27.96 48.04
N ALA C 137 -58.28 -27.76 47.11
CA ALA C 137 -56.99 -27.14 47.42
C ALA C 137 -57.16 -25.66 47.77
N GLN C 138 -58.10 -25.00 47.11
CA GLN C 138 -58.43 -23.60 47.38
C GLN C 138 -59.09 -23.45 48.76
N ALA C 139 -59.87 -24.47 49.15
CA ALA C 139 -60.57 -24.47 50.43
C ALA C 139 -59.63 -24.48 51.62
N ILE C 140 -58.53 -25.23 51.51
CA ILE C 140 -57.53 -25.32 52.57
C ILE C 140 -56.84 -23.97 52.78
N CYS C 141 -56.58 -23.27 51.67
CA CYS C 141 -55.98 -21.93 51.71
C CYS C 141 -56.87 -20.93 52.43
N LYS C 142 -58.19 -21.12 52.32
CA LYS C 142 -59.18 -20.27 52.97
C LYS C 142 -59.18 -20.42 54.49
N VAL C 143 -58.94 -21.63 54.97
CA VAL C 143 -58.91 -21.91 56.41
C VAL C 143 -57.71 -21.23 57.08
N LEU C 144 -56.58 -21.20 56.38
CA LEU C 144 -55.39 -20.50 56.85
C LEU C 144 -55.56 -18.98 56.84
N SER C 145 -56.48 -18.49 56.00
CA SER C 145 -56.72 -17.05 55.86
C SER C 145 -57.38 -16.42 57.08
N THR C 146 -57.95 -17.25 57.95
CA THR C 146 -58.51 -16.77 59.22
C THR C 146 -57.70 -17.28 60.41
N ALA C 147 -56.83 -18.25 60.14
CA ALA C 147 -55.93 -18.81 61.14
C ALA C 147 -54.58 -18.09 61.19
N PHE C 148 -54.22 -17.40 60.10
CA PHE C 148 -52.98 -16.63 60.04
C PHE C 148 -52.97 -15.42 60.97
N ASP C 149 -54.13 -14.76 61.06
CA ASP C 149 -54.27 -13.53 61.86
C ASP C 149 -54.37 -13.82 63.36
N SER C 150 -54.41 -15.10 63.72
CA SER C 150 -54.50 -15.53 65.12
C SER C 150 -53.24 -15.18 65.89
N SER D 2 -59.68 -19.71 36.96
CA SER D 2 -58.59 -19.94 37.96
C SER D 2 -57.73 -21.14 37.59
N ALA D 3 -56.42 -20.93 37.56
CA ALA D 3 -55.45 -21.99 37.26
C ALA D 3 -54.45 -22.19 38.39
N VAL D 4 -54.24 -21.14 39.19
CA VAL D 4 -53.38 -21.20 40.37
C VAL D 4 -54.15 -20.72 41.59
N VAL D 8 -48.31 -15.29 52.71
CA VAL D 8 -49.65 -15.11 53.28
C VAL D 8 -49.56 -14.61 54.73
N ASN D 9 -48.42 -14.86 55.36
CA ASN D 9 -48.16 -14.38 56.71
C ASN D 9 -47.88 -12.87 56.70
N PRO D 10 -48.70 -12.09 57.44
CA PRO D 10 -48.62 -10.62 57.48
C PRO D 10 -47.24 -10.10 57.87
N LYS D 11 -46.66 -10.66 58.94
CA LYS D 11 -45.34 -10.25 59.39
C LYS D 11 -44.24 -11.06 58.70
N THR E 16 -70.85 -6.05 28.55
CA THR E 16 -70.30 -6.74 27.34
C THR E 16 -69.25 -5.89 26.60
N CYS E 17 -69.11 -4.64 27.02
CA CYS E 17 -68.21 -3.71 26.34
C CYS E 17 -67.40 -2.88 27.34
N ALA E 18 -66.08 -3.07 27.31
CA ALA E 18 -65.18 -2.40 28.25
C ALA E 18 -63.85 -2.03 27.61
N GLU E 19 -63.25 -0.94 28.08
CA GLU E 19 -61.95 -0.49 27.59
C GLU E 19 -60.90 -0.47 28.70
N PHE E 20 -59.71 -0.95 28.38
CA PHE E 20 -58.60 -1.00 29.35
C PHE E 20 -57.32 -0.46 28.73
N ARG E 21 -56.57 0.30 29.51
CA ARG E 21 -55.29 0.86 29.06
C ARG E 21 -54.15 -0.10 29.37
N ILE E 22 -53.60 -0.70 28.32
CA ILE E 22 -52.60 -1.76 28.44
C ILE E 22 -51.35 -1.48 27.60
N LYS E 23 -50.26 -2.19 27.90
CA LYS E 23 -49.03 -2.09 27.11
C LYS E 23 -48.77 -3.36 26.31
N TYR E 24 -48.26 -3.19 25.10
CA TYR E 24 -47.94 -4.33 24.22
C TYR E 24 -46.50 -4.78 24.42
N VAL E 25 -46.34 -6.07 24.71
CA VAL E 25 -45.02 -6.65 24.99
C VAL E 25 -44.40 -7.25 23.72
N GLY E 26 -45.16 -8.14 23.06
CA GLY E 26 -44.70 -8.80 21.85
C GLY E 26 -45.57 -9.98 21.46
N ALA E 27 -45.16 -10.69 20.42
CA ALA E 27 -45.92 -11.83 19.90
C ALA E 27 -45.03 -12.86 19.23
N ILE E 28 -45.33 -14.13 19.49
CA ILE E 28 -44.72 -15.24 18.76
C ILE E 28 -45.84 -15.74 17.86
N GLU E 29 -45.72 -15.49 16.57
CA GLU E 29 -46.76 -15.92 15.67
C GLU E 29 -46.30 -17.20 14.99
N LYS E 30 -47.28 -18.04 14.62
CA LYS E 30 -47.07 -19.22 13.77
C LYS E 30 -46.39 -20.44 14.42
N LEU E 31 -47.05 -20.98 15.45
CA LEU E 31 -46.61 -22.22 16.08
C LEU E 31 -47.39 -23.41 15.53
N GLU E 40 -52.65 -26.39 24.23
CA GLU E 40 -53.37 -26.52 25.50
C GLU E 40 -52.40 -26.45 26.68
N GLY E 41 -52.94 -26.10 27.85
CA GLY E 41 -52.15 -25.96 29.06
C GLY E 41 -52.38 -24.63 29.75
N PRO E 42 -53.01 -24.67 30.94
CA PRO E 42 -53.27 -23.46 31.74
C PRO E 42 -51.98 -22.83 32.26
N LEU E 43 -51.00 -23.67 32.60
CA LEU E 43 -49.69 -23.20 33.05
C LEU E 43 -48.60 -23.48 32.02
N ASP E 44 -48.91 -24.36 31.06
CA ASP E 44 -47.98 -24.69 29.99
C ASP E 44 -47.84 -23.53 29.00
N LEU E 45 -48.86 -22.68 28.94
CA LEU E 45 -48.84 -21.47 28.12
C LEU E 45 -48.05 -20.36 28.81
N ILE E 46 -48.10 -20.34 30.14
CA ILE E 46 -47.35 -19.38 30.96
C ILE E 46 -45.85 -19.56 30.75
N ASN E 47 -45.39 -20.80 30.89
CA ASN E 47 -43.98 -21.16 30.72
C ASN E 47 -43.50 -20.98 29.28
N TYR E 48 -44.39 -21.21 28.32
CA TYR E 48 -44.06 -21.11 26.89
C TYR E 48 -43.49 -19.73 26.57
N ILE E 49 -44.12 -18.70 27.12
CA ILE E 49 -43.67 -17.32 27.00
C ILE E 49 -42.46 -17.08 27.91
N ASP E 50 -42.52 -17.63 29.11
CA ASP E 50 -41.47 -17.45 30.13
C ASP E 50 -40.10 -17.94 29.66
N VAL E 51 -40.11 -19.00 28.86
CA VAL E 51 -38.89 -19.53 28.25
C VAL E 51 -38.51 -18.72 27.02
N ALA E 52 -39.51 -18.24 26.29
CA ALA E 52 -39.30 -17.44 25.07
C ALA E 52 -38.64 -16.09 25.37
N GLN E 53 -38.83 -15.62 26.61
CA GLN E 53 -38.16 -14.41 27.10
C GLN E 53 -36.70 -14.69 27.42
N GLN E 54 -36.43 -15.85 28.00
CA GLN E 54 -35.08 -16.26 28.39
C GLN E 54 -34.25 -16.80 27.21
N ASP E 55 -34.94 -17.19 26.13
CA ASP E 55 -34.27 -17.68 24.93
C ASP E 55 -33.75 -16.53 24.08
N GLY E 56 -34.51 -15.44 24.02
CA GLY E 56 -34.15 -14.27 23.23
C GLY E 56 -35.10 -14.02 22.08
N LYS E 57 -36.41 -14.07 22.37
CA LYS E 57 -37.44 -13.79 21.37
C LYS E 57 -38.45 -12.76 21.86
N LEU E 58 -38.86 -12.90 23.12
CA LEU E 58 -39.77 -11.95 23.76
C LEU E 58 -39.05 -11.05 24.76
N PRO E 59 -39.31 -9.74 24.71
CA PRO E 59 -38.73 -8.82 25.69
C PRO E 59 -39.36 -8.99 27.06
N PHE E 60 -38.57 -8.76 28.10
CA PHE E 60 -39.08 -8.81 29.47
C PHE E 60 -39.87 -7.54 29.78
N VAL E 61 -39.35 -6.41 29.29
CA VAL E 61 -39.95 -5.10 29.53
C VAL E 61 -40.57 -4.57 28.24
N PRO E 62 -41.88 -4.23 28.27
CA PRO E 62 -42.58 -3.71 27.11
C PRO E 62 -42.21 -2.25 26.80
N PRO E 63 -42.38 -1.83 25.54
CA PRO E 63 -42.24 -0.43 25.17
C PRO E 63 -43.27 0.44 25.88
N GLU E 64 -42.93 1.72 26.07
CA GLU E 64 -43.74 2.67 26.83
C GLU E 64 -45.14 2.96 26.32
N GLU E 65 -45.32 2.85 25.01
CA GLU E 65 -46.59 3.22 24.39
C GLU E 65 -47.77 2.42 24.90
N GLU E 66 -48.83 3.14 25.24
CA GLU E 66 -50.03 2.55 25.80
C GLU E 66 -51.08 2.35 24.72
N PHE E 67 -51.74 1.20 24.76
CA PHE E 67 -52.80 0.88 23.82
C PHE E 67 -54.14 0.70 24.52
N ILE E 68 -55.22 0.86 23.77
CA ILE E 68 -56.57 0.71 24.30
C ILE E 68 -57.16 -0.63 23.88
N GLY E 70 -60.20 -2.89 23.58
CA GLY E 70 -61.65 -2.79 23.51
C GLY E 70 -62.31 -4.12 23.25
N VAL E 71 -62.85 -4.72 24.30
CA VAL E 71 -63.57 -5.99 24.19
C VAL E 71 -65.05 -5.72 23.91
N SER E 72 -65.62 -6.46 22.97
CA SER E 72 -67.04 -6.39 22.66
C SER E 72 -67.59 -7.79 22.37
N LYS E 73 -68.66 -7.86 21.58
CA LYS E 73 -69.27 -9.13 21.18
C LYS E 73 -68.50 -9.76 20.02
N TYR E 74 -67.88 -8.91 19.21
CA TYR E 74 -67.19 -9.34 18.00
C TYR E 74 -65.79 -9.86 18.28
N GLY E 75 -65.21 -9.41 19.39
CA GLY E 75 -63.86 -9.84 19.79
C GLY E 75 -63.09 -8.74 20.50
N ILE E 76 -61.77 -8.78 20.36
CA ILE E 76 -60.89 -7.81 21.00
C ILE E 76 -60.33 -6.81 19.99
N LYS E 77 -60.33 -5.55 20.36
CA LYS E 77 -59.86 -4.46 19.51
C LYS E 77 -58.73 -3.70 20.20
N VAL E 78 -57.54 -3.75 19.61
CA VAL E 78 -56.36 -3.04 20.14
C VAL E 78 -56.00 -1.87 19.24
N SER E 79 -55.98 -0.67 19.81
CA SER E 79 -55.69 0.56 19.07
C SER E 79 -54.80 1.55 19.84
N THR E 80 -54.35 2.58 19.14
CA THR E 80 -53.53 3.64 19.73
C THR E 80 -54.31 4.52 20.71
N SER E 81 -53.57 5.26 21.54
CA SER E 81 -54.16 6.11 22.58
C SER E 81 -55.13 7.17 22.05
N ASP E 82 -54.89 7.63 20.82
CA ASP E 82 -55.72 8.65 20.19
C ASP E 82 -57.05 8.10 19.69
N GLN E 83 -57.06 6.81 19.35
CA GLN E 83 -58.19 6.13 18.69
C GLN E 83 -58.43 6.69 17.29
N LEU E 87 -54.56 -1.77 14.40
CA LEU E 87 -53.29 -2.24 14.97
C LEU E 87 -53.34 -3.75 15.25
N HIS E 88 -54.31 -4.17 16.07
CA HIS E 88 -54.54 -5.59 16.34
C HIS E 88 -55.98 -5.87 16.66
N ARG E 89 -56.54 -6.88 16.00
CA ARG E 89 -57.96 -7.22 16.13
C ARG E 89 -58.20 -8.72 15.94
N HIS E 90 -58.42 -9.42 17.05
CA HIS E 90 -58.69 -10.86 17.03
C HIS E 90 -60.09 -11.20 17.48
N ALA E 91 -60.83 -11.85 16.57
CA ALA E 91 -62.24 -12.17 16.74
C ALA E 91 -62.51 -13.13 17.89
N LEU E 92 -63.68 -13.01 18.50
CA LEU E 92 -64.08 -13.83 19.65
C LEU E 92 -64.13 -15.32 19.32
N TYR E 93 -64.47 -15.62 18.07
CA TYR E 93 -64.54 -17.00 17.57
C TYR E 93 -63.17 -17.70 17.54
N LEU E 94 -62.12 -16.94 17.23
CA LEU E 94 -60.78 -17.48 17.09
C LEU E 94 -60.06 -17.69 18.43
N ILE E 95 -60.42 -16.85 19.42
CA ILE E 95 -59.79 -16.90 20.75
C ILE E 95 -60.11 -18.22 21.46
N ILE E 96 -59.06 -18.91 21.87
CA ILE E 96 -59.18 -20.21 22.54
C ILE E 96 -59.01 -20.06 24.06
N ARG E 97 -57.89 -19.48 24.49
CA ARG E 97 -57.57 -19.33 25.90
C ARG E 97 -56.85 -18.01 26.19
N VAL E 99 -54.68 -16.07 29.47
CA VAL E 99 -54.01 -16.27 30.76
C VAL E 99 -53.44 -14.95 31.28
N CYS E 100 -53.56 -14.72 32.59
CA CYS E 100 -52.94 -13.57 33.24
C CYS E 100 -52.23 -13.97 34.53
N TYR E 101 -51.05 -13.39 34.77
CA TYR E 101 -50.21 -13.74 35.92
C TYR E 101 -49.21 -12.63 36.26
N ASP E 102 -48.61 -12.73 37.45
CA ASP E 102 -47.58 -11.79 37.91
C ASP E 102 -46.35 -11.80 37.00
N ASP E 103 -45.80 -10.62 36.72
CA ASP E 103 -44.68 -10.48 35.79
C ASP E 103 -43.32 -10.91 36.36
N GLY E 104 -43.30 -11.23 37.65
CA GLY E 104 -42.08 -11.70 38.32
C GLY E 104 -41.10 -10.59 38.66
N LEU E 105 -41.45 -9.36 38.28
CA LEU E 105 -40.62 -8.19 38.57
C LEU E 105 -40.95 -7.57 39.93
N GLY E 106 -41.71 -8.30 40.73
CA GLY E 106 -41.99 -7.96 42.13
C GLY E 106 -42.80 -6.71 42.39
N ALA E 107 -42.94 -5.85 41.38
CA ALA E 107 -43.68 -4.60 41.50
C ALA E 107 -45.17 -4.82 41.68
N GLY E 108 -45.76 -5.62 40.79
CA GLY E 108 -47.20 -5.88 40.79
C GLY E 108 -47.81 -5.85 39.41
N LYS E 109 -46.99 -5.53 38.41
CA LYS E 109 -47.40 -5.56 37.01
C LYS E 109 -47.72 -6.98 36.56
N SER E 110 -48.50 -7.12 35.49
CA SER E 110 -49.03 -8.41 35.08
C SER E 110 -48.91 -8.67 33.58
N LEU E 111 -48.61 -9.92 33.23
CA LEU E 111 -48.52 -10.32 31.84
C LEU E 111 -49.83 -10.96 31.38
N LEU E 112 -50.29 -10.54 30.20
CA LEU E 112 -51.56 -11.03 29.63
C LEU E 112 -51.28 -11.81 28.35
N ALA E 113 -51.61 -13.10 28.37
CA ALA E 113 -51.34 -13.98 27.24
C ALA E 113 -52.60 -14.37 26.49
N LEU E 114 -52.65 -14.04 25.19
CA LEU E 114 -53.77 -14.40 24.33
C LEU E 114 -53.38 -15.47 23.32
N LYS E 115 -54.24 -16.47 23.16
CA LYS E 115 -54.00 -17.56 22.22
C LYS E 115 -55.04 -17.55 21.10
N THR E 116 -54.58 -17.43 19.87
CA THR E 116 -55.45 -17.43 18.69
C THR E 116 -55.03 -18.48 17.67
N THR E 117 -55.98 -18.93 16.86
CA THR E 117 -55.70 -19.85 15.76
C THR E 117 -56.22 -19.27 14.44
N ASP E 118 -55.60 -19.69 13.33
CA ASP E 118 -55.89 -19.12 12.01
C ASP E 118 -57.29 -19.47 11.48
N ALA E 119 -57.57 -18.99 10.26
CA ALA E 119 -58.85 -19.23 9.59
C ALA E 119 -59.19 -20.70 9.47
N SER E 120 -58.22 -21.49 9.00
CA SER E 120 -58.41 -22.93 8.81
C SER E 120 -58.16 -23.75 10.09
N ASN E 121 -57.76 -23.05 11.15
CA ASN E 121 -57.48 -23.66 12.46
C ASN E 121 -56.37 -24.71 12.41
N GLU E 122 -55.16 -24.25 12.11
CA GLU E 122 -53.99 -25.13 12.00
C GLU E 122 -52.91 -24.70 12.99
N GLU E 123 -52.13 -23.70 12.62
CA GLU E 123 -51.05 -23.18 13.47
C GLU E 123 -51.59 -22.14 14.46
N TYR E 124 -50.81 -21.90 15.53
CA TYR E 124 -51.27 -21.08 16.64
C TYR E 124 -50.42 -19.83 16.84
N SER E 125 -51.04 -18.78 17.38
CA SER E 125 -50.35 -17.52 17.65
C SER E 125 -50.53 -17.09 19.10
N LEU E 126 -49.47 -16.56 19.70
CA LEU E 126 -49.50 -16.05 21.06
C LEU E 126 -49.29 -14.54 21.10
N TRP E 127 -50.15 -13.84 21.84
CA TRP E 127 -50.06 -12.39 21.98
C TRP E 127 -49.85 -12.05 23.43
N VAL E 128 -48.79 -11.30 23.71
CA VAL E 128 -48.44 -10.94 25.08
C VAL E 128 -48.65 -9.45 25.34
N TYR E 129 -49.41 -9.15 26.38
CA TYR E 129 -49.68 -7.77 26.80
C TYR E 129 -49.31 -7.58 28.27
N GLN E 130 -49.13 -6.32 28.68
CA GLN E 130 -48.83 -6.01 30.08
C GLN E 130 -49.87 -5.06 30.68
N CYS E 131 -50.29 -5.37 31.91
CA CYS E 131 -51.21 -4.53 32.67
C CYS E 131 -50.49 -3.96 33.89
N ASN E 132 -50.69 -2.68 34.16
CA ASN E 132 -49.96 -2.00 35.24
C ASN E 132 -50.33 -2.45 36.66
N SER E 133 -51.31 -3.37 36.75
CA SER E 133 -51.69 -3.97 38.02
C SER E 133 -52.23 -5.39 37.83
N LEU E 134 -52.24 -6.16 38.92
CA LEU E 134 -52.68 -7.55 38.91
C LEU E 134 -54.20 -7.67 38.73
N GLU E 135 -54.93 -6.75 39.35
CA GLU E 135 -56.37 -6.82 39.41
C GLU E 135 -57.03 -6.22 38.17
N GLN E 136 -56.27 -5.45 37.40
CA GLN E 136 -56.74 -4.93 36.12
C GLN E 136 -56.70 -6.01 35.05
N ALA E 137 -55.67 -6.87 35.13
CA ALA E 137 -55.54 -8.01 34.22
C ALA E 137 -56.64 -9.04 34.46
N GLN E 138 -57.06 -9.15 35.72
CA GLN E 138 -58.16 -10.04 36.11
C GLN E 138 -59.51 -9.47 35.72
N ALA E 139 -59.58 -8.14 35.56
CA ALA E 139 -60.80 -7.46 35.14
C ALA E 139 -61.14 -7.74 33.68
N ILE E 140 -60.11 -7.85 32.84
CA ILE E 140 -60.26 -8.15 31.42
C ILE E 140 -60.72 -9.59 31.23
N CYS E 141 -60.31 -10.47 32.15
CA CYS E 141 -60.76 -11.86 32.16
C CYS E 141 -62.27 -11.97 32.36
N LYS E 142 -62.82 -11.07 33.15
CA LYS E 142 -64.25 -11.04 33.44
C LYS E 142 -65.06 -10.61 32.22
N VAL E 143 -64.52 -9.66 31.45
CA VAL E 143 -65.20 -9.11 30.28
C VAL E 143 -65.31 -10.14 29.14
N LEU E 144 -64.29 -10.99 29.02
CA LEU E 144 -64.32 -12.09 28.05
C LEU E 144 -65.31 -13.18 28.47
N SER E 145 -65.42 -13.40 29.79
CA SER E 145 -66.38 -14.36 30.34
C SER E 145 -67.82 -13.94 30.07
N THR E 146 -68.03 -12.63 29.90
CA THR E 146 -69.32 -12.07 29.52
C THR E 146 -69.60 -12.35 28.05
N ALA E 147 -68.59 -12.15 27.21
CA ALA E 147 -68.72 -12.27 25.76
C ALA E 147 -68.88 -13.71 25.26
N PHE E 148 -68.11 -14.64 25.85
CA PHE E 148 -68.10 -16.03 25.35
C PHE E 148 -69.42 -16.77 25.51
N ASP E 149 -70.21 -16.38 26.51
CA ASP E 149 -71.53 -16.97 26.73
C ASP E 149 -72.62 -16.22 25.96
N SER E 150 -72.40 -14.93 25.73
CA SER E 150 -73.35 -14.06 25.05
C SER E 150 -73.65 -14.51 23.61
N VAL E 151 -72.62 -14.95 22.90
CA VAL E 151 -72.75 -15.41 21.52
C VAL E 151 -73.41 -16.79 21.46
N LEU E 152 -73.17 -17.60 22.48
CA LEU E 152 -73.69 -18.96 22.57
C LEU E 152 -75.20 -18.97 22.90
N THR E 153 -75.88 -17.88 22.57
CA THR E 153 -77.30 -17.72 22.84
C THR E 153 -78.15 -18.50 21.83
N LYS F 1 -53.35 -17.15 47.31
CA LYS F 1 -54.73 -17.56 46.92
C LYS F 1 -54.78 -17.95 45.45
N SER F 2 -54.77 -16.94 44.58
CA SER F 2 -54.81 -17.13 43.13
C SER F 2 -54.24 -15.90 42.40
N ALA F 3 -53.22 -16.14 41.59
CA ALA F 3 -52.59 -15.07 40.81
C ALA F 3 -52.87 -15.24 39.31
N VAL F 4 -53.54 -16.33 38.97
CA VAL F 4 -53.86 -16.66 37.58
C VAL F 4 -55.36 -16.87 37.39
N THR F 5 -55.96 -16.09 36.50
CA THR F 5 -57.35 -16.27 36.10
C THR F 5 -57.42 -16.53 34.60
N THR F 6 -58.17 -17.57 34.23
CA THR F 6 -58.23 -18.03 32.84
C THR F 6 -59.65 -18.07 32.27
N VAL F 7 -59.76 -17.81 30.97
CA VAL F 7 -61.03 -17.85 30.25
C VAL F 7 -60.85 -18.62 28.95
N VAL F 8 -61.73 -19.57 28.71
CA VAL F 8 -61.61 -20.49 27.56
C VAL F 8 -62.79 -20.43 26.58
N ASN F 9 -62.56 -20.96 25.38
CA ASN F 9 -63.58 -20.99 24.33
C ASN F 9 -64.15 -22.38 24.15
N PRO F 10 -65.48 -22.54 24.38
CA PRO F 10 -66.18 -23.79 24.06
C PRO F 10 -66.16 -24.04 22.55
N LYS F 11 -65.19 -24.83 22.11
CA LYS F 11 -64.96 -25.08 20.68
C LYS F 11 -64.33 -26.46 20.48
N CYS G 17 13.62 73.39 -4.57
CA CYS G 17 12.31 73.18 -5.26
C CYS G 17 12.24 71.83 -5.95
N ALA G 18 11.05 71.25 -5.99
CA ALA G 18 10.81 69.98 -6.68
C ALA G 18 9.37 69.90 -7.17
N GLU G 19 9.21 69.73 -8.49
CA GLU G 19 7.89 69.77 -9.12
C GLU G 19 7.32 68.38 -9.37
N PHE G 20 5.99 68.30 -9.35
CA PHE G 20 5.26 67.06 -9.64
C PHE G 20 3.99 67.35 -10.43
N ARG G 21 3.66 66.47 -11.37
CA ARG G 21 2.38 66.53 -12.07
C ARG G 21 1.31 65.87 -11.21
N ILE G 22 0.25 66.62 -10.91
CA ILE G 22 -0.84 66.15 -10.03
C ILE G 22 -2.24 66.44 -10.58
N LYS G 23 -3.26 66.06 -9.82
CA LYS G 23 -4.65 66.35 -10.15
C LYS G 23 -5.44 66.69 -8.87
N TYR G 24 -5.90 67.93 -8.75
CA TYR G 24 -6.58 68.40 -7.55
C TYR G 24 -8.02 67.89 -7.49
N VAL G 25 -8.38 67.28 -6.35
CA VAL G 25 -9.67 66.59 -6.19
C VAL G 25 -10.74 67.49 -5.57
N GLY G 26 -10.39 68.20 -4.50
CA GLY G 26 -11.35 69.04 -3.77
C GLY G 26 -10.86 69.53 -2.42
N ALA G 27 -11.79 70.06 -1.62
CA ALA G 27 -11.47 70.66 -0.32
C ALA G 27 -12.59 70.49 0.69
N ILE G 28 -12.22 70.41 1.97
CA ILE G 28 -13.18 70.32 3.09
C ILE G 28 -12.86 71.37 4.16
N GLY G 41 -3.94 61.25 13.30
CA GLY G 41 -4.08 59.87 12.83
C GLY G 41 -4.01 59.77 11.32
N PRO G 42 -3.19 58.82 10.81
CA PRO G 42 -3.09 58.65 9.36
C PRO G 42 -4.38 58.05 8.78
N LEU G 43 -4.86 56.97 9.39
CA LEU G 43 -6.08 56.29 8.97
C LEU G 43 -7.29 57.21 9.16
N ASP G 44 -7.26 58.00 10.23
CA ASP G 44 -8.31 58.98 10.53
C ASP G 44 -8.43 60.02 9.41
N LEU G 45 -7.28 60.40 8.85
CA LEU G 45 -7.24 61.34 7.74
C LEU G 45 -7.73 60.71 6.44
N ILE G 46 -7.56 59.40 6.31
CA ILE G 46 -8.07 58.65 5.15
C ILE G 46 -9.57 58.43 5.28
N ASN G 47 -9.99 57.86 6.41
CA ASN G 47 -11.38 57.48 6.65
C ASN G 47 -12.36 58.66 6.61
N TYR G 48 -11.87 59.87 6.86
CA TYR G 48 -12.70 61.07 6.73
C TYR G 48 -12.99 61.41 5.27
N ILE G 49 -12.03 61.12 4.41
CA ILE G 49 -12.22 61.25 2.96
C ILE G 49 -13.11 60.12 2.45
N ASP G 50 -13.00 58.95 3.08
CA ASP G 50 -13.86 57.80 2.77
C ASP G 50 -15.34 58.09 3.06
N VAL G 51 -15.58 58.97 4.03
CA VAL G 51 -16.93 59.39 4.39
C VAL G 51 -17.40 60.52 3.47
N ALA G 52 -16.52 61.50 3.25
CA ALA G 52 -16.83 62.67 2.44
C ALA G 52 -17.09 62.33 0.97
N GLN G 53 -16.43 61.30 0.46
CA GLN G 53 -16.61 60.87 -0.92
C GLN G 53 -17.99 60.25 -1.17
N GLN G 54 -18.40 59.35 -0.28
CA GLN G 54 -19.70 58.68 -0.40
C GLN G 54 -20.87 59.60 -0.07
N ASP G 55 -20.62 60.61 0.76
CA ASP G 55 -21.65 61.58 1.14
C ASP G 55 -21.92 62.57 0.01
N GLY G 56 -20.89 62.84 -0.80
CA GLY G 56 -20.97 63.79 -1.91
C GLY G 56 -20.18 65.06 -1.70
N LYS G 57 -19.40 65.11 -0.63
CA LYS G 57 -18.62 66.29 -0.27
C LYS G 57 -17.26 66.35 -0.99
N LEU G 58 -16.88 65.24 -1.62
CA LEU G 58 -15.64 65.16 -2.39
C LEU G 58 -15.80 64.22 -3.59
N PRO G 59 -15.22 64.61 -4.75
CA PRO G 59 -15.24 63.77 -5.96
C PRO G 59 -14.38 62.51 -5.83
N PHE G 60 -14.68 61.51 -6.66
CA PHE G 60 -13.83 60.33 -6.79
C PHE G 60 -12.80 60.58 -7.89
N VAL G 61 -13.26 61.14 -8.99
CA VAL G 61 -12.41 61.43 -10.15
C VAL G 61 -12.27 62.95 -10.35
N PRO G 62 -11.07 63.50 -10.12
CA PRO G 62 -10.78 64.91 -10.38
C PRO G 62 -10.70 65.21 -11.88
N PRO G 63 -11.08 66.44 -12.28
CA PRO G 63 -11.23 66.83 -13.70
C PRO G 63 -9.97 66.70 -14.57
N GLU G 64 -10.17 66.79 -15.88
CA GLU G 64 -9.12 66.63 -16.89
C GLU G 64 -7.89 67.50 -16.62
N GLU G 65 -8.12 68.74 -16.19
CA GLU G 65 -7.06 69.69 -15.94
C GLU G 65 -6.09 69.24 -14.85
N GLU G 66 -4.84 69.01 -15.25
CA GLU G 66 -3.72 68.85 -14.32
C GLU G 66 -3.21 70.23 -13.99
N PHE G 67 -2.93 70.46 -12.70
CA PHE G 67 -2.29 71.69 -12.26
C PHE G 67 -0.87 71.35 -11.83
N ILE G 68 0.08 72.25 -12.05
CA ILE G 68 1.48 71.97 -11.71
C ILE G 68 1.80 72.33 -10.24
N GLY G 70 4.68 72.41 -7.23
CA GLY G 70 6.12 72.43 -6.91
C GLY G 70 6.35 72.69 -5.43
N VAL G 71 7.09 71.78 -4.81
CA VAL G 71 7.33 71.82 -3.37
C VAL G 71 8.70 72.42 -3.06
N SER G 72 8.72 73.41 -2.16
CA SER G 72 9.96 74.03 -1.69
C SER G 72 9.86 74.32 -0.19
N LYS G 73 10.97 74.81 0.38
CA LYS G 73 11.09 75.05 1.82
C LYS G 73 9.96 75.89 2.40
N TYR G 74 9.64 77.00 1.73
CA TYR G 74 8.71 78.02 2.25
C TYR G 74 7.26 77.54 2.26
N GLY G 75 6.88 76.79 1.24
CA GLY G 75 5.53 76.24 1.13
C GLY G 75 5.37 75.35 -0.09
N ILE G 76 4.14 74.94 -0.34
CA ILE G 76 3.82 74.15 -1.52
C ILE G 76 2.98 75.00 -2.48
N LYS G 77 3.57 75.34 -3.63
CA LYS G 77 2.89 76.14 -4.65
C LYS G 77 2.10 75.24 -5.60
N VAL G 78 0.84 75.61 -5.84
CA VAL G 78 -0.03 74.90 -6.77
C VAL G 78 -0.47 75.87 -7.87
N SER G 79 0.18 75.76 -9.02
CA SER G 79 -0.08 76.65 -10.15
C SER G 79 -0.73 75.90 -11.31
N THR G 80 -1.14 76.64 -12.35
CA THR G 80 -1.78 76.05 -13.52
C THR G 80 -0.79 75.69 -14.63
N ASP G 85 -0.91 81.44 -11.96
CA ASP G 85 -2.12 81.43 -11.14
C ASP G 85 -1.92 80.60 -9.88
N VAL G 86 -2.42 81.10 -8.75
CA VAL G 86 -2.28 80.41 -7.47
C VAL G 86 -3.66 80.11 -6.86
N LEU G 87 -3.86 78.84 -6.50
CA LEU G 87 -5.07 78.42 -5.81
C LEU G 87 -4.78 78.00 -4.37
N HIS G 88 -3.51 77.74 -4.08
CA HIS G 88 -3.06 77.32 -2.76
C HIS G 88 -1.82 78.05 -2.33
N ARG G 89 -1.97 78.92 -1.33
CA ARG G 89 -0.84 79.69 -0.79
C ARG G 89 -0.32 79.06 0.50
N HIS G 90 0.33 77.91 0.35
CA HIS G 90 0.76 77.10 1.50
C HIS G 90 2.02 77.59 2.17
N ALA G 91 2.15 77.25 3.45
CA ALA G 91 3.31 77.59 4.25
C ALA G 91 3.70 76.43 5.15
N LEU G 92 4.98 76.34 5.49
CA LEU G 92 5.49 75.30 6.38
C LEU G 92 4.78 75.31 7.73
N TYR G 93 4.30 76.49 8.13
CA TYR G 93 3.56 76.66 9.37
C TYR G 93 2.13 76.11 9.24
N LEU G 94 1.54 76.28 8.05
CA LEU G 94 0.18 75.80 7.78
C LEU G 94 0.14 74.27 7.71
N ILE G 95 1.04 73.68 6.92
CA ILE G 95 1.07 72.23 6.72
C ILE G 95 1.66 71.51 7.94
N ILE G 96 0.96 70.49 8.41
CA ILE G 96 1.36 69.74 9.61
C ILE G 96 1.53 68.23 9.40
N ARG G 97 0.74 67.67 8.49
CA ARG G 97 0.80 66.24 8.18
C ARG G 97 0.38 65.94 6.74
N VAL G 99 -0.63 62.54 4.29
CA VAL G 99 -0.90 61.11 4.13
C VAL G 99 -1.32 60.84 2.69
N CYS G 100 -0.58 59.95 2.02
CA CYS G 100 -0.89 59.58 0.63
C CYS G 100 -1.21 58.08 0.50
N TYR G 101 -2.25 57.78 -0.28
CA TYR G 101 -2.75 56.42 -0.41
C TYR G 101 -3.46 56.22 -1.76
N ASP G 102 -3.49 54.98 -2.24
CA ASP G 102 -4.22 54.64 -3.45
C ASP G 102 -5.72 54.63 -3.16
N ASP G 103 -6.51 55.07 -4.13
CA ASP G 103 -7.97 55.13 -3.97
C ASP G 103 -8.61 53.74 -4.13
N GLY G 104 -7.98 52.89 -4.93
CA GLY G 104 -8.49 51.55 -5.21
C GLY G 104 -9.79 51.53 -5.99
N LEU G 105 -10.02 52.57 -6.80
CA LEU G 105 -11.22 52.66 -7.63
C LEU G 105 -11.10 51.79 -8.88
N GLY G 106 -9.85 51.49 -9.24
CA GLY G 106 -9.52 50.84 -10.51
C GLY G 106 -8.42 51.63 -11.18
N ALA G 107 -7.66 50.95 -12.04
CA ALA G 107 -6.52 51.56 -12.76
C ALA G 107 -5.42 52.13 -11.85
N GLY G 108 -5.43 51.72 -10.60
CA GLY G 108 -4.37 52.02 -9.63
C GLY G 108 -3.85 53.46 -9.61
N LYS G 109 -4.72 54.38 -9.23
CA LYS G 109 -4.33 55.78 -9.06
C LYS G 109 -4.31 56.16 -7.60
N SER G 110 -3.37 57.02 -7.22
CA SER G 110 -3.15 57.41 -5.83
C SER G 110 -3.98 58.63 -5.43
N LEU G 111 -3.97 58.92 -4.13
CA LEU G 111 -4.53 60.16 -3.59
C LEU G 111 -3.54 60.79 -2.62
N LEU G 112 -3.89 61.97 -2.11
CA LEU G 112 -3.04 62.70 -1.18
C LEU G 112 -3.88 63.60 -0.28
N ALA G 113 -3.53 63.65 1.00
CA ALA G 113 -4.23 64.50 1.96
C ALA G 113 -3.27 65.49 2.63
N LEU G 114 -3.62 66.77 2.57
CA LEU G 114 -2.76 67.84 3.06
C LEU G 114 -3.46 68.65 4.15
N LYS G 115 -3.00 68.48 5.39
CA LYS G 115 -3.56 69.18 6.55
C LYS G 115 -3.10 70.63 6.59
N THR G 116 -4.04 71.53 6.86
CA THR G 116 -3.73 72.95 7.05
C THR G 116 -4.61 73.55 8.15
N THR G 117 -4.14 74.64 8.74
CA THR G 117 -4.92 75.40 9.72
C THR G 117 -4.72 76.92 9.52
N ASP G 118 -4.19 77.60 10.54
CA ASP G 118 -3.90 79.03 10.47
C ASP G 118 -2.82 79.40 11.48
N ALA G 119 -2.20 80.57 11.31
CA ALA G 119 -1.16 81.06 12.21
C ALA G 119 -1.71 81.39 13.60
N SER G 120 -3.01 81.68 13.67
CA SER G 120 -3.69 81.93 14.92
C SER G 120 -4.11 80.65 15.61
N ASN G 121 -4.19 79.56 14.83
CA ASN G 121 -4.65 78.25 15.29
C ASN G 121 -6.11 78.27 15.76
N GLU G 122 -7.03 78.07 14.80
CA GLU G 122 -8.47 78.14 15.08
C GLU G 122 -9.29 77.12 14.31
N GLU G 123 -9.22 77.18 12.98
CA GLU G 123 -10.04 76.33 12.11
C GLU G 123 -9.23 75.18 11.48
N TYR G 124 -9.94 74.20 10.92
CA TYR G 124 -9.31 73.03 10.28
C TYR G 124 -9.74 72.89 8.82
N SER G 125 -8.76 72.71 7.92
CA SER G 125 -9.03 72.52 6.50
C SER G 125 -8.01 71.59 5.84
N LEU G 126 -8.51 70.65 5.04
CA LEU G 126 -7.65 69.66 4.35
C LEU G 126 -8.02 69.45 2.89
N TRP G 127 -6.99 69.36 2.04
CA TRP G 127 -7.13 69.28 0.59
C TRP G 127 -6.78 67.92 0.07
N VAL G 128 -7.37 67.54 -1.06
CA VAL G 128 -7.13 66.23 -1.67
C VAL G 128 -6.57 66.36 -3.09
N TYR G 129 -5.48 65.65 -3.36
CA TYR G 129 -4.83 65.65 -4.68
C TYR G 129 -4.72 64.23 -5.23
N GLN G 130 -4.36 64.09 -6.50
CA GLN G 130 -4.26 62.77 -7.14
C GLN G 130 -2.92 62.56 -7.88
N CYS G 131 -2.39 61.34 -7.77
CA CYS G 131 -1.18 60.92 -8.48
C CYS G 131 -1.45 59.65 -9.29
N ASN G 132 -0.64 59.42 -10.33
CA ASN G 132 -0.82 58.28 -11.24
C ASN G 132 -0.50 56.93 -10.59
N SER G 133 0.39 56.95 -9.61
CA SER G 133 0.80 55.75 -8.88
C SER G 133 1.19 56.12 -7.46
N LEU G 134 1.22 55.11 -6.59
CA LEU G 134 1.61 55.30 -5.20
C LEU G 134 3.06 55.78 -5.07
N GLU G 135 3.96 55.20 -5.88
CA GLU G 135 5.37 55.62 -5.90
C GLU G 135 5.52 57.12 -6.14
N GLN G 136 4.67 57.67 -7.00
CA GLN G 136 4.70 59.08 -7.34
C GLN G 136 4.30 59.96 -6.15
N ALA G 137 3.27 59.53 -5.42
CA ALA G 137 2.79 60.24 -4.23
C ALA G 137 3.82 60.17 -3.10
N GLN G 138 4.51 59.03 -3.00
CA GLN G 138 5.58 58.86 -2.02
C GLN G 138 6.67 59.93 -2.20
N ALA G 139 6.98 60.24 -3.46
CA ALA G 139 8.03 61.20 -3.80
C ALA G 139 7.77 62.60 -3.26
N ILE G 140 6.50 62.96 -3.09
CA ILE G 140 6.12 64.26 -2.55
C ILE G 140 6.34 64.29 -1.03
N CYS G 141 5.98 63.20 -0.36
CA CYS G 141 6.20 63.03 1.08
C CYS G 141 7.69 63.08 1.45
N LYS G 142 8.52 62.54 0.57
CA LYS G 142 9.98 62.58 0.73
C LYS G 142 10.50 64.01 0.67
N VAL G 143 10.10 64.74 -0.38
CA VAL G 143 10.54 66.12 -0.60
C VAL G 143 10.06 67.05 0.52
N LEU G 144 8.81 66.86 0.95
CA LEU G 144 8.22 67.65 2.03
C LEU G 144 9.04 67.58 3.34
N SER G 145 9.56 66.39 3.63
CA SER G 145 10.33 66.14 4.85
C SER G 145 11.69 66.85 4.86
N THR G 146 12.21 67.13 3.68
CA THR G 146 13.44 67.93 3.53
C THR G 146 13.15 69.40 3.85
N ALA G 147 11.91 69.81 3.61
CA ALA G 147 11.46 71.16 3.94
C ALA G 147 11.10 71.30 5.43
N PHE G 148 10.64 70.21 6.03
CA PHE G 148 10.20 70.20 7.42
C PHE G 148 11.33 70.46 8.42
N ASP G 149 12.41 69.69 8.28
CA ASP G 149 13.53 69.76 9.23
C ASP G 149 14.47 70.95 9.01
N SER G 150 14.48 71.50 7.80
CA SER G 150 15.37 72.60 7.44
C SER G 150 14.94 73.92 8.07
N CYS H 17 -39.91 -2.08 0.48
CA CYS H 17 -38.90 -3.16 0.25
C CYS H 17 -39.23 -3.96 -1.01
N ALA H 18 -38.43 -3.76 -2.05
CA ALA H 18 -38.68 -4.37 -3.35
C ALA H 18 -37.38 -4.59 -4.13
N GLU H 19 -37.34 -5.69 -4.87
CA GLU H 19 -36.21 -5.98 -5.76
C GLU H 19 -36.65 -5.91 -7.22
N PHE H 20 -35.75 -5.44 -8.09
CA PHE H 20 -36.07 -5.22 -9.50
C PHE H 20 -34.94 -5.66 -10.41
N ARG H 21 -35.28 -6.42 -11.44
CA ARG H 21 -34.30 -6.96 -12.38
C ARG H 21 -34.17 -6.02 -13.58
N ILE H 22 -33.17 -5.14 -13.53
CA ILE H 22 -32.95 -4.11 -14.55
C ILE H 22 -31.56 -4.17 -15.18
N LYS H 23 -31.35 -3.39 -16.23
CA LYS H 23 -30.05 -3.30 -16.92
C LYS H 23 -29.44 -1.90 -16.76
N TYR H 24 -28.11 -1.86 -16.60
CA TYR H 24 -27.38 -0.61 -16.39
C TYR H 24 -26.76 -0.11 -17.70
N VAL H 25 -27.05 1.14 -18.04
CA VAL H 25 -26.57 1.75 -19.27
C VAL H 25 -25.16 2.32 -19.06
N GLY H 26 -25.06 3.28 -18.15
CA GLY H 26 -23.80 3.96 -17.85
C GLY H 26 -24.01 5.09 -16.86
N ALA H 27 -23.10 6.06 -16.88
CA ALA H 27 -23.21 7.25 -16.04
C ALA H 27 -22.29 8.38 -16.49
N ILE H 28 -22.80 9.60 -16.43
CA ILE H 28 -21.95 10.78 -16.54
C ILE H 28 -21.17 10.89 -15.23
N GLU H 29 -19.90 10.49 -15.28
CA GLU H 29 -19.09 10.28 -14.07
C GLU H 29 -18.80 11.58 -13.31
N LYS H 30 -19.82 12.06 -12.60
CA LYS H 30 -19.76 13.32 -11.84
C LYS H 30 -19.62 14.55 -12.75
N LEU H 31 -19.78 15.72 -12.16
CA LEU H 31 -19.78 16.97 -12.90
C LEU H 31 -19.02 18.05 -12.15
N GLU H 40 -33.13 21.39 -12.56
CA GLU H 40 -34.17 22.23 -12.01
C GLU H 40 -35.52 21.50 -11.99
N GLY H 41 -35.96 21.03 -13.15
CA GLY H 41 -37.23 20.32 -13.28
C GLY H 41 -37.00 18.89 -13.72
N PRO H 42 -38.08 18.10 -13.88
CA PRO H 42 -37.97 16.68 -14.24
C PRO H 42 -37.48 16.48 -15.66
N LEU H 43 -37.74 17.47 -16.52
CA LEU H 43 -37.37 17.40 -17.94
C LEU H 43 -35.90 17.74 -18.19
N ASP H 44 -35.31 18.53 -17.29
CA ASP H 44 -33.89 18.90 -17.36
C ASP H 44 -32.98 17.66 -17.41
N LEU H 45 -33.32 16.66 -16.59
CA LEU H 45 -32.58 15.41 -16.52
C LEU H 45 -32.72 14.60 -17.81
N ILE H 46 -33.91 14.64 -18.41
CA ILE H 46 -34.18 13.90 -19.64
C ILE H 46 -33.35 14.42 -20.82
N ASN H 47 -33.40 15.73 -21.07
CA ASN H 47 -32.76 16.32 -22.25
C ASN H 47 -31.24 16.28 -22.21
N TYR H 48 -30.66 16.28 -21.02
CA TYR H 48 -29.20 16.22 -20.88
C TYR H 48 -28.69 14.82 -21.15
N ILE H 49 -29.50 13.82 -20.80
CA ILE H 49 -29.26 12.43 -21.18
C ILE H 49 -29.34 12.32 -22.71
N ASP H 50 -30.33 13.00 -23.29
CA ASP H 50 -30.50 13.04 -24.74
C ASP H 50 -29.35 13.76 -25.46
N VAL H 51 -28.59 14.57 -24.72
CA VAL H 51 -27.41 15.24 -25.24
C VAL H 51 -26.18 14.35 -25.12
N ALA H 52 -26.01 13.75 -23.94
CA ALA H 52 -24.86 12.90 -23.63
C ALA H 52 -24.83 11.60 -24.44
N GLN H 53 -26.01 11.05 -24.71
CA GLN H 53 -26.11 9.83 -25.52
C GLN H 53 -25.63 10.04 -26.96
N GLN H 54 -25.93 11.22 -27.51
CA GLN H 54 -25.57 11.57 -28.89
C GLN H 54 -24.09 11.94 -29.05
N ASP H 55 -23.43 12.24 -27.92
CA ASP H 55 -22.00 12.59 -27.92
C ASP H 55 -21.19 11.78 -26.91
N GLY H 56 -20.62 10.67 -27.37
CA GLY H 56 -19.82 9.78 -26.52
C GLY H 56 -20.60 9.26 -25.32
N LYS H 57 -19.91 9.12 -24.19
CA LYS H 57 -20.52 8.70 -22.91
C LYS H 57 -21.49 7.51 -23.06
N LEU H 58 -22.59 7.53 -22.31
CA LEU H 58 -23.58 6.45 -22.33
C LEU H 58 -24.21 6.27 -23.70
N PHE H 60 -26.61 3.51 -26.54
CA PHE H 60 -28.04 3.75 -26.52
C PHE H 60 -28.80 2.56 -25.94
N VAL H 61 -28.34 1.38 -26.30
CA VAL H 61 -28.84 0.14 -25.73
C VAL H 61 -27.67 -0.35 -24.88
N PRO H 62 -27.97 -0.99 -23.73
CA PRO H 62 -26.91 -1.44 -22.85
C PRO H 62 -26.42 -2.86 -23.15
N PRO H 63 -25.47 -3.37 -22.34
CA PRO H 63 -25.00 -4.75 -22.43
C PRO H 63 -25.88 -5.73 -21.66
N GLU H 64 -25.65 -7.02 -21.88
CA GLU H 64 -26.54 -8.08 -21.41
C GLU H 64 -26.49 -8.33 -19.89
N GLU H 65 -25.47 -7.77 -19.24
CA GLU H 65 -25.27 -7.93 -17.79
C GLU H 65 -26.46 -7.42 -16.95
N GLU H 66 -27.20 -8.38 -16.38
CA GLU H 66 -28.40 -8.05 -15.62
C GLU H 66 -28.06 -7.65 -14.20
N PHE H 67 -28.80 -6.67 -13.68
CA PHE H 67 -28.59 -6.15 -12.34
C PHE H 67 -29.83 -6.30 -11.46
N ILE H 68 -29.63 -6.17 -10.14
CA ILE H 68 -30.73 -6.23 -9.19
C ILE H 68 -30.80 -4.94 -8.37
N GLY H 70 -32.12 -2.78 -5.50
CA GLY H 70 -32.71 -2.96 -4.19
C GLY H 70 -33.27 -1.61 -3.80
N VAL H 71 -34.51 -1.58 -3.34
CA VAL H 71 -35.09 -0.36 -2.80
C VAL H 71 -35.48 -0.64 -1.36
N SER H 72 -35.15 0.30 -0.47
CA SER H 72 -35.31 0.11 0.97
C SER H 72 -35.49 1.47 1.64
N LYS H 73 -35.74 1.45 2.94
CA LYS H 73 -35.90 2.68 3.71
C LYS H 73 -34.57 3.42 3.95
N TYR H 74 -33.47 2.86 3.45
CA TYR H 74 -32.14 3.43 3.65
C TYR H 74 -31.39 3.65 2.34
N GLY H 75 -32.03 3.31 1.21
CA GLY H 75 -31.42 3.54 -0.10
C GLY H 75 -31.78 2.56 -1.20
N ILE H 76 -31.04 2.67 -2.30
CA ILE H 76 -31.32 1.94 -3.54
C ILE H 76 -30.10 1.08 -3.91
N LYS H 77 -29.99 -0.08 -3.26
CA LYS H 77 -28.85 -0.99 -3.44
C LYS H 77 -28.86 -1.70 -4.82
N VAL H 78 -28.12 -1.14 -5.76
CA VAL H 78 -27.97 -1.70 -7.10
C VAL H 78 -26.80 -2.69 -7.12
N SER H 79 -27.07 -3.93 -6.72
CA SER H 79 -26.08 -4.99 -6.80
C SER H 79 -26.27 -5.81 -8.07
N THR H 80 -25.29 -6.67 -8.38
CA THR H 80 -25.37 -7.58 -9.53
C THR H 80 -26.29 -8.77 -9.22
N SER H 81 -26.74 -9.44 -10.29
CA SER H 81 -27.58 -10.64 -10.19
C SER H 81 -26.93 -11.77 -9.39
N ASP H 82 -25.68 -11.56 -8.98
CA ASP H 82 -24.94 -12.51 -8.16
C ASP H 82 -24.89 -12.09 -6.69
N GLN H 83 -25.41 -10.89 -6.41
CA GLN H 83 -25.41 -10.30 -5.05
C GLN H 83 -23.98 -10.06 -4.53
N TYR H 84 -23.02 -10.74 -5.14
CA TYR H 84 -21.62 -10.72 -4.73
C TYR H 84 -20.92 -9.41 -5.05
N ASP H 85 -21.51 -8.63 -5.97
CA ASP H 85 -20.98 -7.32 -6.34
C ASP H 85 -21.99 -6.22 -6.09
N VAL H 86 -21.50 -5.08 -5.63
CA VAL H 86 -22.33 -3.90 -5.38
C VAL H 86 -21.80 -2.70 -6.18
N LEU H 87 -22.19 -2.60 -7.44
CA LEU H 87 -21.68 -1.55 -8.33
C LEU H 87 -22.12 -0.12 -7.95
N HIS H 88 -23.35 0.02 -7.47
CA HIS H 88 -23.86 1.34 -7.08
C HIS H 88 -24.68 1.28 -5.83
N ARG H 89 -24.42 2.24 -4.95
CA ARG H 89 -25.13 2.35 -3.67
C ARG H 89 -25.58 3.78 -3.52
N HIS H 90 -26.89 4.00 -3.65
CA HIS H 90 -27.44 5.36 -3.59
C HIS H 90 -28.27 5.53 -2.37
N ALA H 91 -27.79 6.37 -1.46
CA ALA H 91 -28.46 6.62 -0.19
C ALA H 91 -29.65 7.54 -0.34
N LEU H 92 -30.70 7.27 0.44
CA LEU H 92 -31.92 8.08 0.43
C LEU H 92 -31.59 9.56 0.55
N TYR H 93 -30.76 9.88 1.55
CA TYR H 93 -30.36 11.25 1.89
C TYR H 93 -29.65 12.00 0.75
N LEU H 94 -29.06 11.27 -0.18
CA LEU H 94 -28.27 11.86 -1.28
C LEU H 94 -28.99 11.98 -2.64
N ILE H 95 -30.25 11.58 -2.69
CA ILE H 95 -31.01 11.62 -3.95
C ILE H 95 -31.75 12.94 -4.12
N ILE H 96 -31.64 13.53 -5.31
CA ILE H 96 -32.38 14.75 -5.66
C ILE H 96 -33.70 14.41 -6.33
N ARG H 97 -33.66 13.48 -7.29
CA ARG H 97 -34.87 13.04 -8.01
C ARG H 97 -34.64 11.79 -8.83
N VAL H 99 -36.43 10.29 -12.14
CA VAL H 99 -37.35 10.64 -13.23
C VAL H 99 -37.25 9.58 -14.32
N CYS H 100 -38.24 8.69 -14.38
CA CYS H 100 -38.29 7.64 -15.41
C CYS H 100 -39.26 7.97 -16.55
N TYR H 101 -38.81 7.69 -17.78
CA TYR H 101 -39.64 7.89 -18.98
C TYR H 101 -39.68 6.65 -19.88
N ASP H 102 -39.78 6.88 -21.19
CA ASP H 102 -39.86 5.82 -22.20
C ASP H 102 -38.94 6.19 -23.37
N ASP H 103 -37.94 5.34 -23.63
CA ASP H 103 -36.95 5.60 -24.66
C ASP H 103 -37.53 5.59 -26.08
N GLY H 104 -38.61 4.81 -26.27
CA GLY H 104 -39.31 4.72 -27.55
C GLY H 104 -38.43 4.40 -28.76
N LEU H 105 -37.40 3.59 -28.55
CA LEU H 105 -36.43 3.26 -29.59
C LEU H 105 -36.74 1.96 -30.35
N GLY H 106 -37.90 1.36 -30.08
CA GLY H 106 -38.36 0.18 -30.85
C GLY H 106 -39.22 -0.80 -30.08
N ALA H 107 -38.65 -1.39 -29.04
CA ALA H 107 -39.35 -2.39 -28.23
C ALA H 107 -40.24 -1.74 -27.17
N GLY H 108 -40.03 -0.45 -26.93
CA GLY H 108 -40.78 0.28 -25.91
C GLY H 108 -40.10 0.28 -24.55
N LYS H 109 -38.79 0.07 -24.56
CA LYS H 109 -37.99 0.06 -23.32
C LYS H 109 -38.08 1.39 -22.57
N SER H 110 -37.61 1.40 -21.33
CA SER H 110 -37.69 2.59 -20.50
C SER H 110 -36.36 2.88 -19.83
N LEU H 111 -36.05 4.16 -19.67
CA LEU H 111 -34.78 4.59 -19.06
C LEU H 111 -34.98 5.14 -17.66
N LEU H 112 -34.55 4.38 -16.66
CA LEU H 112 -34.61 4.80 -15.25
C LEU H 112 -33.45 5.72 -14.90
N ALA H 113 -33.73 6.80 -14.19
CA ALA H 113 -32.68 7.80 -13.86
C ALA H 113 -32.54 8.10 -12.37
N LEU H 114 -31.31 8.42 -11.97
CA LEU H 114 -31.05 8.88 -10.59
C LEU H 114 -30.12 10.07 -10.57
N LYS H 115 -30.69 11.26 -10.45
CA LYS H 115 -29.89 12.46 -10.24
C LYS H 115 -29.59 12.53 -8.75
N THR H 116 -28.36 12.17 -8.40
CA THR H 116 -27.90 12.18 -7.02
C THR H 116 -26.95 13.35 -6.79
N THR H 117 -26.82 13.78 -5.54
CA THR H 117 -25.96 14.92 -5.20
C THR H 117 -24.89 14.58 -4.16
N ASP H 118 -23.77 15.28 -4.25
CA ASP H 118 -22.61 15.08 -3.37
C ASP H 118 -22.89 15.36 -1.89
N ALA H 119 -21.88 15.12 -1.06
CA ALA H 119 -21.97 15.32 0.39
C ALA H 119 -22.07 16.81 0.78
N SER H 120 -21.58 17.69 -0.09
CA SER H 120 -21.60 19.13 0.16
C SER H 120 -22.65 19.90 -0.66
N ASN H 121 -23.33 19.19 -1.57
CA ASN H 121 -24.37 19.78 -2.44
C ASN H 121 -23.86 20.96 -3.27
N GLU H 122 -23.00 20.66 -4.24
CA GLU H 122 -22.50 21.65 -5.19
C GLU H 122 -22.01 20.97 -6.46
N GLU H 123 -21.91 19.64 -6.39
CA GLU H 123 -21.47 18.82 -7.52
C GLU H 123 -22.37 17.59 -7.67
N TYR H 124 -23.33 17.66 -8.59
CA TYR H 124 -24.28 16.55 -8.81
C TYR H 124 -23.70 15.51 -9.76
N SER H 125 -23.95 14.23 -9.45
CA SER H 125 -23.65 13.14 -10.37
C SER H 125 -24.93 12.36 -10.63
N LEU H 126 -25.18 12.03 -11.90
CA LEU H 126 -26.38 11.29 -12.28
C LEU H 126 -26.08 9.83 -12.63
N TRP H 127 -27.09 8.98 -12.49
CA TRP H 127 -26.98 7.54 -12.82
C TRP H 127 -28.13 7.11 -13.67
N VAL H 128 -27.82 6.50 -14.80
CA VAL H 128 -28.84 6.12 -15.78
C VAL H 128 -28.95 4.61 -15.88
N TYR H 129 -30.18 4.11 -15.77
CA TYR H 129 -30.48 2.69 -15.86
C TYR H 129 -31.51 2.46 -16.96
N GLN H 130 -31.82 1.19 -17.24
CA GLN H 130 -32.78 0.82 -18.28
C GLN H 130 -33.72 -0.30 -17.84
N CYS H 131 -34.90 -0.36 -18.48
CA CYS H 131 -35.91 -1.39 -18.22
C CYS H 131 -36.53 -1.92 -19.51
N ASN H 132 -37.65 -2.63 -19.40
CA ASN H 132 -38.33 -3.22 -20.57
C ASN H 132 -39.70 -2.61 -20.89
N SER H 133 -40.24 -1.87 -19.91
CA SER H 133 -41.54 -1.23 -20.02
C SER H 133 -41.65 -0.07 -19.02
N LEU H 134 -42.47 0.91 -19.38
CA LEU H 134 -42.77 2.03 -18.50
C LEU H 134 -43.47 1.53 -17.22
N GLU H 135 -44.39 0.58 -17.37
CA GLU H 135 -45.13 0.01 -16.24
C GLU H 135 -44.22 -0.67 -15.20
N GLN H 136 -43.09 -1.21 -15.65
CA GLN H 136 -42.13 -1.85 -14.76
C GLN H 136 -41.25 -0.77 -14.09
N ALA H 137 -40.93 0.26 -14.87
CA ALA H 137 -40.13 1.37 -14.38
C ALA H 137 -40.93 2.30 -13.49
N GLN H 138 -42.24 2.40 -13.75
CA GLN H 138 -43.15 3.21 -12.94
C GLN H 138 -43.35 2.61 -11.56
N ALA H 139 -43.22 1.29 -11.47
CA ALA H 139 -43.31 0.57 -10.20
C ALA H 139 -42.20 1.01 -9.27
N ILE H 140 -40.98 1.12 -9.81
CA ILE H 140 -39.79 1.50 -9.06
C ILE H 140 -39.97 2.86 -8.39
N CYS H 141 -40.44 3.86 -9.14
CA CYS H 141 -40.71 5.19 -8.60
C CYS H 141 -41.50 5.14 -7.30
N LYS H 142 -42.61 4.40 -7.32
CA LYS H 142 -43.53 4.34 -6.18
C LYS H 142 -42.89 3.80 -4.90
N VAL H 143 -42.01 2.81 -5.04
CA VAL H 143 -41.40 2.16 -3.87
C VAL H 143 -40.46 3.12 -3.13
N LEU H 144 -39.74 3.96 -3.87
CA LEU H 144 -38.84 4.95 -3.27
C LEU H 144 -39.58 6.10 -2.59
N SER H 145 -40.77 6.41 -3.10
CA SER H 145 -41.60 7.45 -2.49
C SER H 145 -42.10 7.00 -1.12
N THR H 146 -42.39 5.71 -1.00
CA THR H 146 -42.75 5.11 0.29
C THR H 146 -41.61 5.28 1.29
N ALA H 147 -40.39 5.00 0.81
CA ALA H 147 -39.18 5.16 1.61
C ALA H 147 -38.96 6.61 1.99
N PHE H 148 -39.32 7.50 1.08
CA PHE H 148 -39.16 8.94 1.25
C PHE H 148 -40.03 9.50 2.38
N ASP H 149 -41.32 9.13 2.38
CA ASP H 149 -42.28 9.65 3.36
C ASP H 149 -42.00 9.27 4.81
N SER H 150 -41.12 8.31 5.03
CA SER H 150 -40.73 7.87 6.37
C SER H 150 -39.92 8.96 7.10
N VAL H 151 -38.86 9.43 6.45
CA VAL H 151 -37.97 10.46 7.03
C VAL H 151 -38.62 11.85 7.09
N LEU H 152 -39.65 12.05 6.29
CA LEU H 152 -40.26 13.37 6.13
C LEU H 152 -41.79 13.29 6.19
N SER I 2 4.64 47.40 1.05
CA SER I 2 6.04 47.88 1.27
C SER I 2 6.05 49.28 1.89
N ALA I 3 5.37 50.21 1.23
CA ALA I 3 5.23 51.58 1.73
C ALA I 3 3.91 52.18 1.28
N VAL I 4 3.07 52.58 2.24
CA VAL I 4 1.77 53.19 1.94
C VAL I 4 1.50 54.40 2.88
N THR I 5 2.50 55.27 3.02
CA THR I 5 2.40 56.45 3.90
C THR I 5 1.45 57.50 3.35
N LYS J 1 -52.96 8.62 -20.12
CA LYS J 1 -52.04 7.82 -19.26
C LYS J 1 -50.72 8.55 -19.01
N SER J 2 -50.14 8.31 -17.84
CA SER J 2 -48.87 8.93 -17.46
C SER J 2 -47.72 8.44 -18.32
N ALA J 3 -46.90 9.38 -18.81
CA ALA J 3 -45.75 9.06 -19.64
C ALA J 3 -44.44 9.20 -18.88
N VAL J 4 -44.41 10.14 -17.94
CA VAL J 4 -43.21 10.41 -17.15
C VAL J 4 -43.56 10.52 -15.67
N THR J 5 -42.99 9.61 -14.88
CA THR J 5 -43.25 9.58 -13.43
C THR J 5 -42.01 10.00 -12.65
N THR J 6 -42.21 10.87 -11.65
CA THR J 6 -41.09 11.54 -10.98
C THR J 6 -41.16 11.46 -9.46
N VAL J 7 -40.05 11.08 -8.85
CA VAL J 7 -39.90 11.08 -7.39
C VAL J 7 -39.01 12.25 -6.98
N VAL J 8 -39.52 13.10 -6.08
CA VAL J 8 -38.75 14.26 -5.62
C VAL J 8 -38.48 14.21 -4.13
N ASN J 9 -37.19 14.24 -3.77
CA ASN J 9 -36.78 14.36 -2.37
C ASN J 9 -36.96 15.79 -1.85
N PRO J 10 -37.96 16.00 -0.98
CA PRO J 10 -38.31 17.34 -0.51
C PRO J 10 -37.21 18.00 0.34
N LYS J 11 -36.03 18.14 -0.25
CA LYS J 11 -34.93 18.91 0.31
C LYS J 11 -34.25 19.70 -0.80
N CYS K 17 -61.08 -63.52 29.43
CA CYS K 17 -61.99 -62.66 30.24
C CYS K 17 -61.18 -61.81 31.23
N ALA K 18 -61.34 -60.48 31.10
CA ALA K 18 -60.60 -59.53 31.93
C ALA K 18 -61.43 -58.28 32.22
N GLU K 19 -61.59 -57.97 33.50
CA GLU K 19 -62.38 -56.82 33.92
C GLU K 19 -61.49 -55.69 34.45
N PHE K 20 -61.22 -54.72 33.59
CA PHE K 20 -60.38 -53.57 33.94
C PHE K 20 -61.16 -52.44 34.59
N ARG K 21 -60.47 -51.32 34.84
CA ARG K 21 -61.11 -50.13 35.38
C ARG K 21 -60.65 -48.90 34.59
N ILE K 22 -61.61 -48.29 33.87
CA ILE K 22 -61.34 -47.12 33.03
C ILE K 22 -62.36 -46.02 33.26
N LYS K 23 -62.08 -44.84 32.72
CA LYS K 23 -62.99 -43.69 32.81
C LYS K 23 -63.61 -43.34 31.45
N TYR K 24 -64.61 -42.47 31.47
CA TYR K 24 -65.27 -42.02 30.25
C TYR K 24 -64.98 -40.54 30.00
N VAL K 25 -64.73 -40.20 28.73
CA VAL K 25 -64.48 -38.81 28.33
C VAL K 25 -65.56 -38.30 27.37
N GLY K 26 -65.66 -38.95 26.21
CA GLY K 26 -66.61 -38.56 25.17
C GLY K 26 -66.20 -39.12 23.82
N ALA K 27 -67.18 -39.64 23.08
CA ALA K 27 -66.92 -40.30 21.80
C ALA K 27 -67.64 -39.62 20.63
N ILE K 28 -66.86 -39.10 19.70
CA ILE K 28 -67.38 -38.42 18.51
C ILE K 28 -66.89 -39.12 17.26
N GLY K 41 -54.64 -46.18 8.91
CA GLY K 41 -53.42 -46.21 9.70
C GLY K 41 -53.65 -45.90 11.18
N PRO K 42 -52.87 -46.53 12.06
CA PRO K 42 -52.98 -46.30 13.51
C PRO K 42 -52.48 -44.92 13.94
N LEU K 43 -51.57 -44.35 13.16
CA LEU K 43 -51.00 -43.03 13.43
C LEU K 43 -52.05 -41.92 13.26
N ASP K 44 -52.92 -42.10 12.27
CA ASP K 44 -53.95 -41.11 11.93
C ASP K 44 -55.18 -41.21 12.84
N LEU K 45 -55.32 -42.35 13.52
CA LEU K 45 -56.40 -42.57 14.47
C LEU K 45 -56.27 -41.67 15.70
N ILE K 46 -55.03 -41.43 16.11
CA ILE K 46 -54.71 -40.56 17.24
C ILE K 46 -54.96 -39.09 16.88
N ASN K 47 -54.57 -38.71 15.66
CA ASN K 47 -54.68 -37.34 15.18
C ASN K 47 -56.11 -36.78 15.18
N TYR K 48 -57.09 -37.64 14.93
CA TYR K 48 -58.49 -37.25 14.93
C TYR K 48 -58.98 -36.94 16.34
N ILE K 49 -58.51 -37.72 17.31
CA ILE K 49 -58.87 -37.53 18.72
C ILE K 49 -58.12 -36.35 19.32
N ASP K 50 -56.86 -36.19 18.92
CA ASP K 50 -56.00 -35.11 19.43
C ASP K 50 -56.45 -33.72 18.97
N VAL K 51 -57.06 -33.67 17.79
CA VAL K 51 -57.57 -32.42 17.23
C VAL K 51 -58.99 -32.12 17.74
N ALA K 52 -59.71 -33.17 18.14
CA ALA K 52 -61.07 -33.03 18.67
C ALA K 52 -61.06 -32.43 20.08
N GLN K 53 -60.03 -32.77 20.85
CA GLN K 53 -59.84 -32.20 22.18
C GLN K 53 -59.30 -30.78 22.08
N GLN K 54 -58.62 -30.49 20.97
CA GLN K 54 -58.08 -29.16 20.69
C GLN K 54 -58.95 -28.44 19.66
N ILE K 68 -64.67 -49.01 33.71
CA ILE K 68 -64.65 -50.47 33.69
C ILE K 68 -64.63 -50.97 32.25
N GLY K 70 -64.75 -54.66 30.54
CA GLY K 70 -64.89 -56.11 30.66
C GLY K 70 -64.89 -56.78 29.31
N VAL K 71 -63.70 -57.16 28.83
CA VAL K 71 -63.54 -57.78 27.52
C VAL K 71 -63.70 -59.29 27.63
N SER K 72 -64.66 -59.82 26.86
CA SER K 72 -64.91 -61.26 26.81
C SER K 72 -64.26 -61.86 25.56
N LYS K 73 -64.85 -62.94 25.06
CA LYS K 73 -64.39 -63.59 23.84
C LYS K 73 -65.33 -63.28 22.66
N TYR K 74 -66.12 -62.21 22.81
CA TYR K 74 -67.03 -61.76 21.75
C TYR K 74 -67.18 -60.24 21.75
N GLY K 75 -66.56 -59.59 22.73
CA GLY K 75 -66.56 -58.14 22.84
C GLY K 75 -66.67 -57.64 24.27
N ILE K 76 -67.10 -56.40 24.43
CA ILE K 76 -67.30 -55.81 25.75
C ILE K 76 -68.75 -56.03 26.19
N ASP K 85 -76.98 -51.26 33.54
CA ASP K 85 -76.02 -50.15 33.67
C ASP K 85 -74.85 -50.29 32.70
N VAL K 86 -75.04 -51.07 31.63
CA VAL K 86 -74.02 -51.25 30.61
C VAL K 86 -74.01 -50.03 29.68
N LEU K 87 -72.86 -49.37 29.59
CA LEU K 87 -72.74 -48.14 28.82
C LEU K 87 -72.61 -48.41 27.32
N HIS K 88 -71.63 -49.22 26.95
CA HIS K 88 -71.40 -49.59 25.55
C HIS K 88 -71.13 -51.06 25.40
N ARG K 89 -71.60 -51.64 24.30
CA ARG K 89 -71.46 -53.07 24.05
C ARG K 89 -71.00 -53.35 22.62
N HIS K 90 -69.69 -53.23 22.41
CA HIS K 90 -69.08 -53.43 21.09
C HIS K 90 -68.77 -54.87 20.84
N ALA K 91 -69.13 -55.35 19.64
CA ALA K 91 -68.89 -56.73 19.24
C ALA K 91 -67.50 -56.90 18.63
N LEU K 92 -67.04 -58.15 18.56
CA LEU K 92 -65.74 -58.49 17.98
C LEU K 92 -65.66 -58.27 16.48
N TYR K 93 -66.80 -58.32 15.81
CA TYR K 93 -66.87 -58.12 14.36
C TYR K 93 -66.70 -56.64 13.99
N LEU K 94 -67.04 -55.76 14.93
CA LEU K 94 -67.02 -54.32 14.71
C LEU K 94 -65.64 -53.71 14.95
N ILE K 95 -65.06 -54.00 16.12
CA ILE K 95 -63.78 -53.43 16.53
C ILE K 95 -62.67 -53.88 15.56
N ILE K 96 -62.16 -52.92 14.79
CA ILE K 96 -61.13 -53.20 13.78
C ILE K 96 -59.80 -52.48 14.04
N ARG K 97 -59.70 -51.78 15.16
CA ARG K 97 -58.46 -51.11 15.59
C ARG K 97 -58.54 -50.70 17.06
N VAL K 99 -55.68 -48.61 19.58
CA VAL K 99 -54.37 -48.00 19.81
C VAL K 99 -54.39 -47.20 21.11
N CYS K 100 -53.34 -47.36 21.92
CA CYS K 100 -53.18 -46.58 23.15
C CYS K 100 -51.98 -45.65 23.07
N TYR K 101 -52.05 -44.53 23.79
CA TYR K 101 -50.99 -43.52 23.79
C TYR K 101 -50.96 -42.70 25.08
N ASP K 102 -50.04 -41.73 25.14
CA ASP K 102 -49.87 -40.88 26.31
C ASP K 102 -51.05 -39.91 26.48
N LYS K 109 -52.49 -38.83 31.22
CA LYS K 109 -52.15 -40.19 31.61
C LYS K 109 -52.12 -41.13 30.41
N SER K 110 -53.30 -41.61 29.99
CA SER K 110 -53.43 -42.48 28.83
C SER K 110 -54.84 -42.49 28.27
N LEU K 111 -54.94 -42.48 26.94
CA LEU K 111 -56.24 -42.56 26.27
C LEU K 111 -56.38 -43.83 25.42
N LEU K 112 -57.59 -44.36 25.37
CA LEU K 112 -57.90 -45.55 24.59
C LEU K 112 -58.80 -45.22 23.40
N ALA K 113 -58.65 -45.96 22.31
CA ALA K 113 -59.43 -45.72 21.10
C ALA K 113 -60.05 -47.00 20.55
N LEU K 114 -61.32 -46.90 20.13
CA LEU K 114 -62.03 -48.01 19.50
C LEU K 114 -62.72 -47.55 18.22
N LYS K 115 -62.26 -48.07 17.08
CA LYS K 115 -62.86 -47.74 15.79
C LYS K 115 -63.71 -48.90 15.30
N THR K 116 -65.02 -48.77 15.46
CA THR K 116 -65.98 -49.77 15.01
C THR K 116 -66.47 -49.45 13.61
N THR K 117 -66.61 -50.49 12.80
CA THR K 117 -67.06 -50.35 11.41
C THR K 117 -68.58 -50.20 11.32
N SER K 125 -67.87 -45.44 13.18
CA SER K 125 -67.95 -44.75 14.46
C SER K 125 -66.66 -44.92 15.26
N LEU K 126 -66.40 -43.98 16.17
CA LEU K 126 -65.17 -43.96 16.96
C LEU K 126 -65.48 -43.76 18.44
N TRP K 127 -64.72 -44.44 19.30
CA TRP K 127 -64.94 -44.38 20.75
C TRP K 127 -63.67 -44.08 21.50
N VAL K 128 -63.71 -43.07 22.35
CA VAL K 128 -62.54 -42.64 23.13
C VAL K 128 -62.72 -42.89 24.63
N TYR K 129 -61.80 -43.67 25.20
CA TYR K 129 -61.82 -43.99 26.63
C TYR K 129 -60.54 -43.48 27.33
N GLN K 130 -60.55 -43.49 28.66
CA GLN K 130 -59.43 -42.97 29.44
C GLN K 130 -58.99 -43.95 30.53
N CYS K 131 -57.68 -44.07 30.72
CA CYS K 131 -57.12 -44.96 31.73
C CYS K 131 -55.98 -44.28 32.49
N ASN K 132 -55.70 -44.78 33.70
CA ASN K 132 -54.69 -44.19 34.58
C ASN K 132 -53.25 -44.43 34.14
N SER K 133 -53.01 -45.55 33.45
CA SER K 133 -51.66 -45.95 33.06
C SER K 133 -51.59 -46.39 31.60
N LEU K 134 -50.49 -46.03 30.94
CA LEU K 134 -50.24 -46.45 29.56
C LEU K 134 -49.93 -47.95 29.50
N GLU K 135 -49.28 -48.46 30.55
CA GLU K 135 -48.99 -49.89 30.68
C GLU K 135 -50.27 -50.69 30.87
N GLN K 136 -51.22 -50.12 31.61
CA GLN K 136 -52.55 -50.72 31.76
C GLN K 136 -53.32 -50.63 30.45
N ALA K 137 -53.13 -49.52 29.72
CA ALA K 137 -53.71 -49.34 28.41
C ALA K 137 -53.10 -50.30 27.38
N GLN K 138 -51.82 -50.64 27.59
CA GLN K 138 -51.14 -51.67 26.80
C GLN K 138 -51.65 -53.06 27.16
N ALA K 139 -52.06 -53.23 28.42
CA ALA K 139 -52.53 -54.51 28.94
C ALA K 139 -53.89 -54.92 28.35
N ILE K 140 -54.74 -53.93 28.09
CA ILE K 140 -56.06 -54.17 27.49
C ILE K 140 -55.92 -54.55 26.02
N CYS K 141 -54.90 -53.97 25.36
CA CYS K 141 -54.55 -54.33 23.98
C CYS K 141 -54.14 -55.80 23.88
N LYS K 142 -53.53 -56.31 24.94
CA LYS K 142 -53.13 -57.70 25.04
C LYS K 142 -54.33 -58.63 25.28
N VAL K 143 -55.33 -58.12 26.00
CA VAL K 143 -56.57 -58.85 26.25
C VAL K 143 -57.36 -59.04 24.96
N LEU K 144 -57.53 -57.93 24.21
CA LEU K 144 -58.23 -57.94 22.94
C LEU K 144 -57.54 -58.83 21.90
N SER K 145 -56.22 -58.92 21.99
CA SER K 145 -55.41 -59.77 21.10
C SER K 145 -55.68 -61.26 21.31
N THR K 146 -56.08 -61.62 22.53
CA THR K 146 -56.39 -63.01 22.87
C THR K 146 -57.77 -63.41 22.33
N ALA K 147 -58.63 -62.41 22.10
CA ALA K 147 -59.98 -62.63 21.60
C ALA K 147 -60.02 -63.02 20.12
N PHE K 148 -59.23 -62.33 19.30
CA PHE K 148 -59.25 -62.52 17.85
C PHE K 148 -58.71 -63.88 17.41
N ASP K 149 -57.68 -64.36 18.10
CA ASP K 149 -57.13 -65.69 17.84
C ASP K 149 -58.10 -66.81 18.25
N SER K 150 -58.95 -66.52 19.22
CA SER K 150 -59.95 -67.46 19.72
C SER K 150 -61.10 -67.69 18.74
N VAL K 151 -61.22 -66.81 17.75
CA VAL K 151 -62.26 -66.91 16.73
C VAL K 151 -61.88 -67.93 15.66
N LEU K 152 -60.69 -67.76 15.08
CA LEU K 152 -60.17 -68.64 14.04
C LEU K 152 -59.65 -69.95 14.61
N THR K 153 -60.01 -71.06 13.96
CA THR K 153 -59.57 -72.39 14.37
C THR K 153 -58.09 -72.62 14.02
N CYS L 17 -60.07 27.91 -12.74
CA CYS L 17 -61.52 27.56 -12.81
C CYS L 17 -61.79 26.46 -13.85
N ALA L 18 -62.94 25.80 -13.73
CA ALA L 18 -63.37 24.76 -14.68
C ALA L 18 -64.85 24.47 -14.56
N GLU L 19 -65.44 24.00 -15.67
CA GLU L 19 -66.85 23.63 -15.70
C GLU L 19 -67.03 22.22 -16.25
N PHE L 20 -67.90 21.44 -15.61
CA PHE L 20 -68.14 20.04 -15.99
C PHE L 20 -69.62 19.72 -16.08
N ARG L 21 -69.99 19.02 -17.15
CA ARG L 21 -71.35 18.54 -17.37
C ARG L 21 -71.59 17.26 -16.56
N ILE L 22 -72.49 17.35 -15.57
CA ILE L 22 -72.80 16.22 -14.69
C ILE L 22 -74.32 16.05 -14.49
N LYS L 23 -74.69 15.18 -13.54
CA LYS L 23 -76.08 15.01 -13.14
C LYS L 23 -76.23 15.06 -11.61
N TYR L 24 -77.33 14.52 -11.09
CA TYR L 24 -77.65 14.57 -9.67
C TYR L 24 -78.30 13.26 -9.23
N VAL L 25 -77.74 12.63 -8.20
CA VAL L 25 -78.22 11.33 -7.73
C VAL L 25 -79.02 11.44 -6.44
N GLY L 26 -78.40 11.99 -5.39
CA GLY L 26 -79.04 12.16 -4.09
C GLY L 26 -78.16 12.81 -3.04
N ALA L 27 -78.80 13.46 -2.06
CA ALA L 27 -78.09 14.14 -0.98
C ALA L 27 -78.74 13.89 0.37
N ILE L 28 -77.93 13.43 1.33
CA ILE L 28 -78.42 13.16 2.68
C ILE L 28 -77.37 13.49 3.73
N GLY L 41 -61.91 6.93 6.21
CA GLY L 41 -61.64 6.23 4.96
C GLY L 41 -62.66 6.55 3.88
N PRO L 42 -62.20 6.89 2.67
CA PRO L 42 -63.09 7.21 1.54
C PRO L 42 -63.83 6.00 0.98
N LEU L 43 -63.38 4.79 1.34
CA LEU L 43 -64.04 3.56 0.94
C LEU L 43 -65.30 3.31 1.77
N ASP L 44 -65.33 3.87 2.98
CA ASP L 44 -66.49 3.77 3.87
C ASP L 44 -67.66 4.58 3.31
N LEU L 45 -67.34 5.68 2.64
CA LEU L 45 -68.33 6.52 1.98
C LEU L 45 -69.06 5.76 0.87
N ILE L 46 -68.30 4.98 0.10
CA ILE L 46 -68.86 4.13 -0.93
C ILE L 46 -69.84 3.15 -0.29
N ASN L 47 -69.40 2.46 0.76
CA ASN L 47 -70.24 1.55 1.52
C ASN L 47 -71.52 2.19 2.06
N TYR L 48 -71.47 3.50 2.33
CA TYR L 48 -72.62 4.24 2.83
C TYR L 48 -73.65 4.51 1.74
N ILE L 49 -73.17 4.81 0.54
CA ILE L 49 -74.03 5.07 -0.63
C ILE L 49 -74.71 3.78 -1.08
N ASP L 50 -73.96 2.68 -1.02
CA ASP L 50 -74.41 1.38 -1.52
C ASP L 50 -75.53 0.77 -0.68
N VAL L 51 -75.66 1.21 0.58
CA VAL L 51 -76.73 0.75 1.45
C VAL L 51 -77.99 1.58 1.21
N ALA L 52 -77.83 2.90 1.20
CA ALA L 52 -78.94 3.83 0.98
C ALA L 52 -79.66 3.55 -0.35
N GLN L 53 -78.91 3.09 -1.33
CA GLN L 53 -79.47 2.75 -2.65
C GLN L 53 -80.32 1.48 -2.59
N GLN L 54 -79.85 0.49 -1.82
CA GLN L 54 -80.54 -0.79 -1.68
C GLN L 54 -81.82 -0.67 -0.85
N ASP L 55 -81.83 0.27 0.09
CA ASP L 55 -82.98 0.48 0.98
C ASP L 55 -84.17 1.11 0.26
N GLY L 56 -83.91 2.18 -0.48
CA GLY L 56 -84.96 2.88 -1.24
C GLY L 56 -85.00 4.37 -1.00
N LYS L 57 -84.08 4.87 -0.19
CA LYS L 57 -83.99 6.31 0.11
C LYS L 57 -83.16 7.06 -0.94
N LEU L 58 -82.29 6.34 -1.63
CA LEU L 58 -81.43 6.90 -2.67
C LEU L 58 -81.62 6.10 -3.96
N PRO L 59 -81.83 6.78 -5.10
CA PRO L 59 -82.07 6.08 -6.37
C PRO L 59 -80.81 5.49 -7.00
N PHE L 60 -80.96 4.35 -7.67
CA PHE L 60 -79.88 3.73 -8.43
C PHE L 60 -79.60 4.52 -9.71
N VAL L 61 -80.67 4.97 -10.36
CA VAL L 61 -80.56 5.72 -11.60
C VAL L 61 -80.92 7.18 -11.38
N PRO L 62 -80.02 8.10 -11.79
CA PRO L 62 -80.31 9.53 -11.75
C PRO L 62 -81.22 9.96 -12.90
N PRO L 63 -82.12 10.93 -12.65
CA PRO L 63 -83.00 11.52 -13.67
C PRO L 63 -82.24 12.05 -14.89
N GLU L 64 -82.97 12.31 -15.97
CA GLU L 64 -82.35 12.70 -17.24
C GLU L 64 -81.83 14.15 -17.24
N GLU L 65 -82.33 14.97 -16.30
CA GLU L 65 -81.90 16.36 -16.17
C GLU L 65 -80.39 16.47 -16.04
N GLU L 66 -79.79 17.37 -16.81
CA GLU L 66 -78.34 17.57 -16.82
C GLU L 66 -77.93 18.88 -16.15
N PHE L 67 -76.93 18.81 -15.28
CA PHE L 67 -76.44 19.96 -14.54
C PHE L 67 -75.01 20.31 -14.93
N ILE L 68 -74.53 21.46 -14.47
CA ILE L 68 -73.16 21.93 -14.76
C ILE L 68 -72.37 22.23 -13.48
N GLY L 70 -69.29 23.54 -11.57
CA GLY L 70 -68.18 24.48 -11.69
C GLY L 70 -67.22 24.34 -10.53
N VAL L 71 -65.94 24.59 -10.78
CA VAL L 71 -64.90 24.51 -9.75
C VAL L 71 -64.06 25.80 -9.73
N SER L 72 -64.08 26.49 -8.59
CA SER L 72 -63.29 27.70 -8.41
C SER L 72 -62.62 27.70 -7.04
N GLY L 75 -64.98 27.02 -3.89
CA GLY L 75 -66.13 27.74 -4.41
C GLY L 75 -66.73 27.06 -5.62
N ILE L 76 -67.48 25.98 -5.37
CA ILE L 76 -68.07 25.18 -6.45
C ILE L 76 -69.52 25.57 -6.73
N LYS L 77 -69.99 25.27 -7.93
CA LYS L 77 -71.34 25.65 -8.35
C LYS L 77 -72.01 24.51 -9.12
N VAL L 78 -73.21 24.14 -8.67
CA VAL L 78 -74.03 23.14 -9.36
C VAL L 78 -75.31 23.83 -9.83
N SER L 79 -75.59 23.77 -11.12
CA SER L 79 -76.67 24.54 -11.74
C SER L 79 -77.36 23.82 -12.89
N THR L 80 -78.67 24.07 -13.03
CA THR L 80 -79.43 23.57 -14.17
C THR L 80 -79.12 24.38 -15.44
N SER L 81 -79.10 23.68 -16.57
CA SER L 81 -78.79 24.26 -17.89
C SER L 81 -77.33 24.70 -18.04
N ASP L 85 -78.63 30.57 -13.98
CA ASP L 85 -79.29 29.66 -13.05
C ASP L 85 -78.33 29.11 -12.00
N VAL L 86 -78.84 28.84 -10.80
CA VAL L 86 -78.07 28.28 -9.69
C VAL L 86 -78.90 27.18 -9.01
N LEU L 87 -78.24 26.34 -8.20
CA LEU L 87 -78.93 25.33 -7.40
C LEU L 87 -78.27 25.07 -6.04
N HIS L 88 -76.95 24.82 -6.06
CA HIS L 88 -76.21 24.55 -4.83
C HIS L 88 -75.05 25.49 -4.67
N ARG L 89 -74.67 25.73 -3.41
CA ARG L 89 -73.55 26.63 -3.08
C ARG L 89 -72.65 26.06 -1.99
N HIS L 90 -71.43 25.69 -2.40
CA HIS L 90 -70.43 25.12 -1.49
C HIS L 90 -69.07 25.66 -1.82
N ALA L 91 -68.16 25.63 -0.85
CA ALA L 91 -66.82 26.18 -1.03
C ALA L 91 -65.70 25.31 -0.45
N LEU L 92 -64.47 25.58 -0.90
CA LEU L 92 -63.26 24.84 -0.55
C LEU L 92 -63.14 24.36 0.90
N TYR L 93 -63.45 25.25 1.85
CA TYR L 93 -63.34 24.94 3.28
C TYR L 93 -64.44 24.00 3.78
N LEU L 94 -65.60 24.06 3.13
CA LEU L 94 -66.74 23.20 3.46
C LEU L 94 -66.57 21.81 2.87
N ILE L 95 -65.91 21.75 1.71
CA ILE L 95 -65.59 20.49 1.04
C ILE L 95 -64.55 19.74 1.85
N ILE L 96 -64.86 18.49 2.18
CA ILE L 96 -63.97 17.65 2.99
C ILE L 96 -63.47 16.44 2.21
N ARG L 97 -64.38 15.79 1.47
CA ARG L 97 -64.05 14.56 0.74
C ARG L 97 -64.78 14.47 -0.60
N VAL L 99 -65.13 11.61 -3.85
CA VAL L 99 -64.82 10.27 -4.32
C VAL L 99 -65.40 10.02 -5.71
N CYS L 100 -64.52 9.65 -6.65
CA CYS L 100 -64.91 9.29 -8.00
C CYS L 100 -64.66 7.79 -8.24
N TYR L 101 -65.67 7.10 -8.81
CA TYR L 101 -65.58 5.66 -9.05
C TYR L 101 -66.61 5.10 -10.04
N ASP L 102 -66.39 3.85 -10.45
CA ASP L 102 -67.28 3.15 -11.38
C ASP L 102 -68.62 2.83 -10.72
N ASP L 103 -69.70 2.93 -11.50
CA ASP L 103 -71.06 2.74 -10.99
C ASP L 103 -71.37 1.30 -10.59
N GLY L 104 -70.52 0.36 -10.99
CA GLY L 104 -70.64 -1.04 -10.60
C GLY L 104 -71.71 -1.83 -11.35
N LEU L 105 -72.62 -1.10 -12.00
CA LEU L 105 -73.71 -1.73 -12.75
C LEU L 105 -73.20 -2.33 -14.05
N GLY L 106 -72.59 -1.49 -14.88
CA GLY L 106 -72.05 -1.92 -16.18
C GLY L 106 -72.17 -0.85 -17.25
N ALA L 107 -73.07 0.10 -17.05
CA ALA L 107 -73.42 1.12 -18.05
C ALA L 107 -72.28 2.04 -18.47
N GLY L 108 -71.16 1.97 -17.74
CA GLY L 108 -70.00 2.82 -18.00
C GLY L 108 -70.18 4.23 -17.44
N LYS L 109 -71.09 4.37 -16.48
CA LYS L 109 -71.31 5.65 -15.82
C LYS L 109 -70.44 5.74 -14.57
N SER L 110 -70.31 6.93 -14.01
CA SER L 110 -69.49 7.15 -12.84
C SER L 110 -70.26 7.83 -11.71
N LEU L 111 -69.88 7.53 -10.47
CA LEU L 111 -70.45 8.17 -9.30
C LEU L 111 -69.45 9.13 -8.67
N LEU L 112 -69.94 10.31 -8.29
CA LEU L 112 -69.10 11.38 -7.76
C LEU L 112 -69.73 11.94 -6.48
N ALA L 113 -69.33 11.35 -5.35
CA ALA L 113 -69.84 11.77 -4.05
C ALA L 113 -69.03 12.96 -3.52
N LEU L 114 -69.68 13.75 -2.65
CA LEU L 114 -69.05 14.94 -2.07
C LEU L 114 -69.44 15.07 -0.60
N LYS L 115 -68.51 14.75 0.29
CA LYS L 115 -68.72 14.89 1.73
C LYS L 115 -68.41 16.31 2.18
N THR L 116 -69.47 17.02 2.58
CA THR L 116 -69.36 18.39 3.09
C THR L 116 -70.04 18.50 4.45
N THR L 117 -69.52 19.37 5.30
CA THR L 117 -70.06 19.59 6.65
C THR L 117 -71.40 20.29 6.63
N GLU L 123 -73.44 18.35 11.70
CA GLU L 123 -74.30 17.75 10.68
C GLU L 123 -73.63 17.73 9.31
N TYR L 124 -73.90 16.69 8.54
CA TYR L 124 -73.25 16.48 7.24
C TYR L 124 -74.27 16.30 6.11
N SER L 125 -73.77 16.39 4.87
CA SER L 125 -74.57 16.18 3.67
C SER L 125 -73.70 15.63 2.55
N LEU L 126 -73.95 14.38 2.17
CA LEU L 126 -73.22 13.72 1.09
C LEU L 126 -73.92 13.91 -0.25
N TRP L 127 -73.33 14.73 -1.11
CA TRP L 127 -73.90 15.06 -2.41
C TRP L 127 -73.34 14.16 -3.46
N VAL L 128 -74.21 13.35 -4.08
CA VAL L 128 -73.80 12.33 -5.04
C VAL L 128 -74.19 12.75 -6.46
N TYR L 129 -73.21 12.73 -7.37
CA TYR L 129 -73.41 13.18 -8.75
C TYR L 129 -73.00 12.12 -9.78
N GLN L 130 -73.79 12.01 -10.84
CA GLN L 130 -73.50 11.09 -11.95
C GLN L 130 -72.55 11.74 -12.95
N CYS L 131 -71.65 10.93 -13.51
CA CYS L 131 -70.72 11.37 -14.55
C CYS L 131 -70.65 10.35 -15.69
N ASN L 132 -70.47 10.86 -16.92
CA ASN L 132 -70.44 10.01 -18.11
C ASN L 132 -69.31 8.98 -18.15
N SER L 133 -68.22 9.26 -17.46
CA SER L 133 -67.11 8.31 -17.34
C SER L 133 -66.32 8.48 -16.05
N LEU L 134 -65.54 7.45 -15.69
CA LEU L 134 -64.66 7.49 -14.53
C LEU L 134 -63.53 8.49 -14.77
N GLU L 135 -63.01 8.52 -15.99
CA GLU L 135 -61.99 9.47 -16.40
C GLU L 135 -62.51 10.91 -16.33
N GLN L 136 -63.77 11.10 -16.71
CA GLN L 136 -64.42 12.41 -16.70
C GLN L 136 -64.72 12.87 -15.28
N ALA L 137 -64.98 11.91 -14.38
CA ALA L 137 -65.20 12.20 -12.98
C ALA L 137 -63.88 12.49 -12.25
N GLN L 138 -62.83 11.81 -12.70
CA GLN L 138 -61.46 12.03 -12.20
C GLN L 138 -61.01 13.47 -12.44
N ALA L 139 -61.38 14.00 -13.61
CA ALA L 139 -60.97 15.34 -14.04
C ALA L 139 -61.46 16.44 -13.11
N ILE L 140 -62.63 16.25 -12.52
CA ILE L 140 -63.22 17.21 -11.60
C ILE L 140 -62.48 17.23 -10.26
N CYS L 141 -61.94 16.07 -9.89
CA CYS L 141 -61.21 15.92 -8.62
C CYS L 141 -59.84 16.60 -8.68
N LYS L 142 -59.22 16.59 -9.85
CA LYS L 142 -57.90 17.18 -10.05
C LYS L 142 -57.95 18.70 -9.94
N VAL L 143 -58.93 19.31 -10.62
CA VAL L 143 -59.14 20.76 -10.59
C VAL L 143 -59.50 21.21 -9.16
N LEU L 144 -60.26 20.37 -8.46
CA LEU L 144 -60.62 20.61 -7.07
C LEU L 144 -59.37 20.73 -6.19
N SER L 145 -58.39 19.87 -6.46
CA SER L 145 -57.13 19.86 -5.72
C SER L 145 -56.22 21.04 -6.05
N THR L 146 -56.40 21.62 -7.25
CA THR L 146 -55.70 22.85 -7.64
C THR L 146 -56.14 24.02 -6.75
N ALA L 147 -57.45 24.04 -6.42
CA ALA L 147 -58.00 25.01 -5.48
C ALA L 147 -57.44 24.78 -4.08
N PHE L 148 -57.24 23.51 -3.72
CA PHE L 148 -56.59 23.14 -2.47
C PHE L 148 -55.10 23.52 -2.47
N ASP L 149 -54.56 23.81 -3.65
CA ASP L 149 -53.19 24.26 -3.81
C ASP L 149 -53.09 25.70 -4.32
N SER L 150 -54.22 26.39 -4.32
CA SER L 150 -54.29 27.79 -4.75
C SER L 150 -53.99 28.75 -3.58
N VAL L 151 -54.60 28.47 -2.43
CA VAL L 151 -54.42 29.28 -1.24
C VAL L 151 -53.08 28.99 -0.56
N CYS M 17 -55.59 -51.25 38.49
CA CYS M 17 -56.62 -52.14 39.06
C CYS M 17 -57.39 -52.88 37.97
N ALA M 18 -57.45 -54.21 38.10
CA ALA M 18 -58.14 -55.09 37.15
C ALA M 18 -58.39 -56.48 37.74
N GLU M 19 -59.28 -57.23 37.08
CA GLU M 19 -59.57 -58.61 37.46
C GLU M 19 -59.21 -59.57 36.31
N PHE M 20 -58.68 -60.74 36.67
CA PHE M 20 -58.31 -61.75 35.67
C PHE M 20 -58.67 -63.17 36.14
N ARG M 21 -59.24 -63.95 35.23
CA ARG M 21 -59.57 -65.36 35.50
C ARG M 21 -58.33 -66.26 35.41
N ILE M 22 -57.94 -66.83 36.54
CA ILE M 22 -56.76 -67.70 36.62
C ILE M 22 -57.10 -69.13 37.03
N LYS M 23 -56.07 -69.97 37.17
CA LYS M 23 -56.22 -71.32 37.70
C LYS M 23 -55.17 -71.59 38.79
N TYR M 24 -55.62 -72.18 39.89
CA TYR M 24 -54.75 -72.43 41.04
C TYR M 24 -54.03 -73.78 40.92
N VAL M 25 -52.71 -73.72 40.76
CA VAL M 25 -51.88 -74.93 40.66
C VAL M 25 -51.45 -75.39 42.05
N GLY M 26 -50.93 -74.45 42.85
CA GLY M 26 -50.48 -74.74 44.20
C GLY M 26 -49.25 -73.94 44.60
N ALA M 27 -48.66 -74.28 45.75
CA ALA M 27 -47.47 -73.61 46.26
C ALA M 27 -46.53 -74.59 46.95
N ILE M 28 -45.25 -74.51 46.60
CA ILE M 28 -44.21 -75.35 47.19
C ILE M 28 -43.07 -74.48 47.72
N GLU M 29 -42.49 -74.88 48.85
CA GLU M 29 -41.32 -74.19 49.41
C GLU M 29 -40.05 -74.54 48.64
N PRO M 42 -34.67 -63.94 36.86
CA PRO M 42 -36.03 -64.30 36.46
C PRO M 42 -36.14 -65.78 36.07
N LEU M 43 -35.13 -66.28 35.36
CA LEU M 43 -35.09 -67.68 34.92
C LEU M 43 -34.93 -68.65 36.09
N ASP M 44 -34.26 -68.20 37.15
CA ASP M 44 -34.07 -68.99 38.37
C ASP M 44 -35.39 -69.33 39.07
N LEU M 45 -36.43 -68.58 38.75
CA LEU M 45 -37.77 -68.81 39.29
C LEU M 45 -38.63 -69.68 38.35
N ILE M 46 -38.03 -70.09 37.23
CA ILE M 46 -38.70 -70.98 36.28
C ILE M 46 -38.18 -72.41 36.46
N ASN M 47 -36.87 -72.54 36.65
CA ASN M 47 -36.22 -73.85 36.73
C ASN M 47 -36.51 -74.62 38.03
N TYR M 48 -36.70 -73.90 39.13
CA TYR M 48 -36.97 -74.54 40.42
C TYR M 48 -38.38 -75.11 40.55
N ILE M 49 -39.31 -74.55 39.78
CA ILE M 49 -40.69 -75.02 39.77
C ILE M 49 -40.85 -76.23 38.83
N ASP M 50 -40.39 -76.07 37.59
CA ASP M 50 -40.57 -77.09 36.55
C ASP M 50 -39.89 -78.42 36.90
N VAL M 51 -38.72 -78.34 37.53
CA VAL M 51 -38.01 -79.52 38.03
C VAL M 51 -38.82 -80.21 39.13
N ALA M 52 -39.38 -79.40 40.04
CA ALA M 52 -40.22 -79.90 41.13
C ALA M 52 -41.46 -80.65 40.62
N GLN M 53 -41.98 -80.19 39.48
CA GLN M 53 -43.09 -80.88 38.81
C GLN M 53 -42.65 -82.23 38.28
N GLN M 54 -41.41 -82.30 37.78
CA GLN M 54 -40.84 -83.54 37.25
C GLN M 54 -40.45 -84.51 38.37
N ASP M 55 -40.30 -83.99 39.58
CA ASP M 55 -40.06 -84.80 40.77
C ASP M 55 -41.34 -85.54 41.18
N GLY M 56 -42.49 -84.89 40.95
CA GLY M 56 -43.80 -85.48 41.24
C GLY M 56 -44.62 -84.70 42.26
N LYS M 57 -44.50 -83.37 42.21
CA LYS M 57 -45.24 -82.49 43.12
C LYS M 57 -46.61 -82.08 42.54
N LEU M 58 -46.69 -80.83 42.07
CA LEU M 58 -47.93 -80.30 41.49
C LEU M 58 -48.13 -80.81 40.06
N PRO M 59 -49.41 -81.02 39.65
CA PRO M 59 -49.68 -81.45 38.29
C PRO M 59 -49.45 -80.33 37.27
N PHE M 60 -49.17 -80.72 36.03
CA PHE M 60 -48.94 -79.77 34.93
C PHE M 60 -50.24 -79.07 34.51
N VAL M 61 -51.36 -79.78 34.70
CA VAL M 61 -52.68 -79.23 34.40
C VAL M 61 -53.47 -79.04 35.70
N PRO M 62 -53.68 -77.78 36.12
CA PRO M 62 -54.39 -77.44 37.35
C PRO M 62 -55.90 -77.76 37.27
N PRO M 63 -56.60 -77.76 38.43
CA PRO M 63 -58.04 -78.00 38.49
C PRO M 63 -58.87 -77.12 37.56
N GLU M 64 -60.00 -77.65 37.11
CA GLU M 64 -60.87 -76.96 36.15
C GLU M 64 -61.51 -75.69 36.73
N GLU M 65 -61.78 -75.71 38.03
CA GLU M 65 -62.43 -74.57 38.71
C GLU M 65 -61.69 -73.26 38.50
N GLU M 66 -62.42 -72.23 38.08
CA GLU M 66 -61.85 -70.93 37.74
C GLU M 66 -61.88 -69.96 38.91
N PHE M 67 -60.73 -69.36 39.20
CA PHE M 67 -60.57 -68.42 40.31
C PHE M 67 -60.52 -66.97 39.81
N ILE M 68 -60.65 -66.03 40.74
CA ILE M 68 -60.62 -64.61 40.41
C ILE M 68 -59.34 -63.97 40.97
N GLY M 70 -57.42 -60.44 41.33
CA GLY M 70 -57.49 -58.98 41.28
C GLY M 70 -56.15 -58.33 41.54
N VAL M 71 -55.90 -57.22 40.87
CA VAL M 71 -54.67 -56.46 41.05
C VAL M 71 -54.92 -55.28 41.99
N SER M 72 -54.17 -55.24 43.09
CA SER M 72 -54.30 -54.19 44.10
C SER M 72 -53.00 -53.43 44.30
N LYS M 73 -53.12 -52.25 44.93
CA LYS M 73 -51.97 -51.40 45.23
C LYS M 73 -51.04 -52.05 46.25
N TYR M 74 -51.63 -52.75 47.22
CA TYR M 74 -50.88 -53.40 48.28
C TYR M 74 -50.13 -54.64 47.79
N GLY M 75 -50.84 -55.53 47.10
CA GLY M 75 -50.26 -56.76 46.59
C GLY M 75 -51.19 -57.47 45.61
N ILE M 76 -51.46 -58.74 45.89
CA ILE M 76 -52.26 -59.59 45.00
C ILE M 76 -53.54 -60.06 45.68
N LYS M 77 -54.65 -59.99 44.95
CA LYS M 77 -55.95 -60.43 45.46
C LYS M 77 -56.36 -61.75 44.80
N VAL M 78 -56.15 -62.85 45.52
CA VAL M 78 -56.51 -64.18 45.04
C VAL M 78 -57.77 -64.68 45.76
N SER M 79 -58.89 -64.71 45.04
CA SER M 79 -60.18 -65.09 45.60
C SER M 79 -60.81 -66.27 44.85
N THR M 80 -61.78 -66.91 45.49
CA THR M 80 -62.45 -68.09 44.93
C THR M 80 -63.36 -67.72 43.77
N VAL M 86 -62.22 -66.94 50.44
CA VAL M 86 -60.99 -66.69 49.68
C VAL M 86 -59.91 -67.70 50.02
N LEU M 87 -58.87 -67.77 49.19
CA LEU M 87 -57.79 -68.74 49.39
C LEU M 87 -56.63 -68.16 50.20
N HIS M 88 -55.91 -67.20 49.62
CA HIS M 88 -54.73 -66.61 50.25
C HIS M 88 -54.64 -65.13 50.02
N ARG M 89 -54.23 -64.40 51.07
CA ARG M 89 -54.04 -62.96 51.01
C ARG M 89 -52.64 -62.60 51.51
N HIS M 90 -51.84 -62.03 50.63
CA HIS M 90 -50.47 -61.61 50.94
C HIS M 90 -50.04 -60.46 50.09
N ALA M 91 -49.17 -59.61 50.65
CA ALA M 91 -48.69 -58.42 49.95
C ALA M 91 -47.20 -58.13 50.23
N LEU M 92 -46.66 -57.17 49.50
CA LEU M 92 -45.26 -56.75 49.67
C LEU M 92 -45.11 -55.76 50.83
N ARG M 97 -40.41 -60.58 42.92
CA ARG M 97 -40.05 -61.27 41.69
C ARG M 97 -41.21 -62.10 41.15
N VAL M 99 -42.73 -63.87 37.66
CA VAL M 99 -42.31 -64.35 36.35
C VAL M 99 -43.45 -65.13 35.67
N CYS M 100 -43.69 -64.83 34.39
CA CYS M 100 -44.63 -65.61 33.57
C CYS M 100 -44.02 -65.97 32.24
N TYR M 101 -44.19 -67.23 31.84
CA TYR M 101 -43.58 -67.77 30.62
C TYR M 101 -44.53 -68.72 29.88
N ASP M 102 -44.14 -69.11 28.67
CA ASP M 102 -44.89 -70.11 27.90
C ASP M 102 -44.33 -71.50 28.18
N ASP M 103 -45.15 -72.35 28.79
CA ASP M 103 -44.73 -73.69 29.23
C ASP M 103 -44.53 -74.69 28.10
N GLY M 104 -45.40 -74.62 27.09
CA GLY M 104 -45.33 -75.51 25.93
C GLY M 104 -46.23 -76.72 26.07
N LEU M 105 -47.53 -76.48 26.12
CA LEU M 105 -48.54 -77.54 26.21
C LEU M 105 -49.59 -77.43 25.10
N GLY M 106 -49.11 -77.23 23.88
CA GLY M 106 -49.97 -77.15 22.71
C GLY M 106 -50.60 -75.78 22.51
N ALA M 107 -51.56 -75.45 23.37
CA ALA M 107 -52.35 -74.22 23.27
C ALA M 107 -51.53 -72.94 23.45
N GLY M 108 -50.38 -73.06 24.12
CA GLY M 108 -49.49 -71.92 24.39
C GLY M 108 -49.84 -71.21 25.68
N LYS M 109 -50.35 -71.97 26.65
CA LYS M 109 -50.77 -71.44 27.94
C LYS M 109 -49.58 -70.98 28.78
N SER M 110 -49.85 -70.10 29.74
CA SER M 110 -48.79 -69.48 30.55
C SER M 110 -48.90 -69.84 32.02
N LEU M 111 -47.75 -69.82 32.70
CA LEU M 111 -47.68 -70.11 34.13
C LEU M 111 -47.17 -68.91 34.92
N LEU M 112 -48.04 -68.35 35.76
CA LEU M 112 -47.67 -67.24 36.65
C LEU M 112 -46.93 -67.75 37.88
N ALA M 113 -45.80 -67.13 38.20
CA ALA M 113 -44.99 -67.51 39.35
C ALA M 113 -44.72 -66.31 40.25
N LEU M 114 -44.98 -66.48 41.54
CA LEU M 114 -44.77 -65.42 42.53
C LEU M 114 -44.05 -65.94 43.77
N LYS M 115 -43.07 -65.16 44.24
CA LYS M 115 -42.33 -65.50 45.45
C LYS M 115 -42.51 -64.45 46.55
N THR M 116 -42.66 -64.91 47.79
CA THR M 116 -42.86 -64.02 48.94
C THR M 116 -41.79 -64.22 50.01
N THR M 117 -41.60 -63.21 50.84
CA THR M 117 -40.66 -63.26 51.97
C THR M 117 -41.29 -62.75 53.27
N TYR M 124 -39.08 -67.19 49.99
CA TYR M 124 -39.11 -68.55 50.51
C TYR M 124 -40.16 -69.41 49.80
N SER M 125 -41.39 -68.91 49.75
CA SER M 125 -42.50 -69.61 49.10
C SER M 125 -42.49 -69.40 47.59
N LEU M 126 -42.93 -70.43 46.86
CA LEU M 126 -43.02 -70.36 45.40
C LEU M 126 -44.43 -70.70 44.93
N TRP M 127 -45.21 -69.65 44.62
CA TRP M 127 -46.60 -69.80 44.19
C TRP M 127 -46.68 -70.06 42.70
N VAL M 128 -47.64 -70.88 42.30
CA VAL M 128 -47.83 -71.22 40.87
C VAL M 128 -49.29 -71.05 40.44
N TYR M 129 -49.49 -70.32 39.34
CA TYR M 129 -50.83 -70.08 38.77
C TYR M 129 -50.81 -70.27 37.25
N GLN M 130 -51.96 -70.62 36.68
CA GLN M 130 -52.06 -70.82 35.23
C GLN M 130 -53.09 -69.89 34.57
N CYS M 131 -52.78 -69.48 33.33
CA CYS M 131 -53.67 -68.66 32.51
C CYS M 131 -53.88 -69.27 31.12
N ASN M 132 -54.90 -68.77 30.41
CA ASN M 132 -55.27 -69.30 29.10
C ASN M 132 -54.22 -69.09 28.02
N SER M 133 -53.67 -67.88 27.94
CA SER M 133 -52.64 -67.56 26.96
C SER M 133 -51.60 -66.59 27.56
N LEU M 134 -50.41 -66.56 26.97
CA LEU M 134 -49.33 -65.70 27.42
C LEU M 134 -49.70 -64.22 27.31
N GLU M 135 -50.49 -63.89 26.30
CA GLU M 135 -50.97 -62.53 26.09
C GLU M 135 -51.68 -62.00 27.33
N GLN M 136 -52.42 -62.87 28.02
CA GLN M 136 -53.10 -62.52 29.25
C GLN M 136 -52.10 -62.34 30.40
N ALA M 137 -51.06 -63.16 30.39
CA ALA M 137 -50.02 -63.11 31.43
C ALA M 137 -49.09 -61.91 31.25
N GLN M 138 -48.92 -61.47 30.01
CA GLN M 138 -48.19 -60.24 29.70
C GLN M 138 -48.95 -59.03 30.25
N ALA M 139 -50.28 -59.12 30.22
CA ALA M 139 -51.16 -58.06 30.73
C ALA M 139 -51.14 -57.96 32.25
N ILE M 140 -50.98 -59.09 32.93
CA ILE M 140 -50.97 -59.15 34.40
C ILE M 140 -49.68 -58.58 34.99
N CYS M 141 -48.54 -58.88 34.37
CA CYS M 141 -47.24 -58.34 34.78
C CYS M 141 -47.16 -56.83 34.56
N LYS M 142 -47.81 -56.36 33.49
CA LYS M 142 -47.78 -54.96 33.09
C LYS M 142 -48.45 -54.04 34.12
N VAL M 143 -49.57 -54.52 34.68
CA VAL M 143 -50.36 -53.75 35.64
C VAL M 143 -49.72 -53.71 37.04
N LEU M 144 -49.17 -54.83 37.48
CA LEU M 144 -48.60 -54.96 38.82
C LEU M 144 -47.34 -54.09 39.03
N SER M 145 -46.61 -53.83 37.95
CA SER M 145 -45.40 -53.00 37.99
C SER M 145 -45.73 -51.54 38.28
N THR M 146 -46.98 -51.16 38.05
CA THR M 146 -47.46 -49.79 38.29
C THR M 146 -48.33 -49.74 39.55
N ALA M 147 -48.73 -50.92 40.04
CA ALA M 147 -49.59 -51.04 41.23
C ALA M 147 -48.90 -50.56 42.50
N CYS N 17 -39.35 -9.20 -14.40
CA CYS N 17 -39.21 -9.93 -13.10
C CYS N 17 -38.87 -8.97 -11.96
N ALA N 18 -39.63 -9.07 -10.87
CA ALA N 18 -39.48 -8.20 -9.71
C ALA N 18 -39.99 -8.86 -8.43
N GLU N 19 -39.25 -8.67 -7.34
CA GLU N 19 -39.60 -9.27 -6.05
C GLU N 19 -40.17 -8.22 -5.08
N PHE N 20 -41.15 -8.65 -4.28
CA PHE N 20 -41.82 -7.76 -3.34
C PHE N 20 -42.01 -8.42 -1.98
N ARG N 21 -41.44 -7.80 -0.95
CA ARG N 21 -41.60 -8.25 0.43
C ARG N 21 -42.96 -7.81 0.97
N ILE N 22 -43.81 -8.78 1.27
CA ILE N 22 -45.19 -8.53 1.73
C ILE N 22 -45.59 -9.47 2.87
N LYS N 23 -46.64 -9.11 3.60
CA LYS N 23 -47.20 -9.96 4.65
C LYS N 23 -48.47 -10.66 4.18
N TYR N 24 -48.95 -11.63 4.96
CA TYR N 24 -50.06 -12.47 4.56
C TYR N 24 -51.25 -12.38 5.52
N VAL N 25 -52.36 -11.83 5.01
CA VAL N 25 -53.58 -11.63 5.79
C VAL N 25 -54.34 -12.94 5.95
N GLY N 26 -54.31 -13.76 4.90
CA GLY N 26 -55.04 -15.03 4.86
C GLY N 26 -55.74 -15.21 3.53
N ALA N 27 -56.34 -16.38 3.33
CA ALA N 27 -57.10 -16.68 2.12
C ALA N 27 -58.35 -17.50 2.41
N ILE N 28 -59.34 -17.37 1.55
CA ILE N 28 -60.62 -18.07 1.71
C ILE N 28 -60.79 -19.20 0.69
N GLU N 29 -60.95 -20.41 1.21
CA GLU N 29 -61.07 -21.61 0.39
C GLU N 29 -62.52 -21.91 0.03
N LEU N 39 -69.82 -11.72 -8.74
CA LEU N 39 -68.86 -10.91 -8.00
C LEU N 39 -67.77 -10.39 -8.95
N GLU N 40 -68.17 -9.48 -9.84
CA GLU N 40 -67.26 -8.92 -10.86
C GLU N 40 -67.06 -7.42 -10.65
N GLY N 41 -65.84 -6.95 -10.92
CA GLY N 41 -65.52 -5.54 -10.77
C GLY N 41 -64.53 -5.25 -9.65
N PRO N 42 -63.96 -4.04 -9.62
CA PRO N 42 -62.97 -3.67 -8.60
C PRO N 42 -63.55 -3.54 -7.18
N LEU N 43 -64.81 -3.10 -7.07
CA LEU N 43 -65.42 -2.79 -5.78
C LEU N 43 -65.91 -4.03 -5.01
N ASP N 44 -66.48 -4.99 -5.73
CA ASP N 44 -67.07 -6.18 -5.10
C ASP N 44 -66.05 -7.08 -4.41
N LEU N 45 -64.81 -7.07 -4.92
CA LEU N 45 -63.71 -7.82 -4.32
C LEU N 45 -63.33 -7.26 -2.95
N ILE N 46 -63.39 -5.93 -2.82
CA ILE N 46 -63.13 -5.27 -1.55
C ILE N 46 -64.18 -5.65 -0.51
N ASN N 47 -65.45 -5.57 -0.90
CA ASN N 47 -66.58 -5.84 -0.01
C ASN N 47 -66.62 -7.26 0.56
N TYR N 48 -66.43 -8.26 -0.30
CA TYR N 48 -66.51 -9.66 0.13
C TYR N 48 -65.43 -10.03 1.15
N ILE N 49 -64.28 -9.38 1.08
CA ILE N 49 -63.23 -9.53 2.08
C ILE N 49 -63.60 -8.79 3.35
N ASP N 50 -64.17 -7.59 3.20
CA ASP N 50 -64.62 -6.76 4.31
C ASP N 50 -65.70 -7.47 5.14
N VAL N 51 -66.65 -8.10 4.44
CA VAL N 51 -67.69 -8.91 5.10
C VAL N 51 -67.07 -10.11 5.81
N ALA N 52 -66.11 -10.76 5.16
CA ALA N 52 -65.41 -11.92 5.70
C ALA N 52 -64.61 -11.57 6.96
N GLN N 53 -64.03 -10.37 6.96
CA GLN N 53 -63.34 -9.84 8.13
C GLN N 53 -64.35 -9.57 9.25
N GLN N 54 -65.43 -8.89 8.89
CA GLN N 54 -66.48 -8.52 9.85
C GLN N 54 -67.34 -9.71 10.30
N ASP N 55 -66.91 -10.92 9.96
CA ASP N 55 -67.56 -12.15 10.40
C ASP N 55 -66.56 -13.08 11.08
N GLY N 56 -65.28 -12.91 10.76
CA GLY N 56 -64.20 -13.70 11.35
C GLY N 56 -63.75 -14.87 10.50
N LYS N 57 -63.94 -14.76 9.19
CA LYS N 57 -63.48 -15.77 8.24
C LYS N 57 -61.97 -15.70 8.01
N LEU N 58 -61.38 -14.53 8.26
CA LEU N 58 -59.94 -14.33 8.21
C LEU N 58 -59.54 -13.14 9.09
N PRO N 59 -58.35 -13.20 9.72
CA PRO N 59 -57.92 -12.14 10.64
C PRO N 59 -57.79 -10.78 9.96
N PHE N 60 -58.01 -9.72 10.74
CA PHE N 60 -57.84 -8.35 10.27
C PHE N 60 -56.37 -8.04 10.05
N VAL N 61 -55.55 -8.35 11.07
CA VAL N 61 -54.14 -8.01 11.06
C VAL N 61 -53.27 -9.25 10.85
N PRO N 62 -52.41 -9.23 9.82
CA PRO N 62 -51.53 -10.35 9.45
C PRO N 62 -50.41 -10.58 10.48
N PRO N 63 -49.80 -11.79 10.46
CA PRO N 63 -48.59 -12.04 11.24
C PRO N 63 -47.42 -11.17 10.79
N GLU N 64 -46.24 -11.40 11.36
CA GLU N 64 -45.07 -10.59 11.03
C GLU N 64 -43.98 -11.35 10.29
N GLU N 65 -44.31 -12.55 9.79
CA GLU N 65 -43.39 -13.32 8.96
C GLU N 65 -43.58 -12.89 7.50
N GLU N 66 -42.83 -11.88 7.09
CA GLU N 66 -42.92 -11.30 5.76
C GLU N 66 -42.45 -12.26 4.68
N PHE N 67 -43.34 -12.55 3.74
CA PHE N 67 -43.05 -13.43 2.62
C PHE N 67 -42.44 -12.62 1.47
N ILE N 68 -42.07 -13.32 0.39
CA ILE N 68 -41.58 -12.67 -0.83
C ILE N 68 -42.50 -13.01 -2.01
N GLY N 70 -43.08 -12.66 -5.91
CA GLY N 70 -42.35 -12.44 -7.15
C GLY N 70 -43.28 -12.40 -8.35
N VAL N 71 -43.05 -11.42 -9.22
CA VAL N 71 -43.84 -11.27 -10.44
C VAL N 71 -42.96 -11.61 -11.65
N SER N 72 -43.51 -12.42 -12.56
CA SER N 72 -42.82 -12.82 -13.78
C SER N 72 -43.80 -13.12 -14.91
N LYS N 73 -43.27 -13.41 -16.09
CA LYS N 73 -44.07 -13.69 -17.29
C LYS N 73 -45.00 -14.89 -17.16
N TYR N 74 -44.78 -15.70 -16.11
CA TYR N 74 -45.62 -16.88 -15.84
C TYR N 74 -46.72 -16.55 -14.83
N GLY N 75 -46.63 -15.37 -14.23
CA GLY N 75 -47.62 -14.93 -13.24
C GLY N 75 -46.97 -14.49 -11.95
N ILE N 76 -47.67 -14.74 -10.84
CA ILE N 76 -47.21 -14.31 -9.53
C ILE N 76 -46.92 -15.52 -8.65
N LYS N 77 -45.71 -15.56 -8.08
CA LYS N 77 -45.33 -16.60 -7.15
C LYS N 77 -45.05 -16.03 -5.76
N VAL N 78 -45.35 -16.82 -4.73
CA VAL N 78 -45.14 -16.39 -3.35
C VAL N 78 -44.24 -17.40 -2.63
N SER N 79 -43.17 -16.90 -2.02
CA SER N 79 -42.21 -17.71 -1.27
C SER N 79 -42.03 -17.18 0.14
N THR N 80 -41.42 -18.00 1.00
CA THR N 80 -41.09 -17.58 2.37
C THR N 80 -39.83 -16.71 2.36
N SER N 81 -39.53 -16.10 3.51
CA SER N 81 -38.32 -15.29 3.68
C SER N 81 -37.06 -16.12 3.50
N ASP N 82 -37.18 -17.43 3.73
CA ASP N 82 -36.09 -18.39 3.50
C ASP N 82 -35.94 -18.73 2.02
N GLN N 83 -36.95 -18.38 1.22
CA GLN N 83 -37.01 -18.69 -0.23
C GLN N 83 -37.26 -20.18 -0.50
N TYR N 84 -36.72 -21.03 0.38
CA TYR N 84 -36.87 -22.49 0.31
C TYR N 84 -38.30 -22.94 0.08
N ASP N 85 -39.23 -22.37 0.85
CA ASP N 85 -40.61 -22.80 0.87
C ASP N 85 -41.49 -21.89 0.02
N VAL N 86 -42.11 -22.48 -1.00
CA VAL N 86 -43.03 -21.75 -1.89
C VAL N 86 -44.44 -21.79 -1.32
N LEU N 87 -44.95 -20.61 -0.97
CA LEU N 87 -46.28 -20.47 -0.37
C LEU N 87 -47.39 -20.62 -1.41
N HIS N 88 -47.36 -19.77 -2.44
CA HIS N 88 -48.40 -19.74 -3.46
C HIS N 88 -47.86 -19.64 -4.86
N ARG N 89 -48.67 -20.06 -5.83
CA ARG N 89 -48.35 -19.94 -7.26
C ARG N 89 -49.57 -19.50 -8.06
N HIS N 90 -49.43 -18.44 -8.83
CA HIS N 90 -50.54 -17.88 -9.61
C HIS N 90 -50.17 -17.66 -11.06
N ALA N 91 -51.00 -18.21 -11.95
CA ALA N 91 -50.77 -18.09 -13.39
C ALA N 91 -51.67 -17.03 -14.01
N LEU N 92 -51.15 -16.35 -15.03
CA LEU N 92 -51.83 -15.23 -15.69
C LEU N 92 -53.21 -15.62 -16.23
N TYR N 93 -53.31 -16.84 -16.75
CA TYR N 93 -54.56 -17.38 -17.28
C TYR N 93 -55.58 -17.58 -16.16
N LEU N 94 -55.10 -17.92 -14.96
CA LEU N 94 -55.96 -18.15 -13.79
C LEU N 94 -56.28 -16.85 -13.05
N ILE N 95 -55.33 -15.93 -13.01
CA ILE N 95 -55.51 -14.61 -12.40
C ILE N 95 -56.57 -13.84 -13.18
N ILE N 96 -57.61 -13.39 -12.49
CA ILE N 96 -58.69 -12.62 -13.12
C ILE N 96 -58.46 -11.11 -12.94
N ARG N 97 -58.32 -10.67 -11.68
CA ARG N 97 -58.03 -9.27 -11.38
C ARG N 97 -57.30 -9.09 -10.05
N VAL N 99 -56.81 -6.27 -6.89
CA VAL N 99 -57.29 -5.05 -6.26
C VAL N 99 -56.37 -4.75 -5.07
N CYS N 100 -55.98 -3.48 -4.93
CA CYS N 100 -55.26 -3.05 -3.74
C CYS N 100 -55.84 -1.77 -3.14
N TYR N 101 -56.18 -1.84 -1.86
CA TYR N 101 -56.83 -0.74 -1.15
C TYR N 101 -56.26 -0.58 0.27
N ASP N 102 -56.39 0.63 0.83
CA ASP N 102 -55.89 0.93 2.18
C ASP N 102 -56.81 0.35 3.26
N ASP N 103 -56.20 -0.13 4.35
CA ASP N 103 -56.96 -0.79 5.42
C ASP N 103 -57.77 0.17 6.28
N GLY N 104 -57.27 1.41 6.40
CA GLY N 104 -57.91 2.43 7.23
C GLY N 104 -57.80 2.16 8.73
N LEU N 105 -56.73 1.48 9.13
CA LEU N 105 -56.49 1.16 10.54
C LEU N 105 -55.56 2.18 11.21
N GLY N 106 -55.17 3.21 10.46
CA GLY N 106 -54.30 4.26 10.97
C GLY N 106 -52.84 4.01 10.66
N ALA N 107 -52.47 2.73 10.55
CA ALA N 107 -51.08 2.32 10.31
C ALA N 107 -50.58 2.74 8.93
N GLY N 108 -51.47 2.66 7.94
CA GLY N 108 -51.11 2.97 6.56
C GLY N 108 -50.65 1.75 5.79
N LYS N 109 -51.26 0.61 6.10
CA LYS N 109 -50.93 -0.64 5.43
C LYS N 109 -52.00 -0.98 4.39
N SER N 110 -51.59 -1.15 3.15
CA SER N 110 -52.53 -1.46 2.07
C SER N 110 -52.70 -2.95 1.87
N LEU N 111 -53.85 -3.35 1.33
CA LEU N 111 -54.23 -4.75 1.20
C LEU N 111 -54.38 -5.18 -0.25
N LEU N 112 -53.87 -6.37 -0.56
CA LEU N 112 -53.99 -6.94 -1.91
C LEU N 112 -55.15 -7.91 -2.02
N ALA N 113 -55.65 -8.08 -3.23
CA ALA N 113 -56.79 -8.96 -3.48
C ALA N 113 -56.68 -9.58 -4.87
N LEU N 114 -56.70 -10.92 -4.91
CA LEU N 114 -56.50 -11.65 -6.15
C LEU N 114 -57.57 -12.71 -6.36
N LYS N 115 -58.47 -12.46 -7.30
CA LYS N 115 -59.49 -13.43 -7.68
C LYS N 115 -58.92 -14.36 -8.73
N THR N 116 -58.87 -15.65 -8.40
CA THR N 116 -58.31 -16.66 -9.30
C THR N 116 -59.25 -17.83 -9.54
N THR N 117 -59.46 -18.17 -10.81
CA THR N 117 -60.27 -19.33 -11.18
C THR N 117 -59.41 -20.59 -11.34
N ASP N 118 -60.05 -21.75 -11.33
CA ASP N 118 -59.33 -23.03 -11.45
C ASP N 118 -59.11 -23.44 -12.91
N ALA N 119 -58.87 -24.74 -13.14
CA ALA N 119 -58.59 -25.26 -14.49
C ALA N 119 -59.82 -25.30 -15.39
N SER N 120 -60.96 -25.67 -14.81
CA SER N 120 -62.20 -25.80 -15.58
C SER N 120 -62.89 -24.47 -15.81
N ASN N 121 -62.45 -23.43 -15.09
CA ASN N 121 -63.09 -22.11 -15.05
C ASN N 121 -64.52 -22.17 -14.53
N GLU N 122 -64.66 -22.59 -13.28
CA GLU N 122 -65.97 -22.81 -12.66
C GLU N 122 -66.08 -22.23 -11.25
N GLU N 123 -64.97 -22.21 -10.51
CA GLU N 123 -64.95 -21.69 -9.15
C GLU N 123 -63.80 -20.72 -8.87
N TYR N 124 -64.04 -19.75 -8.00
CA TYR N 124 -63.07 -18.68 -7.73
C TYR N 124 -62.55 -18.72 -6.29
N SER N 125 -61.37 -18.15 -6.08
CA SER N 125 -60.78 -18.08 -4.73
C SER N 125 -59.89 -16.84 -4.53
N LEU N 126 -60.22 -16.06 -3.51
CA LEU N 126 -59.53 -14.80 -3.21
C LEU N 126 -58.26 -15.02 -2.38
N TRP N 127 -57.21 -14.27 -2.72
CA TRP N 127 -55.95 -14.32 -2.00
C TRP N 127 -55.59 -12.94 -1.52
N VAL N 128 -55.47 -12.78 -0.20
CA VAL N 128 -55.24 -11.47 0.41
C VAL N 128 -53.82 -11.37 0.98
N TYR N 129 -53.18 -10.22 0.73
CA TYR N 129 -51.85 -9.93 1.27
C TYR N 129 -51.80 -8.49 1.78
N GLN N 130 -50.79 -8.18 2.59
CA GLN N 130 -50.61 -6.82 3.10
C GLN N 130 -49.27 -6.23 2.67
N CYS N 131 -49.31 -4.97 2.23
CA CYS N 131 -48.13 -4.22 1.81
C CYS N 131 -47.83 -3.09 2.80
N ASN N 132 -46.62 -2.55 2.73
CA ASN N 132 -46.20 -1.48 3.65
C ASN N 132 -46.96 -0.16 3.46
N SER N 133 -47.40 0.08 2.22
CA SER N 133 -48.21 1.25 1.87
C SER N 133 -48.97 1.01 0.56
N LEU N 134 -49.63 2.05 0.06
CA LEU N 134 -50.40 1.97 -1.18
C LEU N 134 -49.51 1.91 -2.41
N GLU N 135 -48.40 2.67 -2.38
CA GLU N 135 -47.49 2.79 -3.51
C GLU N 135 -46.84 1.46 -3.90
N GLN N 136 -46.44 0.67 -2.90
CA GLN N 136 -45.84 -0.65 -3.13
C GLN N 136 -46.89 -1.62 -3.68
N ALA N 137 -48.11 -1.53 -3.14
CA ALA N 137 -49.25 -2.32 -3.60
C ALA N 137 -49.62 -1.96 -5.03
N GLN N 138 -49.46 -0.68 -5.37
CA GLN N 138 -49.65 -0.20 -6.74
C GLN N 138 -48.48 -0.60 -7.65
N ALA N 139 -47.29 -0.73 -7.07
CA ALA N 139 -46.09 -1.15 -7.79
C ALA N 139 -46.17 -2.63 -8.19
N ILE N 140 -46.84 -3.43 -7.36
CA ILE N 140 -47.04 -4.85 -7.64
C ILE N 140 -47.97 -5.00 -8.86
N CYS N 141 -49.04 -4.23 -8.87
CA CYS N 141 -50.02 -4.26 -9.96
C CYS N 141 -49.42 -3.86 -11.31
N LYS N 142 -48.39 -3.01 -11.26
CA LYS N 142 -47.77 -2.47 -12.48
C LYS N 142 -46.84 -3.46 -13.18
N VAL N 143 -46.00 -4.15 -12.39
CA VAL N 143 -45.12 -5.20 -12.92
C VAL N 143 -45.99 -6.36 -13.40
N LEU N 144 -47.15 -6.51 -12.76
CA LEU N 144 -48.15 -7.47 -13.19
C LEU N 144 -48.85 -7.02 -14.48
N SER N 145 -49.12 -5.72 -14.61
CA SER N 145 -49.72 -5.17 -15.83
C SER N 145 -48.82 -5.34 -17.05
N THR N 146 -47.50 -5.34 -16.81
CA THR N 146 -46.51 -5.57 -17.85
C THR N 146 -46.68 -6.95 -18.48
N ALA N 147 -47.02 -7.93 -17.64
CA ALA N 147 -47.27 -9.30 -18.06
C ALA N 147 -48.55 -9.41 -18.90
N PHE N 148 -49.51 -8.52 -18.63
CA PHE N 148 -50.75 -8.47 -19.38
C PHE N 148 -50.66 -7.55 -20.60
N ASP N 149 -49.48 -7.51 -21.21
CA ASP N 149 -49.24 -6.70 -22.41
C ASP N 149 -48.64 -7.53 -23.54
N SER N 150 -47.67 -8.37 -23.20
CA SER N 150 -46.91 -9.17 -24.17
C SER N 150 -47.76 -10.16 -24.94
N VAL N 151 -48.67 -10.84 -24.24
CA VAL N 151 -49.55 -11.84 -24.85
C VAL N 151 -50.74 -11.20 -25.58
N LEU N 152 -51.03 -9.96 -25.23
CA LEU N 152 -52.13 -9.21 -25.83
C LEU N 152 -51.81 -8.80 -27.27
N LYS O 1 -39.62 -60.64 19.57
CA LYS O 1 -40.63 -61.47 20.28
C LYS O 1 -40.11 -61.92 21.64
N SER O 2 -40.84 -61.56 22.70
CA SER O 2 -40.43 -61.86 24.06
C SER O 2 -41.27 -62.98 24.67
N ALA O 3 -40.56 -64.01 25.15
CA ALA O 3 -41.19 -65.13 25.87
C ALA O 3 -41.29 -64.84 27.36
N VAL O 4 -40.30 -64.11 27.89
CA VAL O 4 -40.24 -63.78 29.31
C VAL O 4 -40.66 -62.32 29.55
N THR O 5 -41.51 -62.13 30.56
CA THR O 5 -41.90 -60.80 31.04
C THR O 5 -42.12 -60.85 32.56
N THR O 6 -41.50 -59.92 33.28
CA THR O 6 -41.33 -60.05 34.73
C THR O 6 -41.53 -58.76 35.52
N VAL O 7 -42.05 -58.90 36.75
CA VAL O 7 -42.14 -57.80 37.70
C VAL O 7 -41.05 -57.96 38.76
N VAL O 8 -40.31 -56.89 39.02
CA VAL O 8 -39.19 -56.94 39.96
C VAL O 8 -39.65 -56.76 41.40
N LYS P 1 -56.03 12.54 -7.52
CA LYS P 1 -55.11 11.71 -6.71
C LYS P 1 -55.72 10.34 -6.44
N SER P 2 -55.13 9.31 -7.04
CA SER P 2 -55.64 7.93 -7.00
C SER P 2 -55.72 7.33 -5.60
N ALA P 3 -56.54 6.30 -5.47
CA ALA P 3 -56.67 5.54 -4.23
C ALA P 3 -56.68 4.04 -4.55
N VAL P 4 -57.87 3.51 -4.82
CA VAL P 4 -58.02 2.11 -5.20
C VAL P 4 -57.55 1.90 -6.64
N THR P 5 -56.74 0.85 -6.84
CA THR P 5 -56.19 0.50 -8.14
C THR P 5 -56.40 -0.97 -8.48
N THR P 6 -56.71 -1.25 -9.76
CA THR P 6 -56.99 -2.62 -10.22
C THR P 6 -56.30 -2.98 -11.52
N VAL P 7 -56.10 -4.28 -11.73
CA VAL P 7 -55.56 -4.79 -12.99
C VAL P 7 -56.41 -5.97 -13.46
N VAL P 8 -57.00 -5.84 -14.64
CA VAL P 8 -57.85 -6.89 -15.20
C VAL P 8 -57.11 -7.75 -16.24
N ASN P 9 -57.38 -9.05 -16.19
CA ASN P 9 -56.92 -10.00 -17.19
C ASN P 9 -57.63 -9.69 -18.50
N PRO P 10 -56.92 -9.73 -19.63
CA PRO P 10 -57.55 -9.56 -20.94
C PRO P 10 -58.63 -10.62 -21.22
N LYS P 11 -59.66 -10.65 -20.38
CA LYS P 11 -60.73 -11.64 -20.44
C LYS P 11 -62.09 -11.04 -20.08
N CYS Q 17 -15.53 53.68 -35.60
CA CYS Q 17 -14.23 53.94 -36.28
C CYS Q 17 -13.42 55.01 -35.54
N ALA Q 18 -13.10 54.72 -34.28
CA ALA Q 18 -12.35 55.65 -33.43
C ALA Q 18 -11.11 54.99 -32.82
N GLU Q 19 -10.06 55.79 -32.65
CA GLU Q 19 -8.81 55.34 -32.06
C GLU Q 19 -8.79 55.56 -30.55
N PHE Q 20 -8.28 54.57 -29.82
CA PHE Q 20 -8.17 54.63 -28.36
C PHE Q 20 -6.81 54.13 -27.89
N GLY Q 41 -22.76 33.80 -22.79
CA GLY Q 41 -22.62 33.97 -21.35
C GLY Q 41 -21.55 34.98 -20.99
N PRO Q 42 -21.94 36.26 -20.79
CA PRO Q 42 -21.00 37.33 -20.47
C PRO Q 42 -20.48 37.30 -19.04
N LEU Q 43 -21.21 36.65 -18.14
CA LEU Q 43 -20.84 36.57 -16.72
C LEU Q 43 -19.66 35.61 -16.48
N ASP Q 44 -19.46 34.68 -17.41
CA ASP Q 44 -18.32 33.77 -17.37
C ASP Q 44 -17.03 34.53 -17.70
N LEU Q 45 -17.14 35.53 -18.58
CA LEU Q 45 -16.02 36.37 -18.99
C LEU Q 45 -15.52 37.26 -17.85
N ILE Q 46 -16.45 37.67 -16.97
CA ILE Q 46 -16.12 38.54 -15.83
C ILE Q 46 -15.38 37.78 -14.73
N ASN Q 47 -15.89 36.60 -14.37
CA ASN Q 47 -15.37 35.82 -13.25
C ASN Q 47 -13.96 35.25 -13.46
N TYR Q 48 -13.66 34.87 -14.69
CA TYR Q 48 -12.38 34.22 -15.02
C TYR Q 48 -11.18 35.16 -14.82
N ILE Q 49 -11.41 36.46 -15.03
CA ILE Q 49 -10.36 37.47 -14.89
C ILE Q 49 -10.50 38.22 -13.56
N ASP Q 50 -9.60 37.93 -12.62
CA ASP Q 50 -9.59 38.59 -11.32
C ASP Q 50 -8.15 38.78 -10.81
N LEU Q 58 -1.84 38.38 -15.17
CA LEU Q 58 -2.52 39.66 -15.36
C LEU Q 58 -2.53 40.45 -14.04
N PRO Q 59 -2.00 41.70 -14.08
CA PRO Q 59 -1.94 42.56 -12.91
C PRO Q 59 -3.19 43.43 -12.71
N PHE Q 60 -3.22 44.15 -11.60
CA PHE Q 60 -4.32 45.09 -11.31
C PHE Q 60 -3.89 46.54 -11.55
N VAL Q 61 -2.80 46.94 -10.91
CA VAL Q 61 -2.29 48.31 -10.98
C VAL Q 61 -1.25 48.46 -12.09
N PRO Q 62 -1.37 49.51 -12.93
CA PRO Q 62 -0.38 49.78 -13.98
C PRO Q 62 0.93 50.30 -13.41
N GLY Q 70 -7.29 51.09 -32.72
CA GLY Q 70 -8.29 51.52 -33.67
C GLY Q 70 -9.13 50.39 -34.22
N VAL Q 71 -10.38 50.31 -33.76
CA VAL Q 71 -11.32 49.28 -34.20
C VAL Q 71 -12.42 49.90 -35.06
N SER Q 72 -12.67 49.29 -36.22
CA SER Q 72 -13.70 49.77 -37.15
C SER Q 72 -15.09 49.40 -36.68
N GLY Q 75 -12.49 44.00 -37.80
CA GLY Q 75 -11.44 43.31 -37.05
C GLY Q 75 -10.97 44.09 -35.85
N ILE Q 76 -9.95 43.56 -35.17
CA ILE Q 76 -9.40 44.19 -33.97
C ILE Q 76 -7.94 44.60 -34.20
N LYS Q 77 -7.63 45.85 -33.85
CA LYS Q 77 -6.28 46.39 -33.99
C LYS Q 77 -5.89 47.11 -32.70
N VAL Q 78 -4.74 46.72 -32.14
CA VAL Q 78 -4.25 47.31 -30.89
C VAL Q 78 -2.99 48.14 -31.14
N ARG Q 97 -16.79 39.10 -27.85
CA ARG Q 97 -17.43 39.59 -26.63
C ARG Q 97 -16.48 40.48 -25.83
N VAL Q 99 -16.69 42.90 -22.24
CA VAL Q 99 -17.42 43.37 -21.06
C VAL Q 99 -16.57 44.39 -20.30
N CYS Q 100 -17.11 45.61 -20.18
CA CYS Q 100 -16.44 46.69 -19.46
C CYS Q 100 -17.07 46.92 -18.09
N TYR Q 101 -16.22 47.11 -17.09
CA TYR Q 101 -16.67 47.34 -15.71
C TYR Q 101 -15.85 48.42 -15.01
N ASP Q 102 -16.41 49.00 -13.95
CA ASP Q 102 -15.75 50.04 -13.18
C ASP Q 102 -14.66 49.47 -12.28
N SER Q 110 -10.62 51.40 -14.97
CA SER Q 110 -11.56 50.45 -15.56
C SER Q 110 -10.90 49.57 -16.61
N LEU Q 111 -11.13 48.27 -16.50
CA LEU Q 111 -10.50 47.27 -17.38
C LEU Q 111 -11.40 46.86 -18.54
N LEU Q 112 -10.77 46.37 -19.61
CA LEU Q 112 -11.46 45.82 -20.77
C LEU Q 112 -11.01 44.38 -21.00
N ALA Q 113 -11.94 43.53 -21.44
CA ALA Q 113 -11.64 42.13 -21.72
C ALA Q 113 -12.03 41.77 -23.15
N LEU Q 114 -11.21 40.95 -23.80
CA LEU Q 114 -11.46 40.53 -25.17
C LEU Q 114 -11.30 39.02 -25.36
N LYS Q 115 -12.43 38.32 -25.38
CA LYS Q 115 -12.47 36.89 -25.69
C LYS Q 115 -12.31 36.69 -27.19
N THR Q 116 -11.55 35.67 -27.58
CA THR Q 116 -11.30 35.37 -28.99
C THR Q 116 -11.44 33.86 -29.28
N THR Q 117 -11.17 33.48 -30.52
CA THR Q 117 -11.06 32.08 -30.94
C THR Q 117 -10.21 31.95 -32.20
N ASP Q 118 -9.62 30.78 -32.41
CA ASP Q 118 -8.80 30.51 -33.59
C ASP Q 118 -9.63 29.99 -34.76
N ALA Q 119 -8.99 29.88 -35.92
CA ALA Q 119 -9.65 29.40 -37.13
C ALA Q 119 -9.93 27.90 -37.07
N TYR Q 124 -11.23 29.31 -25.25
CA TYR Q 124 -11.33 30.70 -25.68
C TYR Q 124 -10.26 31.57 -25.01
N SER Q 125 -9.34 32.08 -25.82
CA SER Q 125 -8.26 32.95 -25.34
C SER Q 125 -8.79 34.33 -24.99
N LEU Q 126 -8.27 34.90 -23.91
CA LEU Q 126 -8.74 36.20 -23.40
C LEU Q 126 -7.66 37.28 -23.48
N TRP Q 127 -8.08 38.51 -23.76
CA TRP Q 127 -7.18 39.65 -23.88
C TRP Q 127 -7.63 40.81 -23.05
N VAL Q 128 -6.86 41.13 -22.02
CA VAL Q 128 -7.18 42.23 -21.11
C VAL Q 128 -6.39 43.48 -21.46
N TYR Q 129 -7.09 44.61 -21.59
CA TYR Q 129 -6.45 45.89 -21.92
C TYR Q 129 -6.94 47.02 -21.01
N GLN Q 130 -6.02 47.96 -20.74
CA GLN Q 130 -6.33 49.13 -19.93
C GLN Q 130 -5.51 50.33 -20.39
N LEU Q 134 -14.47 54.12 -16.77
CA LEU Q 134 -15.78 53.59 -17.06
C LEU Q 134 -16.56 54.47 -18.04
N GLU Q 135 -16.45 55.79 -17.86
CA GLU Q 135 -17.17 56.77 -18.67
C GLU Q 135 -16.65 56.81 -20.10
N GLN Q 136 -15.32 56.87 -20.24
CA GLN Q 136 -14.66 56.85 -21.54
C GLN Q 136 -14.72 55.46 -22.19
N ALA Q 137 -14.77 54.42 -21.36
CA ALA Q 137 -14.81 53.04 -21.83
C ALA Q 137 -16.10 52.70 -22.57
N GLN Q 138 -17.15 53.47 -22.32
CA GLN Q 138 -18.44 53.31 -22.97
C GLN Q 138 -18.40 53.73 -24.45
N ALA Q 139 -17.42 54.57 -24.80
CA ALA Q 139 -17.29 55.11 -26.16
C ALA Q 139 -16.79 54.07 -27.17
N ILE Q 140 -15.96 53.15 -26.71
CA ILE Q 140 -15.40 52.09 -27.57
C ILE Q 140 -16.47 51.06 -27.93
N CYS Q 141 -17.40 50.81 -27.00
CA CYS Q 141 -18.49 49.88 -27.19
C CYS Q 141 -19.50 50.39 -28.23
N ASP Q 149 -23.93 45.17 -37.86
CA ASP Q 149 -24.32 46.56 -38.15
C ASP Q 149 -23.48 47.15 -39.28
N SER Q 150 -22.18 46.88 -39.26
CA SER Q 150 -21.25 47.35 -40.28
C SER Q 150 -20.68 46.18 -41.08
N VAL Q 151 -20.67 45.01 -40.46
CA VAL Q 151 -20.11 43.80 -41.07
C VAL Q 151 -21.19 42.91 -41.72
N LEU Q 152 -22.39 42.95 -41.16
CA LEU Q 152 -23.53 42.21 -41.71
C LEU Q 152 -24.06 42.88 -42.99
N THR Q 153 -23.22 42.92 -44.02
CA THR Q 153 -23.55 43.59 -45.28
C THR Q 153 -24.41 42.70 -46.18
N VAL R 7 -22.40 45.31 -27.18
CA VAL R 7 -20.92 45.08 -27.27
C VAL R 7 -20.62 43.65 -27.71
N VAL R 8 -21.53 42.74 -27.36
CA VAL R 8 -21.42 41.32 -27.70
C VAL R 8 -21.43 41.07 -29.20
N ASN R 9 -20.72 40.03 -29.63
CA ASN R 9 -20.65 39.66 -31.04
C ASN R 9 -21.87 38.82 -31.44
N PRO R 10 -22.58 39.21 -32.51
CA PRO R 10 -23.76 38.49 -32.98
C PRO R 10 -23.46 37.12 -33.57
N LYS R 11 -22.22 36.94 -34.06
CA LYS R 11 -21.80 35.66 -34.65
C LYS R 11 -21.61 34.59 -33.59
N CYS S 17 -8.66 61.06 -23.96
CA CYS S 17 -8.16 61.40 -25.33
C CYS S 17 -8.50 60.29 -26.34
N ALA S 18 -9.09 60.71 -27.46
CA ALA S 18 -9.45 59.81 -28.56
C ALA S 18 -9.54 60.57 -29.88
N GLU S 19 -9.47 59.83 -30.99
CA GLU S 19 -9.60 60.41 -32.31
C GLU S 19 -10.66 59.67 -33.13
N ILE S 22 -14.64 62.05 -39.60
CA ILE S 22 -15.64 63.13 -39.71
C ILE S 22 -15.57 63.86 -41.04
N LYS S 23 -16.68 64.47 -41.43
CA LYS S 23 -16.75 65.30 -42.63
C LYS S 23 -17.13 66.73 -42.26
N TYR S 24 -16.56 67.70 -42.98
CA TYR S 24 -16.88 69.11 -42.76
C TYR S 24 -18.23 69.47 -43.36
N VAL S 25 -19.07 70.11 -42.55
CA VAL S 25 -20.42 70.51 -42.97
C VAL S 25 -20.50 72.03 -43.15
N GLY S 26 -20.10 72.77 -42.11
CA GLY S 26 -20.15 74.22 -42.14
C GLY S 26 -20.69 74.82 -40.84
N ALA S 27 -20.09 75.92 -40.41
CA ALA S 27 -20.47 76.59 -39.17
C ALA S 27 -21.30 77.85 -39.43
N ILE S 28 -22.39 78.00 -38.69
CA ILE S 28 -23.28 79.15 -38.82
C ILE S 28 -23.15 80.08 -37.62
N GLY S 56 -31.67 75.59 -47.70
CA GLY S 56 -30.55 74.65 -47.89
C GLY S 56 -29.22 75.23 -47.47
N LYS S 57 -29.23 75.96 -46.36
CA LYS S 57 -28.02 76.59 -45.79
C LYS S 57 -26.92 75.56 -45.53
N LEU S 58 -27.33 74.39 -45.04
CA LEU S 58 -26.42 73.28 -44.82
C LEU S 58 -26.74 72.15 -45.81
N PRO S 59 -25.69 71.64 -46.49
CA PRO S 59 -25.86 70.55 -47.46
C PRO S 59 -26.36 69.25 -46.81
N PHE S 60 -27.40 68.68 -47.39
CA PHE S 60 -28.00 67.44 -46.88
C PHE S 60 -27.12 66.22 -47.18
N VAL S 61 -26.48 66.24 -48.35
CA VAL S 61 -25.48 65.24 -48.72
C VAL S 61 -24.15 65.96 -48.95
N PRO S 62 -23.35 66.13 -47.88
CA PRO S 62 -22.09 66.88 -47.94
C PRO S 62 -20.87 66.02 -48.29
N PRO S 63 -19.82 66.64 -48.88
CA PRO S 63 -18.57 65.94 -49.18
C PRO S 63 -17.80 65.58 -47.90
N GLY S 70 -11.23 66.33 -33.07
CA GLY S 70 -10.05 66.72 -32.30
C GLY S 70 -10.37 67.04 -30.86
N VAL S 71 -10.80 66.02 -30.12
CA VAL S 71 -11.09 66.17 -28.70
C VAL S 71 -10.02 65.45 -27.87
N SER S 72 -9.37 66.20 -26.98
CA SER S 72 -8.34 65.67 -26.09
C SER S 72 -8.29 66.46 -24.78
N ARG S 97 -25.07 73.13 -26.81
CA ARG S 97 -25.67 71.85 -26.47
C ARG S 97 -25.15 70.71 -27.35
N VAL S 99 -26.37 67.38 -29.07
CA VAL S 99 -27.52 66.57 -29.47
C VAL S 99 -27.16 65.63 -30.63
N CYS S 100 -27.21 64.32 -30.35
CA CYS S 100 -26.99 63.29 -31.36
C CYS S 100 -28.31 62.75 -31.89
N TYR S 101 -28.69 63.20 -33.09
CA TYR S 101 -29.90 62.73 -33.75
C TYR S 101 -29.57 62.03 -35.07
N ASP S 102 -30.61 61.62 -35.79
CA ASP S 102 -30.47 60.87 -37.04
C ASP S 102 -30.04 61.75 -38.22
N ASP S 103 -30.21 61.24 -39.43
CA ASP S 103 -29.90 61.99 -40.65
C ASP S 103 -31.07 62.87 -41.10
N GLY S 104 -32.30 62.37 -40.92
CA GLY S 104 -33.51 63.11 -41.26
C GLY S 104 -34.12 62.66 -42.58
N LYS S 109 -26.53 58.18 -40.67
CA LYS S 109 -25.47 59.14 -40.34
C LYS S 109 -25.95 60.14 -39.29
N SER S 110 -25.36 60.06 -38.10
CA SER S 110 -25.71 60.96 -37.01
C SER S 110 -25.06 62.33 -37.21
N LEU S 111 -25.86 63.38 -37.02
CA LEU S 111 -25.43 64.75 -37.28
C LEU S 111 -25.16 65.51 -35.99
N LEU S 112 -23.90 65.90 -35.80
CA LEU S 112 -23.49 66.67 -34.63
C LEU S 112 -23.53 68.17 -34.91
N SER S 125 -20.07 80.48 -32.12
CA SER S 125 -20.86 79.92 -33.21
C SER S 125 -21.06 78.41 -33.06
N LEU S 126 -22.12 77.89 -33.66
CA LEU S 126 -22.41 76.46 -33.62
C LEU S 126 -21.52 75.67 -34.57
N TRP S 127 -21.11 74.48 -34.10
CA TRP S 127 -20.37 73.53 -34.92
C TRP S 127 -21.25 72.36 -35.26
N VAL S 128 -21.27 71.99 -36.54
CA VAL S 128 -22.00 70.81 -36.98
C VAL S 128 -21.04 69.86 -37.69
N TYR S 129 -20.86 68.67 -37.11
CA TYR S 129 -19.99 67.64 -37.67
C TYR S 129 -20.79 66.43 -38.13
N GLN S 130 -20.36 65.82 -39.23
CA GLN S 130 -20.96 64.60 -39.74
C GLN S 130 -20.18 63.38 -39.23
N CYS S 131 -20.90 62.34 -38.85
CA CYS S 131 -20.30 61.13 -38.27
C CYS S 131 -20.73 59.87 -39.00
N ASN S 132 -20.04 58.76 -38.74
CA ASN S 132 -20.34 57.47 -39.34
C ASN S 132 -21.64 56.88 -38.80
N CYS S 141 -19.62 63.01 -26.88
CA CYS S 141 -20.69 63.06 -25.88
C CYS S 141 -20.27 62.36 -24.58
N LYS S 142 -19.09 61.75 -24.58
CA LYS S 142 -18.57 61.03 -23.42
C LYS S 142 -17.20 61.54 -22.97
N VAL S 143 -16.41 62.03 -23.92
CA VAL S 143 -15.07 62.54 -23.64
C VAL S 143 -15.14 63.87 -22.86
N LEU S 144 -16.19 64.63 -23.13
CA LEU S 144 -16.42 65.91 -22.43
C LEU S 144 -17.27 65.75 -21.18
N SER S 145 -17.79 64.54 -20.97
CA SER S 145 -18.65 64.23 -19.82
C SER S 145 -17.84 64.17 -18.52
N LYS T 1 -45.20 8.70 -8.69
CA LYS T 1 -46.38 9.37 -9.31
C LYS T 1 -45.99 10.24 -10.50
N SER T 2 -47.01 10.64 -11.27
CA SER T 2 -46.85 11.27 -12.59
C SER T 2 -46.21 12.66 -12.60
N ALA T 3 -45.79 13.10 -13.78
CA ALA T 3 -45.26 14.44 -14.00
C ALA T 3 -45.67 14.99 -15.37
N VAL T 4 -45.66 14.12 -16.38
CA VAL T 4 -46.06 14.47 -17.75
C VAL T 4 -47.02 13.41 -18.31
N THR T 5 -48.24 13.80 -18.65
CA THR T 5 -49.26 12.86 -19.14
C THR T 5 -49.64 13.07 -20.60
N THR T 6 -50.04 11.98 -21.26
CA THR T 6 -50.40 11.99 -22.69
C THR T 6 -51.52 11.01 -23.04
N VAL T 7 -52.13 11.22 -24.20
CA VAL T 7 -53.14 10.32 -24.76
C VAL T 7 -52.92 10.17 -26.27
N VAL T 8 -52.77 8.92 -26.74
CA VAL T 8 -52.52 8.64 -28.16
C VAL T 8 -53.78 8.22 -28.92
N ASN T 9 -53.88 8.64 -30.17
CA ASN T 9 -55.01 8.31 -31.04
C ASN T 9 -54.90 6.90 -31.60
N PRO T 10 -55.96 6.09 -31.40
CA PRO T 10 -55.99 4.74 -31.95
C PRO T 10 -56.62 4.71 -33.34
N SER U 2 -6.72 7.78 -47.39
CA SER U 2 -6.48 7.97 -48.86
C SER U 2 -5.21 8.75 -49.14
N ALA U 3 -4.49 8.33 -50.19
CA ALA U 3 -3.29 9.03 -50.65
C ALA U 3 -3.19 8.98 -52.18
N VAL U 4 -3.48 7.82 -52.76
CA VAL U 4 -3.52 7.64 -54.21
C VAL U 4 -4.89 7.10 -54.64
N THR U 5 -5.28 7.38 -55.88
CA THR U 5 -6.48 6.82 -56.48
C THR U 5 -6.37 6.74 -58.01
N THR U 6 -6.65 5.57 -58.57
CA THR U 6 -6.46 5.32 -60.01
C THR U 6 -7.72 4.78 -60.70
N VAL U 7 -7.73 4.86 -62.02
CA VAL U 7 -8.83 4.36 -62.84
C VAL U 7 -8.31 3.36 -63.88
N VAL U 8 -8.93 2.19 -63.93
CA VAL U 8 -8.52 1.12 -64.84
C VAL U 8 -9.45 0.98 -66.04
N ASN U 9 -8.87 0.85 -67.24
CA ASN U 9 -9.62 0.71 -68.48
C ASN U 9 -9.56 -0.72 -69.02
N LYS V 1 -53.68 1.07 -13.13
CA LYS V 1 -55.08 1.45 -13.53
C LYS V 1 -55.89 1.84 -12.30
N SER V 2 -56.34 3.10 -12.28
CA SER V 2 -57.08 3.65 -11.16
C SER V 2 -58.54 3.20 -11.21
N ALA V 3 -59.08 2.81 -10.05
CA ALA V 3 -60.46 2.34 -9.96
C ALA V 3 -61.32 3.27 -9.10
N VAL V 4 -60.78 3.68 -7.96
CA VAL V 4 -61.42 4.67 -7.09
C VAL V 4 -60.40 5.76 -6.80
N THR V 5 -60.79 7.01 -7.03
CA THR V 5 -59.94 8.15 -6.68
C THR V 5 -60.58 8.93 -5.54
N THR V 6 -59.75 9.59 -4.74
CA THR V 6 -60.23 10.38 -3.61
C THR V 6 -59.48 11.70 -3.46
N VAL V 7 -60.21 12.73 -3.02
CA VAL V 7 -59.63 14.04 -2.71
C VAL V 7 -60.08 14.44 -1.30
N VAL V 8 -59.12 14.70 -0.43
CA VAL V 8 -59.41 15.08 0.96
C VAL V 8 -58.91 16.48 1.31
N ASN V 9 -59.71 17.18 2.12
CA ASN V 9 -59.29 18.43 2.75
C ASN V 9 -58.31 18.07 3.87
N PRO V 10 -57.01 18.37 3.68
CA PRO V 10 -55.92 17.89 4.56
C PRO V 10 -56.05 18.33 6.03
N LYS V 11 -57.13 17.88 6.67
CA LYS V 11 -57.44 18.22 8.05
C LYS V 11 -58.43 17.22 8.64
N ASN W 9 -57.38 -56.69 15.28
CA ASN W 9 -58.30 -57.33 14.30
C ASN W 9 -57.56 -57.66 13.00
N PRO W 10 -57.73 -58.89 12.49
CA PRO W 10 -57.05 -59.34 11.27
C PRO W 10 -57.54 -58.63 10.01
N CYS X 17 -29.93 8.96 18.09
CA CYS X 17 -30.25 10.35 17.66
C CYS X 17 -29.79 11.39 18.69
N ALA X 18 -28.62 11.98 18.44
CA ALA X 18 -28.06 13.03 19.29
C ALA X 18 -27.14 13.94 18.47
N GLU X 19 -26.82 15.11 19.01
CA GLU X 19 -25.96 16.08 18.33
C GLU X 19 -24.76 16.54 19.17
N PHE X 20 -23.77 17.12 18.49
CA PHE X 20 -22.53 17.57 19.13
C PHE X 20 -22.00 18.88 18.53
N ARG X 21 -21.73 19.85 19.41
CA ARG X 21 -21.15 21.15 19.01
C ARG X 21 -19.67 20.99 18.68
N ILE X 22 -19.31 21.29 17.43
CA ILE X 22 -17.96 21.06 16.91
C ILE X 22 -17.50 22.16 15.94
N LYS X 23 -16.30 21.98 15.37
CA LYS X 23 -15.74 22.91 14.37
C LYS X 23 -15.13 22.16 13.19
N TYR X 24 -15.52 22.54 11.97
CA TYR X 24 -15.07 21.85 10.77
C TYR X 24 -13.72 22.37 10.26
N VAL X 25 -12.75 21.46 10.14
CA VAL X 25 -11.37 21.80 9.78
C VAL X 25 -11.15 21.82 8.26
N GLY X 26 -11.66 20.81 7.57
CA GLY X 26 -11.50 20.69 6.12
C GLY X 26 -11.51 19.25 5.63
N ALA X 27 -11.12 19.06 4.37
CA ALA X 27 -11.12 17.74 3.74
C ALA X 27 -10.24 17.69 2.48
N ILE X 28 -10.44 16.65 1.67
CA ILE X 28 -9.77 16.51 0.37
C ILE X 28 -10.74 16.01 -0.71
N GLU X 29 -10.58 16.53 -1.93
CA GLU X 29 -11.40 16.11 -3.06
C GLU X 29 -10.91 14.78 -3.63
N GLU X 40 -7.51 0.24 5.56
CA GLU X 40 -6.89 -0.87 6.25
C GLU X 40 -6.85 -0.61 7.76
N GLY X 41 -6.13 0.43 8.16
CA GLY X 41 -5.91 0.75 9.57
C GLY X 41 -6.22 2.18 9.95
N PRO X 42 -6.25 2.47 11.27
CA PRO X 42 -6.61 3.79 11.79
C PRO X 42 -5.52 4.84 11.60
N LEU X 43 -4.28 4.49 11.93
CA LEU X 43 -3.17 5.44 11.95
C LEU X 43 -2.71 5.89 10.56
N ASP X 44 -3.21 5.25 9.52
CA ASP X 44 -2.90 5.62 8.14
C ASP X 44 -3.64 6.89 7.71
N LEU X 45 -4.82 7.10 8.27
CA LEU X 45 -5.57 8.35 8.05
C LEU X 45 -4.89 9.49 8.77
N ILE X 46 -4.34 9.20 9.95
CA ILE X 46 -3.45 10.11 10.67
C ILE X 46 -2.17 10.36 9.87
N ASN X 47 -1.69 9.31 9.18
CA ASN X 47 -0.47 9.43 8.37
C ASN X 47 -0.63 10.29 7.11
N TYR X 48 -1.83 10.78 6.85
CA TYR X 48 -2.04 11.67 5.70
C TYR X 48 -2.63 13.02 6.09
N ILE X 49 -3.19 13.09 7.30
CA ILE X 49 -3.65 14.36 7.84
C ILE X 49 -2.43 15.24 8.15
N ASP X 50 -1.46 14.69 8.89
CA ASP X 50 -0.24 15.41 9.25
C ASP X 50 0.58 15.85 8.03
N VAL X 51 0.61 14.99 7.00
CA VAL X 51 1.33 15.27 5.77
C VAL X 51 0.70 16.43 4.99
N ALA X 52 -0.63 16.42 4.88
CA ALA X 52 -1.35 17.48 4.18
C ALA X 52 -1.43 18.75 5.01
N GLN X 53 -1.05 18.65 6.28
CA GLN X 53 -0.92 19.81 7.13
C GLN X 53 0.44 20.45 6.96
N GLN X 54 1.48 19.62 6.78
CA GLN X 54 2.82 20.11 6.47
C GLN X 54 2.87 20.83 5.11
N ASP X 55 1.91 20.51 4.24
CA ASP X 55 1.89 20.95 2.84
C ASP X 55 1.04 22.18 2.55
N GLY X 56 -0.15 22.22 3.17
CA GLY X 56 -1.09 23.32 2.97
C GLY X 56 -2.45 22.92 2.44
N LYS X 57 -2.57 21.66 2.02
CA LYS X 57 -3.83 21.13 1.44
C LYS X 57 -4.90 20.88 2.50
N LEU X 58 -4.50 21.00 3.77
CA LEU X 58 -5.40 20.84 4.92
C LEU X 58 -4.84 21.64 6.10
N PRO X 59 -5.62 22.60 6.62
CA PRO X 59 -5.16 23.51 7.67
C PRO X 59 -4.90 22.82 9.02
N PHE X 60 -4.34 23.56 9.97
CA PHE X 60 -4.04 23.06 11.29
C PHE X 60 -5.17 23.31 12.29
N VAL X 61 -5.68 24.54 12.31
CA VAL X 61 -6.71 24.94 13.27
C VAL X 61 -7.94 25.50 12.54
N PRO X 62 -9.13 24.91 12.81
CA PRO X 62 -10.37 25.29 12.15
C PRO X 62 -10.91 26.64 12.59
N PRO X 63 -11.57 27.38 11.67
CA PRO X 63 -12.24 28.64 11.99
C PRO X 63 -13.13 28.53 13.22
N GLU X 64 -13.07 29.55 14.08
CA GLU X 64 -13.82 29.59 15.34
C GLU X 64 -15.31 29.28 15.16
N GLU X 65 -15.86 29.68 14.02
CA GLU X 65 -17.25 29.38 13.65
C GLU X 65 -17.55 27.90 13.90
N GLU X 66 -18.58 27.64 14.70
CA GLU X 66 -18.84 26.31 15.22
C GLU X 66 -20.14 25.69 14.72
N PHE X 67 -20.05 24.43 14.30
CA PHE X 67 -21.15 23.69 13.70
C PHE X 67 -21.79 22.72 14.70
N ILE X 68 -22.79 21.98 14.24
CA ILE X 68 -23.43 20.95 15.07
C ILE X 68 -23.52 19.63 14.30
N GLY X 70 -24.58 15.85 13.86
CA GLY X 70 -25.69 15.01 14.30
C GLY X 70 -25.50 13.56 13.91
N VAL X 71 -26.14 12.66 14.66
CA VAL X 71 -26.10 11.23 14.37
C VAL X 71 -27.52 10.67 14.32
N SER X 72 -27.77 9.78 13.36
CA SER X 72 -29.08 9.12 13.25
C SER X 72 -28.97 7.70 12.74
N LYS X 73 -30.11 7.14 12.32
CA LYS X 73 -30.19 5.84 11.65
C LYS X 73 -29.51 5.88 10.29
N TYR X 74 -29.47 7.07 9.68
CA TYR X 74 -29.07 7.24 8.28
C TYR X 74 -27.65 7.77 8.08
N GLY X 75 -27.04 8.30 9.14
CA GLY X 75 -25.67 8.78 9.06
C GLY X 75 -25.43 10.08 9.78
N ILE X 76 -24.33 10.74 9.45
CA ILE X 76 -23.92 11.99 10.11
C ILE X 76 -24.35 13.23 9.33
N LYS X 77 -25.11 14.09 10.00
CA LYS X 77 -25.48 15.40 9.49
C LYS X 77 -24.66 16.48 10.20
N VAL X 78 -24.13 17.43 9.42
CA VAL X 78 -23.41 18.57 9.98
C VAL X 78 -24.15 19.86 9.63
N SER X 79 -25.04 20.28 10.53
CA SER X 79 -25.79 21.53 10.38
C SER X 79 -25.07 22.66 11.13
N THR X 80 -25.35 23.90 10.72
CA THR X 80 -24.73 25.09 11.31
C THR X 80 -25.39 25.48 12.64
N SER X 81 -24.80 26.46 13.31
CA SER X 81 -25.37 27.02 14.55
C SER X 81 -26.48 28.03 14.27
N ASP X 82 -26.63 28.42 13.00
CA ASP X 82 -27.81 29.19 12.54
C ASP X 82 -28.93 28.24 12.11
N GLN X 83 -28.58 26.95 11.99
CA GLN X 83 -29.52 25.85 11.68
C GLN X 83 -30.18 25.90 10.30
N TYR X 84 -30.68 27.08 9.91
CA TYR X 84 -31.38 27.30 8.63
C TYR X 84 -30.76 26.58 7.43
N ASP X 85 -29.43 26.54 7.40
CA ASP X 85 -28.69 25.86 6.34
C ASP X 85 -27.88 24.64 6.82
N VAL X 86 -27.94 23.56 6.05
CA VAL X 86 -27.12 22.36 6.28
C VAL X 86 -26.19 22.12 5.09
N LEU X 87 -24.89 22.09 5.36
CA LEU X 87 -23.86 22.12 4.31
C LEU X 87 -23.09 20.81 4.12
N HIS X 88 -22.96 20.02 5.18
CA HIS X 88 -22.32 18.70 5.07
C HIS X 88 -23.22 17.60 5.53
N ARG X 89 -23.50 16.68 4.60
CA ARG X 89 -24.37 15.54 4.85
C ARG X 89 -23.60 14.27 4.50
N HIS X 90 -23.64 13.28 5.40
CA HIS X 90 -22.90 12.03 5.20
C HIS X 90 -23.74 10.82 5.54
N ALA X 91 -23.88 9.92 4.58
CA ALA X 91 -24.72 8.73 4.75
C ALA X 91 -24.00 7.61 5.47
N LEU X 92 -24.75 6.88 6.29
CA LEU X 92 -24.20 5.81 7.13
C LEU X 92 -23.39 4.76 6.37
N TYR X 93 -23.98 4.17 5.32
CA TYR X 93 -23.30 3.16 4.51
C TYR X 93 -21.98 3.65 3.91
N LEU X 94 -21.95 4.92 3.53
CA LEU X 94 -20.74 5.54 2.96
C LEU X 94 -19.69 5.94 4.01
N ILE X 95 -20.09 6.05 5.28
CA ILE X 95 -19.13 6.26 6.36
C ILE X 95 -18.36 4.95 6.62
N ILE X 96 -17.05 4.99 6.38
CA ILE X 96 -16.21 3.79 6.52
C ILE X 96 -15.59 3.72 7.91
N ARG X 97 -14.58 4.54 8.16
CA ARG X 97 -13.84 4.50 9.42
C ARG X 97 -13.91 5.83 10.16
N VAL X 99 -12.30 8.11 13.02
CA VAL X 99 -11.02 8.27 13.71
C VAL X 99 -11.00 9.55 14.56
N CYS X 100 -10.78 9.38 15.86
CA CYS X 100 -10.57 10.52 16.76
C CYS X 100 -9.32 10.33 17.61
N TYR X 101 -8.54 11.40 17.75
CA TYR X 101 -7.29 11.38 18.51
C TYR X 101 -6.91 12.77 19.02
N ASP X 102 -6.18 12.81 20.13
CA ASP X 102 -5.61 14.05 20.64
C ASP X 102 -4.54 14.53 19.66
N ASP X 103 -4.72 15.74 19.14
CA ASP X 103 -3.85 16.28 18.09
C ASP X 103 -2.40 16.49 18.51
N GLY X 104 -2.14 16.48 19.82
CA GLY X 104 -0.78 16.61 20.36
C GLY X 104 -0.27 18.03 20.28
N LEU X 105 -1.07 18.96 20.80
CA LEU X 105 -0.74 20.39 20.80
C LEU X 105 -0.87 20.99 22.20
N GLY X 106 -0.89 20.13 23.22
CA GLY X 106 -1.02 20.56 24.61
C GLY X 106 -2.41 21.02 25.01
N ALA X 107 -3.09 21.74 24.11
CA ALA X 107 -4.41 22.32 24.36
C ALA X 107 -5.49 21.27 24.64
N GLY X 108 -5.38 20.12 23.97
CA GLY X 108 -6.39 19.08 24.04
C GLY X 108 -7.61 19.39 23.19
N LYS X 109 -7.36 20.03 22.04
CA LYS X 109 -8.41 20.33 21.07
C LYS X 109 -8.47 19.22 20.03
N SER X 110 -8.92 18.04 20.45
CA SER X 110 -8.89 16.82 19.64
C SER X 110 -9.54 16.93 18.27
N LEU X 111 -8.99 16.17 17.31
CA LEU X 111 -9.51 16.16 15.93
C LEU X 111 -10.42 14.97 15.68
N LEU X 112 -11.44 15.19 14.85
CA LEU X 112 -12.43 14.16 14.53
C LEU X 112 -12.44 13.91 13.03
N ALA X 113 -11.71 12.88 12.60
CA ALA X 113 -11.56 12.58 11.18
C ALA X 113 -12.56 11.51 10.72
N LEU X 114 -12.97 11.59 9.45
CA LEU X 114 -13.87 10.60 8.86
C LEU X 114 -13.38 10.07 7.52
N LYS X 115 -13.92 8.92 7.13
CA LYS X 115 -13.73 8.39 5.79
C LYS X 115 -15.10 8.26 5.14
N THR X 116 -15.25 8.81 3.93
CA THR X 116 -16.45 8.58 3.13
C THR X 116 -16.12 8.18 1.70
N THR X 117 -17.11 7.65 0.98
CA THR X 117 -16.92 7.18 -0.40
C THR X 117 -18.15 7.36 -1.29
N ASP X 118 -17.92 7.35 -2.60
CA ASP X 118 -19.00 7.49 -3.59
C ASP X 118 -19.76 6.17 -3.84
N ALA X 119 -20.85 6.27 -4.61
CA ALA X 119 -21.68 5.11 -4.97
C ALA X 119 -20.87 3.98 -5.60
N SER X 120 -19.96 4.35 -6.50
CA SER X 120 -19.05 3.42 -7.15
C SER X 120 -18.10 2.75 -6.16
N ASN X 121 -17.82 3.45 -5.06
CA ASN X 121 -16.80 3.08 -4.07
C ASN X 121 -15.37 3.23 -4.62
N GLU X 122 -15.16 4.32 -5.37
CA GLU X 122 -13.88 4.59 -6.02
C GLU X 122 -13.22 5.86 -5.47
N GLU X 123 -14.01 6.89 -5.24
CA GLU X 123 -13.50 8.17 -4.73
C GLU X 123 -13.55 8.20 -3.21
N TYR X 124 -12.46 8.66 -2.60
CA TYR X 124 -12.32 8.70 -1.15
C TYR X 124 -12.02 10.11 -0.66
N SER X 125 -12.75 10.55 0.36
CA SER X 125 -12.51 11.83 1.01
C SER X 125 -12.23 11.67 2.50
N LEU X 126 -11.54 12.64 3.07
CA LEU X 126 -11.14 12.60 4.47
C LEU X 126 -11.60 13.87 5.19
N TRP X 127 -12.87 13.88 5.60
CA TRP X 127 -13.47 15.01 6.31
C TRP X 127 -12.96 15.07 7.72
N VAL X 128 -12.28 16.17 8.07
CA VAL X 128 -11.70 16.33 9.41
C VAL X 128 -12.45 17.41 10.20
N TYR X 129 -12.85 17.05 11.41
CA TYR X 129 -13.57 17.95 12.30
C TYR X 129 -12.78 18.19 13.59
N GLN X 130 -13.25 19.09 14.45
CA GLN X 130 -12.54 19.44 15.68
C GLN X 130 -13.48 19.49 16.90
N CYS X 131 -12.99 18.94 18.01
CA CYS X 131 -13.75 18.87 19.26
C CYS X 131 -12.95 19.48 20.40
N ASN X 132 -13.66 20.08 21.35
CA ASN X 132 -13.02 20.75 22.49
C ASN X 132 -12.33 19.79 23.44
N SER X 133 -12.75 18.52 23.41
CA SER X 133 -12.23 17.49 24.29
C SER X 133 -11.92 16.21 23.51
N LEU X 134 -11.22 15.28 24.15
CA LEU X 134 -10.97 13.97 23.56
C LEU X 134 -12.13 13.02 23.85
N GLU X 135 -12.64 13.09 25.08
CA GLU X 135 -13.78 12.27 25.49
C GLU X 135 -15.08 12.72 24.80
N GLN X 136 -15.16 14.00 24.46
CA GLN X 136 -16.27 14.53 23.67
C GLN X 136 -16.13 14.04 22.23
N ALA X 137 -14.90 13.99 21.73
CA ALA X 137 -14.59 13.41 20.43
C ALA X 137 -14.79 11.90 20.43
N GLN X 138 -14.71 11.30 21.62
CA GLN X 138 -14.87 9.85 21.77
C GLN X 138 -16.36 9.48 21.87
N ALA X 139 -17.14 10.37 22.47
CA ALA X 139 -18.58 10.17 22.66
C ALA X 139 -19.34 10.02 21.34
N ILE X 140 -18.93 10.81 20.34
CA ILE X 140 -19.52 10.80 19.00
C ILE X 140 -19.34 9.43 18.34
N CYS X 141 -18.19 8.80 18.61
CA CYS X 141 -17.86 7.49 18.05
C CYS X 141 -18.77 6.39 18.59
N LYS X 142 -18.99 6.42 19.91
CA LYS X 142 -19.78 5.39 20.59
C LYS X 142 -21.21 5.34 20.06
N VAL X 143 -21.80 6.51 19.85
CA VAL X 143 -23.16 6.63 19.31
C VAL X 143 -23.23 6.15 17.87
N LEU X 144 -22.11 6.27 17.15
CA LEU X 144 -22.03 5.81 15.77
C LEU X 144 -22.05 4.28 15.68
N SER X 145 -21.41 3.63 16.65
CA SER X 145 -21.33 2.17 16.69
C SER X 145 -22.71 1.52 16.70
N THR X 146 -23.60 2.03 17.54
CA THR X 146 -24.98 1.53 17.62
C THR X 146 -25.76 1.83 16.34
N ALA X 147 -25.52 3.00 15.76
CA ALA X 147 -26.14 3.40 14.50
C ALA X 147 -25.77 2.45 13.37
N PHE X 148 -24.66 1.74 13.54
CA PHE X 148 -24.24 0.71 12.59
C PHE X 148 -24.91 -0.63 12.84
N ASP X 149 -24.99 -1.05 14.11
CA ASP X 149 -25.59 -2.35 14.47
C ASP X 149 -27.10 -2.26 14.78
N SER X 150 -27.80 -1.42 14.02
CA SER X 150 -29.24 -1.26 14.13
C SER X 150 -29.92 -1.19 12.77
N VAL X 151 -29.13 -0.89 11.73
CA VAL X 151 -29.65 -0.80 10.37
C VAL X 151 -29.91 -2.18 9.76
N THR Y 16 17.54 31.68 10.01
CA THR Y 16 16.46 31.46 8.99
C THR Y 16 15.06 31.75 9.55
N CYS Y 17 14.88 31.51 10.85
CA CYS Y 17 13.61 31.75 11.53
C CYS Y 17 13.66 33.01 12.38
N ALA Y 18 12.48 33.50 12.79
CA ALA Y 18 12.36 34.72 13.59
C ALA Y 18 11.18 34.68 14.53
N GLU Y 19 11.45 34.85 15.83
CA GLU Y 19 10.41 34.87 16.85
C GLU Y 19 10.04 36.30 17.23
N PHE Y 20 8.77 36.51 17.56
CA PHE Y 20 8.25 37.83 17.90
C PHE Y 20 7.25 37.76 19.06
N ARG Y 21 7.41 38.65 20.03
CA ARG Y 21 6.49 38.75 21.16
C ARG Y 21 5.23 39.52 20.75
N ILE Y 22 4.10 38.81 20.70
CA ILE Y 22 2.82 39.42 20.32
C ILE Y 22 1.67 39.02 21.25
N LYS Y 23 0.69 39.91 21.38
CA LYS Y 23 -0.52 39.64 22.15
C LYS Y 23 -1.72 39.53 21.19
N TYR Y 24 -2.27 38.33 21.09
CA TYR Y 24 -3.35 38.02 20.13
C TYR Y 24 -4.63 38.79 20.45
N VAL Y 25 -5.22 39.41 19.42
CA VAL Y 25 -6.45 40.19 19.57
C VAL Y 25 -7.69 39.33 19.32
N GLY Y 26 -7.88 38.90 18.08
CA GLY Y 26 -9.04 38.13 17.68
C GLY Y 26 -9.06 37.77 16.21
N ALA Y 27 -10.27 37.53 15.68
CA ALA Y 27 -10.44 37.11 14.29
C ALA Y 27 -11.81 37.50 13.70
N ILE Y 28 -11.80 37.83 12.41
CA ILE Y 28 -13.02 37.97 11.63
C ILE Y 28 -12.87 37.04 10.42
N GLU Y 29 -13.68 35.98 10.39
CA GLU Y 29 -13.54 34.94 9.36
C GLU Y 29 -14.81 34.75 8.51
N LEU Y 31 -15.45 34.57 4.44
CA LEU Y 31 -15.75 35.69 3.55
C LEU Y 31 -15.06 35.54 2.20
N GLY Y 38 -15.99 40.56 -0.74
CA GLY Y 38 -15.04 41.04 -1.74
C GLY Y 38 -14.30 42.29 -1.28
N LEU Y 39 -13.11 42.07 -0.71
CA LEU Y 39 -12.29 43.17 -0.19
C LEU Y 39 -10.89 43.14 -0.82
N GLU Y 40 -10.72 43.87 -1.93
CA GLU Y 40 -9.58 43.67 -2.82
C GLU Y 40 -8.20 44.19 -2.35
N GLY Y 41 -8.13 45.45 -1.91
CA GLY Y 41 -6.86 46.07 -1.56
C GLY Y 41 -6.44 45.97 -0.10
N PRO Y 42 -5.35 46.67 0.29
CA PRO Y 42 -4.86 46.70 1.68
C PRO Y 42 -5.70 47.55 2.61
N LEU Y 43 -6.11 48.74 2.15
CA LEU Y 43 -6.87 49.69 2.95
C LEU Y 43 -8.20 49.12 3.44
N ASP Y 44 -8.87 48.35 2.58
CA ASP Y 44 -10.12 47.69 2.93
C ASP Y 44 -9.98 46.87 4.22
N LEU Y 45 -8.86 46.15 4.34
CA LEU Y 45 -8.55 45.36 5.52
C LEU Y 45 -8.48 46.22 6.78
N ILE Y 46 -7.67 47.28 6.75
CA ILE Y 46 -7.56 48.22 7.87
C ILE Y 46 -8.93 48.77 8.29
N ASN Y 47 -9.75 49.09 7.30
CA ASN Y 47 -11.08 49.64 7.53
C ASN Y 47 -12.09 48.62 8.05
N TYR Y 48 -11.88 47.34 7.73
CA TYR Y 48 -12.80 46.29 8.17
C TYR Y 48 -12.55 45.86 9.61
N ILE Y 49 -11.36 46.17 10.12
CA ILE Y 49 -11.09 46.07 11.57
C ILE Y 49 -11.06 47.49 12.14
N ASP Y 50 -11.92 48.34 11.60
CA ASP Y 50 -12.16 49.70 12.09
C ASP Y 50 -13.67 49.91 12.17
N VAL Y 51 -14.40 49.25 11.27
CA VAL Y 51 -15.86 49.31 11.23
C VAL Y 51 -16.48 48.21 12.09
N ALA Y 52 -16.09 46.96 11.83
CA ALA Y 52 -16.58 45.81 12.61
C ALA Y 52 -16.00 45.77 14.02
N GLN Y 53 -14.87 46.47 14.21
CA GLN Y 53 -14.26 46.65 15.53
C GLN Y 53 -15.20 47.51 16.39
N GLN Y 54 -15.85 48.49 15.76
CA GLN Y 54 -16.85 49.32 16.41
C GLN Y 54 -18.14 48.53 16.63
N ASP Y 55 -18.41 47.58 15.75
CA ASP Y 55 -19.66 46.80 15.76
C ASP Y 55 -19.65 45.61 16.72
N GLY Y 56 -18.93 45.76 17.83
CA GLY Y 56 -18.91 44.75 18.90
C GLY Y 56 -18.50 43.36 18.45
N LYS Y 57 -17.40 43.27 17.71
CA LYS Y 57 -16.88 41.98 17.25
C LYS Y 57 -15.49 41.70 17.80
N LEU Y 58 -14.61 42.70 17.70
CA LEU Y 58 -13.23 42.57 18.19
C LEU Y 58 -12.77 43.80 18.99
N PRO Y 59 -11.97 43.58 20.04
CA PRO Y 59 -11.52 44.68 20.91
C PRO Y 59 -10.49 45.59 20.26
N PHE Y 60 -10.27 46.76 20.88
CA PHE Y 60 -9.23 47.70 20.45
C PHE Y 60 -7.87 47.26 20.98
N VAL Y 61 -7.88 46.70 22.18
CA VAL Y 61 -6.67 46.19 22.82
C VAL Y 61 -6.91 44.73 23.25
N PRO Y 62 -6.01 43.81 22.87
CA PRO Y 62 -6.11 42.36 23.07
C PRO Y 62 -6.20 41.92 24.53
N PRO Y 63 -6.65 40.67 24.77
CA PRO Y 63 -6.71 40.06 26.09
C PRO Y 63 -5.36 40.03 26.80
N GLU Y 64 -5.40 39.79 28.11
CA GLU Y 64 -4.21 39.77 28.96
C GLU Y 64 -3.35 38.51 28.73
N GLU Y 65 -3.37 38.02 27.50
CA GLU Y 65 -2.63 36.82 27.11
C GLU Y 65 -1.46 37.21 26.22
N GLU Y 66 -0.31 36.59 26.44
CA GLU Y 66 0.89 36.84 25.66
C GLU Y 66 1.27 35.63 24.83
N PHE Y 67 1.79 35.88 23.63
CA PHE Y 67 2.16 34.81 22.70
C PHE Y 67 3.51 35.05 22.04
N ILE Y 68 4.00 34.03 21.33
CA ILE Y 68 5.25 34.11 20.56
C ILE Y 68 4.98 33.70 19.11
N GLY Y 70 6.46 32.79 15.64
CA GLY Y 70 7.60 32.32 14.85
C GLY Y 70 7.28 32.36 13.37
N VAL Y 71 8.30 32.66 12.56
CA VAL Y 71 8.15 32.73 11.10
C VAL Y 71 9.24 31.90 10.42
N SER Y 72 8.82 30.94 9.61
CA SER Y 72 9.75 30.05 8.91
C SER Y 72 9.41 29.92 7.42
N LYS Y 73 10.09 28.98 6.74
CA LYS Y 73 9.82 28.68 5.34
C LYS Y 73 8.48 27.96 5.16
N TYR Y 74 8.08 27.21 6.19
CA TYR Y 74 6.81 26.47 6.16
C TYR Y 74 5.61 27.37 6.44
N GLY Y 75 5.79 28.34 7.34
CA GLY Y 75 4.71 29.26 7.70
C GLY Y 75 4.92 30.08 8.96
N ILE Y 76 3.80 30.58 9.49
CA ILE Y 76 3.79 31.48 10.66
C ILE Y 76 3.14 30.78 11.85
N LYS Y 77 4.00 30.30 12.76
CA LYS Y 77 3.56 29.58 13.95
C LYS Y 77 3.31 30.56 15.10
N VAL Y 78 2.18 30.39 15.79
CA VAL Y 78 1.81 31.23 16.94
C VAL Y 78 1.54 30.37 18.17
N SER Y 79 2.37 30.53 19.20
CA SER Y 79 2.31 29.68 20.39
C SER Y 79 2.26 30.46 21.70
N THR Y 80 1.85 29.78 22.77
CA THR Y 80 1.73 30.38 24.10
C THR Y 80 3.11 30.73 24.66
N SER Y 81 3.16 31.75 25.53
CA SER Y 81 4.42 32.22 26.10
C SER Y 81 4.85 31.38 27.31
N ASP Y 82 4.86 30.06 27.11
CA ASP Y 82 5.29 29.13 28.14
C ASP Y 82 6.60 28.43 27.76
N ASP Y 85 1.96 24.96 23.94
CA ASP Y 85 0.66 24.93 23.25
C ASP Y 85 0.66 25.80 22.01
N VAL Y 86 0.03 25.29 20.95
CA VAL Y 86 -0.01 25.96 19.66
C VAL Y 86 -1.41 26.56 19.44
N LEU Y 87 -1.44 27.86 19.16
CA LEU Y 87 -2.69 28.56 18.92
C LEU Y 87 -3.21 28.28 17.50
N HIS Y 88 -2.39 28.61 16.50
CA HIS Y 88 -2.70 28.33 15.09
C HIS Y 88 -1.53 28.56 14.17
N ARG Y 89 -1.27 27.58 13.31
CA ARG Y 89 -0.22 27.69 12.30
C ARG Y 89 -0.80 28.19 10.98
N HIS Y 90 -0.07 29.09 10.31
CA HIS Y 90 -0.48 29.59 8.99
C HIS Y 90 0.56 29.29 7.96
N ALA Y 91 0.20 28.49 6.95
CA ALA Y 91 1.10 28.18 5.85
C ALA Y 91 0.94 29.19 4.70
N LEU Y 92 2.07 29.52 4.06
CA LEU Y 92 2.11 30.54 3.01
C LEU Y 92 1.25 30.20 1.79
N TYR Y 93 0.95 28.91 1.64
CA TYR Y 93 0.08 28.38 0.59
C TYR Y 93 -1.29 29.07 0.59
N LEU Y 94 -1.60 29.77 1.68
CA LEU Y 94 -2.87 30.46 1.84
C LEU Y 94 -2.74 31.87 2.45
N ILE Y 95 -1.52 32.24 2.86
CA ILE Y 95 -1.24 33.60 3.35
C ILE Y 95 -1.17 34.56 2.17
N ILE Y 96 -2.05 35.54 2.16
CA ILE Y 96 -2.20 36.47 1.04
C ILE Y 96 -1.51 37.81 1.28
N ARG Y 97 -1.82 38.44 2.42
CA ARG Y 97 -1.27 39.75 2.75
C ARG Y 97 -1.15 39.95 4.26
N VAL Y 99 -0.56 43.32 7.01
CA VAL Y 99 -0.49 44.78 7.16
C VAL Y 99 -0.04 45.18 8.57
N CYS Y 100 0.99 46.02 8.63
CA CYS Y 100 1.43 46.62 9.88
C CYS Y 100 0.86 48.02 10.02
N TYR Y 101 -0.10 48.18 10.92
CA TYR Y 101 -0.69 49.49 11.22
C TYR Y 101 -1.03 49.66 12.70
N ASP Y 102 -0.69 50.83 13.25
CA ASP Y 102 -0.98 51.18 14.64
C ASP Y 102 -2.48 51.16 14.90
N ASP Y 103 -2.86 50.82 16.14
CA ASP Y 103 -4.27 50.76 16.56
C ASP Y 103 -4.99 52.12 16.47
N GLY Y 104 -4.24 53.19 16.71
CA GLY Y 104 -4.78 54.55 16.66
C GLY Y 104 -5.20 55.08 18.03
N LEU Y 105 -4.40 54.75 19.04
CA LEU Y 105 -4.68 55.21 20.40
C LEU Y 105 -3.71 56.31 20.82
N GLY Y 106 -2.43 55.95 20.95
CA GLY Y 106 -1.40 56.92 21.31
C GLY Y 106 -0.15 56.33 21.94
N ALA Y 107 -0.31 55.19 22.61
CA ALA Y 107 0.81 54.48 23.24
C ALA Y 107 1.84 54.00 22.24
N GLY Y 108 1.37 53.54 21.08
CA GLY Y 108 2.27 53.10 20.01
C GLY Y 108 2.21 51.61 19.70
N LYS Y 109 1.21 50.93 20.23
CA LYS Y 109 1.00 49.51 19.95
C LYS Y 109 0.35 49.34 18.58
N SER Y 110 0.73 48.30 17.85
CA SER Y 110 0.34 48.16 16.45
C SER Y 110 -0.44 46.89 16.13
N LEU Y 111 -1.56 47.07 15.43
CA LEU Y 111 -2.41 45.96 15.01
C LEU Y 111 -1.89 45.34 13.72
N LEU Y 112 -1.78 44.01 13.74
CA LEU Y 112 -1.26 43.25 12.60
C LEU Y 112 -2.30 42.27 12.10
N ALA Y 113 -2.68 42.39 10.83
CA ALA Y 113 -3.71 41.54 10.23
C ALA Y 113 -3.13 40.56 9.21
N LEU Y 114 -3.85 39.46 9.01
CA LEU Y 114 -3.48 38.45 8.02
C LEU Y 114 -4.69 38.00 7.21
N LYS Y 115 -4.46 37.15 6.21
CA LYS Y 115 -5.52 36.64 5.35
C LYS Y 115 -5.21 35.21 4.89
N THR Y 116 -6.06 34.27 5.28
CA THR Y 116 -5.92 32.85 4.88
C THR Y 116 -7.22 32.27 4.33
N THR Y 117 -7.10 31.50 3.25
CA THR Y 117 -8.27 30.87 2.60
C THR Y 117 -8.08 29.35 2.47
N ASP Y 118 -9.19 28.62 2.33
CA ASP Y 118 -9.18 27.15 2.29
C ASP Y 118 -8.46 26.55 1.07
N ALA Y 119 -8.39 25.22 1.04
CA ALA Y 119 -7.70 24.47 0.00
C ALA Y 119 -8.37 24.60 -1.37
N SER Y 120 -9.70 24.54 -1.38
CA SER Y 120 -10.47 24.66 -2.61
C SER Y 120 -10.63 26.12 -3.06
N ASN Y 121 -10.18 27.05 -2.22
CA ASN Y 121 -10.23 28.49 -2.48
C ASN Y 121 -11.67 29.02 -2.62
N GLU Y 122 -12.42 28.95 -1.52
CA GLU Y 122 -13.81 29.37 -1.51
C GLU Y 122 -14.01 30.71 -0.80
N GLU Y 123 -13.61 30.77 0.48
CA GLU Y 123 -13.78 31.96 1.30
C GLU Y 123 -12.54 32.27 2.13
N TYR Y 124 -12.39 33.54 2.51
CA TYR Y 124 -11.20 34.02 3.21
C TYR Y 124 -11.40 34.03 4.73
N SER Y 125 -10.35 34.44 5.46
CA SER Y 125 -10.38 34.58 6.92
C SER Y 125 -9.31 35.57 7.37
N LEU Y 126 -9.64 36.37 8.40
CA LEU Y 126 -8.73 37.41 8.87
C LEU Y 126 -8.29 37.19 10.31
N TRP Y 127 -7.00 37.36 10.58
CA TRP Y 127 -6.44 37.18 11.91
C TRP Y 127 -5.70 38.41 12.35
N VAL Y 128 -6.20 39.05 13.40
CA VAL Y 128 -5.61 40.28 13.90
C VAL Y 128 -4.82 40.05 15.19
N TYR Y 129 -3.59 40.57 15.22
CA TYR Y 129 -2.68 40.43 16.35
C TYR Y 129 -2.20 41.81 16.78
N GLN Y 130 -1.59 41.87 17.97
CA GLN Y 130 -1.03 43.13 18.46
C GLN Y 130 0.45 43.02 18.79
N CYS Y 131 1.22 43.96 18.25
CA CYS Y 131 2.64 44.12 18.52
C CYS Y 131 2.88 45.28 19.47
N ASN Y 132 4.11 45.38 19.96
CA ASN Y 132 4.53 46.44 20.86
C ASN Y 132 4.63 47.80 20.16
N SER Y 133 5.23 47.81 18.97
CA SER Y 133 5.46 49.06 18.23
C SER Y 133 5.19 48.90 16.73
N LEU Y 134 5.38 49.99 15.99
CA LEU Y 134 5.18 50.00 14.54
C LEU Y 134 6.35 49.33 13.82
N GLU Y 135 7.55 49.56 14.34
CA GLU Y 135 8.77 48.97 13.78
C GLU Y 135 8.73 47.45 13.85
N GLN Y 136 8.20 46.93 14.97
CA GLN Y 136 8.17 45.49 15.24
C GLN Y 136 7.30 44.73 14.24
N ALA Y 137 6.09 45.23 14.00
CA ALA Y 137 5.18 44.62 13.05
C ALA Y 137 5.65 44.78 11.60
N GLN Y 138 6.38 45.87 11.34
CA GLN Y 138 7.07 46.05 10.07
C GLN Y 138 8.16 45.00 9.90
N ALA Y 139 8.89 44.76 10.99
CA ALA Y 139 10.01 43.79 11.00
C ALA Y 139 9.57 42.39 10.59
N ILE Y 140 8.37 42.00 11.03
CA ILE Y 140 7.80 40.70 10.69
C ILE Y 140 7.51 40.62 9.19
N CYS Y 141 6.80 41.62 8.68
CA CYS Y 141 6.45 41.72 7.26
C CYS Y 141 7.66 41.62 6.32
N LYS Y 142 8.82 42.00 6.82
CA LYS Y 142 10.08 41.85 6.09
C LYS Y 142 10.41 40.36 5.94
N VAL Y 143 10.34 39.63 7.05
CA VAL Y 143 10.67 38.20 7.10
C VAL Y 143 9.69 37.38 6.25
N LEU Y 144 8.47 37.90 6.07
CA LEU Y 144 7.47 37.27 5.20
C LEU Y 144 7.88 37.29 3.74
N SER Y 145 8.35 38.45 3.27
CA SER Y 145 8.83 38.59 1.89
C SER Y 145 10.06 37.71 1.65
N THR Y 146 10.84 37.50 2.71
CA THR Y 146 11.94 36.53 2.70
C THR Y 146 11.39 35.11 2.57
N ALA Y 147 10.39 34.78 3.38
CA ALA Y 147 9.76 33.46 3.38
C ALA Y 147 9.07 33.14 2.04
N PHE Y 148 8.56 34.18 1.37
CA PHE Y 148 7.96 34.02 0.05
C PHE Y 148 9.03 33.81 -1.03
N ASP Y 149 10.26 34.20 -0.73
CA ASP Y 149 11.36 34.12 -1.69
C ASP Y 149 12.42 33.08 -1.36
N SER Y 150 12.40 32.57 -0.13
CA SER Y 150 13.33 31.53 0.32
C SER Y 150 12.96 30.15 -0.24
N VAL Y 151 11.66 29.88 -0.31
CA VAL Y 151 11.16 28.66 -0.96
C VAL Y 151 11.21 28.78 -2.48
N LEU Y 152 11.14 30.02 -2.96
CA LEU Y 152 11.21 30.30 -4.39
C LEU Y 152 12.55 30.94 -4.75
N THR Y 153 13.63 30.17 -4.55
CA THR Y 153 14.99 30.65 -4.79
C THR Y 153 15.62 30.02 -6.04
N LYS Z 1 -5.62 3.82 29.75
CA LYS Z 1 -5.77 5.09 28.98
C LYS Z 1 -5.59 4.85 27.48
N SER Z 2 -6.45 5.46 26.67
CA SER Z 2 -6.42 5.28 25.22
C SER Z 2 -6.42 6.63 24.49
N ALA Z 3 -5.44 6.82 23.61
CA ALA Z 3 -5.29 8.07 22.85
C ALA Z 3 -6.17 8.09 21.61
N VAL Z 4 -6.23 6.96 20.90
CA VAL Z 4 -7.01 6.84 19.66
C VAL Z 4 -8.08 5.75 19.80
N THR Z 5 -9.26 6.04 19.27
CA THR Z 5 -10.36 5.05 19.17
C THR Z 5 -10.94 5.03 17.77
N THR Z 6 -11.47 3.88 17.36
CA THR Z 6 -12.04 3.71 16.02
C THR Z 6 -13.29 2.83 15.97
N VAL Z 7 -14.18 3.17 15.05
CA VAL Z 7 -15.35 2.35 14.72
C VAL Z 7 -15.28 1.99 13.24
N VAL Z 8 -15.27 0.69 12.95
CA VAL Z 8 -15.16 0.18 11.59
C VAL Z 8 -16.49 -0.40 11.11
N ASN Z 9 -16.93 0.06 9.94
CA ASN Z 9 -18.11 -0.50 9.27
C ASN Z 9 -17.87 -1.95 8.86
N PRO Z 10 -18.64 -2.89 9.45
CA PRO Z 10 -18.41 -4.33 9.29
C PRO Z 10 -18.68 -4.83 7.88
N LYS Z 11 -17.67 -4.69 7.01
CA LYS Z 11 -17.76 -5.13 5.62
C LYS Z 11 -16.36 -5.43 5.07
N LYS AA 1 8.74 59.84 6.67
CA LYS AA 1 8.73 58.50 7.33
C LYS AA 1 7.45 57.73 7.01
N SER AA 2 7.61 56.46 6.65
CA SER AA 2 6.49 55.57 6.26
C SER AA 2 5.45 55.36 7.36
N ALA AA 3 4.27 54.88 6.98
CA ALA AA 3 3.12 54.85 7.90
C ALA AA 3 2.26 53.57 7.88
N VAL AA 4 2.13 52.93 6.71
CA VAL AA 4 1.40 51.65 6.58
C VAL AA 4 2.13 50.80 5.54
N THR AA 5 2.23 49.49 5.79
CA THR AA 5 2.97 48.60 4.89
C THR AA 5 2.26 47.28 4.58
N THR AA 6 2.59 46.70 3.43
CA THR AA 6 2.06 45.40 3.01
C THR AA 6 3.16 44.49 2.47
N VAL AA 7 2.84 43.20 2.35
CA VAL AA 7 3.76 42.20 1.82
C VAL AA 7 3.42 41.90 0.36
N VAL AA 8 4.43 41.95 -0.51
CA VAL AA 8 4.27 41.64 -1.93
C VAL AA 8 4.17 40.13 -2.10
N ASN AA 9 3.11 39.69 -2.80
CA ASN AA 9 2.87 38.27 -3.06
C ASN AA 9 2.01 38.08 -4.32
N PRO AA 10 2.62 37.55 -5.40
CA PRO AA 10 1.91 37.25 -6.65
C PRO AA 10 0.87 36.13 -6.48
N LYS AA 11 -0.34 36.51 -6.12
CA LYS AA 11 -1.45 35.56 -5.96
C LYS AA 11 -2.74 36.09 -6.57
N CYS BA 17 1.09 -9.03 40.36
CA CYS BA 17 2.24 -9.65 39.65
C CYS BA 17 1.76 -10.56 38.52
N ALA BA 18 2.38 -10.43 37.35
CA ALA BA 18 2.02 -11.21 36.17
C ALA BA 18 3.18 -11.30 35.18
N GLU BA 19 3.16 -12.34 34.33
CA GLU BA 19 4.17 -12.52 33.29
C GLU BA 19 3.50 -12.79 31.94
N PHE BA 20 3.96 -12.06 30.91
CA PHE BA 20 3.36 -12.14 29.57
C PHE BA 20 4.27 -12.86 28.59
N ARG BA 21 3.71 -13.88 27.93
CA ARG BA 21 4.46 -14.64 26.92
C ARG BA 21 4.30 -13.99 25.53
N ILE BA 22 5.25 -13.13 25.18
CA ILE BA 22 5.25 -12.46 23.88
C ILE BA 22 6.62 -12.56 23.18
N LYS BA 23 6.88 -11.61 22.27
CA LYS BA 23 8.11 -11.58 21.48
C LYS BA 23 8.90 -10.28 21.69
N TYR BA 24 9.95 -10.10 20.89
CA TYR BA 24 10.78 -8.90 20.94
C TYR BA 24 11.35 -8.58 19.56
N VAL BA 25 11.40 -7.29 19.22
CA VAL BA 25 11.89 -6.85 17.92
C VAL BA 25 13.27 -6.18 18.02
N GLY BA 26 13.34 -5.06 18.74
CA GLY BA 26 14.59 -4.31 18.88
C GLY BA 26 14.44 -3.01 19.64
N ALA BA 27 15.48 -2.17 19.59
CA ALA BA 27 15.51 -0.91 20.32
C ALA BA 27 16.26 0.20 19.59
N ILE BA 28 15.85 1.45 19.84
CA ILE BA 28 16.58 2.62 19.34
C ILE BA 28 17.13 3.42 20.53
N GLU BA 40 5.50 14.93 25.18
CA GLU BA 40 5.87 13.61 24.67
C GLU BA 40 5.06 13.24 23.41
N GLY BA 41 3.75 13.08 23.56
CA GLY BA 41 2.87 12.78 22.43
C GLY BA 41 2.95 11.34 21.95
N PRO BA 42 1.81 10.64 21.93
CA PRO BA 42 1.80 9.21 21.57
C PRO BA 42 2.10 8.98 20.09
N LEU BA 43 1.40 9.71 19.21
CA LEU BA 43 1.62 9.63 17.77
C LEU BA 43 2.92 10.30 17.32
N ASP BA 44 3.41 11.23 18.14
CA ASP BA 44 4.74 11.83 17.94
C ASP BA 44 5.80 10.74 17.98
N LEU BA 45 5.57 9.74 18.84
CA LEU BA 45 6.46 8.60 19.01
C LEU BA 45 6.24 7.53 17.93
N ILE BA 46 4.96 7.17 17.74
CA ILE BA 46 4.58 6.07 16.83
C ILE BA 46 5.20 6.21 15.43
N ASN BA 47 5.07 7.39 14.84
CA ASN BA 47 5.69 7.69 13.56
C ASN BA 47 7.22 7.65 13.61
N TYR BA 48 7.80 8.07 14.73
CA TYR BA 48 9.25 8.06 14.92
C TYR BA 48 9.79 6.61 14.92
N ILE BA 49 8.99 5.69 15.46
CA ILE BA 49 9.30 4.26 15.39
C ILE BA 49 9.07 3.74 13.96
N ASP BA 50 8.03 4.23 13.30
CA ASP BA 50 7.76 3.88 11.91
C ASP BA 50 8.89 4.27 10.97
N VAL BA 51 9.63 5.32 11.33
CA VAL BA 51 10.79 5.77 10.56
C VAL BA 51 11.91 4.74 10.67
N ALA BA 52 12.22 4.34 11.90
CA ALA BA 52 13.25 3.35 12.18
C ALA BA 52 12.85 1.97 11.68
N GLN BA 53 11.55 1.73 11.62
CA GLN BA 53 11.02 0.51 11.02
C GLN BA 53 11.31 0.52 9.51
N GLN BA 54 11.14 1.69 8.88
CA GLN BA 54 11.40 1.87 7.45
C GLN BA 54 12.82 2.37 7.19
N ASP BA 55 13.80 1.72 7.82
CA ASP BA 55 15.21 2.07 7.66
C ASP BA 55 16.09 0.84 7.59
N GLY BA 56 15.54 -0.31 7.97
CA GLY BA 56 16.32 -1.52 8.17
C GLY BA 56 16.67 -1.65 9.65
N LYS BA 57 16.70 -0.50 10.33
CA LYS BA 57 16.97 -0.39 11.76
C LYS BA 57 16.12 -1.33 12.62
N LEU BA 58 14.83 -1.43 12.27
CA LEU BA 58 13.89 -2.31 12.96
C LEU BA 58 13.09 -3.14 11.96
N PRO BA 59 13.14 -4.47 12.10
CA PRO BA 59 12.43 -5.36 11.19
C PRO BA 59 10.93 -5.41 11.47
N PHE BA 60 10.14 -5.44 10.41
CA PHE BA 60 8.68 -5.57 10.53
C PHE BA 60 8.35 -6.96 11.05
N VAL BA 61 8.90 -7.98 10.37
CA VAL BA 61 8.80 -9.38 10.78
C VAL BA 61 9.63 -9.60 12.04
N PRO BA 62 9.00 -10.11 13.12
CA PRO BA 62 9.72 -10.35 14.36
C PRO BA 62 10.48 -11.68 14.36
N PRO BA 63 11.66 -11.72 15.01
CA PRO BA 63 12.34 -12.99 15.22
C PRO BA 63 11.50 -13.85 16.16
N GLU BA 64 11.04 -14.99 15.64
CA GLU BA 64 10.07 -15.84 16.36
C GLU BA 64 10.66 -16.52 17.60
N GLU BA 65 11.58 -15.82 18.25
CA GLU BA 65 12.08 -16.23 19.55
C GLU BA 65 11.23 -15.57 20.62
N GLU BA 66 10.39 -16.37 21.28
CA GLU BA 66 9.48 -15.88 22.31
C GLU BA 66 10.21 -15.56 23.61
N PHE BA 67 9.63 -14.64 24.40
CA PHE BA 67 10.19 -14.25 25.69
C PHE BA 67 9.08 -14.08 26.74
N ILE BA 68 9.49 -13.98 28.00
CA ILE BA 68 8.55 -13.70 29.10
C ILE BA 68 8.75 -12.26 29.59
N GLY BA 70 7.67 -9.89 32.30
CA GLY BA 70 7.08 -9.83 33.64
C GLY BA 70 6.86 -8.42 34.14
N VAL BA 71 5.76 -8.23 34.85
CA VAL BA 71 5.45 -6.96 35.49
C VAL BA 71 5.12 -7.21 36.97
N SER BA 72 5.76 -6.44 37.85
CA SER BA 72 5.53 -6.55 39.28
C SER BA 72 5.50 -5.16 39.92
N LYS BA 73 5.83 -5.07 41.20
CA LYS BA 73 5.97 -3.79 41.88
C LYS BA 73 7.38 -3.23 41.71
N TYR BA 74 8.23 -3.96 41.00
CA TYR BA 74 9.61 -3.56 40.75
C TYR BA 74 9.80 -3.17 39.29
N GLY BA 75 8.69 -2.99 38.57
CA GLY BA 75 8.71 -2.60 37.16
C GLY BA 75 8.60 -3.77 36.20
N ILE BA 76 9.21 -3.61 35.03
CA ILE BA 76 9.16 -4.62 33.99
C ILE BA 76 10.48 -5.39 33.88
N LYS BA 77 10.38 -6.71 33.80
CA LYS BA 77 11.56 -7.58 33.74
C LYS BA 77 11.33 -8.70 32.73
N VAL BA 78 12.25 -8.80 31.76
CA VAL BA 78 12.17 -9.81 30.71
C VAL BA 78 13.14 -10.96 31.01
N SER BA 79 12.67 -12.19 30.80
CA SER BA 79 13.46 -13.38 31.12
C SER BA 79 13.46 -14.39 29.95
N THR BA 80 13.18 -15.66 30.25
CA THR BA 80 13.05 -16.70 29.22
C THR BA 80 11.75 -17.48 29.40
N ASP BA 85 16.80 -16.86 32.05
CA ASP BA 85 17.90 -15.93 31.79
C ASP BA 85 17.36 -14.54 31.50
N VAL BA 86 17.68 -13.59 32.39
CA VAL BA 86 17.16 -12.23 32.30
C VAL BA 86 17.81 -11.44 31.16
N LEU BA 87 16.97 -10.81 30.35
CA LEU BA 87 17.42 -9.97 29.24
C LEU BA 87 17.40 -8.50 29.64
N HIS BA 88 16.80 -7.67 28.81
CA HIS BA 88 16.63 -6.24 29.05
C HIS BA 88 15.72 -6.02 30.22
N ARG BA 89 16.05 -5.03 31.05
CA ARG BA 89 15.27 -4.73 32.26
C ARG BA 89 14.99 -3.24 32.41
N HIS BA 90 13.76 -2.92 32.80
CA HIS BA 90 13.33 -1.55 33.04
C HIS BA 90 12.73 -1.44 34.41
N ALA BA 91 13.37 -0.64 35.26
CA ALA BA 91 12.94 -0.48 36.66
C ALA BA 91 11.56 0.17 36.77
N LEU BA 92 10.99 0.14 37.97
CA LEU BA 92 9.68 0.75 38.23
C LEU BA 92 9.67 2.23 37.84
N TYR BA 93 10.72 2.94 38.25
CA TYR BA 93 10.78 4.39 38.19
C TYR BA 93 11.48 4.89 36.92
N LEU BA 94 12.21 3.98 36.26
CA LEU BA 94 12.90 4.31 35.01
C LEU BA 94 11.92 4.46 33.85
N ILE BA 95 10.79 3.77 33.95
CA ILE BA 95 9.73 3.83 32.94
C ILE BA 95 9.07 5.20 32.91
N ILE BA 96 8.94 5.75 31.70
CA ILE BA 96 8.19 6.99 31.47
C ILE BA 96 6.88 6.70 30.73
N ARG BA 97 6.99 6.10 29.55
CA ARG BA 97 5.87 5.97 28.62
C ARG BA 97 5.79 4.58 27.99
N VAL BA 99 3.47 2.70 24.90
CA VAL BA 99 2.47 2.76 23.85
C VAL BA 99 2.13 1.38 23.30
N CYS BA 100 0.83 1.14 23.11
CA CYS BA 100 0.33 -0.14 22.63
C CYS BA 100 -0.66 0.05 21.48
N TYR BA 101 -0.38 -0.57 20.34
CA TYR BA 101 -1.26 -0.49 19.16
C TYR BA 101 -1.08 -1.67 18.20
N ASP BA 102 -2.16 -2.03 17.52
CA ASP BA 102 -2.11 -2.98 16.41
C ASP BA 102 -1.36 -2.33 15.26
N ASP BA 103 -0.25 -2.94 14.84
CA ASP BA 103 0.63 -2.37 13.83
C ASP BA 103 -0.01 -2.33 12.44
N GLY BA 104 -0.93 -3.26 12.20
CA GLY BA 104 -1.67 -3.33 10.94
C GLY BA 104 -0.99 -4.14 9.86
N LEU BA 105 0.06 -4.88 10.24
CA LEU BA 105 0.78 -5.75 9.31
C LEU BA 105 -0.04 -7.01 8.95
N GLY BA 106 -1.27 -6.78 8.51
CA GLY BA 106 -2.18 -7.87 8.16
C GLY BA 106 -2.72 -8.58 9.38
N ALA BA 107 -2.01 -9.63 9.79
CA ALA BA 107 -2.43 -10.56 10.85
C ALA BA 107 -3.17 -9.91 12.03
N GLY BA 108 -2.71 -8.74 12.44
CA GLY BA 108 -3.30 -8.04 13.57
C GLY BA 108 -2.38 -7.97 14.77
N LYS BA 109 -1.09 -8.20 14.52
CA LYS BA 109 -0.05 -8.13 15.56
C LYS BA 109 0.00 -6.72 16.16
N SER BA 110 0.28 -6.65 17.46
CA SER BA 110 0.37 -5.36 18.14
C SER BA 110 1.77 -5.04 18.61
N LEU BA 111 2.26 -3.86 18.24
CA LEU BA 111 3.58 -3.39 18.68
C LEU BA 111 3.50 -2.89 20.12
N LEU BA 112 4.66 -2.81 20.78
CA LEU BA 112 4.72 -2.35 22.17
C LEU BA 112 5.91 -1.41 22.37
N ALA BA 113 5.64 -0.10 22.34
CA ALA BA 113 6.68 0.91 22.52
C ALA BA 113 6.90 1.21 24.00
N LEU BA 114 8.16 1.37 24.39
CA LEU BA 114 8.49 1.71 25.78
C LEU BA 114 9.60 2.74 25.85
N LYS BA 115 9.35 3.83 26.58
CA LYS BA 115 10.32 4.93 26.71
C LYS BA 115 10.88 5.01 28.14
N THR BA 116 12.19 4.81 28.25
CA THR BA 116 12.89 4.97 29.54
C THR BA 116 14.12 5.86 29.42
N THR BA 117 14.28 6.77 30.38
CA THR BA 117 15.45 7.63 30.45
C THR BA 117 16.52 7.02 31.36
N ASP BA 118 17.75 7.52 31.25
CA ASP BA 118 18.86 7.07 32.09
C ASP BA 118 18.82 7.74 33.45
N ALA BA 119 19.37 7.05 34.46
CA ALA BA 119 19.40 7.55 35.85
C ALA BA 119 20.23 8.82 36.01
N SER BA 120 21.23 8.99 35.14
CA SER BA 120 22.07 10.19 35.11
C SER BA 120 21.26 11.43 34.74
N GLU BA 123 19.99 10.34 28.29
CA GLU BA 123 20.10 9.65 27.01
C GLU BA 123 18.82 8.88 26.69
N TYR BA 124 17.79 9.63 26.31
CA TYR BA 124 16.46 9.07 26.01
C TYR BA 124 16.51 8.04 24.88
N SER BA 125 16.22 6.79 25.23
CA SER BA 125 16.24 5.68 24.29
C SER BA 125 15.04 4.76 24.48
N LEU BA 126 14.41 4.38 23.37
CA LEU BA 126 13.18 3.59 23.38
C LEU BA 126 13.40 2.12 23.09
N TRP BA 127 12.47 1.29 23.57
CA TRP BA 127 12.51 -0.15 23.36
C TRP BA 127 11.23 -0.56 22.70
N VAL BA 128 11.30 -1.55 21.81
CA VAL BA 128 10.14 -2.01 21.05
C VAL BA 128 9.93 -3.52 21.20
N TYR BA 129 8.75 -3.90 21.69
CA TYR BA 129 8.32 -5.29 21.77
C TYR BA 129 7.14 -5.51 20.81
N GLN BA 130 6.73 -6.76 20.65
CA GLN BA 130 5.60 -7.10 19.77
C GLN BA 130 4.73 -8.22 20.33
N CYS BA 131 3.42 -8.04 20.25
CA CYS BA 131 2.44 -8.99 20.77
C CYS BA 131 1.55 -9.52 19.64
N ASN BA 132 0.94 -10.68 19.87
CA ASN BA 132 0.13 -11.35 18.83
C ASN BA 132 -1.31 -10.84 18.73
N SER BA 133 -1.78 -10.16 19.78
CA SER BA 133 -3.11 -9.54 19.79
C SER BA 133 -3.12 -8.28 20.65
N LEU BA 134 -3.97 -7.31 20.27
CA LEU BA 134 -4.05 -6.04 21.00
C LEU BA 134 -4.46 -6.24 22.46
N GLU BA 135 -5.42 -7.13 22.68
CA GLU BA 135 -5.91 -7.46 24.03
C GLU BA 135 -4.80 -7.94 24.97
N GLN BA 136 -3.76 -8.55 24.41
CA GLN BA 136 -2.59 -8.98 25.17
C GLN BA 136 -1.73 -7.79 25.61
N ALA BA 137 -1.49 -6.87 24.68
CA ALA BA 137 -0.69 -5.68 24.95
C ALA BA 137 -1.48 -4.66 25.77
N GLN BA 138 -2.80 -4.70 25.63
CA GLN BA 138 -3.70 -3.88 26.44
C GLN BA 138 -3.78 -4.40 27.87
N ALA BA 139 -3.47 -5.67 28.06
CA ALA BA 139 -3.36 -6.26 29.39
C ALA BA 139 -2.08 -5.76 30.08
N ILE BA 140 -1.02 -5.57 29.30
CA ILE BA 140 0.24 -5.02 29.80
C ILE BA 140 0.07 -3.56 30.21
N CYS BA 141 -0.88 -2.88 29.57
CA CYS BA 141 -1.25 -1.52 29.95
C CYS BA 141 -1.88 -1.50 31.35
N LYS BA 142 -2.90 -2.34 31.53
CA LYS BA 142 -3.70 -2.36 32.75
C LYS BA 142 -2.95 -2.79 34.01
N VAL BA 143 -2.02 -3.74 33.85
CA VAL BA 143 -1.19 -4.20 34.96
C VAL BA 143 -0.17 -3.14 35.39
N LEU BA 144 0.29 -2.36 34.41
CA LEU BA 144 1.29 -1.32 34.66
C LEU BA 144 0.71 -0.12 35.43
N SER BA 145 -0.58 0.14 35.21
CA SER BA 145 -1.28 1.21 35.93
C SER BA 145 -1.45 0.86 37.41
N THR BA 146 -1.63 -0.43 37.69
CA THR BA 146 -1.68 -0.95 39.06
C THR BA 146 -0.29 -0.96 39.68
N ALA BA 147 0.72 -1.24 38.85
CA ALA BA 147 2.11 -1.31 39.29
C ALA BA 147 2.68 0.04 39.75
N PHE BA 148 2.14 1.14 39.22
CA PHE BA 148 2.61 2.47 39.56
C PHE BA 148 2.00 3.02 40.86
N ASP BA 149 0.67 3.07 40.92
CA ASP BA 149 -0.02 3.54 42.12
C ASP BA 149 -0.22 2.40 43.11
N THR CA 16 -14.85 -1.47 -32.64
CA THR CA 16 -14.74 -1.98 -31.24
C THR CA 16 -13.95 -3.29 -31.17
N CYS CA 17 -14.34 -4.25 -31.99
CA CYS CA 17 -13.63 -5.52 -32.09
C CYS CA 17 -13.70 -6.05 -33.51
N ALA CA 18 -12.52 -6.31 -34.06
CA ALA CA 18 -12.37 -6.80 -35.42
C ALA CA 18 -11.09 -7.64 -35.53
N GLU CA 19 -11.24 -8.85 -36.07
CA GLU CA 19 -10.11 -9.77 -36.23
C GLU CA 19 -9.91 -10.13 -37.70
N PHE CA 20 -8.65 -10.29 -38.11
CA PHE CA 20 -8.30 -10.50 -39.52
C PHE CA 20 -7.17 -11.50 -39.67
N ARG CA 21 -7.39 -12.54 -40.48
CA ARG CA 21 -6.39 -13.58 -40.73
C ARG CA 21 -5.31 -13.07 -41.69
N ILE CA 22 -4.27 -12.50 -41.11
CA ILE CA 22 -3.20 -11.85 -41.87
C ILE CA 22 -1.88 -12.59 -41.76
N LYS CA 23 -0.87 -12.11 -42.49
CA LYS CA 23 0.49 -12.63 -42.38
C LYS CA 23 1.46 -11.52 -41.97
N TYR CA 24 2.54 -11.90 -41.28
CA TYR CA 24 3.58 -10.95 -40.87
C TYR CA 24 4.77 -11.00 -41.82
N VAL CA 25 5.13 -9.85 -42.37
CA VAL CA 25 6.19 -9.75 -43.39
C VAL CA 25 7.55 -9.47 -42.78
N GLY CA 26 7.62 -8.51 -41.86
CA GLY CA 26 8.88 -8.12 -41.23
C GLY CA 26 8.85 -6.83 -40.43
N ALA CA 27 10.03 -6.35 -40.07
CA ALA CA 27 10.19 -5.15 -39.26
C ALA CA 27 11.54 -4.49 -39.48
N ILE CA 28 11.53 -3.16 -39.59
CA ILE CA 28 12.76 -2.38 -39.65
C ILE CA 28 12.76 -1.37 -38.50
N GLU CA 29 13.64 -1.59 -37.53
CA GLU CA 29 13.68 -0.74 -36.33
C GLU CA 29 14.86 0.22 -36.35
N LEU CA 31 15.66 3.77 -36.96
CA LEU CA 31 15.61 4.86 -37.93
C LEU CA 31 15.94 6.18 -37.28
N GLY CA 41 4.34 11.08 -43.79
CA GLY CA 41 3.99 10.99 -45.20
C GLY CA 41 3.54 9.60 -45.60
N PRO CA 42 2.53 9.51 -46.48
CA PRO CA 42 1.90 8.23 -46.87
C PRO CA 42 2.62 7.41 -47.95
N LEU CA 43 3.44 8.08 -48.77
CA LEU CA 43 4.34 7.40 -49.70
C LEU CA 43 5.77 7.59 -49.21
N ASP CA 44 5.95 8.64 -48.41
CA ASP CA 44 7.21 8.93 -47.71
C ASP CA 44 7.56 7.79 -46.75
N LEU CA 45 6.54 7.07 -46.29
CA LEU CA 45 6.72 5.89 -45.45
C LEU CA 45 6.98 4.64 -46.28
N ILE CA 46 6.20 4.46 -47.34
CA ILE CA 46 6.30 3.29 -48.23
C ILE CA 46 7.71 3.12 -48.80
N ASN CA 47 8.35 4.23 -49.13
CA ASN CA 47 9.69 4.24 -49.70
C ASN CA 47 10.69 3.38 -48.91
N TYR CA 48 10.73 3.59 -47.59
CA TYR CA 48 11.62 2.83 -46.71
C TYR CA 48 11.45 1.32 -46.85
N ILE CA 49 10.20 0.88 -47.00
CA ILE CA 49 9.88 -0.54 -47.18
C ILE CA 49 10.40 -1.04 -48.53
N ASP CA 50 10.05 -0.35 -49.61
CA ASP CA 50 10.44 -0.74 -50.96
C ASP CA 50 11.96 -0.72 -51.15
N VAL CA 51 12.63 0.19 -50.45
CA VAL CA 51 14.09 0.24 -50.40
C VAL CA 51 14.62 -0.97 -49.63
N ALA CA 52 13.98 -1.29 -48.51
CA ALA CA 52 14.35 -2.45 -47.70
C ALA CA 52 13.92 -3.78 -48.33
N GLN CA 53 13.09 -3.70 -49.38
CA GLN CA 53 12.76 -4.87 -50.19
C GLN CA 53 13.97 -5.28 -51.05
N GLN CA 54 14.85 -4.32 -51.31
CA GLN CA 54 16.19 -4.59 -51.83
C GLN CA 54 17.10 -4.86 -50.62
N ASP CA 55 18.39 -5.04 -50.85
CA ASP CA 55 19.37 -5.35 -49.79
C ASP CA 55 19.19 -6.76 -49.22
N GLY CA 56 18.00 -7.06 -48.72
CA GLY CA 56 17.65 -8.38 -48.18
C GLY CA 56 17.18 -8.36 -46.74
N LYS CA 57 16.90 -7.17 -46.23
CA LYS CA 57 16.49 -6.98 -44.83
C LYS CA 57 14.98 -7.14 -44.62
N LEU CA 58 14.20 -6.74 -45.63
CA LEU CA 58 12.75 -6.86 -45.59
C LEU CA 58 12.28 -7.63 -46.82
N PRO CA 59 11.78 -8.86 -46.63
CA PRO CA 59 11.45 -9.75 -47.75
C PRO CA 59 10.27 -9.26 -48.58
N PHE CA 60 10.21 -9.70 -49.83
CA PHE CA 60 9.09 -9.39 -50.72
C PHE CA 60 7.82 -10.11 -50.26
N VAL CA 61 8.00 -11.17 -49.48
CA VAL CA 61 6.92 -12.06 -49.09
C VAL CA 61 7.06 -12.47 -47.62
N PRO CA 62 5.92 -12.61 -46.90
CA PRO CA 62 5.93 -13.06 -45.52
C PRO CA 62 6.17 -14.57 -45.39
N PRO CA 63 6.69 -15.02 -44.24
CA PRO CA 63 6.70 -16.45 -43.92
C PRO CA 63 5.29 -17.06 -43.94
N GLU CA 64 5.22 -18.37 -43.72
CA GLU CA 64 3.99 -19.15 -43.93
C GLU CA 64 2.96 -18.98 -42.82
N GLU CA 65 3.36 -18.33 -41.72
CA GLU CA 65 2.51 -18.19 -40.53
C GLU CA 65 1.25 -17.39 -40.83
N GLU CA 66 0.13 -17.82 -40.25
CA GLU CA 66 -1.11 -17.09 -40.33
C GLU CA 66 -1.43 -16.49 -38.97
N PHE CA 67 -1.38 -15.16 -38.89
CA PHE CA 67 -1.69 -14.44 -37.65
C PHE CA 67 -3.07 -13.79 -37.71
N ILE CA 68 -3.50 -13.28 -36.55
CA ILE CA 68 -4.79 -12.60 -36.43
C ILE CA 68 -4.57 -11.19 -35.89
N GLY CA 70 -6.00 -8.02 -34.30
CA GLY CA 70 -7.13 -7.59 -33.49
C GLY CA 70 -7.17 -6.09 -33.31
N VAL CA 71 -8.38 -5.53 -33.33
CA VAL CA 71 -8.56 -4.09 -33.13
C VAL CA 71 -9.56 -3.80 -32.00
N SER CA 72 -9.08 -3.13 -30.95
CA SER CA 72 -9.92 -2.77 -29.81
C SER CA 72 -9.67 -1.32 -29.40
N LYS CA 73 -10.48 -0.83 -28.45
CA LYS CA 73 -10.36 0.53 -27.93
C LYS CA 73 -9.11 0.76 -27.07
N TYR CA 74 -8.07 -0.05 -27.29
CA TYR CA 74 -6.86 -0.02 -26.48
C TYR CA 74 -5.59 -0.15 -27.32
N GLY CA 75 -5.74 -0.56 -28.58
CA GLY CA 75 -4.62 -0.70 -29.49
C GLY CA 75 -4.78 -1.84 -30.49
N ILE CA 76 -3.65 -2.37 -30.95
CA ILE CA 76 -3.63 -3.50 -31.88
C ILE CA 76 -2.89 -4.70 -31.26
N LYS CA 77 -3.51 -5.88 -31.40
CA LYS CA 77 -2.93 -7.12 -30.89
C LYS CA 77 -2.74 -8.12 -32.04
N VAL CA 78 -1.60 -8.81 -32.04
CA VAL CA 78 -1.28 -9.81 -33.07
C VAL CA 78 -1.08 -11.19 -32.42
N SER CA 79 -1.94 -12.14 -32.79
CA SER CA 79 -1.93 -13.47 -32.19
C SER CA 79 -2.05 -14.60 -33.22
N THR CA 80 -1.55 -15.78 -32.85
CA THR CA 80 -1.53 -16.95 -33.74
C THR CA 80 -2.92 -17.53 -34.01
N SER CA 81 -2.96 -18.52 -34.90
CA SER CA 81 -4.20 -19.23 -35.24
C SER CA 81 -4.79 -19.94 -34.01
N ASP CA 82 -3.91 -20.55 -33.22
CA ASP CA 82 -4.30 -21.21 -31.96
C ASP CA 82 -4.69 -20.22 -30.86
N GLN CA 83 -4.49 -18.92 -31.14
CA GLN CA 83 -4.98 -17.81 -30.32
C GLN CA 83 -4.23 -17.55 -29.00
N TYR CA 84 -3.51 -18.55 -28.50
CA TYR CA 84 -2.81 -18.42 -27.23
C TYR CA 84 -1.32 -18.08 -27.36
N ASP CA 85 -0.95 -17.45 -28.47
CA ASP CA 85 0.42 -16.99 -28.70
C ASP CA 85 0.42 -15.61 -29.33
N VAL CA 86 1.27 -14.72 -28.81
CA VAL CA 86 1.29 -13.30 -29.20
C VAL CA 86 2.62 -12.92 -29.88
N LEU CA 87 2.51 -12.21 -31.01
CA LEU CA 87 3.68 -11.67 -31.70
C LEU CA 87 3.89 -10.19 -31.36
N HIS CA 88 2.82 -9.40 -31.46
CA HIS CA 88 2.89 -7.96 -31.21
C HIS CA 88 1.72 -7.50 -30.40
N ARG CA 89 1.96 -6.50 -29.56
CA ARG CA 89 0.92 -5.89 -28.75
C ARG CA 89 1.28 -4.43 -28.50
N HIS CA 90 0.91 -3.57 -29.44
CA HIS CA 90 1.22 -2.14 -29.37
C HIS CA 90 -0.01 -1.32 -29.16
N ALA CA 91 0.07 -0.42 -28.19
CA ALA CA 91 -1.08 0.41 -27.78
C ALA CA 91 -1.42 1.51 -28.79
N LEU CA 92 -2.67 1.97 -28.74
CA LEU CA 92 -3.14 3.04 -29.60
C LEU CA 92 -2.56 4.39 -29.19
N TYR CA 93 -2.13 4.47 -27.93
CA TYR CA 93 -1.48 5.67 -27.38
C TYR CA 93 -0.10 5.88 -28.01
N LEU CA 94 0.27 5.01 -28.95
CA LEU CA 94 1.59 5.02 -29.59
C LEU CA 94 1.52 4.85 -31.11
N ILE CA 95 0.37 4.42 -31.61
CA ILE CA 95 0.16 4.22 -33.05
C ILE CA 95 0.23 5.56 -33.82
N ILE CA 96 0.94 5.56 -34.95
CA ILE CA 96 1.18 6.77 -35.73
C ILE CA 96 0.53 6.72 -37.12
N ARG CA 97 0.97 5.78 -37.96
CA ARG CA 97 0.50 5.68 -39.35
C ARG CA 97 0.18 4.25 -39.77
N VAL CA 99 -0.48 2.56 -43.65
CA VAL CA 99 -0.67 2.64 -45.10
C VAL CA 99 -0.74 1.24 -45.70
N CYS CA 100 -1.78 0.98 -46.47
CA CYS CA 100 -1.90 -0.28 -47.21
C CYS CA 100 -1.82 -0.05 -48.71
N TYR CA 101 -1.08 -0.93 -49.39
CA TYR CA 101 -0.75 -0.76 -50.80
C TYR CA 101 -0.41 -2.09 -51.49
N ASP CA 102 -0.24 -2.05 -52.81
CA ASP CA 102 0.19 -3.23 -53.58
C ASP CA 102 1.69 -3.48 -53.39
N ASP CA 103 2.09 -4.75 -53.48
CA ASP CA 103 3.44 -5.18 -53.07
C ASP CA 103 4.43 -5.47 -54.22
N GLY CA 104 4.26 -4.76 -55.34
CA GLY CA 104 5.11 -4.92 -56.51
C GLY CA 104 4.86 -6.20 -57.30
N LEU CA 105 4.02 -7.08 -56.75
CA LEU CA 105 3.91 -8.46 -57.22
C LEU CA 105 2.78 -8.80 -58.17
N GLY CA 106 1.54 -8.43 -57.83
CA GLY CA 106 0.41 -8.58 -58.76
C GLY CA 106 -0.59 -9.70 -58.54
N ALA CA 107 -0.45 -10.46 -57.45
CA ALA CA 107 -1.36 -11.56 -57.15
C ALA CA 107 -2.78 -11.09 -56.84
N GLY CA 108 -2.87 -10.02 -56.07
CA GLY CA 108 -4.14 -9.53 -55.52
C GLY CA 108 -4.00 -9.27 -54.03
N LYS CA 109 -2.95 -9.83 -53.43
CA LYS CA 109 -2.60 -9.59 -52.03
C LYS CA 109 -2.04 -8.18 -51.90
N SER CA 110 -1.94 -7.70 -50.66
CA SER CA 110 -1.45 -6.34 -50.40
C SER CA 110 -0.61 -6.27 -49.12
N LEU CA 111 0.12 -5.17 -48.98
CA LEU CA 111 0.92 -4.91 -47.79
C LEU CA 111 0.17 -4.06 -46.77
N LEU CA 112 0.79 -3.87 -45.60
CA LEU CA 112 0.21 -3.09 -44.51
C LEU CA 112 1.32 -2.56 -43.60
N ALA CA 113 1.87 -1.41 -43.96
CA ALA CA 113 2.94 -0.78 -43.16
C ALA CA 113 2.38 -0.04 -41.95
N LEU CA 114 3.05 -0.21 -40.81
CA LEU CA 114 2.71 0.47 -39.57
C LEU CA 114 3.93 1.16 -38.98
N LYS CA 115 3.73 2.39 -38.49
CA LYS CA 115 4.76 3.12 -37.77
C LYS CA 115 4.35 3.30 -36.31
N THR CA 116 5.25 2.96 -35.39
CA THR CA 116 5.00 3.15 -33.95
C THR CA 116 6.20 3.77 -33.25
N THR CA 117 5.95 4.41 -32.11
CA THR CA 117 7.00 4.96 -31.25
C THR CA 117 6.77 4.54 -29.79
N ASP CA 118 7.81 4.72 -28.97
CA ASP CA 118 7.73 4.43 -27.54
C ASP CA 118 7.24 5.63 -26.72
N ALA CA 119 7.26 5.50 -25.39
CA ALA CA 119 6.89 6.59 -24.48
C ALA CA 119 8.05 7.55 -24.24
N SER CA 120 9.27 7.07 -24.44
CA SER CA 120 10.48 7.87 -24.25
C SER CA 120 10.79 8.74 -25.47
N ASN CA 121 10.22 8.40 -26.62
CA ASN CA 121 10.49 9.06 -27.90
C ASN CA 121 11.97 9.16 -28.26
N GLU CA 122 12.69 8.08 -28.00
CA GLU CA 122 14.10 7.94 -28.36
C GLU CA 122 14.22 7.12 -29.63
N GLU CA 123 13.24 6.25 -29.85
CA GLU CA 123 13.31 5.23 -30.89
C GLU CA 123 12.10 5.25 -31.82
N TYR CA 124 12.24 4.62 -32.99
CA TYR CA 124 11.17 4.46 -33.96
C TYR CA 124 11.06 3.01 -34.40
N SER CA 125 9.85 2.59 -34.79
CA SER CA 125 9.64 1.23 -35.26
C SER CA 125 8.71 1.16 -36.47
N LEU CA 126 9.00 0.20 -37.36
CA LEU CA 126 8.16 -0.06 -38.53
C LEU CA 126 7.72 -1.54 -38.53
N TRP CA 127 6.48 -1.78 -38.92
CA TRP CA 127 5.95 -3.13 -39.02
C TRP CA 127 5.16 -3.31 -40.29
N VAL CA 128 5.51 -4.32 -41.08
CA VAL CA 128 4.78 -4.66 -42.30
C VAL CA 128 4.02 -5.97 -42.18
N TYR CA 129 2.88 -6.05 -42.87
CA TYR CA 129 2.03 -7.25 -42.86
C TYR CA 129 1.42 -7.46 -44.24
N GLN CA 130 1.11 -8.72 -44.57
CA GLN CA 130 0.46 -9.04 -45.85
C GLN CA 130 -0.98 -9.55 -45.66
N CYS CA 131 -1.93 -8.84 -46.25
CA CYS CA 131 -3.35 -9.17 -46.13
C CYS CA 131 -3.90 -9.85 -47.37
N ASN CA 132 -5.05 -10.53 -47.19
CA ASN CA 132 -5.72 -11.28 -48.25
C ASN CA 132 -5.82 -10.53 -49.56
N SER CA 133 -6.20 -9.25 -49.47
CA SER CA 133 -6.30 -8.36 -50.62
C SER CA 133 -6.23 -6.90 -50.19
N LEU CA 134 -6.36 -6.01 -51.16
CA LEU CA 134 -6.32 -4.57 -50.92
C LEU CA 134 -7.51 -4.10 -50.08
N GLU CA 135 -8.71 -4.51 -50.47
CA GLU CA 135 -9.95 -4.13 -49.77
C GLU CA 135 -9.91 -4.46 -48.28
N GLN CA 136 -9.44 -5.67 -47.96
CA GLN CA 136 -9.32 -6.11 -46.57
C GLN CA 136 -8.30 -5.28 -45.81
N ALA CA 137 -7.19 -4.96 -46.47
CA ALA CA 137 -6.13 -4.13 -45.88
C ALA CA 137 -6.61 -2.69 -45.69
N GLN CA 138 -7.53 -2.26 -46.54
CA GLN CA 138 -8.20 -0.97 -46.39
C GLN CA 138 -9.13 -1.01 -45.18
N ALA CA 139 -9.71 -2.17 -44.92
CA ALA CA 139 -10.68 -2.37 -43.82
C ALA CA 139 -10.07 -2.18 -42.44
N ILE CA 140 -8.78 -2.48 -42.30
CA ILE CA 140 -8.08 -2.36 -41.02
C ILE CA 140 -7.60 -0.92 -40.82
N CYS CA 141 -7.61 -0.14 -41.89
CA CYS CA 141 -7.39 1.30 -41.82
C CYS CA 141 -8.64 2.01 -41.31
N LYS CA 142 -9.80 1.44 -41.62
CA LYS CA 142 -11.09 2.02 -41.26
C LYS CA 142 -11.40 1.89 -39.77
N VAL CA 143 -11.36 0.65 -39.28
CA VAL CA 143 -11.70 0.34 -37.88
C VAL CA 143 -10.71 0.99 -36.90
N LEU CA 144 -9.57 1.44 -37.41
CA LEU CA 144 -8.55 2.10 -36.60
C LEU CA 144 -9.01 3.49 -36.12
N SER CA 145 -9.69 4.22 -37.00
CA SER CA 145 -10.18 5.57 -36.67
C SER CA 145 -11.32 5.55 -35.65
N THR CA 146 -12.11 4.47 -35.66
CA THR CA 146 -13.16 4.24 -34.68
C THR CA 146 -12.58 4.12 -33.27
N ALA CA 147 -11.43 3.46 -33.16
CA ALA CA 147 -10.72 3.31 -31.90
C ALA CA 147 -10.16 4.66 -31.42
N PHE CA 148 -9.75 5.49 -32.35
CA PHE CA 148 -9.19 6.81 -32.02
C PHE CA 148 -10.20 7.69 -31.31
N ASP CA 149 -11.43 7.72 -31.81
CA ASP CA 149 -12.50 8.52 -31.22
C ASP CA 149 -12.90 8.05 -29.82
N SER CA 150 -12.77 6.75 -29.60
CA SER CA 150 -13.22 6.09 -28.36
C SER CA 150 -12.44 6.53 -27.11
N VAL CA 151 -11.13 6.71 -27.24
CA VAL CA 151 -10.28 7.12 -26.11
C VAL CA 151 -9.89 8.59 -26.13
N LEU CA 152 -10.13 9.25 -27.27
CA LEU CA 152 -9.88 10.68 -27.40
C LEU CA 152 -11.13 11.49 -27.05
N THR CA 153 -12.08 10.85 -26.38
CA THR CA 153 -13.34 11.48 -26.00
C THR CA 153 -13.17 12.53 -24.89
N LYS DA 1 -14.22 1.41 21.32
CA LYS DA 1 -13.28 0.45 20.69
C LYS DA 1 -11.93 1.12 20.41
N SER DA 2 -10.94 0.80 21.24
CA SER DA 2 -9.63 1.43 21.18
C SER DA 2 -8.85 1.08 19.92
N ALA DA 3 -8.08 2.03 19.43
CA ALA DA 3 -7.15 1.80 18.33
C ALA DA 3 -5.72 1.82 18.88
N VAL DA 4 -5.44 2.79 19.75
CA VAL DA 4 -4.13 2.95 20.37
C VAL DA 4 -4.33 3.21 21.87
N THR DA 5 -3.56 2.52 22.70
CA THR DA 5 -3.63 2.71 24.16
C THR DA 5 -2.26 2.95 24.79
N THR DA 6 -2.22 3.89 25.74
CA THR DA 6 -0.97 4.32 26.36
C THR DA 6 -1.06 4.35 27.89
N VAL DA 7 0.00 3.88 28.54
CA VAL DA 7 0.12 3.99 30.00
C VAL DA 7 1.34 4.83 30.35
N VAL DA 8 1.14 5.79 31.25
CA VAL DA 8 2.16 6.78 31.58
C VAL DA 8 2.46 6.84 33.08
N ASN DA 9 3.65 7.36 33.37
CA ASN DA 9 4.04 7.67 34.74
C ASN DA 9 4.30 9.17 34.81
N PRO DA 10 3.67 9.87 35.78
CA PRO DA 10 3.81 11.32 35.98
C PRO DA 10 5.20 11.75 36.48
N LYS DA 11 6.13 12.08 35.60
CA LYS DA 11 5.94 12.08 34.14
C LYS DA 11 7.15 11.51 33.41
N LYS EA 1 -11.45 5.27 -57.81
CA LYS EA 1 -11.43 4.24 -56.73
C LYS EA 1 -10.14 4.27 -55.92
N SER EA 2 -10.28 4.16 -54.60
CA SER EA 2 -9.14 4.06 -53.69
C SER EA 2 -8.36 2.78 -53.99
N ALA EA 3 -7.14 2.95 -54.48
CA ALA EA 3 -6.22 1.83 -54.64
C ALA EA 3 -5.18 1.88 -53.54
N VAL EA 4 -5.01 3.06 -52.94
CA VAL EA 4 -4.12 3.26 -51.82
C VAL EA 4 -4.82 4.12 -50.76
N THR EA 5 -4.95 3.56 -49.56
CA THR EA 5 -5.54 4.27 -48.41
C THR EA 5 -4.47 4.53 -47.35
N THR EA 6 -4.82 5.33 -46.34
CA THR EA 6 -3.87 5.69 -45.27
C THR EA 6 -4.54 6.10 -43.96
N VAL EA 7 -3.74 6.18 -42.89
CA VAL EA 7 -4.20 6.59 -41.58
C VAL EA 7 -3.31 7.73 -41.04
N VAL EA 8 -3.91 8.61 -40.24
CA VAL EA 8 -3.17 9.64 -39.51
C VAL EA 8 -3.51 9.60 -38.02
N ASN EA 9 -2.53 9.95 -37.20
CA ASN EA 9 -2.72 10.03 -35.75
C ASN EA 9 -3.28 11.39 -35.34
N PRO EA 10 -4.35 11.40 -34.51
CA PRO EA 10 -4.91 12.65 -33.96
C PRO EA 10 -3.95 13.38 -33.00
N LYS EA 11 -2.96 12.66 -32.49
CA LYS EA 11 -1.93 13.25 -31.62
C LYS EA 11 -0.66 13.51 -32.41
N CYS FA 17 -20.08 21.07 24.91
CA CYS FA 17 -21.56 21.18 24.85
C CYS FA 17 -22.16 20.12 23.93
N ALA FA 18 -23.17 19.42 24.44
CA ALA FA 18 -23.80 18.32 23.71
C ALA FA 18 -25.25 18.13 24.14
N GLU FA 19 -26.10 17.73 23.19
CA GLU FA 19 -27.50 17.44 23.47
C GLU FA 19 -27.85 15.99 23.12
N PHE FA 20 -28.56 15.32 24.01
CA PHE FA 20 -28.92 13.91 23.85
C PHE FA 20 -30.42 13.70 24.01
N ARG FA 21 -30.98 12.83 23.17
CA ARG FA 21 -32.39 12.47 23.27
C ARG FA 21 -32.54 11.27 24.22
N ILE FA 22 -33.32 11.45 25.27
CA ILE FA 22 -33.52 10.43 26.31
C ILE FA 22 -34.96 10.36 26.80
N LYS FA 23 -35.26 9.30 27.57
CA LYS FA 23 -36.56 9.17 28.23
C LYS FA 23 -36.38 9.26 29.75
N TYR FA 24 -37.44 9.66 30.45
CA TYR FA 24 -37.38 9.88 31.89
C TYR FA 24 -38.17 8.83 32.67
N VAL FA 25 -37.44 7.97 33.39
CA VAL FA 25 -38.03 6.86 34.15
C VAL FA 25 -38.74 7.35 35.41
N GLY FA 26 -38.06 8.22 36.16
CA GLY FA 26 -38.60 8.76 37.42
C GLY FA 26 -37.50 9.22 38.35
N ALA FA 27 -37.86 9.47 39.60
CA ALA FA 27 -36.91 9.95 40.61
C ALA FA 27 -37.24 9.48 42.02
N ILE FA 28 -36.19 9.33 42.84
CA ILE FA 28 -36.35 9.09 44.28
C ILE FA 28 -35.96 10.37 45.01
N GLU FA 29 -36.93 10.97 45.69
CA GLU FA 29 -36.78 12.30 46.28
C GLU FA 29 -36.07 12.27 47.64
N LYS FA 30 -35.10 13.13 47.95
CA LYS FA 30 -34.70 13.42 49.37
C LYS FA 30 -33.92 12.45 50.33
N LEU FA 31 -33.38 11.33 49.84
CA LEU FA 31 -32.65 10.37 50.71
C LEU FA 31 -31.70 11.02 51.73
N GLY FA 41 -21.14 4.97 47.11
CA GLY FA 41 -20.92 3.68 46.45
C GLY FA 41 -21.48 3.64 45.04
N PRO FA 42 -20.64 3.25 44.05
CA PRO FA 42 -21.03 3.17 42.64
C PRO FA 42 -22.11 2.11 42.36
N LEU FA 43 -21.83 0.87 42.74
CA LEU FA 43 -22.80 -0.23 42.64
C LEU FA 43 -24.00 -0.05 43.57
N ASP FA 44 -23.80 0.69 44.65
CA ASP FA 44 -24.84 0.96 45.65
C ASP FA 44 -26.01 1.75 45.05
N LEU FA 45 -25.70 2.56 44.03
CA LEU FA 45 -26.69 3.30 43.27
C LEU FA 45 -27.60 2.36 42.46
N ILE FA 46 -26.97 1.44 41.73
CA ILE FA 46 -27.66 0.46 40.91
C ILE FA 46 -28.58 -0.41 41.76
N ASN FA 47 -28.06 -0.84 42.91
CA ASN FA 47 -28.79 -1.70 43.84
C ASN FA 47 -30.05 -1.05 44.38
N TYR FA 48 -29.97 0.24 44.70
CA TYR FA 48 -31.10 1.00 45.26
C TYR FA 48 -32.21 1.17 44.23
N ILE FA 49 -31.84 1.37 42.97
CA ILE FA 49 -32.80 1.52 41.88
C ILE FA 49 -33.51 0.20 41.60
N ASP FA 50 -32.76 -0.91 41.69
CA ASP FA 50 -33.35 -2.25 41.59
C ASP FA 50 -34.41 -2.48 42.66
N VAL FA 51 -34.15 -2.01 43.88
CA VAL FA 51 -35.10 -2.11 45.00
C VAL FA 51 -36.32 -1.23 44.75
N ALA FA 52 -36.07 0.01 44.32
CA ALA FA 52 -37.14 0.99 44.07
C ALA FA 52 -38.09 0.54 42.95
N GLN FA 53 -37.55 -0.16 41.95
CA GLN FA 53 -38.36 -0.69 40.86
C GLN FA 53 -39.23 -1.87 41.32
N GLN FA 54 -38.68 -2.69 42.20
CA GLN FA 54 -39.36 -3.88 42.72
C GLN FA 54 -40.50 -3.57 43.69
N ASP FA 55 -40.67 -2.28 44.02
CA ASP FA 55 -41.70 -1.85 44.97
C ASP FA 55 -42.81 -1.01 44.32
N GLY FA 56 -42.50 -0.38 43.19
CA GLY FA 56 -43.42 0.53 42.53
C GLY FA 56 -43.05 2.00 42.70
N LYS FA 57 -42.02 2.25 43.50
CA LYS FA 57 -41.50 3.60 43.73
C LYS FA 57 -40.71 4.13 42.53
N LEU FA 58 -40.58 3.27 41.52
CA LEU FA 58 -39.87 3.56 40.29
C LEU FA 58 -40.31 2.51 39.27
N PRO FA 59 -40.77 2.95 38.09
CA PRO FA 59 -41.29 1.99 37.11
C PRO FA 59 -40.17 1.32 36.30
N PHE FA 60 -40.49 0.21 35.64
CA PHE FA 60 -39.51 -0.48 34.78
C PHE FA 60 -39.50 0.15 33.39
N VAL FA 61 -40.56 0.90 33.10
CA VAL FA 61 -40.70 1.52 31.79
C VAL FA 61 -41.16 2.99 31.99
N PRO FA 62 -40.34 3.96 31.50
CA PRO FA 62 -40.66 5.41 31.51
C PRO FA 62 -41.90 5.77 30.68
N PRO FA 63 -42.38 7.02 30.74
CA PRO FA 63 -43.36 7.43 29.72
C PRO FA 63 -42.72 7.67 28.35
N GLU FA 64 -43.55 7.69 27.30
CA GLU FA 64 -43.07 7.77 25.92
C GLU FA 64 -42.42 9.10 25.57
N GLU FA 65 -42.78 10.15 26.31
CA GLU FA 65 -42.26 11.49 26.09
C GLU FA 65 -40.74 11.49 25.94
N GLU FA 66 -40.27 11.92 24.78
CA GLU FA 66 -38.83 12.07 24.55
C GLU FA 66 -38.37 13.43 25.06
N PHE FA 67 -37.24 13.42 25.76
CA PHE FA 67 -36.67 14.64 26.33
C PHE FA 67 -35.27 14.88 25.81
N ILE FA 68 -34.83 16.13 25.88
CA ILE FA 68 -33.48 16.51 25.44
C ILE FA 68 -32.60 16.81 26.65
N GLY FA 70 -29.20 18.26 27.77
CA GLY FA 70 -28.07 19.10 27.39
C GLY FA 70 -26.98 19.10 28.44
N VAL FA 71 -25.76 18.85 28.02
CA VAL FA 71 -24.60 18.87 28.91
C VAL FA 71 -23.72 20.06 28.57
N SER FA 72 -23.32 20.80 29.61
CA SER FA 72 -22.48 21.99 29.46
C SER FA 72 -21.51 22.13 30.62
N ILE FA 76 -26.01 20.03 33.88
CA ILE FA 76 -26.89 19.25 33.01
C ILE FA 76 -28.28 19.89 32.95
N LYS FA 77 -28.77 20.12 31.74
CA LYS FA 77 -30.11 20.65 31.53
C LYS FA 77 -31.00 19.62 30.82
N VAL FA 78 -32.17 19.37 31.41
CA VAL FA 78 -33.15 18.46 30.84
C VAL FA 78 -34.38 19.24 30.40
N SER FA 79 -34.73 19.10 29.12
CA SER FA 79 -35.88 19.81 28.54
C SER FA 79 -36.75 18.86 27.71
N THR FA 80 -37.91 19.34 27.27
CA THR FA 80 -38.81 18.53 26.43
C THR FA 80 -38.25 18.36 25.01
N SER FA 81 -38.95 17.55 24.22
CA SER FA 81 -38.57 17.25 22.82
C SER FA 81 -38.52 18.49 21.91
N ASP FA 82 -39.18 19.57 22.33
CA ASP FA 82 -39.22 20.82 21.57
C ASP FA 82 -38.38 21.90 22.26
N GLN FA 83 -37.58 21.50 23.26
CA GLN FA 83 -36.84 22.43 24.13
C GLN FA 83 -37.77 23.41 24.82
N TYR FA 84 -39.08 23.16 24.70
CA TYR FA 84 -40.13 24.09 25.09
C TYR FA 84 -40.29 24.23 26.61
N ASP FA 85 -40.15 23.11 27.32
CA ASP FA 85 -40.25 23.10 28.78
C ASP FA 85 -39.04 22.46 29.44
N VAL FA 86 -38.39 23.21 30.32
CA VAL FA 86 -37.24 22.71 31.08
C VAL FA 86 -37.72 21.89 32.28
N LEU FA 87 -37.54 20.57 32.18
CA LEU FA 87 -37.94 19.63 33.23
C LEU FA 87 -37.01 19.67 34.43
N HIS FA 88 -35.71 19.48 34.20
CA HIS FA 88 -34.73 19.43 35.29
C HIS FA 88 -33.49 20.24 35.03
N ARG FA 89 -32.90 20.74 36.11
CA ARG FA 89 -31.63 21.46 36.05
C ARG FA 89 -30.70 21.01 37.17
N HIS FA 90 -29.74 20.15 36.82
CA HIS FA 90 -28.78 19.64 37.79
C HIS FA 90 -27.50 20.42 37.70
N ALA FA 91 -27.20 21.15 38.76
CA ALA FA 91 -25.98 21.96 38.84
C ALA FA 91 -24.75 21.07 38.95
N LEU FA 92 -23.70 21.44 38.23
CA LEU FA 92 -22.45 20.66 38.20
C LEU FA 92 -21.81 20.56 39.58
N TYR FA 93 -22.00 21.60 40.38
CA TYR FA 93 -21.44 21.67 41.73
C TYR FA 93 -22.11 20.67 42.67
N LEU FA 94 -23.38 20.35 42.40
CA LEU FA 94 -24.18 19.49 43.26
C LEU FA 94 -24.29 18.03 42.78
N ILE FA 95 -23.78 17.77 41.57
CA ILE FA 95 -23.72 16.42 41.03
C ILE FA 95 -22.55 15.66 41.65
N ILE FA 96 -22.83 14.49 42.22
CA ILE FA 96 -21.81 13.67 42.86
C ILE FA 96 -21.36 12.52 41.96
N ARG FA 97 -22.33 11.71 41.50
CA ARG FA 97 -22.02 10.53 40.70
C ARG FA 97 -23.08 10.25 39.64
N VAL FA 99 -24.17 7.21 36.91
CA VAL FA 99 -24.00 5.79 36.60
C VAL FA 99 -24.92 5.39 35.45
N CYS FA 100 -24.37 4.69 34.46
CA CYS FA 100 -25.18 4.13 33.37
C CYS FA 100 -24.91 2.64 33.17
N TYR FA 101 -25.99 1.87 33.05
CA TYR FA 101 -25.91 0.42 32.91
C TYR FA 101 -27.06 -0.15 32.08
N ASP FA 102 -26.79 -1.25 31.39
CA ASP FA 102 -27.81 -1.97 30.64
C ASP FA 102 -28.77 -2.66 31.60
N ASP FA 103 -30.06 -2.40 31.43
CA ASP FA 103 -31.09 -2.98 32.30
C ASP FA 103 -31.23 -4.49 32.12
N GLY FA 104 -30.81 -4.98 30.95
CA GLY FA 104 -30.73 -6.41 30.66
C GLY FA 104 -32.07 -7.11 30.70
N LEU FA 105 -33.00 -6.65 29.86
CA LEU FA 105 -34.36 -7.18 29.84
C LEU FA 105 -34.86 -7.45 28.42
N GLY FA 106 -33.92 -7.74 27.52
CA GLY FA 106 -34.23 -8.12 26.14
C GLY FA 106 -34.81 -6.99 25.29
N ALA FA 107 -34.30 -5.78 25.49
CA ALA FA 107 -34.79 -4.62 24.76
C ALA FA 107 -33.69 -3.80 24.10
N GLY FA 108 -32.47 -3.87 24.65
CA GLY FA 108 -31.33 -3.11 24.15
C GLY FA 108 -31.27 -1.71 24.75
N LYS FA 109 -31.88 -1.56 25.92
CA LYS FA 109 -32.05 -0.28 26.59
C LYS FA 109 -31.17 -0.19 27.82
N SER FA 110 -30.81 1.03 28.20
CA SER FA 110 -29.95 1.26 29.37
C SER FA 110 -30.49 2.34 30.29
N LEU FA 111 -30.24 2.18 31.58
CA LEU FA 111 -30.69 3.13 32.60
C LEU FA 111 -29.59 4.12 32.98
N LEU FA 112 -29.97 5.39 33.10
CA LEU FA 112 -29.04 6.47 33.44
C LEU FA 112 -29.37 7.10 34.78
N ALA FA 113 -28.49 6.91 35.75
CA ALA FA 113 -28.73 7.36 37.13
C ALA FA 113 -27.87 8.56 37.51
N LEU FA 114 -28.52 9.57 38.09
CA LEU FA 114 -27.83 10.76 38.59
C LEU FA 114 -28.06 10.96 40.08
N LYS FA 115 -26.97 10.94 40.84
CA LYS FA 115 -27.03 11.20 42.27
C LYS FA 115 -26.66 12.66 42.54
N THR FA 116 -27.65 13.44 42.98
CA THR FA 116 -27.44 14.86 43.29
C THR FA 116 -27.73 15.14 44.75
N THR FA 117 -27.37 16.35 45.19
CA THR FA 117 -27.59 16.78 46.58
C THR FA 117 -28.17 18.20 46.65
N ASP FA 118 -28.54 18.65 47.85
CA ASP FA 118 -29.12 19.98 48.02
C ASP FA 118 -28.07 21.08 48.19
N ALA FA 119 -28.52 22.33 48.19
CA ALA FA 119 -27.65 23.50 48.26
C ALA FA 119 -26.78 23.55 49.53
N SER FA 120 -27.28 22.96 50.61
CA SER FA 120 -26.56 22.90 51.88
C SER FA 120 -25.79 21.59 52.07
N ASN FA 121 -26.03 20.64 51.16
CA ASN FA 121 -25.48 19.28 51.25
C ASN FA 121 -25.91 18.58 52.56
N GLU FA 122 -27.15 18.11 52.56
CA GLU FA 122 -27.71 17.39 53.71
C GLU FA 122 -28.39 16.12 53.24
N GLU FA 123 -29.14 16.23 52.14
CA GLU FA 123 -29.92 15.12 51.61
C GLU FA 123 -29.58 14.85 50.14
N TYR FA 124 -29.86 13.63 49.69
CA TYR FA 124 -29.49 13.17 48.35
C TYR FA 124 -30.72 12.85 47.52
N SER FA 125 -30.60 13.03 46.20
CA SER FA 125 -31.69 12.73 45.27
C SER FA 125 -31.18 11.94 44.08
N LEU FA 126 -31.96 10.93 43.68
CA LEU FA 126 -31.60 10.09 42.55
C LEU FA 126 -32.53 10.33 41.37
N TRP FA 127 -31.96 10.57 40.19
CA TRP FA 127 -32.74 10.82 38.98
C TRP FA 127 -32.43 9.76 37.96
N VAL FA 128 -33.46 9.02 37.55
CA VAL FA 128 -33.28 7.88 36.66
C VAL FA 128 -33.80 8.20 35.26
N TYR FA 129 -32.95 7.99 34.26
CA TYR FA 129 -33.29 8.22 32.86
C TYR FA 129 -33.08 6.94 32.04
N GLN FA 130 -33.60 6.92 30.83
CA GLN FA 130 -33.41 5.78 29.94
C GLN FA 130 -32.82 6.20 28.60
N CYS FA 131 -31.73 5.53 28.21
CA CYS FA 131 -31.13 5.70 26.89
C CYS FA 131 -31.38 4.43 26.08
N ASN FA 132 -31.62 4.60 24.78
CA ASN FA 132 -31.96 3.47 23.91
C ASN FA 132 -30.79 2.53 23.59
N SER FA 133 -29.61 2.86 24.12
CA SER FA 133 -28.43 2.00 24.00
C SER FA 133 -27.39 2.33 25.07
N LEU FA 134 -26.59 1.34 25.43
CA LEU FA 134 -25.49 1.50 26.39
C LEU FA 134 -24.43 2.45 25.87
N GLU FA 135 -24.18 2.38 24.56
CA GLU FA 135 -23.17 3.21 23.91
C GLU FA 135 -23.51 4.71 24.01
N GLN FA 136 -24.79 5.04 23.84
CA GLN FA 136 -25.27 6.42 23.96
C GLN FA 136 -25.19 6.89 25.41
N ALA FA 137 -25.49 5.99 26.34
CA ALA FA 137 -25.45 6.27 27.77
C ALA FA 137 -24.02 6.55 28.23
N GLN FA 138 -23.07 5.83 27.64
CA GLN FA 138 -21.65 6.03 27.93
C GLN FA 138 -21.14 7.33 27.34
N ALA FA 139 -21.72 7.72 26.20
CA ALA FA 139 -21.36 8.97 25.53
C ALA FA 139 -21.63 10.19 26.41
N ILE FA 140 -22.78 10.20 27.08
CA ILE FA 140 -23.17 11.29 27.97
C ILE FA 140 -22.24 11.38 29.20
N CYS FA 141 -21.83 10.21 29.68
CA CYS FA 141 -20.86 10.12 30.78
C CYS FA 141 -19.52 10.74 30.39
N LYS FA 142 -19.09 10.47 29.16
CA LYS FA 142 -17.84 11.03 28.61
C LYS FA 142 -17.86 12.55 28.58
N VAL FA 143 -18.98 13.13 28.12
CA VAL FA 143 -19.14 14.57 28.03
C VAL FA 143 -19.21 15.20 29.43
N LEU FA 144 -19.80 14.49 30.38
CA LEU FA 144 -19.85 14.94 31.77
C LEU FA 144 -18.46 14.92 32.41
N SER FA 145 -17.69 13.88 32.10
CA SER FA 145 -16.33 13.76 32.61
C SER FA 145 -15.45 14.94 32.20
N THR FA 146 -15.68 15.43 30.98
CA THR FA 146 -15.01 16.62 30.46
C THR FA 146 -15.35 17.84 31.32
N ALA FA 147 -16.64 18.03 31.58
CA ALA FA 147 -17.14 19.16 32.37
C ALA FA 147 -16.53 19.22 33.76
N PHE FA 148 -16.28 18.04 34.34
CA PHE FA 148 -15.64 17.94 35.64
C PHE FA 148 -14.13 18.16 35.57
N ASP FA 149 -13.54 17.83 34.43
CA ASP FA 149 -12.10 18.02 34.22
C ASP FA 149 -11.72 19.46 33.87
N SER FA 150 -12.67 20.21 33.31
CA SER FA 150 -12.42 21.56 32.84
C SER FA 150 -12.61 22.64 33.91
N VAL FA 151 -13.07 22.24 35.09
CA VAL FA 151 -13.35 23.19 36.18
C VAL FA 151 -12.27 23.17 37.27
N LEU FA 152 -11.60 22.02 37.40
CA LEU FA 152 -10.62 21.77 38.45
C LEU FA 152 -9.33 22.55 38.21
N LYS GA 1 -14.66 -5.81 27.97
CA LYS GA 1 -15.90 -5.04 27.65
C LYS GA 1 -16.61 -4.57 28.90
N SER GA 2 -16.79 -3.26 29.03
CA SER GA 2 -17.41 -2.68 30.22
C SER GA 2 -18.93 -2.92 30.28
N ALA GA 3 -19.44 -3.12 31.50
CA ALA GA 3 -20.86 -3.30 31.74
C ALA GA 3 -21.44 -2.15 32.59
N VAL GA 4 -20.56 -1.48 33.33
CA VAL GA 4 -20.94 -0.29 34.11
C VAL GA 4 -19.86 0.76 33.96
N THR GA 5 -20.27 1.99 33.62
CA THR GA 5 -19.37 3.13 33.57
C THR GA 5 -19.84 4.21 34.54
N THR GA 6 -18.90 4.80 35.27
CA THR GA 6 -19.24 5.80 36.31
C THR GA 6 -18.42 7.09 36.22
N VAL GA 7 -19.03 8.18 36.66
CA VAL GA 7 -18.36 9.48 36.76
C VAL GA 7 -18.35 9.90 38.22
N VAL GA 8 -17.16 10.24 38.74
CA VAL GA 8 -17.00 10.58 40.15
C VAL GA 8 -16.61 12.05 40.32
N ASN GA 9 -17.31 12.74 41.22
CA ASN GA 9 -16.99 14.11 41.60
C ASN GA 9 -16.02 14.14 42.80
N PRO GA 10 -14.76 14.54 42.57
CA PRO GA 10 -13.77 14.62 43.66
C PRO GA 10 -14.07 15.74 44.65
N LYS GA 11 -14.79 16.76 44.18
CA LYS GA 11 -15.14 17.92 44.99
C LYS GA 11 -16.11 17.56 46.11
N CYS HA 17 -1.25 -14.99 25.20
CA CYS HA 17 -1.03 -16.05 26.23
C CYS HA 17 -0.22 -15.48 27.39
N ALA HA 18 -0.78 -15.56 28.58
CA ALA HA 18 -0.14 -15.06 29.80
C ALA HA 18 -0.71 -15.69 31.05
N GLU HA 19 0.06 -15.64 32.14
CA GLU HA 19 -0.36 -16.19 33.43
C GLU HA 19 -0.39 -15.09 34.48
N PHE HA 20 -1.46 -15.07 35.27
CA PHE HA 20 -1.68 -14.02 36.27
C PHE HA 20 -1.68 -14.57 37.69
N ARG HA 21 -0.91 -13.93 38.57
CA ARG HA 21 -0.80 -14.34 39.97
C ARG HA 21 -1.61 -13.41 40.88
N ILE HA 22 -2.77 -13.90 41.31
CA ILE HA 22 -3.70 -13.11 42.14
C ILE HA 22 -4.20 -13.89 43.35
N LYS HA 23 -5.00 -13.23 44.20
CA LYS HA 23 -5.52 -13.84 45.42
C LYS HA 23 -6.83 -14.61 45.17
N TYR HA 24 -7.49 -15.01 46.25
CA TYR HA 24 -8.74 -15.79 46.18
C TYR HA 24 -9.64 -15.49 47.38
N VAL HA 25 -10.89 -15.13 47.09
CA VAL HA 25 -11.86 -14.78 48.14
C VAL HA 25 -12.52 -16.04 48.71
N GLY HA 26 -13.33 -16.68 47.88
CA GLY HA 26 -14.09 -17.86 48.27
C GLY HA 26 -14.92 -18.39 47.12
N ALA HA 27 -15.93 -19.19 47.43
CA ALA HA 27 -16.84 -19.75 46.44
C ALA HA 27 -18.13 -20.30 47.04
N ILE HA 28 -19.20 -20.19 46.27
CA ILE HA 28 -20.47 -20.86 46.56
C ILE HA 28 -20.88 -21.69 45.34
N GLU HA 29 -20.85 -23.00 45.51
CA GLU HA 29 -21.12 -23.94 44.40
C GLU HA 29 -22.51 -24.57 44.50
N LYS HA 30 -22.86 -25.39 43.51
CA LYS HA 30 -24.18 -26.00 43.37
C LYS HA 30 -25.27 -24.94 43.16
N LEU HA 31 -25.36 -24.44 41.93
CA LEU HA 31 -26.36 -23.43 41.56
C LEU HA 31 -27.60 -24.09 40.99
N GLY HA 38 -33.49 -16.92 37.61
CA GLY HA 38 -32.48 -16.79 36.56
C GLY HA 38 -31.40 -15.77 36.87
N LEU HA 39 -30.28 -15.86 36.14
CA LEU HA 39 -29.18 -14.91 36.28
C LEU HA 39 -28.67 -14.45 34.92
N GLU HA 40 -29.32 -13.44 34.36
CA GLU HA 40 -29.04 -12.94 33.02
C GLU HA 40 -28.08 -11.74 33.04
N GLY HA 41 -27.11 -11.76 32.13
CA GLY HA 41 -26.17 -10.66 31.96
C GLY HA 41 -25.14 -10.53 33.06
N PRO HA 42 -24.25 -9.53 32.96
CA PRO HA 42 -23.13 -9.32 33.88
C PRO HA 42 -23.55 -8.96 35.31
N LEU HA 43 -24.56 -8.11 35.43
CA LEU HA 43 -25.00 -7.57 36.72
C LEU HA 43 -25.57 -8.62 37.67
N ASP HA 44 -26.20 -9.65 37.11
CA ASP HA 44 -26.76 -10.74 37.92
C ASP HA 44 -25.68 -11.66 38.50
N LEU HA 45 -24.61 -11.87 37.75
CA LEU HA 45 -23.44 -12.59 38.23
C LEU HA 45 -22.83 -11.88 39.44
N ILE HA 46 -22.84 -10.55 39.40
CA ILE HA 46 -22.41 -9.73 40.53
C ILE HA 46 -23.44 -9.79 41.66
N ASN HA 47 -24.72 -9.75 41.31
CA ASN HA 47 -25.79 -9.70 42.30
C ASN HA 47 -26.05 -11.01 43.03
N TYR HA 48 -25.74 -12.14 42.39
CA TYR HA 48 -25.87 -13.44 43.05
C TYR HA 48 -24.82 -13.59 44.16
N ILE HA 49 -23.67 -12.96 43.96
CA ILE HA 49 -22.64 -12.87 45.01
C ILE HA 49 -23.18 -12.04 46.17
N ASP HA 50 -24.01 -11.04 45.88
CA ASP HA 50 -24.67 -10.25 46.92
C ASP HA 50 -25.76 -11.03 47.68
N VAL HA 51 -25.86 -12.33 47.38
CA VAL HA 51 -26.69 -13.25 48.16
C VAL HA 51 -25.77 -14.17 48.97
N ALA HA 52 -24.49 -13.79 49.03
CA ALA HA 52 -23.47 -14.54 49.76
C ALA HA 52 -22.47 -13.59 50.43
N GLN HA 53 -22.25 -12.44 49.81
CA GLN HA 53 -21.32 -11.41 50.28
C GLN HA 53 -21.82 -10.79 51.58
N GLN HA 54 -23.13 -10.54 51.64
CA GLN HA 54 -23.78 -10.03 52.85
C GLN HA 54 -24.74 -11.05 53.47
N ASP HA 55 -24.54 -12.33 53.14
CA ASP HA 55 -25.35 -13.42 53.70
C ASP HA 55 -24.53 -14.40 54.54
N GLY HA 56 -23.21 -14.39 54.33
CA GLY HA 56 -22.30 -15.21 55.12
C GLY HA 56 -21.61 -16.34 54.35
N LYS HA 57 -22.04 -16.55 53.11
CA LYS HA 57 -21.49 -17.62 52.28
C LYS HA 57 -20.27 -17.15 51.46
N LEU HA 58 -19.75 -15.99 51.82
CA LEU HA 58 -18.59 -15.39 51.16
C LEU HA 58 -17.89 -14.44 52.14
N PRO HA 59 -16.62 -14.74 52.49
CA PRO HA 59 -15.87 -13.94 53.46
C PRO HA 59 -15.54 -12.54 52.95
N PHE HA 60 -15.59 -11.56 53.86
CA PHE HA 60 -15.33 -10.16 53.53
C PHE HA 60 -13.86 -9.93 53.18
N VAL HA 61 -12.98 -10.17 54.14
CA VAL HA 61 -11.54 -10.05 53.91
C VAL HA 61 -10.91 -11.45 53.93
N PRO HA 62 -10.53 -11.96 52.75
CA PRO HA 62 -9.95 -13.31 52.62
C PRO HA 62 -8.48 -13.37 53.06
N PRO HA 63 -7.98 -14.59 53.35
CA PRO HA 63 -6.58 -14.77 53.74
C PRO HA 63 -5.59 -14.39 52.64
N GLU HA 64 -4.39 -14.00 53.03
CA GLU HA 64 -3.35 -13.57 52.09
C GLU HA 64 -2.59 -14.77 51.54
N GLU HA 65 -3.03 -15.26 50.39
CA GLU HA 65 -2.40 -16.41 49.72
C GLU HA 65 -2.55 -16.30 48.19
N GLU HA 66 -1.45 -15.94 47.53
CA GLU HA 66 -1.48 -15.66 46.10
C GLU HA 66 -1.31 -16.92 45.23
N PHE HA 67 -2.40 -17.31 44.56
CA PHE HA 67 -2.38 -18.43 43.62
C PHE HA 67 -2.18 -17.89 42.20
N ILE HA 68 -2.09 -18.80 41.22
CA ILE HA 68 -1.82 -18.41 39.84
C ILE HA 68 -2.87 -18.92 38.86
N GLY HA 70 -3.81 -19.22 34.78
CA GLY HA 70 -3.20 -19.24 33.45
C GLY HA 70 -4.19 -19.27 32.31
N VAL HA 71 -3.89 -18.50 31.26
CA VAL HA 71 -4.69 -18.48 30.03
C VAL HA 71 -3.77 -18.60 28.82
N ILE HA 76 -8.66 -22.36 31.45
CA ILE HA 76 -8.41 -21.39 32.51
C ILE HA 76 -7.79 -22.08 33.72
N LYS HA 77 -6.49 -21.88 33.91
CA LYS HA 77 -5.73 -22.50 35.00
C LYS HA 77 -5.69 -21.59 36.21
N ARG HA 89 -8.68 -26.62 37.16
CA ARG HA 89 -8.68 -26.09 35.79
C ARG HA 89 -10.09 -26.02 35.21
N HIS HA 90 -10.36 -24.93 34.50
CA HIS HA 90 -11.65 -24.73 33.84
C HIS HA 90 -11.48 -24.79 32.34
N ALA HA 91 -12.37 -25.53 31.68
CA ALA HA 91 -12.29 -25.71 30.23
C ALA HA 91 -12.60 -24.42 29.46
N LEU HA 92 -12.07 -24.32 28.25
CA LEU HA 92 -12.33 -23.18 27.36
C LEU HA 92 -13.74 -23.26 26.75
N TYR HA 93 -14.50 -24.28 27.13
CA TYR HA 93 -15.85 -24.50 26.63
C TYR HA 93 -16.90 -24.30 27.71
N LEU HA 94 -16.56 -24.67 28.95
CA LEU HA 94 -17.49 -24.59 30.08
C LEU HA 94 -17.65 -23.16 30.60
N ILE HA 95 -16.69 -22.30 30.25
CA ILE HA 95 -16.72 -20.88 30.64
C ILE HA 95 -17.83 -20.12 29.90
N ILE HA 96 -18.67 -19.40 30.67
CA ILE HA 96 -19.82 -18.70 30.13
C ILE HA 96 -19.64 -17.17 30.19
N ARG HA 97 -19.32 -16.67 31.38
CA ARG HA 97 -19.13 -15.22 31.58
C ARG HA 97 -18.11 -14.93 32.69
N VAL HA 99 -16.86 -11.58 35.05
CA VAL HA 99 -17.05 -10.20 35.48
C VAL HA 99 -16.14 -9.82 36.65
N CYS HA 100 -15.85 -8.54 36.77
CA CYS HA 100 -15.02 -8.04 37.87
C CYS HA 100 -15.47 -6.65 38.32
N TYR HA 101 -15.41 -6.43 39.64
CA TYR HA 101 -15.83 -5.17 40.24
C TYR HA 101 -15.01 -4.85 41.50
N ASP HA 102 -15.41 -3.82 42.23
CA ASP HA 102 -14.70 -3.44 43.46
C ASP HA 102 -15.63 -3.35 44.67
N ASP HA 103 -15.43 -4.27 45.61
CA ASP HA 103 -16.13 -4.31 46.90
C ASP HA 103 -17.66 -4.31 46.81
N SER HA 110 -11.59 -4.87 42.95
CA SER HA 110 -10.79 -5.93 43.56
C SER HA 110 -11.40 -7.32 43.35
N LEU HA 111 -12.72 -7.38 43.28
CA LEU HA 111 -13.46 -8.64 43.13
C LEU HA 111 -13.46 -9.13 41.67
N LEU HA 112 -13.66 -10.43 41.50
CA LEU HA 112 -13.69 -11.07 40.19
C LEU HA 112 -14.51 -12.35 40.27
N ALA HA 113 -15.27 -12.66 39.21
CA ALA HA 113 -16.15 -13.82 39.19
C ALA HA 113 -16.14 -14.59 37.87
N LEU HA 114 -16.20 -15.91 37.96
CA LEU HA 114 -16.28 -16.79 36.80
C LEU HA 114 -17.61 -17.53 36.75
N LYS HA 115 -18.12 -17.77 35.54
CA LYS HA 115 -19.31 -18.58 35.35
C LYS HA 115 -18.93 -19.85 34.56
N THR HA 116 -18.94 -20.99 35.25
CA THR HA 116 -18.49 -22.26 34.68
C THR HA 116 -19.54 -23.37 34.77
N THR HA 117 -19.62 -24.20 33.73
CA THR HA 117 -20.54 -25.33 33.70
C THR HA 117 -19.80 -26.65 33.46
N GLU HA 123 -26.15 -27.83 34.21
CA GLU HA 123 -25.89 -27.43 35.59
C GLU HA 123 -24.74 -26.42 35.66
N TYR HA 124 -24.99 -25.30 36.33
CA TYR HA 124 -24.02 -24.20 36.40
C TYR HA 124 -23.32 -24.11 37.76
N SER HA 125 -22.13 -23.53 37.76
CA SER HA 125 -21.36 -23.26 38.97
C SER HA 125 -20.59 -21.95 38.83
N LEU HA 126 -19.97 -21.49 39.92
CA LEU HA 126 -19.20 -20.24 39.89
C LEU HA 126 -17.98 -20.22 40.82
N TRP HA 127 -17.01 -19.37 40.48
CA TRP HA 127 -15.79 -19.20 41.26
C TRP HA 127 -15.49 -17.74 41.44
N VAL HA 128 -15.12 -17.35 42.66
CA VAL HA 128 -14.87 -15.95 43.00
C VAL HA 128 -13.41 -15.71 43.38
N TYR HA 129 -12.77 -14.79 42.67
CA TYR HA 129 -11.35 -14.49 42.85
C TYR HA 129 -11.10 -13.04 43.29
N GLN HA 130 -9.97 -12.83 43.97
CA GLN HA 130 -9.57 -11.48 44.38
C GLN HA 130 -8.35 -11.02 43.59
N CYS HA 131 -8.32 -9.72 43.27
CA CYS HA 131 -7.20 -9.11 42.58
C CYS HA 131 -6.84 -7.78 43.21
N ASN HA 132 -5.54 -7.57 43.41
CA ASN HA 132 -5.03 -6.30 43.94
C ASN HA 132 -5.20 -5.17 42.93
N SER HA 133 -6.18 -4.30 43.18
CA SER HA 133 -6.60 -3.22 42.27
C SER HA 133 -7.45 -3.75 41.11
N LEU HA 134 -8.46 -2.94 40.73
CA LEU HA 134 -9.38 -3.28 39.66
C LEU HA 134 -8.71 -3.29 38.29
N GLU HA 135 -7.77 -2.35 38.09
CA GLU HA 135 -7.03 -2.23 36.83
C GLU HA 135 -6.22 -3.48 36.50
N GLN HA 136 -5.82 -4.22 37.54
CA GLN HA 136 -5.12 -5.49 37.38
C GLN HA 136 -6.07 -6.58 36.90
N ALA HA 137 -7.29 -6.58 37.44
CA ALA HA 137 -8.31 -7.58 37.10
C ALA HA 137 -8.83 -7.42 35.66
N GLN HA 138 -8.89 -6.16 35.20
CA GLN HA 138 -9.33 -5.85 33.84
C GLN HA 138 -8.42 -6.46 32.78
N ALA HA 139 -7.15 -6.60 33.10
CA ALA HA 139 -6.16 -7.22 32.21
C ALA HA 139 -6.44 -8.71 32.01
N ILE HA 140 -6.81 -9.39 33.10
CA ILE HA 140 -7.13 -10.82 33.06
C ILE HA 140 -8.35 -11.07 32.18
N CYS HA 141 -9.31 -10.16 32.26
CA CYS HA 141 -10.49 -10.17 31.39
C CYS HA 141 -10.11 -10.02 29.91
N LYS HA 142 -9.17 -9.12 29.64
CA LYS HA 142 -8.71 -8.82 28.29
C LYS HA 142 -8.08 -10.03 27.59
N VAL HA 143 -7.34 -10.82 28.35
CA VAL HA 143 -6.65 -12.01 27.81
C VAL HA 143 -7.64 -13.12 27.46
N LEU HA 144 -8.58 -13.38 28.36
CA LEU HA 144 -9.61 -14.40 28.13
C LEU HA 144 -10.65 -13.95 27.11
N SER HA 145 -10.58 -12.68 26.71
CA SER HA 145 -11.44 -12.16 25.65
C SER HA 145 -10.94 -12.62 24.28
N THR HA 146 -9.66 -12.38 24.00
CA THR HA 146 -9.04 -12.78 22.74
C THR HA 146 -8.76 -14.29 22.68
N ALA HA 147 -8.87 -14.95 23.84
CA ALA HA 147 -8.72 -16.41 23.93
C ALA HA 147 -9.92 -17.14 23.33
N PHE HA 148 -11.09 -16.49 23.38
CA PHE HA 148 -12.30 -17.04 22.76
C PHE HA 148 -12.25 -16.96 21.24
N ASP HA 149 -11.54 -15.94 20.73
CA ASP HA 149 -11.40 -15.72 19.29
C ASP HA 149 -10.50 -16.78 18.64
N SER HA 150 -9.59 -17.35 19.43
CA SER HA 150 -8.69 -18.40 18.98
C SER HA 150 -9.38 -19.77 19.00
N LYS IA 1 -15.31 6.59 32.50
CA LYS IA 1 -14.74 5.24 32.23
C LYS IA 1 -15.40 4.14 33.08
N SER IA 2 -14.90 2.92 32.92
CA SER IA 2 -15.53 1.71 33.47
C SER IA 2 -15.51 1.58 34.99
N ALA IA 3 -16.54 0.89 35.50
CA ALA IA 3 -16.64 0.49 36.90
C ALA IA 3 -16.78 -1.03 37.01
N VAL IA 4 -17.33 -1.64 35.96
CA VAL IA 4 -17.47 -3.09 35.85
C VAL IA 4 -17.14 -3.51 34.41
N THR IA 5 -16.34 -4.56 34.25
CA THR IA 5 -16.05 -5.12 32.93
C THR IA 5 -16.55 -6.56 32.82
N THR IA 6 -16.67 -7.05 31.58
CA THR IA 6 -17.29 -8.35 31.30
C THR IA 6 -16.61 -9.07 30.14
N VAL IA 7 -16.59 -10.40 30.21
CA VAL IA 7 -16.15 -11.25 29.11
C VAL IA 7 -17.27 -12.22 28.73
N VAL IA 8 -17.60 -12.27 27.44
CA VAL IA 8 -18.60 -13.22 26.94
C VAL IA 8 -18.16 -13.93 25.65
N ASN IA 9 -18.21 -15.25 25.68
CA ASN IA 9 -17.91 -16.10 24.53
C ASN IA 9 -19.02 -16.03 23.48
N PRO IA 10 -18.72 -16.46 22.23
CA PRO IA 10 -19.72 -16.43 21.15
C PRO IA 10 -20.81 -17.52 21.29
N LYS IA 11 -21.39 -17.62 22.48
CA LYS IA 11 -22.50 -18.54 22.75
C LYS IA 11 -23.26 -18.10 24.00
N CYS JA 17 68.51 29.29 -12.44
CA CYS JA 17 68.36 29.91 -13.79
C CYS JA 17 67.92 28.87 -14.82
N ALA JA 18 66.79 29.16 -15.47
CA ALA JA 18 66.20 28.24 -16.45
C ALA JA 18 65.50 28.98 -17.58
N GLU JA 19 65.58 28.41 -18.79
CA GLU JA 19 64.94 28.97 -19.98
C GLU JA 19 63.83 28.06 -20.49
N PHE JA 20 62.76 28.70 -20.98
CA PHE JA 20 61.62 27.98 -21.53
C PHE JA 20 61.14 28.62 -22.85
N ARG JA 21 60.68 27.78 -23.77
CA ARG JA 21 60.25 28.22 -25.10
C ARG JA 21 58.74 28.15 -25.20
N ILE JA 22 58.09 29.32 -25.23
CA ILE JA 22 56.62 29.41 -25.13
C ILE JA 22 56.00 30.40 -26.11
N LYS JA 23 54.66 30.50 -26.07
CA LYS JA 23 53.91 31.45 -26.89
C LYS JA 23 53.30 32.56 -26.03
N TYR JA 24 52.93 33.66 -26.67
CA TYR JA 24 52.33 34.80 -25.99
C TYR JA 24 50.87 35.00 -26.41
N VAL JA 25 49.98 35.02 -25.43
CA VAL JA 25 48.54 35.16 -25.68
C VAL JA 25 48.12 36.64 -25.67
N GLY JA 26 48.46 37.34 -24.59
CA GLY JA 26 48.14 38.75 -24.45
C GLY JA 26 48.31 39.27 -23.03
N ALA JA 27 47.68 40.41 -22.74
CA ALA JA 27 47.77 41.03 -21.42
C ALA JA 27 46.55 41.89 -21.08
N ILE JA 28 46.21 41.93 -19.80
CA ILE JA 28 45.17 42.83 -19.28
C ILE JA 28 45.86 43.79 -18.31
N GLU JA 29 46.20 44.97 -18.80
CA GLU JA 29 47.00 45.93 -18.03
C GLU JA 29 46.15 46.86 -17.17
N LYS JA 30 46.82 47.51 -16.21
CA LYS JA 30 46.20 48.44 -15.24
C LYS JA 30 45.28 47.74 -14.24
N GLY JA 38 42.16 44.70 -5.73
CA GLY JA 38 42.46 43.89 -6.91
C GLY JA 38 41.82 42.52 -6.86
N LEU JA 39 42.57 41.51 -7.25
CA LEU JA 39 42.09 40.12 -7.25
C LEU JA 39 43.09 39.16 -6.59
N GLU JA 40 42.79 38.75 -5.36
CA GLU JA 40 43.57 37.73 -4.65
C GLU JA 40 43.10 36.34 -5.07
N GLY JA 41 43.79 35.31 -4.61
CA GLY JA 41 43.31 33.94 -4.78
C GLY JA 41 43.69 33.31 -6.12
N PRO JA 42 43.94 31.99 -6.11
CA PRO JA 42 44.35 31.27 -7.32
C PRO JA 42 43.22 31.11 -8.35
N LEU JA 43 42.00 30.90 -7.87
CA LEU JA 43 40.84 30.69 -8.73
C LEU JA 43 40.27 31.99 -9.31
N ASP JA 44 40.36 33.07 -8.53
CA ASP JA 44 39.86 34.38 -8.95
C ASP JA 44 40.62 34.91 -10.16
N LEU JA 45 41.90 34.56 -10.26
CA LEU JA 45 42.73 34.93 -11.40
C LEU JA 45 42.39 34.17 -12.68
N ILE JA 46 41.93 32.93 -12.53
CA ILE JA 46 41.51 32.12 -13.67
C ILE JA 46 40.19 32.65 -14.27
N ASN JA 47 39.25 32.98 -13.40
CA ASN JA 47 37.96 33.57 -13.82
C ASN JA 47 38.10 34.84 -14.66
N TYR JA 48 39.10 35.66 -14.32
CA TYR JA 48 39.34 36.92 -15.00
C TYR JA 48 39.88 36.74 -16.42
N ILE JA 49 40.51 35.60 -16.67
CA ILE JA 49 41.02 35.26 -18.00
C ILE JA 49 39.90 34.76 -18.91
N ASP JA 50 39.03 33.91 -18.37
CA ASP JA 50 37.89 33.35 -19.13
C ASP JA 50 36.87 34.40 -19.55
N VAL JA 51 36.63 35.39 -18.70
CA VAL JA 51 35.70 36.48 -19.00
C VAL JA 51 36.21 37.36 -20.14
N ALA JA 52 37.48 37.73 -20.06
CA ALA JA 52 38.12 38.59 -21.07
C ALA JA 52 38.31 37.86 -22.40
N LYS JA 57 38.87 40.41 -25.98
CA LYS JA 57 40.14 40.98 -25.57
C LYS JA 57 41.29 40.02 -25.82
N LEU JA 58 41.14 38.79 -25.33
CA LEU JA 58 42.17 37.76 -25.47
C LEU JA 58 41.71 36.66 -26.44
N PRO JA 59 42.56 36.35 -27.45
CA PRO JA 59 42.25 35.29 -28.40
C PRO JA 59 42.37 33.90 -27.76
N PHE JA 60 41.48 32.99 -28.13
CA PHE JA 60 41.51 31.62 -27.64
C PHE JA 60 42.67 30.83 -28.27
N VAL JA 61 43.00 31.15 -29.51
CA VAL JA 61 44.18 30.60 -30.17
C VAL JA 61 45.18 31.74 -30.43
N PRO JA 62 46.36 31.67 -29.80
CA PRO JA 62 47.38 32.71 -29.90
C PRO JA 62 48.14 32.65 -31.23
N ILE JA 68 60.74 33.27 -25.85
CA ILE JA 68 61.55 32.58 -24.86
C ILE JA 68 61.40 33.21 -23.48
N GLY JA 70 62.94 33.26 -19.89
CA GLY JA 70 64.12 32.93 -19.10
C GLY JA 70 64.02 33.43 -17.68
N VAL JA 71 63.78 32.51 -16.75
CA VAL JA 71 63.70 32.83 -15.32
C VAL JA 71 65.08 32.77 -14.71
N SER JA 72 65.48 33.86 -14.05
CA SER JA 72 66.80 33.96 -13.42
C SER JA 72 66.72 34.43 -11.97
N LYS JA 73 67.90 34.60 -11.37
CA LYS JA 73 68.04 35.15 -10.04
C LYS JA 73 67.80 36.66 -10.06
N TYR JA 74 68.13 37.28 -11.20
CA TYR JA 74 67.98 38.72 -11.39
C TYR JA 74 66.51 39.09 -11.66
N GLY JA 75 65.97 38.56 -12.75
CA GLY JA 75 64.59 38.86 -13.15
C GLY JA 75 64.12 38.07 -14.36
N ILE JA 76 62.81 37.98 -14.53
CA ILE JA 76 62.19 37.21 -15.63
C ILE JA 76 62.40 37.89 -16.98
N LYS JA 77 62.70 37.10 -18.00
CA LYS JA 77 62.85 37.60 -19.37
C LYS JA 77 61.63 37.27 -20.23
N ARG JA 89 60.12 42.67 -19.20
CA ARG JA 89 60.94 42.43 -18.02
C ARG JA 89 60.11 42.51 -16.74
N HIS JA 90 60.32 41.55 -15.85
CA HIS JA 90 59.63 41.54 -14.56
C HIS JA 90 60.58 41.30 -13.42
N ALA JA 91 60.59 42.23 -12.46
CA ALA JA 91 61.42 42.12 -11.27
C ALA JA 91 60.72 41.30 -10.19
N LEU JA 92 61.50 40.55 -9.43
CA LEU JA 92 60.96 39.73 -8.34
C LEU JA 92 60.40 40.58 -7.20
N TYR JA 93 60.78 41.87 -7.18
CA TYR JA 93 60.20 42.87 -6.29
C TYR JA 93 58.71 43.05 -6.60
N LEU JA 94 58.34 42.73 -7.83
CA LEU JA 94 57.05 43.13 -8.38
C LEU JA 94 56.09 41.95 -8.63
N ILE JA 95 56.63 40.74 -8.74
CA ILE JA 95 55.82 39.54 -8.98
C ILE JA 95 55.09 39.13 -7.71
N ILE JA 96 53.80 38.81 -7.84
CA ILE JA 96 52.97 38.41 -6.71
C ILE JA 96 52.54 36.94 -6.81
N ARG JA 97 51.95 36.56 -7.94
CA ARG JA 97 51.41 35.21 -8.13
C ARG JA 97 51.52 34.72 -9.57
N VAL JA 99 49.97 31.51 -11.98
CA VAL JA 99 48.97 30.43 -12.06
C VAL JA 99 49.07 29.73 -13.42
N CYS JA 100 49.03 28.40 -13.40
CA CYS JA 100 48.97 27.61 -14.64
C CYS JA 100 47.84 26.58 -14.58
N TYR JA 101 47.20 26.35 -15.72
CA TYR JA 101 46.03 25.48 -15.81
C TYR JA 101 45.76 24.99 -17.24
N ASP JA 102 45.14 23.82 -17.34
CA ASP JA 102 44.68 23.28 -18.63
C ASP JA 102 43.56 24.15 -19.18
N ASP JA 103 43.65 24.51 -20.46
CA ASP JA 103 42.66 25.38 -21.10
C ASP JA 103 41.26 24.74 -21.17
N GLY JA 104 41.20 23.53 -21.72
CA GLY JA 104 39.93 22.80 -21.87
C GLY JA 104 40.05 21.62 -22.79
N GLY JA 108 46.50 18.00 -24.37
CA GLY JA 108 46.22 18.98 -23.33
C GLY JA 108 47.31 20.04 -23.20
N LYS JA 109 46.94 21.29 -23.43
CA LYS JA 109 47.86 22.42 -23.31
C LYS JA 109 47.44 23.36 -22.17
N SER JA 110 48.37 24.21 -21.74
CA SER JA 110 48.15 25.08 -20.58
C SER JA 110 48.40 26.57 -20.83
N LEU JA 111 47.84 27.39 -19.95
CA LEU JA 111 47.99 28.85 -20.02
C LEU JA 111 48.51 29.41 -18.69
N LEU JA 112 49.30 30.48 -18.79
CA LEU JA 112 49.93 31.08 -17.61
C LEU JA 112 49.39 32.48 -17.29
N ALA JA 113 49.59 32.91 -16.05
CA ALA JA 113 49.16 34.23 -15.60
C ALA JA 113 50.12 34.80 -14.55
N LEU JA 114 50.79 35.89 -14.89
CA LEU JA 114 51.74 36.54 -13.99
C LEU JA 114 51.19 37.83 -13.39
N LYS JA 115 50.79 37.76 -12.12
CA LYS JA 115 50.32 38.93 -11.37
C LYS JA 115 51.53 39.75 -10.93
N THR JA 116 51.86 40.79 -11.70
CA THR JA 116 53.04 41.61 -11.44
C THR JA 116 52.88 43.08 -11.88
N THR JA 117 53.49 43.98 -11.10
CA THR JA 117 53.46 45.42 -11.41
C THR JA 117 54.88 46.01 -11.41
N GLU JA 123 49.28 49.93 -10.61
CA GLU JA 123 48.08 49.12 -10.74
C GLU JA 123 48.41 47.69 -11.17
N TYR JA 124 47.54 46.75 -10.77
CA TYR JA 124 47.75 45.32 -11.00
C TYR JA 124 47.64 44.93 -12.47
N SER JA 125 48.76 44.51 -13.04
CA SER JA 125 48.81 44.04 -14.43
C SER JA 125 49.10 42.55 -14.48
N LEU JA 126 48.37 41.83 -15.33
CA LEU JA 126 48.61 40.41 -15.54
C LEU JA 126 48.95 40.09 -17.00
N TRP JA 127 49.82 39.10 -17.18
CA TRP JA 127 50.32 38.73 -18.51
C TRP JA 127 50.04 37.28 -18.77
N VAL JA 128 49.41 37.00 -19.91
CA VAL JA 128 48.98 35.63 -20.24
C VAL JA 128 49.88 35.00 -21.30
N TYR JA 129 50.42 33.83 -20.97
CA TYR JA 129 51.29 33.07 -21.86
C TYR JA 129 50.70 31.68 -22.09
N GLN JA 130 51.30 30.91 -23.01
CA GLN JA 130 50.85 29.55 -23.30
C GLN JA 130 51.98 28.52 -23.30
N CYS JA 131 51.68 27.34 -22.77
CA CYS JA 131 52.55 26.17 -22.89
C CYS JA 131 51.81 25.06 -23.61
N ASN JA 132 52.53 24.33 -24.46
CA ASN JA 132 51.96 23.22 -25.23
C ASN JA 132 51.55 22.01 -24.37
N SER JA 133 52.12 21.92 -23.17
CA SER JA 133 51.76 20.88 -22.22
C SER JA 133 51.48 21.49 -20.84
N LEU JA 134 50.87 20.69 -19.96
CA LEU JA 134 50.57 21.11 -18.60
C LEU JA 134 51.78 20.94 -17.69
N GLU JA 135 52.56 19.89 -17.95
CA GLU JA 135 53.76 19.58 -17.17
C GLU JA 135 54.84 20.64 -17.32
N GLN JA 136 54.98 21.18 -18.54
CA GLN JA 136 55.93 22.24 -18.83
C GLN JA 136 55.59 23.54 -18.10
N ALA JA 137 54.28 23.80 -17.99
CA ALA JA 137 53.78 24.97 -17.28
C ALA JA 137 54.02 24.86 -15.77
N GLN JA 138 53.90 23.63 -15.26
CA GLN JA 138 54.17 23.35 -13.85
C GLN JA 138 55.65 23.50 -13.52
N ALA JA 139 56.49 23.17 -14.50
CA ALA JA 139 57.95 23.26 -14.35
C ALA JA 139 58.44 24.69 -14.14
N ILE JA 140 57.83 25.63 -14.86
CA ILE JA 140 58.17 27.06 -14.75
C ILE JA 140 57.83 27.59 -13.36
N CYS JA 141 56.70 27.14 -12.81
CA CYS JA 141 56.28 27.51 -11.46
C CYS JA 141 57.27 27.02 -10.39
N LYS JA 142 57.89 25.88 -10.66
CA LYS JA 142 58.88 25.29 -9.75
C LYS JA 142 60.17 26.12 -9.67
N VAL JA 143 60.56 26.72 -10.80
CA VAL JA 143 61.79 27.53 -10.87
C VAL JA 143 61.62 28.82 -10.04
N LEU JA 144 60.43 29.39 -10.08
CA LEU JA 144 60.10 30.57 -9.27
C LEU JA 144 60.04 30.24 -7.78
N SER JA 145 59.78 28.98 -7.46
CA SER JA 145 59.64 28.54 -6.07
C SER JA 145 60.96 28.55 -5.28
N THR JA 146 62.08 28.63 -6.00
CA THR JA 146 63.40 28.77 -5.37
C THR JA 146 64.03 30.13 -5.65
N ALA JA 147 63.49 30.82 -6.64
CA ALA JA 147 63.92 32.18 -6.97
C ALA JA 147 63.29 33.23 -6.04
N PHE JA 148 62.06 32.98 -5.59
CA PHE JA 148 61.33 33.92 -4.75
C PHE JA 148 62.01 34.24 -3.42
N ASP JA 149 62.38 33.20 -2.68
CA ASP JA 149 62.97 33.34 -1.35
C ASP JA 149 64.49 33.53 -1.38
N SER JA 150 65.02 33.92 -2.54
CA SER JA 150 66.45 34.16 -2.70
C SER JA 150 66.88 35.51 -2.11
N CYS KA 17 11.84 49.08 -44.85
CA CYS KA 17 10.43 48.63 -44.81
C CYS KA 17 10.12 47.71 -46.00
N ALA KA 18 9.64 46.50 -45.69
CA ALA KA 18 9.35 45.49 -46.70
C ALA KA 18 8.19 44.61 -46.31
N GLU KA 19 7.40 44.21 -47.31
CA GLU KA 19 6.24 43.33 -47.11
C GLU KA 19 6.44 41.98 -47.77
N PHE KA 20 5.95 40.93 -47.12
CA PHE KA 20 6.03 39.56 -47.62
C PHE KA 20 4.71 38.83 -47.47
N ARG KA 21 4.39 37.96 -48.44
CA ARG KA 21 3.14 37.22 -48.45
C ARG KA 21 3.40 35.76 -48.11
N ILE KA 22 2.96 35.35 -46.92
CA ILE KA 22 3.30 34.02 -46.38
C ILE KA 22 2.11 33.29 -45.74
N LYS KA 23 2.38 32.07 -45.24
CA LYS KA 23 1.39 31.27 -44.53
C LYS KA 23 1.73 31.15 -43.05
N TYR KA 24 0.74 30.79 -42.24
CA TYR KA 24 0.92 30.63 -40.79
C TYR KA 24 0.76 29.17 -40.37
N VAL KA 25 1.78 28.65 -39.70
CA VAL KA 25 1.80 27.25 -39.26
C VAL KA 25 1.21 27.10 -37.85
N GLY KA 26 1.74 27.89 -36.91
CA GLY KA 26 1.27 27.86 -35.52
C GLY KA 26 2.22 28.55 -34.56
N ALA KA 27 2.07 28.24 -33.28
CA ALA KA 27 2.89 28.84 -32.22
C ALA KA 27 3.04 27.95 -31.00
N ILE KA 28 4.20 28.04 -30.34
CA ILE KA 28 4.44 27.38 -29.06
C ILE KA 28 4.69 28.44 -27.99
N GLY KA 41 20.83 29.44 -29.34
CA GLY KA 41 21.42 28.65 -30.42
C GLY KA 41 20.50 28.51 -31.61
N PRO KA 42 21.08 28.52 -32.84
CA PRO KA 42 20.28 28.41 -34.07
C PRO KA 42 19.70 27.02 -34.29
N LEU KA 43 20.46 25.99 -33.94
CA LEU KA 43 20.04 24.60 -34.13
C LEU KA 43 19.08 24.10 -33.07
N ASP KA 44 19.22 24.61 -31.84
CA ASP KA 44 18.35 24.23 -30.72
C ASP KA 44 16.91 24.65 -30.96
N LEU KA 45 16.73 25.73 -31.71
CA LEU KA 45 15.40 26.25 -32.04
C LEU KA 45 14.72 25.40 -33.12
N ILE KA 46 15.52 24.81 -34.01
CA ILE KA 46 15.00 23.91 -35.05
C ILE KA 46 14.50 22.60 -34.45
N ASN KA 47 15.29 22.03 -33.55
CA ASN KA 47 14.92 20.80 -32.83
C ASN KA 47 13.58 20.89 -32.10
N TYR KA 48 13.29 22.06 -31.54
CA TYR KA 48 12.07 22.28 -30.78
C TYR KA 48 10.81 22.31 -31.66
N ILE KA 49 11.00 22.63 -32.94
CA ILE KA 49 9.90 22.64 -33.92
C ILE KA 49 9.58 21.22 -34.40
N ASP KA 50 10.63 20.44 -34.66
CA ASP KA 50 10.46 19.05 -35.12
C ASP KA 50 9.82 18.13 -34.09
N VAL KA 51 10.14 18.34 -32.81
CA VAL KA 51 9.57 17.56 -31.71
C VAL KA 51 8.07 17.83 -31.55
N ALA KA 52 7.70 19.11 -31.57
CA ALA KA 52 6.31 19.52 -31.42
C ALA KA 52 5.45 19.14 -32.63
N GLN KA 53 6.10 18.90 -33.76
CA GLN KA 53 5.40 18.39 -34.95
C GLN KA 53 5.07 16.90 -34.82
N GLN KA 54 5.85 16.19 -34.01
CA GLN KA 54 5.61 14.78 -33.73
C GLN KA 54 4.48 14.61 -32.72
N ASP KA 55 4.36 15.57 -31.81
CA ASP KA 55 3.36 15.54 -30.74
C ASP KA 55 1.94 15.84 -31.23
N GLY KA 56 1.84 16.44 -32.41
CA GLY KA 56 0.55 16.83 -32.98
C GLY KA 56 0.16 18.26 -32.65
N LYS KA 57 1.09 18.99 -32.03
CA LYS KA 57 0.91 20.41 -31.71
C LYS KA 57 0.90 21.25 -32.98
N LEU KA 58 1.93 21.06 -33.81
CA LEU KA 58 2.07 21.79 -35.07
C LEU KA 58 1.83 20.89 -36.27
N PRO KA 59 0.95 21.31 -37.19
CA PRO KA 59 0.68 20.55 -38.42
C PRO KA 59 1.83 20.62 -39.41
N PRO KA 62 0.33 23.34 -43.30
CA PRO KA 62 -0.46 24.44 -42.74
C PRO KA 62 -1.74 24.71 -43.54
N PRO KA 63 -2.73 25.38 -42.92
CA PRO KA 63 -3.98 25.70 -43.62
C PRO KA 63 -3.75 26.56 -44.86
N GLU KA 64 -4.63 26.41 -45.86
CA GLU KA 64 -4.56 27.19 -47.08
C GLU KA 64 -5.01 28.64 -46.82
N GLU KA 65 -4.15 29.38 -46.12
CA GLU KA 65 -4.42 30.76 -45.73
C GLU KA 65 -3.21 31.65 -46.03
N GLU KA 66 -3.41 32.64 -46.89
CA GLU KA 66 -2.35 33.57 -47.26
C GLU KA 66 -2.44 34.88 -46.50
N PHE KA 67 -1.47 35.10 -45.61
CA PHE KA 67 -1.39 36.33 -44.83
C PHE KA 67 -0.11 37.11 -45.13
N ILE KA 68 0.02 38.29 -44.54
CA ILE KA 68 1.05 39.25 -44.95
C ILE KA 68 1.97 39.63 -43.80
N GLY KA 70 4.73 42.20 -42.77
CA GLY KA 70 5.33 43.50 -43.08
C GLY KA 70 6.34 43.94 -42.05
N VAL KA 71 7.62 43.85 -42.41
CA VAL KA 71 8.71 44.28 -41.53
C VAL KA 71 8.98 45.77 -41.73
N SER KA 72 8.96 46.52 -40.63
CA SER KA 72 9.18 47.96 -40.68
C SER KA 72 10.26 48.40 -39.68
N LYS KA 73 10.52 49.70 -39.60
CA LYS KA 73 11.62 50.26 -38.83
C LYS KA 73 11.56 50.01 -37.32
N TYR KA 74 10.39 49.63 -36.82
CA TYR KA 74 10.22 49.31 -35.39
C TYR KA 74 9.55 47.94 -35.21
N GLY KA 75 10.29 46.88 -35.49
CA GLY KA 75 9.80 45.52 -35.32
C GLY KA 75 9.12 44.94 -36.54
N ILE KA 76 8.40 43.83 -36.34
CA ILE KA 76 7.66 43.16 -37.40
C ILE KA 76 6.16 43.33 -37.20
N LYS KA 77 5.48 43.77 -38.25
CA LYS KA 77 4.03 43.99 -38.22
C LYS KA 77 3.29 42.90 -38.98
N LEU KA 87 -3.35 41.03 -36.10
CA LEU KA 87 -3.38 39.65 -35.61
C LEU KA 87 -2.15 39.33 -34.75
N HIS KA 88 -0.97 39.74 -35.22
CA HIS KA 88 0.28 39.54 -34.48
C HIS KA 88 1.19 40.72 -34.63
N ARG KA 89 1.53 41.34 -33.50
CA ARG KA 89 2.49 42.45 -33.47
C ARG KA 89 3.71 42.10 -32.64
N HIS KA 90 4.89 42.41 -33.18
CA HIS KA 90 6.15 42.17 -32.47
C HIS KA 90 7.05 43.37 -32.50
N ALA KA 91 7.43 43.83 -31.32
CA ALA KA 91 8.34 44.96 -31.18
C ALA KA 91 9.79 44.51 -31.29
N LEU KA 92 10.61 45.34 -31.95
CA LEU KA 92 12.02 45.04 -32.20
C LEU KA 92 12.81 44.78 -30.91
N TYR KA 93 12.39 45.47 -29.85
CA TYR KA 93 12.98 45.32 -28.51
C TYR KA 93 12.71 43.94 -27.91
N LEU KA 94 11.67 43.26 -28.40
CA LEU KA 94 11.26 41.96 -27.88
C LEU KA 94 11.78 40.78 -28.71
N ILE KA 95 12.13 41.04 -29.97
CA ILE KA 95 12.64 40.00 -30.87
C ILE KA 95 14.09 39.66 -30.51
N ILE KA 96 14.38 38.35 -30.47
CA ILE KA 96 15.72 37.87 -30.12
C ILE KA 96 16.40 37.18 -31.31
N ARG KA 97 15.73 36.20 -31.92
CA ARG KA 97 16.31 35.43 -33.01
C ARG KA 97 15.27 35.00 -34.06
N VAL KA 99 15.01 32.25 -37.36
CA VAL KA 99 15.63 31.12 -38.04
C VAL KA 99 14.77 30.67 -39.23
N CYS KA 100 15.42 30.42 -40.36
CA CYS KA 100 14.74 29.83 -41.53
C CYS KA 100 15.49 28.63 -42.08
N TYR KA 101 14.74 27.63 -42.55
CA TYR KA 101 15.31 26.36 -43.00
C TYR KA 101 14.37 25.59 -43.92
N ASP KA 102 14.95 24.77 -44.80
CA ASP KA 102 14.18 23.86 -45.64
C ASP KA 102 13.53 22.78 -44.79
N ASP KA 103 12.25 22.53 -45.00
CA ASP KA 103 11.50 21.55 -44.22
C ASP KA 103 11.99 20.12 -44.41
N LYS KA 109 10.00 25.09 -49.92
CA LYS KA 109 9.13 25.08 -48.75
C LYS KA 109 9.97 25.24 -47.48
N SER KA 110 9.86 26.39 -46.83
CA SER KA 110 10.66 26.71 -45.65
C SER KA 110 9.82 27.11 -44.44
N LEU KA 111 10.48 27.29 -43.30
CA LEU KA 111 9.80 27.63 -42.04
C LEU KA 111 10.53 28.73 -41.26
N LEU KA 112 9.79 29.74 -40.81
CA LEU KA 112 10.35 30.84 -40.03
C LEU KA 112 9.95 30.76 -38.56
N ALA KA 113 10.91 31.00 -37.68
CA ALA KA 113 10.68 30.97 -36.23
C ALA KA 113 11.10 32.27 -35.58
N LEU KA 114 10.28 32.76 -34.64
CA LEU KA 114 10.56 34.02 -33.94
C LEU KA 114 10.54 33.86 -32.42
N LYS KA 115 11.72 33.60 -31.85
CA LYS KA 115 11.88 33.43 -30.41
C LYS KA 115 11.85 34.78 -29.69
N THR KA 116 10.95 34.89 -28.71
CA THR KA 116 10.85 36.09 -27.87
C THR KA 116 10.96 35.72 -26.40
N GLU KA 123 9.57 34.44 -19.96
CA GLU KA 123 8.59 34.11 -20.99
C GLU KA 123 9.22 34.12 -22.38
N TYR KA 124 9.42 32.93 -22.95
CA TYR KA 124 9.89 32.81 -24.34
C TYR KA 124 8.82 32.17 -25.22
N SER KA 125 8.29 32.97 -26.14
CA SER KA 125 7.31 32.49 -27.12
C SER KA 125 7.90 32.51 -28.52
N LEU KA 126 7.65 31.43 -29.27
CA LEU KA 126 8.08 31.36 -30.67
C LEU KA 126 6.90 31.17 -31.62
N TRP KA 127 7.02 31.77 -32.80
CA TRP KA 127 5.96 31.76 -33.81
C TRP KA 127 6.46 31.17 -35.09
N VAL KA 128 5.74 30.18 -35.60
CA VAL KA 128 6.17 29.44 -36.79
C VAL KA 128 5.38 29.84 -38.03
N TYR KA 129 6.10 30.25 -39.07
CA TYR KA 129 5.50 30.67 -40.35
C TYR KA 129 6.07 29.80 -41.48
N GLN KA 130 5.50 29.95 -42.68
CA GLN KA 130 5.99 29.22 -43.85
C GLN KA 130 6.23 30.10 -45.07
N CYS KA 131 7.30 29.79 -45.81
CA CYS KA 131 7.56 30.37 -47.11
C CYS KA 131 7.61 29.27 -48.17
N ASN KA 132 7.07 29.55 -49.35
CA ASN KA 132 7.04 28.59 -50.45
C ASN KA 132 8.42 28.27 -51.05
N SER KA 133 9.38 29.17 -50.81
CA SER KA 133 10.76 28.96 -51.22
C SER KA 133 11.73 29.22 -50.07
N LEU KA 134 12.97 28.78 -50.23
CA LEU KA 134 14.01 29.00 -49.23
C LEU KA 134 14.63 30.40 -49.36
N GLU KA 135 14.74 30.87 -50.60
CA GLU KA 135 15.31 32.19 -50.90
C GLU KA 135 14.46 33.32 -50.35
N GLN KA 136 13.14 33.15 -50.42
CA GLN KA 136 12.19 34.14 -49.89
C GLN KA 136 12.29 34.25 -48.37
N ALA KA 137 12.53 33.12 -47.72
CA ALA KA 137 12.70 33.06 -46.27
C ALA KA 137 14.00 33.74 -45.84
N GLN KA 138 15.03 33.59 -46.66
CA GLN KA 138 16.33 34.23 -46.43
C GLN KA 138 16.24 35.74 -46.59
N ALA KA 139 15.37 36.17 -47.52
CA ALA KA 139 15.17 37.59 -47.80
C ALA KA 139 14.58 38.36 -46.61
N ILE KA 140 13.65 37.72 -45.90
CA ILE KA 140 13.01 38.32 -44.72
C ILE KA 140 14.03 38.52 -43.60
N CYS KA 141 14.94 37.56 -43.44
CA CYS KA 141 16.02 37.65 -42.45
C CYS KA 141 16.96 38.82 -42.73
N LYS KA 142 17.13 39.14 -44.02
CA LYS KA 142 17.98 40.25 -44.46
C LYS KA 142 17.41 41.62 -44.08
N VAL KA 143 16.08 41.73 -44.12
CA VAL KA 143 15.38 42.98 -43.80
C VAL KA 143 15.54 43.31 -42.30
N LEU KA 144 15.49 42.28 -41.47
CA LEU KA 144 15.71 42.42 -40.03
C LEU KA 144 17.15 42.77 -39.70
N SER KA 145 18.07 42.43 -40.59
CA SER KA 145 19.50 42.65 -40.37
C SER KA 145 19.90 44.13 -40.44
N THR KA 146 19.02 44.96 -40.97
CA THR KA 146 19.22 46.42 -40.99
C THR KA 146 18.21 47.17 -40.12
N ALA KA 147 17.10 46.52 -39.80
CA ALA KA 147 16.10 47.09 -38.90
C ALA KA 147 16.68 47.28 -37.49
N PHE KA 148 17.59 46.39 -37.10
CA PHE KA 148 18.27 46.50 -35.81
C PHE KA 148 19.48 47.43 -35.87
N ASP KA 149 20.26 47.32 -36.94
CA ASP KA 149 21.44 48.17 -37.14
C ASP KA 149 21.04 49.57 -37.64
N SER KA 150 20.14 50.22 -36.91
CA SER KA 150 19.63 51.54 -37.28
C SER KA 150 19.23 52.36 -36.04
N VAL KA 151 18.76 51.67 -35.01
CA VAL KA 151 18.35 52.32 -33.76
C VAL KA 151 19.54 52.82 -32.93
N LEU KA 152 20.70 52.21 -33.14
CA LEU KA 152 21.93 52.59 -32.44
C LEU KA 152 22.57 53.82 -33.07
N LYS LA 1 26.17 26.42 -50.91
CA LYS LA 1 24.79 26.71 -50.43
C LYS LA 1 24.79 27.03 -48.94
N SER LA 2 23.60 27.18 -48.39
CA SER LA 2 23.38 27.30 -46.97
C SER LA 2 21.97 26.79 -46.72
N ALA LA 3 21.85 25.81 -45.83
CA ALA LA 3 20.57 25.18 -45.56
C ALA LA 3 19.82 25.84 -44.41
N VAL LA 4 20.57 26.48 -43.52
CA VAL LA 4 19.98 27.20 -42.38
C VAL LA 4 20.44 28.65 -42.35
N VAL LA 8 19.55 38.18 -35.29
CA VAL LA 8 19.92 38.26 -33.88
C VAL LA 8 19.73 39.68 -33.34
N ASN LA 9 19.15 39.78 -32.14
CA ASN LA 9 18.95 41.05 -31.46
C ASN LA 9 19.40 40.99 -30.00
N PRO LA 10 20.66 41.40 -29.73
CA PRO LA 10 21.24 41.38 -28.38
C PRO LA 10 20.69 42.47 -27.45
N LYS LA 11 21.27 42.57 -26.25
CA LYS LA 11 20.85 43.51 -25.20
C LYS LA 11 19.44 43.24 -24.71
N CYS MA 17 6.27 36.39 -54.40
CA CYS MA 17 5.66 37.75 -54.46
C CYS MA 17 6.06 38.58 -53.24
N ALA MA 18 6.79 39.66 -53.48
CA ALA MA 18 7.30 40.52 -52.42
C ALA MA 18 7.31 41.99 -52.82
N GLU MA 19 7.14 42.86 -51.83
CA GLU MA 19 7.17 44.31 -52.05
C GLU MA 19 8.29 44.98 -51.25
N PHE MA 20 9.00 45.91 -51.90
CA PHE MA 20 10.10 46.63 -51.28
C PHE MA 20 9.99 48.13 -51.54
N ARG MA 21 10.29 48.93 -50.52
CA ARG MA 21 10.25 50.38 -50.64
C ARG MA 21 11.62 50.91 -51.10
N ILE MA 22 11.67 51.38 -52.34
CA ILE MA 22 12.91 51.79 -52.98
C ILE MA 22 12.83 53.20 -53.57
N LYS MA 23 13.99 53.79 -53.88
CA LYS MA 23 14.06 55.10 -54.52
C LYS MA 23 14.56 54.97 -55.96
N TYR MA 24 14.00 55.77 -56.86
CA TYR MA 24 14.40 55.77 -58.26
C TYR MA 24 15.50 56.80 -58.51
N VAL MA 25 16.61 56.34 -59.09
CA VAL MA 25 17.77 57.19 -59.35
C VAL MA 25 17.73 57.77 -60.76
N GLY MA 26 17.59 56.89 -61.76
CA GLY MA 26 17.55 57.29 -63.15
C GLY MA 26 17.70 56.12 -64.11
N ALA MA 27 17.79 56.42 -65.40
CA ALA MA 27 17.89 55.40 -66.44
C ALA MA 27 18.60 55.90 -67.69
N ILE MA 28 19.45 55.04 -68.25
CA ILE MA 28 20.06 55.27 -69.55
C ILE MA 28 19.41 54.33 -70.55
N ILE MA 46 28.19 47.20 -63.69
CA ILE MA 46 29.06 47.69 -62.63
C ILE MA 46 30.01 48.77 -63.17
N ASN MA 47 30.59 48.50 -64.33
CA ASN MA 47 31.56 49.41 -64.96
C ASN MA 47 30.91 50.65 -65.59
N TYR MA 48 29.82 50.44 -66.33
CA TYR MA 48 29.16 51.52 -67.06
C TYR MA 48 28.15 52.33 -66.25
N ILE MA 49 27.85 51.88 -65.04
CA ILE MA 49 26.98 52.64 -64.13
C ILE MA 49 27.76 53.81 -63.54
N ASP MA 50 29.07 53.61 -63.35
CA ASP MA 50 29.95 54.66 -62.89
C ASP MA 50 30.28 55.66 -64.01
N VAL MA 51 30.30 55.17 -65.25
CA VAL MA 51 30.62 55.98 -66.43
C VAL MA 51 29.65 57.15 -66.61
N ALA MA 52 28.35 56.84 -66.57
CA ALA MA 52 27.31 57.85 -66.75
C ALA MA 52 27.29 58.91 -65.64
N GLN MA 53 27.57 58.46 -64.42
CA GLN MA 53 27.62 59.34 -63.25
C GLN MA 53 28.79 60.33 -63.34
N GLN MA 54 29.92 59.86 -63.86
CA GLN MA 54 31.10 60.70 -64.07
C GLN MA 54 30.89 61.67 -65.23
N ASP MA 55 30.05 61.27 -66.19
CA ASP MA 55 29.69 62.12 -67.32
C ASP MA 55 28.64 63.16 -66.91
N GLY MA 56 27.81 62.81 -65.93
CA GLY MA 56 26.76 63.70 -65.44
C GLY MA 56 25.36 63.26 -65.86
N LYS MA 57 25.31 62.22 -66.71
CA LYS MA 57 24.05 61.68 -67.22
C LYS MA 57 23.16 61.11 -66.11
N LEU MA 58 23.78 60.40 -65.17
CA LEU MA 58 23.08 59.85 -64.01
C LEU MA 58 23.40 60.64 -62.74
N PRO MA 59 22.37 60.98 -61.96
CA PRO MA 59 22.59 61.64 -60.67
C PRO MA 59 23.19 60.69 -59.65
N PHE MA 60 24.02 61.24 -58.75
CA PHE MA 60 24.59 60.46 -57.66
C PHE MA 60 23.56 60.24 -56.57
N VAL MA 61 22.76 61.28 -56.31
CA VAL MA 61 21.74 61.25 -55.26
C VAL MA 61 20.34 61.22 -55.89
N PRO MA 62 19.53 60.20 -55.55
CA PRO MA 62 18.18 60.07 -56.08
C PRO MA 62 17.20 61.07 -55.47
N PRO MA 63 16.10 61.40 -56.18
CA PRO MA 63 15.02 62.19 -55.61
C PRO MA 63 14.34 61.49 -54.44
N GLU MA 64 13.76 62.28 -53.54
CA GLU MA 64 13.24 61.79 -52.26
C GLU MA 64 12.06 60.82 -52.37
N GLU MA 65 11.30 60.92 -53.46
CA GLU MA 65 10.09 60.11 -53.61
C GLU MA 65 10.35 58.61 -53.61
N GLU MA 66 9.57 57.90 -52.81
CA GLU MA 66 9.72 56.47 -52.62
C GLU MA 66 8.73 55.71 -53.50
N PHE MA 67 9.22 54.64 -54.12
CA PHE MA 67 8.40 53.78 -54.98
C PHE MA 67 8.30 52.38 -54.41
N ILE MA 68 7.24 51.67 -54.80
CA ILE MA 68 7.01 50.30 -54.35
C ILE MA 68 7.38 49.31 -55.46
N GLY MA 70 7.30 45.77 -56.80
CA GLY MA 70 6.51 44.55 -56.68
C GLY MA 70 6.93 43.47 -57.65
N VAL MA 71 7.69 42.50 -57.15
CA VAL MA 71 8.13 41.37 -57.95
C VAL MA 71 7.09 40.24 -57.87
N SER MA 72 6.79 39.65 -59.03
CA SER MA 72 5.89 38.51 -59.11
C SER MA 72 6.40 37.50 -60.14
N LYS MA 73 5.49 36.71 -60.70
CA LYS MA 73 5.82 35.74 -61.73
C LYS MA 73 5.95 36.41 -63.10
N TYR MA 74 5.19 37.49 -63.28
CA TYR MA 74 5.11 38.20 -64.55
C TYR MA 74 6.28 39.15 -64.78
N GLY MA 75 6.89 39.61 -63.68
CA GLY MA 75 8.04 40.50 -63.73
C GLY MA 75 8.09 41.47 -62.57
N ILE MA 76 8.64 42.66 -62.82
CA ILE MA 76 8.78 43.69 -61.80
C ILE MA 76 7.80 44.83 -62.04
N LYS MA 77 7.16 45.28 -60.96
CA LYS MA 77 6.17 46.35 -61.01
C LYS MA 77 6.59 47.50 -60.10
N VAL MA 78 6.85 48.66 -60.70
CA VAL MA 78 7.23 49.86 -59.96
C VAL MA 78 6.08 50.86 -59.98
N LEU MA 87 5.64 54.64 -64.46
CA LEU MA 87 6.92 55.13 -64.95
C LEU MA 87 7.58 54.13 -65.91
N HIS MA 88 7.65 52.88 -65.47
CA HIS MA 88 8.24 51.79 -66.23
C HIS MA 88 7.73 50.45 -65.75
N ARG MA 89 7.58 49.52 -66.69
CA ARG MA 89 7.20 48.14 -66.36
C ARG MA 89 8.05 47.18 -67.18
N HIS MA 90 8.67 46.23 -66.48
CA HIS MA 90 9.55 45.26 -67.13
C HIS MA 90 9.22 43.84 -66.76
N ALA MA 91 8.99 43.05 -67.81
CA ALA MA 91 8.60 41.65 -67.71
C ALA MA 91 9.78 40.75 -67.37
N LEU MA 92 9.49 39.64 -66.71
CA LEU MA 92 10.51 38.68 -66.28
C LEU MA 92 11.30 38.09 -67.45
N TYR MA 93 10.63 37.95 -68.60
CA TYR MA 93 11.24 37.42 -69.81
C TYR MA 93 12.32 38.33 -70.39
N LEU MA 94 12.14 39.65 -70.25
CA LEU MA 94 13.05 40.63 -70.81
C LEU MA 94 14.29 40.85 -69.95
N ILE MA 95 14.14 40.68 -68.64
CA ILE MA 95 15.22 40.89 -67.68
C ILE MA 95 16.37 39.90 -67.89
N ILE MA 96 17.57 40.43 -68.09
CA ILE MA 96 18.77 39.63 -68.34
C ILE MA 96 19.63 39.48 -67.08
N ARG MA 97 19.99 40.61 -66.49
CA ARG MA 97 20.87 40.64 -65.31
C ARG MA 97 20.49 41.76 -64.34
N VAL MA 99 22.11 43.72 -60.77
CA VAL MA 99 23.30 43.92 -59.93
C VAL MA 99 22.98 44.86 -58.76
N CYS MA 100 23.52 44.54 -57.58
CA CYS MA 100 23.41 45.42 -56.42
C CYS MA 100 24.77 45.58 -55.71
N TYR MA 101 25.06 46.80 -55.28
CA TYR MA 101 26.35 47.13 -54.66
C TYR MA 101 26.28 48.39 -53.79
N ASP MA 102 27.32 48.61 -52.99
CA ASP MA 102 27.43 49.80 -52.13
C ASP MA 102 27.50 51.08 -52.95
N ASP MA 103 26.80 52.12 -52.48
CA ASP MA 103 26.74 53.41 -53.18
C ASP MA 103 28.09 54.11 -53.32
N GLY MA 104 28.97 53.89 -52.34
CA GLY MA 104 30.29 54.52 -52.33
C GLY MA 104 30.32 55.74 -51.44
N LEU MA 105 29.45 55.76 -50.45
CA LEU MA 105 29.36 56.83 -49.46
C LEU MA 105 29.45 56.24 -48.05
N GLY MA 106 28.85 56.92 -47.07
CA GLY MA 106 28.90 56.47 -45.68
C GLY MA 106 27.56 56.35 -44.99
N ALA MA 107 26.73 55.41 -45.46
CA ALA MA 107 25.43 55.12 -44.83
C ALA MA 107 25.00 53.66 -44.99
N GLY MA 108 25.60 52.98 -45.95
CA GLY MA 108 25.21 51.61 -46.28
C GLY MA 108 24.13 51.58 -47.35
N LYS MA 109 23.93 52.73 -48.00
CA LYS MA 109 22.98 52.84 -49.11
C LYS MA 109 23.46 52.03 -50.30
N SER MA 110 22.51 51.52 -51.09
CA SER MA 110 22.87 50.59 -52.16
C SER MA 110 22.23 50.94 -53.50
N LEU MA 111 23.00 50.78 -54.56
CA LEU MA 111 22.52 51.00 -55.92
C LEU MA 111 22.06 49.69 -56.56
N LEU MA 112 20.88 49.73 -57.18
CA LEU MA 112 20.29 48.55 -57.80
C LEU MA 112 20.20 48.75 -59.32
N ALA MA 113 20.92 47.92 -60.07
CA ALA MA 113 20.99 48.05 -61.52
C ALA MA 113 20.23 46.94 -62.25
N LEU MA 114 19.24 47.34 -63.05
CA LEU MA 114 18.45 46.40 -63.85
C LEU MA 114 18.77 46.54 -65.34
N LYS MA 115 18.94 45.39 -66.00
CA LYS MA 115 19.24 45.35 -67.42
C LYS MA 115 18.11 44.70 -68.21
N THR MA 116 17.53 45.45 -69.15
CA THR MA 116 16.45 44.97 -69.99
C THR MA 116 16.77 45.13 -71.47
N THR MA 117 16.14 44.30 -72.30
CA THR MA 117 16.26 44.40 -73.76
C THR MA 117 14.89 44.46 -74.43
N ASP MA 118 14.87 44.97 -75.66
CA ASP MA 118 13.64 45.06 -76.45
C ASP MA 118 13.35 43.76 -77.22
N ALA MA 119 12.18 43.69 -77.83
CA ALA MA 119 11.71 42.49 -78.55
C ALA MA 119 12.52 42.19 -79.81
N SER MA 120 13.02 43.24 -80.46
CA SER MA 120 13.85 43.10 -81.65
C SER MA 120 15.25 42.57 -81.31
N ASN MA 121 15.67 42.80 -80.07
CA ASN MA 121 16.92 42.29 -79.51
C ASN MA 121 18.21 42.86 -80.13
N GLU MA 122 18.35 44.18 -80.03
CA GLU MA 122 19.56 44.87 -80.45
C GLU MA 122 20.01 45.90 -79.42
N GLU MA 123 19.08 46.73 -78.98
CA GLU MA 123 19.35 47.77 -77.99
C GLU MA 123 19.15 47.27 -76.57
N TYR MA 124 19.80 47.92 -75.61
CA TYR MA 124 19.69 47.58 -74.20
C TYR MA 124 19.37 48.80 -73.35
N SER MA 125 18.68 48.57 -72.24
CA SER MA 125 18.31 49.64 -71.31
C SER MA 125 18.78 49.32 -69.89
N LEU MA 126 19.27 50.36 -69.19
CA LEU MA 126 19.70 50.21 -67.80
C LEU MA 126 18.79 51.03 -66.87
N TRP MA 127 18.35 50.39 -65.79
CA TRP MA 127 17.51 51.06 -64.79
C TRP MA 127 18.20 51.05 -63.46
N VAL MA 128 18.37 52.23 -62.87
CA VAL MA 128 19.09 52.37 -61.60
C VAL MA 128 18.13 52.75 -60.46
N TYR MA 129 18.18 51.97 -59.39
CA TYR MA 129 17.37 52.21 -58.20
C TYR MA 129 18.26 52.28 -56.96
N GLN MA 130 17.74 52.86 -55.88
CA GLN MA 130 18.48 52.93 -54.63
C GLN MA 130 17.70 52.28 -53.47
N CYS MA 131 18.41 51.49 -52.67
CA CYS MA 131 17.86 50.87 -51.47
C CYS MA 131 18.51 51.46 -50.23
N ASN MA 132 17.71 51.75 -49.21
CA ASN MA 132 18.21 52.44 -48.01
C ASN MA 132 19.17 51.59 -47.15
N SER MA 133 19.37 50.33 -47.54
CA SER MA 133 20.33 49.45 -46.88
C SER MA 133 20.91 48.41 -47.85
N LEU MA 134 22.05 47.84 -47.47
CA LEU MA 134 22.77 46.87 -48.29
C LEU MA 134 22.04 45.53 -48.39
N GLU MA 135 21.42 45.13 -47.27
CA GLU MA 135 20.83 43.81 -47.14
C GLU MA 135 19.41 43.77 -47.69
N GLN MA 136 18.81 44.95 -47.89
CA GLN MA 136 17.50 45.05 -48.52
C GLN MA 136 17.63 44.87 -50.03
N ALA MA 137 18.72 45.40 -50.59
CA ALA MA 137 19.02 45.25 -52.02
C ALA MA 137 19.33 43.80 -52.36
N GLN MA 138 19.93 43.09 -51.40
CA GLN MA 138 20.24 41.67 -51.55
C GLN MA 138 18.99 40.80 -51.39
N ALA MA 139 17.99 41.34 -50.69
CA ALA MA 139 16.72 40.64 -50.49
C ALA MA 139 15.90 40.56 -51.78
N ILE MA 140 15.97 41.62 -52.59
CA ILE MA 140 15.28 41.69 -53.88
C ILE MA 140 15.93 40.72 -54.89
N CYS MA 141 17.23 40.50 -54.74
CA CYS MA 141 17.97 39.53 -55.54
C CYS MA 141 17.45 38.11 -55.33
N LYS MA 142 17.04 37.82 -54.10
CA LYS MA 142 16.51 36.51 -53.72
C LYS MA 142 15.13 36.25 -54.35
N VAL MA 143 14.32 37.31 -54.42
CA VAL MA 143 12.95 37.21 -54.95
C VAL MA 143 12.93 36.95 -56.45
N LEU MA 144 13.90 37.53 -57.17
CA LEU MA 144 14.08 37.25 -58.60
C LEU MA 144 14.58 35.83 -58.85
N SER MA 145 15.43 35.33 -57.95
CA SER MA 145 15.94 33.96 -58.01
C SER MA 145 14.82 32.94 -57.85
N THR MA 146 13.77 33.35 -57.15
CA THR MA 146 12.56 32.54 -56.99
C THR MA 146 11.76 32.51 -58.30
N ALA MA 147 11.61 33.68 -58.92
CA ALA MA 147 10.80 33.84 -60.13
C ALA MA 147 11.44 33.21 -61.36
N ALA NA 3 29.46 41.85 -50.68
CA ALA NA 3 29.79 43.19 -51.23
C ALA NA 3 28.98 43.49 -52.50
N VAL NA 4 29.16 42.66 -53.51
CA VAL NA 4 28.47 42.81 -54.79
C VAL NA 4 27.82 41.48 -55.19
N THR NA 5 26.50 41.46 -55.24
CA THR NA 5 25.76 40.26 -55.65
C THR NA 5 24.94 40.49 -56.91
N THR NA 6 25.02 39.56 -57.85
CA THR NA 6 24.33 39.65 -59.14
C THR NA 6 23.38 38.48 -59.38
N VAL NA 7 22.38 38.70 -60.23
CA VAL NA 7 21.44 37.66 -60.64
C VAL NA 7 21.44 37.52 -62.16
N VAL NA 8 21.69 36.30 -62.64
CA VAL NA 8 21.67 36.01 -64.08
C VAL NA 8 20.85 34.76 -64.41
N ASN NA 9 20.10 34.84 -65.51
CA ASN NA 9 19.31 33.73 -66.01
C ASN NA 9 19.10 33.86 -67.51
N PRO NA 10 19.55 32.85 -68.29
CA PRO NA 10 19.40 32.88 -69.75
C PRO NA 10 17.96 32.65 -70.17
N LYS OA 1 45.92 13.50 -9.15
CA LYS OA 1 46.46 14.15 -10.38
C LYS OA 1 46.09 15.63 -10.39
N SER OA 2 47.09 16.49 -10.22
CA SER OA 2 46.87 17.94 -10.15
C SER OA 2 46.61 18.56 -11.52
N ALA OA 3 45.70 19.53 -11.56
CA ALA OA 3 45.33 20.21 -12.79
C ALA OA 3 45.72 21.68 -12.78
N VAL OA 4 45.78 22.27 -11.59
CA VAL OA 4 46.17 23.67 -11.41
C VAL OA 4 47.24 23.77 -10.32
N THR OA 5 48.36 24.40 -10.64
CA THR OA 5 49.44 24.66 -9.67
C THR OA 5 49.75 26.15 -9.56
N THR OA 6 50.10 26.58 -8.35
CA THR OA 6 50.30 28.00 -8.06
C THR OA 6 51.52 28.24 -7.16
N VAL OA 7 52.27 29.29 -7.45
CA VAL OA 7 53.38 29.73 -6.61
C VAL OA 7 53.16 31.17 -6.11
N VAL OA 8 53.44 31.41 -4.84
CA VAL OA 8 53.20 32.72 -4.22
C VAL OA 8 54.44 33.32 -3.57
N ASN OA 9 54.49 34.65 -3.55
CA ASN OA 9 55.56 35.40 -2.88
C ASN OA 9 55.38 35.35 -1.36
N PRO OA 10 56.47 35.02 -0.62
CA PRO OA 10 56.40 34.96 0.84
C PRO OA 10 56.53 36.35 1.48
N CYS PA 17 60.11 21.87 -25.03
CA CYS PA 17 61.53 22.31 -25.18
C CYS PA 17 61.92 23.28 -24.07
N ALA PA 18 62.88 22.88 -23.25
CA ALA PA 18 63.31 23.67 -22.10
C ALA PA 18 64.81 23.54 -21.84
N GLU PA 19 65.41 24.61 -21.31
CA GLU PA 19 66.83 24.62 -20.96
C GLU PA 19 67.04 24.86 -19.47
N PHE PA 20 67.96 24.09 -18.89
CA PHE PA 20 68.28 24.19 -17.46
C PHE PA 20 69.79 24.23 -17.25
N ARG PA 21 70.22 25.08 -16.32
CA ARG PA 21 71.64 25.21 -15.99
C ARG PA 21 72.02 24.24 -14.86
N ILE PA 22 72.78 23.21 -15.23
CA ILE PA 22 73.11 22.11 -14.33
C ILE PA 22 74.62 21.84 -14.26
N LYS PA 23 75.04 21.11 -13.24
CA LYS PA 23 76.45 20.71 -13.09
C LYS PA 23 76.61 19.22 -13.32
N TYR PA 24 77.72 18.84 -13.97
CA TYR PA 24 78.02 17.43 -14.24
C TYR PA 24 78.86 16.83 -13.12
N VAL PA 25 78.38 15.72 -12.55
CA VAL PA 25 79.04 15.05 -11.43
C VAL PA 25 79.97 13.94 -11.92
N GLY PA 26 79.42 13.03 -12.72
CA GLY PA 26 80.19 11.91 -13.25
C GLY PA 26 79.30 10.85 -13.87
N ALA PA 27 79.92 9.73 -14.28
CA ALA PA 27 79.21 8.64 -14.94
C ALA PA 27 79.89 7.29 -14.73
N ILE PA 28 79.06 6.28 -14.50
CA ILE PA 28 79.53 4.89 -14.47
C ILE PA 28 79.01 4.21 -15.74
N GLU PA 40 66.84 -1.66 -12.34
CA GLU PA 40 65.53 -1.24 -12.82
C GLU PA 40 64.57 -0.87 -11.68
N GLY PA 41 65.15 -0.35 -10.59
CA GLY PA 41 64.38 0.12 -9.44
C GLY PA 41 64.76 1.54 -9.09
N PRO PA 42 63.77 2.40 -8.79
CA PRO PA 42 64.05 3.83 -8.57
C PRO PA 42 64.82 4.09 -7.28
N LEU PA 43 64.57 3.26 -6.26
CA LEU PA 43 65.27 3.36 -4.98
C LEU PA 43 66.58 2.58 -5.02
N ASP PA 44 66.61 1.52 -5.81
CA ASP PA 44 67.79 0.67 -5.99
C ASP PA 44 68.94 1.44 -6.65
N LEU PA 45 68.60 2.25 -7.65
CA LEU PA 45 69.58 3.07 -8.37
C LEU PA 45 70.21 4.15 -7.48
N ILE PA 46 69.39 4.79 -6.65
CA ILE PA 46 69.88 5.76 -5.67
C ILE PA 46 70.93 5.10 -4.77
N ASN PA 47 70.60 3.90 -4.29
CA ASN PA 47 71.51 3.10 -3.47
C ASN PA 47 72.71 2.53 -4.23
N TYR PA 48 72.82 2.90 -5.51
CA TYR PA 48 74.01 2.58 -6.30
C TYR PA 48 74.91 3.79 -6.50
N ILE PA 49 74.31 4.94 -6.80
CA ILE PA 49 75.05 6.20 -6.92
C ILE PA 49 75.70 6.57 -5.60
N ASP PA 50 74.96 6.39 -4.51
CA ASP PA 50 75.47 6.63 -3.16
C ASP PA 50 76.60 5.66 -2.80
N VAL PA 51 76.40 4.37 -3.11
CA VAL PA 51 77.36 3.33 -2.74
C VAL PA 51 78.61 3.32 -3.64
N ALA PA 52 78.48 3.85 -4.85
CA ALA PA 52 79.61 4.02 -5.76
C ALA PA 52 80.52 5.14 -5.27
N GLN PA 53 79.92 6.12 -4.59
CA GLN PA 53 80.66 7.20 -3.96
C GLN PA 53 81.47 6.70 -2.77
N GLN PA 54 80.96 5.64 -2.13
CA GLN PA 54 81.70 4.95 -1.07
C GLN PA 54 82.89 4.16 -1.61
N ASP PA 55 82.73 3.66 -2.84
CA ASP PA 55 83.82 2.98 -3.55
C ASP PA 55 84.86 3.98 -4.06
N GLY PA 56 84.46 5.25 -4.15
CA GLY PA 56 85.35 6.31 -4.62
C GLY PA 56 85.32 6.51 -6.13
N LYS PA 57 84.41 5.80 -6.79
CA LYS PA 57 84.25 5.89 -8.23
C LYS PA 57 83.58 7.18 -8.67
N LEU PA 58 82.55 7.59 -7.93
CA LEU PA 58 81.85 8.85 -8.19
C LEU PA 58 82.19 9.89 -7.12
N PRO PA 59 82.48 11.13 -7.56
CA PRO PA 59 82.74 12.22 -6.63
C PRO PA 59 81.45 12.67 -5.94
N PHE PA 60 81.58 13.10 -4.69
CA PHE PA 60 80.44 13.65 -3.94
C PHE PA 60 80.14 15.07 -4.41
N VAL PA 61 81.20 15.83 -4.68
CA VAL PA 61 81.08 17.22 -5.11
C VAL PA 61 81.48 17.36 -6.58
N PRO PA 62 80.57 17.91 -7.40
CA PRO PA 62 80.83 18.10 -8.83
C PRO PA 62 81.79 19.26 -9.11
N PRO PA 63 82.49 19.22 -10.27
CA PRO PA 63 83.29 20.36 -10.72
C PRO PA 63 82.42 21.59 -10.97
N GLU PA 64 83.03 22.77 -10.81
CA GLU PA 64 82.33 24.05 -10.90
C GLU PA 64 81.65 24.38 -12.21
N GLU PA 65 82.18 23.83 -13.31
CA GLU PA 65 81.68 24.18 -14.65
C GLU PA 65 80.20 23.83 -14.84
N GLU PA 66 79.46 24.80 -15.37
CA GLU PA 66 78.02 24.67 -15.57
C GLU PA 66 77.72 24.29 -17.01
N PHE PA 67 76.77 23.36 -17.17
CA PHE PA 67 76.35 22.90 -18.48
C PHE PA 67 74.88 23.22 -18.73
N ILE PA 68 74.51 23.31 -20.00
CA ILE PA 68 73.13 23.60 -20.40
C ILE PA 68 72.43 22.32 -20.84
N GLY PA 70 69.46 20.68 -22.52
CA GLY PA 70 68.41 20.99 -23.48
C GLY PA 70 67.57 19.79 -23.86
N VAL PA 71 66.38 19.71 -23.27
CA VAL PA 71 65.43 18.63 -23.56
C VAL PA 71 64.54 19.05 -24.74
N SER PA 72 64.35 18.12 -25.66
CA SER PA 72 63.44 18.32 -26.79
C SER PA 72 62.68 17.03 -27.10
N LYS PA 73 62.24 16.88 -28.35
CA LYS PA 73 61.53 15.68 -28.80
C LYS PA 73 62.51 14.55 -29.09
N TYR PA 74 63.72 14.93 -29.51
CA TYR PA 74 64.75 13.98 -29.94
C TYR PA 74 65.48 13.36 -28.75
N GLY PA 75 65.51 14.06 -27.63
CA GLY PA 75 66.17 13.58 -26.42
C GLY PA 75 66.78 14.71 -25.59
N ILE PA 76 67.87 14.38 -24.89
CA ILE PA 76 68.54 15.35 -24.03
C ILE PA 76 69.87 15.79 -24.65
N LYS PA 77 70.12 17.11 -24.59
CA LYS PA 77 71.32 17.71 -25.15
C LYS PA 77 72.09 18.46 -24.06
N VAL PA 78 73.29 17.98 -23.77
CA VAL PA 78 74.17 18.62 -22.78
C VAL PA 78 75.33 19.30 -23.51
N SER PA 79 75.40 20.63 -23.40
CA SER PA 79 76.40 21.41 -24.13
C SER PA 79 76.84 22.67 -23.38
N THR PA 80 77.97 23.23 -23.80
CA THR PA 80 78.53 24.45 -23.19
C THR PA 80 77.75 25.68 -23.63
N VAL PA 86 79.38 19.96 -26.62
CA VAL PA 86 78.60 18.74 -26.45
C VAL PA 86 79.42 17.69 -25.69
N LEU PA 87 78.86 17.21 -24.59
CA LEU PA 87 79.53 16.20 -23.76
C LEU PA 87 78.88 14.82 -23.89
N HIS PA 88 77.55 14.78 -23.81
CA HIS PA 88 76.81 13.54 -23.93
C HIS PA 88 75.63 13.69 -24.84
N ARG PA 89 75.45 12.72 -25.74
CA ARG PA 89 74.34 12.74 -26.69
C ARG PA 89 73.30 11.69 -26.33
N HIS PA 90 72.21 12.13 -25.73
CA HIS PA 90 71.14 11.25 -25.30
C HIS PA 90 69.97 11.29 -26.25
N ALA PA 91 69.45 10.12 -26.62
CA ALA PA 91 68.21 10.06 -27.37
C ALA PA 91 67.06 9.64 -26.46
N LEU PA 92 65.87 10.17 -26.74
CA LEU PA 92 64.68 9.92 -25.94
C LEU PA 92 64.28 8.43 -25.95
N TYR PA 93 64.58 7.76 -27.05
CA TYR PA 93 64.29 6.33 -27.22
C TYR PA 93 65.11 5.44 -26.29
N LEU PA 94 66.35 5.84 -26.02
CA LEU PA 94 67.27 5.06 -25.19
C LEU PA 94 67.03 5.23 -23.69
N ILE PA 95 66.53 6.40 -23.30
CA ILE PA 95 66.29 6.74 -21.90
C ILE PA 95 65.20 5.84 -21.30
N ILE PA 96 65.54 5.16 -20.20
CA ILE PA 96 64.63 4.24 -19.54
C ILE PA 96 64.00 4.88 -18.29
N ARG PA 97 64.86 5.38 -17.39
CA ARG PA 97 64.40 5.97 -16.13
C ARG PA 97 65.27 7.16 -15.70
N VAL PA 99 65.89 9.72 -12.20
CA VAL PA 99 65.64 9.89 -10.77
C VAL PA 99 66.27 11.19 -10.26
N CYS PA 100 65.57 11.89 -9.37
CA CYS PA 100 66.10 13.08 -8.70
C CYS PA 100 65.83 13.04 -7.20
N TYR PA 101 66.81 13.45 -6.41
CA TYR PA 101 66.71 13.40 -4.94
C TYR PA 101 67.70 14.36 -4.27
N ASP PA 102 67.50 14.58 -2.96
CA ASP PA 102 68.38 15.43 -2.15
C ASP PA 102 69.80 14.90 -2.06
N ASP PA 103 70.78 15.81 -2.10
CA ASP PA 103 72.19 15.46 -2.02
C ASP PA 103 72.57 14.73 -0.72
N GLY PA 104 71.88 15.06 0.36
CA GLY PA 104 72.15 14.49 1.67
C GLY PA 104 73.11 15.33 2.50
N LEU PA 105 73.84 16.22 1.83
CA LEU PA 105 74.93 16.99 2.46
C LEU PA 105 74.43 18.09 3.40
N GLY PA 106 73.52 18.94 2.92
CA GLY PA 106 72.81 19.85 3.83
C GLY PA 106 72.65 21.33 3.49
N ALA PA 107 73.18 21.77 2.35
CA ALA PA 107 73.05 23.17 1.94
C ALA PA 107 72.01 23.35 0.84
N GLY PA 108 71.43 22.23 0.40
CA GLY PA 108 70.32 22.24 -0.56
C GLY PA 108 70.71 22.07 -2.02
N LYS PA 109 71.24 20.89 -2.34
CA LYS PA 109 71.54 20.53 -3.73
C LYS PA 109 70.82 19.24 -4.09
N SER PA 110 70.64 18.98 -5.38
CA SER PA 110 69.96 17.77 -5.84
C SER PA 110 70.76 16.98 -6.86
N LEU PA 111 70.74 15.66 -6.71
CA LEU PA 111 71.40 14.76 -7.66
C LEU PA 111 70.42 14.25 -8.69
N LEU PA 112 70.84 14.28 -9.96
CA LEU PA 112 70.00 13.86 -11.08
C LEU PA 112 70.61 12.64 -11.75
N ALA PA 113 69.89 11.53 -11.71
CA ALA PA 113 70.39 10.26 -12.25
C ALA PA 113 69.67 9.85 -13.53
N LEU PA 114 70.43 9.70 -14.61
CA LEU PA 114 69.91 9.26 -15.89
C LEU PA 114 70.37 7.84 -16.25
N LYS PA 115 69.44 7.03 -16.71
CA LYS PA 115 69.72 5.65 -17.08
C LYS PA 115 69.52 5.44 -18.58
N THR PA 116 70.58 5.02 -19.27
CA THR PA 116 70.54 4.75 -20.71
C THR PA 116 71.03 3.35 -21.03
N THR PA 117 70.58 2.81 -22.17
CA THR PA 117 71.04 1.53 -22.67
C THR PA 117 71.53 1.63 -24.12
N ALA PA 119 72.50 1.67 -27.60
CA ALA PA 119 71.39 1.34 -28.48
C ALA PA 119 71.12 -0.16 -28.54
N SER PA 120 72.19 -0.92 -28.81
CA SER PA 120 72.12 -2.37 -28.93
C SER PA 120 71.92 -3.06 -27.58
N ASN PA 121 71.40 -2.31 -26.60
CA ASN PA 121 70.84 -2.90 -25.39
C ASN PA 121 71.76 -3.96 -24.79
N GLU PA 122 73.00 -3.56 -24.50
CA GLU PA 122 73.98 -4.47 -23.92
C GLU PA 122 74.22 -4.09 -22.46
N GLU PA 123 75.23 -3.27 -22.22
CA GLU PA 123 75.50 -2.75 -20.88
C GLU PA 123 74.79 -1.43 -20.64
N TYR PA 124 74.23 -1.29 -19.44
CA TYR PA 124 73.54 -0.06 -19.04
C TYR PA 124 74.54 1.01 -18.59
N SER PA 125 74.15 2.27 -18.76
CA SER PA 125 74.98 3.40 -18.35
C SER PA 125 74.22 4.34 -17.42
N LEU PA 126 74.92 4.85 -16.41
CA LEU PA 126 74.34 5.83 -15.48
C LEU PA 126 75.02 7.19 -15.61
N TRP PA 127 74.21 8.24 -15.68
CA TRP PA 127 74.72 9.60 -15.78
C TRP PA 127 74.23 10.41 -14.61
N VAL PA 128 75.17 11.00 -13.88
CA VAL PA 128 74.83 11.76 -12.67
C VAL PA 128 75.07 13.26 -12.89
N TYR PA 129 74.04 14.04 -12.60
CA TYR PA 129 74.10 15.51 -12.69
C TYR PA 129 73.66 16.15 -11.38
N GLN PA 130 74.02 17.41 -11.19
CA GLN PA 130 73.62 18.14 -9.99
C GLN PA 130 72.85 19.41 -10.33
N CYS PA 131 71.76 19.64 -9.59
CA CYS PA 131 70.95 20.85 -9.72
C CYS PA 131 71.06 21.68 -8.45
N ASN PA 132 71.21 22.99 -8.61
CA ASN PA 132 71.44 23.89 -7.46
C ASN PA 132 70.24 24.04 -6.51
N SER PA 133 69.12 23.41 -6.87
CA SER PA 133 67.93 23.38 -6.02
C SER PA 133 67.11 22.11 -6.24
N LEU PA 134 66.26 21.79 -5.26
CA LEU PA 134 65.43 20.58 -5.29
C LEU PA 134 64.32 20.66 -6.34
N GLU PA 135 63.76 21.86 -6.48
CA GLU PA 135 62.58 22.08 -7.32
C GLU PA 135 62.95 22.29 -8.78
N GLN PA 136 64.21 22.58 -9.04
CA GLN PA 136 64.72 22.70 -10.40
C GLN PA 136 64.93 21.30 -11.00
N ALA PA 137 65.37 20.37 -10.17
CA ALA PA 137 65.56 18.98 -10.56
C ALA PA 137 64.22 18.31 -10.87
N GLN PA 138 63.19 18.74 -10.15
CA GLN PA 138 61.82 18.25 -10.35
C GLN PA 138 61.19 18.87 -11.60
N ALA PA 139 61.69 20.04 -11.99
CA ALA PA 139 61.22 20.74 -13.19
C ALA PA 139 61.63 20.01 -14.47
N ILE PA 140 62.84 19.44 -14.46
CA ILE PA 140 63.36 18.68 -15.59
C ILE PA 140 62.61 17.36 -15.76
N CYS PA 141 62.12 16.83 -14.64
CA CYS PA 141 61.27 15.63 -14.65
C CYS PA 141 59.97 15.85 -15.40
N LYS PA 142 59.44 17.06 -15.29
CA LYS PA 142 58.20 17.45 -15.97
C LYS PA 142 58.37 17.55 -17.49
N VAL PA 143 59.53 18.05 -17.91
CA VAL PA 143 59.83 18.25 -19.33
C VAL PA 143 59.99 16.92 -20.08
N LEU PA 144 60.54 15.92 -19.40
CA LEU PA 144 60.63 14.56 -19.95
C LEU PA 144 59.27 13.89 -20.03
N SER PA 145 58.41 14.17 -19.05
CA SER PA 145 57.04 13.67 -19.04
C SER PA 145 56.23 14.21 -20.22
N THR PA 146 56.62 15.38 -20.70
CA THR PA 146 56.03 15.98 -21.90
C THR PA 146 56.50 15.26 -23.15
N ALA PA 147 57.80 14.98 -23.21
CA ALA PA 147 58.41 14.35 -24.39
C ALA PA 147 58.02 12.89 -24.55
N PHE PA 148 57.93 12.18 -23.42
CA PHE PA 148 57.54 10.76 -23.42
C PHE PA 148 56.03 10.58 -23.58
N ASP PA 149 55.25 11.41 -22.89
CA ASP PA 149 53.79 11.29 -22.90
C ASP PA 149 53.12 12.49 -23.59
N SER PA 150 53.42 12.66 -24.88
CA SER PA 150 52.73 13.61 -25.76
C SER PA 150 52.87 13.18 -27.21
N VAL PA 151 54.00 12.55 -27.53
CA VAL PA 151 54.23 11.96 -28.85
C VAL PA 151 53.74 10.51 -28.89
N LEU PA 152 53.37 9.99 -27.73
CA LEU PA 152 52.82 8.65 -27.59
C LEU PA 152 51.45 8.55 -28.28
N THR PA 153 50.57 9.49 -27.96
CA THR PA 153 49.21 9.60 -28.53
C THR PA 153 48.58 8.26 -28.91
N LYS QA 1 54.79 16.97 0.27
CA LYS QA 1 56.22 17.38 0.07
C LYS QA 1 56.96 16.24 -0.60
N SER QA 2 57.19 16.36 -1.90
CA SER QA 2 57.91 15.33 -2.64
C SER QA 2 59.41 15.44 -2.40
N ALA QA 3 60.11 14.30 -2.52
CA ALA QA 3 61.56 14.26 -2.33
C ALA QA 3 62.26 13.57 -3.49
N VAL QA 4 61.58 12.57 -4.06
CA VAL QA 4 62.11 11.79 -5.18
C VAL QA 4 61.09 11.77 -6.32
N THR QA 5 61.51 12.25 -7.49
CA THR QA 5 60.66 12.29 -8.68
C THR QA 5 61.30 11.50 -9.81
N THR QA 6 60.52 10.62 -10.43
CA THR QA 6 61.02 9.74 -11.49
C THR QA 6 60.31 9.91 -12.83
N VAL QA 7 61.06 9.72 -13.90
CA VAL QA 7 60.50 9.68 -15.26
C VAL QA 7 60.80 8.32 -15.87
N VAL QA 8 59.75 7.65 -16.34
CA VAL QA 8 59.90 6.29 -16.90
C VAL QA 8 59.46 6.21 -18.35
N ASN QA 9 60.20 5.42 -19.14
CA ASN QA 9 59.79 5.04 -20.47
C ASN QA 9 58.83 3.86 -20.36
N PRO QA 10 57.60 4.02 -20.88
CA PRO QA 10 56.63 2.92 -20.83
C PRO QA 10 57.19 1.62 -21.40
N LYS QA 11 57.47 0.66 -20.51
CA LYS QA 11 57.93 -0.68 -20.86
C LYS QA 11 58.17 -1.50 -19.59
N CYS RA 17 41.14 15.55 10.69
CA CYS RA 17 40.85 14.22 11.32
C CYS RA 17 40.46 13.21 10.25
N ALA RA 18 41.27 12.16 10.11
CA ALA RA 18 41.08 11.15 9.08
C ALA RA 18 41.47 9.75 9.58
N GLU RA 19 40.80 8.73 9.06
CA GLU RA 19 41.10 7.34 9.38
C GLU RA 19 41.53 6.54 8.16
N PHE RA 20 42.57 5.73 8.32
CA PHE RA 20 43.10 4.89 7.24
C PHE RA 20 43.31 3.46 7.72
N ARG RA 21 42.98 2.50 6.85
CA ARG RA 21 43.17 1.09 7.16
C ARG RA 21 44.55 0.63 6.70
N ILE RA 22 45.42 0.37 7.67
CA ILE RA 22 46.82 0.04 7.42
C ILE RA 22 47.26 -1.25 8.11
N LYS RA 23 48.39 -1.79 7.68
CA LYS RA 23 48.98 -2.98 8.30
C LYS RA 23 50.27 -2.63 9.05
N TYR RA 24 50.46 -3.27 10.20
CA TYR RA 24 51.66 -3.05 11.01
C TYR RA 24 52.76 -4.04 10.63
N VAL RA 25 53.93 -3.50 10.31
CA VAL RA 25 55.08 -4.31 9.88
C VAL RA 25 55.99 -4.66 11.06
N GLY RA 26 56.43 -3.63 11.79
CA GLY RA 26 57.31 -3.80 12.92
C GLY RA 26 57.92 -2.49 13.39
N ALA RA 27 58.84 -2.58 14.36
CA ALA RA 27 59.47 -1.40 14.95
C ALA RA 27 60.85 -1.69 15.51
N ILE RA 28 61.78 -0.78 15.27
CA ILE RA 28 63.08 -0.81 15.92
C ILE RA 28 63.08 0.29 16.98
N GLU RA 29 63.16 -0.10 18.24
CA GLU RA 29 63.00 0.83 19.36
C GLU RA 29 64.30 1.00 20.13
N GLU RA 40 67.95 14.62 9.84
CA GLU RA 40 68.77 14.90 8.69
C GLU RA 40 68.65 13.79 7.66
N GLY RA 41 68.32 14.16 6.42
CA GLY RA 41 68.25 13.22 5.30
C GLY RA 41 67.04 12.32 5.36
N PRO RA 42 66.06 12.54 4.46
CA PRO RA 42 64.85 11.72 4.40
C PRO RA 42 65.11 10.33 3.79
N LEU RA 43 66.06 10.25 2.87
CA LEU RA 43 66.41 8.99 2.19
C LEU RA 43 67.22 8.06 3.09
N ASP RA 44 67.85 8.63 4.12
CA ASP RA 44 68.57 7.86 5.12
C ASP RA 44 67.65 6.90 5.87
N LEU RA 45 66.44 7.37 6.16
CA LEU RA 45 65.42 6.58 6.85
C LEU RA 45 64.90 5.42 6.00
N ILE RA 46 64.93 5.58 4.69
CA ILE RA 46 64.58 4.52 3.75
C ILE RA 46 65.68 3.46 3.74
N ASN RA 47 66.93 3.93 3.78
CA ASN RA 47 68.09 3.06 3.88
C ASN RA 47 68.23 2.41 5.26
N TYR RA 48 67.62 3.05 6.26
CA TYR RA 48 67.65 2.55 7.63
C TYR RA 48 66.77 1.31 7.77
N ILE RA 49 65.73 1.23 6.96
CA ILE RA 49 64.83 0.07 6.94
C ILE RA 49 65.36 -1.02 6.03
N ASP RA 50 65.89 -0.64 4.87
CA ASP RA 50 66.48 -1.58 3.92
C ASP RA 50 67.47 -2.52 4.59
N VAL RA 51 68.38 -1.96 5.36
CA VAL RA 51 69.36 -2.73 6.13
C VAL RA 51 68.66 -3.60 7.18
N ALA RA 52 67.72 -2.99 7.89
CA ALA RA 52 67.00 -3.65 8.99
C ALA RA 52 66.27 -4.93 8.57
N GLN RA 53 65.65 -4.89 7.39
CA GLN RA 53 64.95 -6.05 6.85
C GLN RA 53 65.95 -7.09 6.35
N GLN RA 54 66.93 -6.63 5.58
CA GLN RA 54 67.95 -7.49 4.96
C GLN RA 54 68.79 -8.20 6.01
N ASP RA 55 68.91 -7.60 7.19
CA ASP RA 55 69.61 -8.23 8.31
C ASP RA 55 68.70 -9.15 9.13
N GLY RA 56 67.39 -8.96 9.00
CA GLY RA 56 66.41 -9.86 9.62
C GLY RA 56 65.53 -9.27 10.70
N LYS RA 57 66.01 -8.20 11.34
CA LYS RA 57 65.29 -7.55 12.45
C LYS RA 57 63.86 -7.15 12.10
N LEU RA 58 63.68 -6.61 10.90
CA LEU RA 58 62.36 -6.25 10.40
C LEU RA 58 61.87 -7.23 9.32
N PRO RA 59 60.62 -7.68 9.42
CA PRO RA 59 60.03 -8.55 8.40
C PRO RA 59 59.78 -7.78 7.12
N PHE RA 60 59.90 -8.46 5.99
CA PHE RA 60 59.59 -7.87 4.70
C PHE RA 60 58.07 -7.82 4.50
N VAL RA 61 57.39 -8.89 4.94
CA VAL RA 61 55.95 -9.02 4.79
C VAL RA 61 55.26 -8.88 6.15
N PRO RA 62 54.32 -7.92 6.27
CA PRO RA 62 53.61 -7.68 7.52
C PRO RA 62 52.55 -8.76 7.80
N PRO RA 63 52.19 -8.96 9.08
CA PRO RA 63 51.06 -9.82 9.44
C PRO RA 63 49.76 -9.29 8.87
N GLU RA 64 48.82 -10.19 8.60
CA GLU RA 64 47.53 -9.89 7.94
C GLU RA 64 46.62 -8.91 8.68
N GLU RA 65 46.73 -8.86 10.00
CA GLU RA 65 45.81 -8.03 10.80
C GLU RA 65 45.89 -6.55 10.43
N GLU RA 66 44.70 -5.98 10.23
CA GLU RA 66 44.56 -4.59 9.80
C GLU RA 66 44.29 -3.69 10.98
N PHE RA 67 44.95 -2.53 11.00
CA PHE RA 67 44.78 -1.56 12.07
C PHE RA 67 44.22 -0.25 11.52
N ILE RA 68 43.58 0.53 12.40
CA ILE RA 68 43.00 1.80 12.02
C ILE RA 68 43.88 2.96 12.50
N GLY RA 70 44.34 6.67 13.12
CA GLY RA 70 43.53 7.86 13.36
C GLY RA 70 44.38 9.08 13.69
N VAL RA 71 44.55 9.94 12.69
CA VAL RA 71 45.29 11.19 12.87
C VAL RA 71 44.33 12.29 13.32
N SER RA 72 44.77 13.07 14.32
CA SER RA 72 44.01 14.23 14.80
C SER RA 72 44.96 15.38 15.13
N LYS RA 73 44.54 16.25 16.03
CA LYS RA 73 45.37 17.38 16.47
C LYS RA 73 46.37 16.93 17.52
N TYR RA 74 46.01 15.90 18.28
CA TYR RA 74 46.82 15.40 19.40
C TYR RA 74 47.94 14.50 18.94
N GLY RA 75 47.76 13.86 17.78
CA GLY RA 75 48.77 12.98 17.21
C GLY RA 75 48.17 11.82 16.42
N ILE RA 76 48.86 10.69 16.42
CA ILE RA 76 48.43 9.51 15.69
C ILE RA 76 47.92 8.44 16.65
N LYS RA 77 46.79 7.83 16.29
CA LYS RA 77 46.17 6.79 17.10
C LYS RA 77 46.03 5.51 16.29
N VAL RA 78 46.72 4.46 16.74
CA VAL RA 78 46.65 3.15 16.08
C VAL RA 78 45.85 2.19 16.95
N SER RA 79 44.73 1.75 16.40
CA SER RA 79 43.78 0.89 17.11
C SER RA 79 43.42 -0.33 16.25
N THR RA 80 42.99 -1.39 16.91
CA THR RA 80 42.60 -2.64 16.24
C THR RA 80 41.32 -2.49 15.43
N SER RA 81 41.08 -3.46 14.54
CA SER RA 81 39.85 -3.53 13.76
C SER RA 81 38.63 -3.83 14.63
N ASP RA 82 38.89 -4.25 15.87
CA ASP RA 82 37.85 -4.44 16.88
C ASP RA 82 37.65 -3.19 17.72
N GLN RA 83 38.39 -2.12 17.37
CA GLN RA 83 38.28 -0.79 17.99
C GLN RA 83 38.80 -0.69 19.43
N TYR RA 84 38.45 -1.66 20.26
CA TYR RA 84 38.76 -1.62 21.69
C TYR RA 84 40.25 -1.50 22.02
N ASP RA 85 41.07 -2.31 21.37
CA ASP RA 85 42.51 -2.35 21.64
C ASP RA 85 43.26 -1.29 20.84
N VAL RA 86 43.87 -0.35 21.56
CA VAL RA 86 44.70 0.69 20.95
C VAL RA 86 46.16 0.27 21.02
N LEU RA 87 46.79 0.15 19.84
CA LEU RA 87 48.18 -0.28 19.76
C LEU RA 87 49.15 0.85 20.09
N HIS RA 88 49.23 1.86 19.23
CA HIS RA 88 50.17 2.97 19.42
C HIS RA 88 49.52 4.32 19.55
N ARG RA 89 50.18 5.22 20.28
CA ARG RA 89 49.77 6.62 20.40
C ARG RA 89 50.99 7.55 20.27
N HIS RA 90 51.28 7.98 19.04
CA HIS RA 90 52.36 8.92 18.79
C HIS RA 90 51.83 10.32 18.88
N ALA RA 91 52.22 11.07 19.91
CA ALA RA 91 51.81 12.47 20.02
C ALA RA 91 52.43 13.30 18.90
N LEU RA 92 51.69 14.30 18.44
CA LEU RA 92 52.12 15.15 17.33
C LEU RA 92 53.41 15.92 17.64
N TYR RA 93 53.59 16.25 18.91
CA TYR RA 93 54.78 16.96 19.39
C TYR RA 93 56.07 16.14 19.26
N LEU RA 94 55.95 14.83 19.44
CA LEU RA 94 57.12 13.93 19.41
C LEU RA 94 57.55 13.55 18.00
N ILE RA 95 56.59 13.52 17.08
CA ILE RA 95 56.84 13.14 15.69
C ILE RA 95 57.77 14.14 14.99
N ILE RA 96 58.86 13.62 14.44
CA ILE RA 96 59.87 14.45 13.77
C ILE RA 96 59.72 14.38 12.25
N ARG RA 97 59.74 13.16 11.71
CA ARG RA 97 59.67 12.94 10.26
C ARG RA 97 58.87 11.69 9.91
N VAL RA 99 58.06 9.16 6.43
CA VAL RA 99 58.46 8.81 5.06
C VAL RA 99 57.57 7.70 4.50
N CYS RA 100 57.22 7.81 3.21
CA CYS RA 100 56.48 6.75 2.51
C CYS RA 100 57.10 6.47 1.14
N TYR RA 101 57.17 5.20 0.78
CA TYR RA 101 57.80 4.76 -0.47
C TYR RA 101 57.33 3.38 -0.91
N ASP RA 102 57.64 3.03 -2.16
CA ASP RA 102 57.31 1.72 -2.73
C ASP RA 102 57.97 0.56 -2.00
N ASP RA 103 57.21 -0.53 -1.87
CA ASP RA 103 57.69 -1.78 -1.28
C ASP RA 103 58.86 -2.39 -2.07
N GLY RA 104 58.86 -2.15 -3.38
CA GLY RA 104 59.85 -2.75 -4.29
C GLY RA 104 59.58 -4.22 -4.50
N LEU RA 105 58.31 -4.58 -4.62
CA LEU RA 105 57.90 -5.97 -4.78
C LEU RA 105 57.08 -6.19 -6.05
N GLY RA 106 56.44 -5.14 -6.54
CA GLY RA 106 55.63 -5.22 -7.76
C GLY RA 106 54.21 -5.69 -7.50
N ALA RA 107 53.58 -5.12 -6.48
CA ALA RA 107 52.21 -5.44 -6.12
C ALA RA 107 51.39 -4.18 -5.86
N GLY RA 108 52.09 -3.08 -5.58
CA GLY RA 108 51.45 -1.78 -5.33
C GLY RA 108 51.56 -1.30 -3.90
N LYS RA 109 52.04 -2.17 -3.01
CA LYS RA 109 52.15 -1.88 -1.58
C LYS RA 109 53.16 -0.76 -1.29
N SER RA 110 52.99 -0.13 -0.13
CA SER RA 110 53.86 0.97 0.30
C SER RA 110 54.24 0.87 1.76
N LEU RA 111 55.49 1.20 2.06
CA LEU RA 111 56.00 1.20 3.44
C LEU RA 111 55.93 2.59 4.03
N LEU RA 112 55.43 2.67 5.26
CA LEU RA 112 55.25 3.94 5.97
C LEU RA 112 56.15 3.98 7.20
N ALA RA 113 57.09 4.92 7.20
CA ALA RA 113 58.08 5.03 8.28
C ALA RA 113 57.84 6.25 9.17
N LEU RA 114 57.62 5.99 10.45
CA LEU RA 114 57.43 7.05 11.45
C LEU RA 114 58.62 7.15 12.39
N LYS RA 115 59.07 8.38 12.64
CA LYS RA 115 60.20 8.65 13.52
C LYS RA 115 59.76 9.43 14.75
N THR RA 116 59.97 8.85 15.93
CA THR RA 116 59.61 9.48 17.20
C THR RA 116 60.81 9.56 18.14
N THR RA 117 60.76 10.52 19.06
CA THR RA 117 61.79 10.65 20.10
C THR RA 117 61.15 10.73 21.49
N ASP RA 118 61.95 10.43 22.51
CA ASP RA 118 61.51 10.52 23.91
C ASP RA 118 61.23 11.96 24.32
N ALA RA 119 60.79 12.15 25.56
CA ALA RA 119 60.47 13.48 26.10
C ALA RA 119 61.68 14.42 26.10
N SER RA 120 62.87 13.85 26.29
CA SER RA 120 64.10 14.63 26.42
C SER RA 120 64.75 14.94 25.06
N ASN RA 121 64.14 14.42 23.99
CA ASN RA 121 64.73 14.48 22.64
C ASN RA 121 66.09 13.80 22.60
N GLU RA 122 66.11 12.52 22.93
CA GLU RA 122 67.35 11.74 22.97
C GLU RA 122 67.29 10.52 22.05
N GLU RA 123 67.02 9.36 22.63
CA GLU RA 123 67.02 8.10 21.87
C GLU RA 123 65.79 7.97 20.97
N TYR RA 124 66.01 7.49 19.75
CA TYR RA 124 65.01 7.54 18.68
C TYR RA 124 64.34 6.19 18.40
N SER RA 125 63.09 6.25 17.96
CA SER RA 125 62.32 5.05 17.62
C SER RA 125 61.77 5.13 16.20
N LEU RA 126 61.80 4.00 15.51
CA LEU RA 126 61.22 3.91 14.16
C LEU RA 126 60.03 2.97 14.13
N TRP RA 127 58.95 3.42 13.50
CA TRP RA 127 57.73 2.63 13.37
C TRP RA 127 57.44 2.40 11.92
N VAL RA 128 57.30 1.15 11.53
CA VAL RA 128 57.06 0.79 10.12
C VAL RA 128 55.65 0.24 9.92
N TYR RA 129 54.93 0.84 8.96
CA TYR RA 129 53.58 0.42 8.60
C TYR RA 129 53.49 0.15 7.10
N GLN RA 130 52.47 -0.59 6.69
CA GLN RA 130 52.25 -0.87 5.27
C GLN RA 130 50.87 -0.41 4.81
N CYS RA 131 50.84 0.22 3.64
CA CYS RA 131 49.60 0.66 3.01
C CYS RA 131 49.37 -0.14 1.73
N ASN RA 132 48.13 -0.58 1.49
CA ASN RA 132 47.83 -1.45 0.36
C ASN RA 132 47.95 -0.77 -1.02
N SER RA 133 48.24 0.53 -1.01
CA SER RA 133 48.48 1.29 -2.24
C SER RA 133 49.44 2.45 -2.01
N LEU RA 134 50.03 2.94 -3.10
CA LEU RA 134 51.01 4.03 -3.06
C LEU RA 134 50.37 5.37 -2.70
N GLU RA 135 49.16 5.59 -3.21
CA GLU RA 135 48.50 6.88 -3.10
C GLU RA 135 47.74 7.03 -1.78
N GLN RA 136 47.51 5.92 -1.10
CA GLN RA 136 46.91 5.92 0.24
C GLN RA 136 47.95 6.34 1.27
N ALA RA 137 49.19 5.91 1.06
CA ALA RA 137 50.31 6.27 1.93
C ALA RA 137 50.64 7.76 1.81
N GLN RA 138 50.43 8.30 0.61
CA GLN RA 138 50.62 9.72 0.34
C GLN RA 138 49.47 10.56 0.90
N ALA RA 139 48.32 9.93 1.07
CA ALA RA 139 47.14 10.60 1.64
C ALA RA 139 47.32 10.90 3.13
N ILE RA 140 47.98 9.98 3.84
CA ILE RA 140 48.27 10.13 5.27
C ILE RA 140 49.31 11.24 5.50
N CYS RA 141 50.19 11.41 4.52
CA CYS RA 141 51.18 12.49 4.53
C CYS RA 141 50.52 13.87 4.52
N LYS RA 142 49.40 13.96 3.80
CA LYS RA 142 48.63 15.20 3.69
C LYS RA 142 47.94 15.57 5.01
N VAL RA 143 47.45 14.55 5.72
CA VAL RA 143 46.72 14.75 6.98
C VAL RA 143 47.63 15.24 8.09
N LEU RA 144 48.88 14.78 8.09
CA LEU RA 144 49.89 15.29 9.03
C LEU RA 144 50.30 16.72 8.72
N SER RA 145 50.36 17.05 7.43
CA SER RA 145 50.66 18.41 6.97
C SER RA 145 49.59 19.41 7.43
N THR RA 146 48.38 18.90 7.62
CA THR RA 146 47.27 19.69 8.17
C THR RA 146 47.47 19.94 9.66
N ALA RA 147 47.85 18.89 10.38
CA ALA RA 147 48.01 18.93 11.83
C ALA RA 147 49.23 19.77 12.27
N PHE RA 148 50.30 19.71 11.48
CA PHE RA 148 51.53 20.45 11.79
C PHE RA 148 51.38 21.96 11.60
N ASP RA 149 50.51 22.36 10.69
CA ASP RA 149 50.22 23.78 10.45
C ASP RA 149 49.16 24.28 11.42
N SER RA 150 48.36 23.35 11.93
CA SER RA 150 47.25 23.66 12.84
C SER RA 150 47.70 24.24 14.18
N VAL RA 151 48.80 23.70 14.72
CA VAL RA 151 49.31 24.10 16.03
C VAL RA 151 49.82 25.54 16.08
N LEU RA 152 50.36 26.01 14.95
CA LEU RA 152 50.88 27.37 14.85
C LEU RA 152 49.73 28.39 14.70
N LYS SA 1 56.42 12.35 -11.62
CA LYS SA 1 55.87 11.22 -10.82
C LYS SA 1 56.69 11.01 -9.56
N SER SA 2 56.06 11.24 -8.41
CA SER SA 2 56.74 11.14 -7.11
C SER SA 2 56.95 9.70 -6.65
N ALA SA 3 58.03 9.47 -5.92
CA ALA SA 3 58.35 8.14 -5.38
C ALA SA 3 58.50 8.15 -3.87
N VAL SA 4 58.96 9.28 -3.32
CA VAL SA 4 59.13 9.45 -1.88
C VAL SA 4 58.49 10.76 -1.42
N THR SA 5 57.61 10.66 -0.42
CA THR SA 5 56.91 11.82 0.13
C THR SA 5 57.12 11.87 1.65
N THR SA 6 57.68 13.00 2.13
CA THR SA 6 58.05 13.14 3.54
C THR SA 6 57.32 14.29 4.25
N VAL SA 7 57.10 14.11 5.55
CA VAL SA 7 56.51 15.14 6.41
C VAL SA 7 57.50 15.51 7.51
N VAL SA 8 57.76 16.81 7.66
CA VAL SA 8 58.71 17.28 8.67
C VAL SA 8 58.03 18.23 9.66
N ASN SA 9 58.24 17.96 10.94
CA ASN SA 9 57.81 18.85 12.02
C ASN SA 9 58.62 20.14 11.99
N PRO SA 10 57.97 21.29 12.21
CA PRO SA 10 58.69 22.56 12.35
C PRO SA 10 59.58 22.55 13.59
N LYS SA 11 60.79 22.00 13.45
CA LYS SA 11 61.78 21.92 14.52
C LYS SA 11 63.18 21.69 13.97
N THR TA 16 73.34 -24.53 -0.73
CA THR TA 16 72.99 -23.19 -0.19
C THR TA 16 71.69 -22.63 -0.78
N CYS TA 17 71.42 -22.94 -2.05
CA CYS TA 17 70.35 -22.24 -2.76
C CYS TA 17 69.51 -23.16 -3.63
N ALA TA 18 68.19 -23.06 -3.46
CA ALA TA 18 67.23 -23.89 -4.18
C ALA TA 18 65.88 -23.19 -4.33
N GLU TA 19 65.21 -23.45 -5.45
CA GLU TA 19 63.86 -22.92 -5.71
C GLU TA 19 62.86 -24.05 -5.92
N PHE TA 20 61.70 -23.93 -5.27
CA PHE TA 20 60.65 -24.94 -5.33
C PHE TA 20 59.32 -24.34 -5.74
N ARG TA 21 58.57 -25.07 -6.58
CA ARG TA 21 57.23 -24.65 -6.97
C ARG TA 21 56.21 -25.21 -5.98
N ILE TA 22 55.45 -24.31 -5.37
CA ILE TA 22 54.48 -24.67 -4.33
C ILE TA 22 53.18 -23.88 -4.44
N LYS TA 23 52.16 -24.30 -3.68
CA LYS TA 23 50.91 -23.57 -3.57
C LYS TA 23 50.74 -23.04 -2.15
N TYR TA 24 49.97 -21.97 -1.99
CA TYR TA 24 49.80 -21.31 -0.70
C TYR TA 24 48.40 -21.49 -0.13
N VAL TA 25 48.31 -22.28 0.95
CA VAL TA 25 47.03 -22.62 1.58
C VAL TA 25 46.45 -21.44 2.37
N GLY TA 26 47.31 -20.78 3.16
CA GLY TA 26 46.90 -19.66 3.99
C GLY TA 26 47.80 -19.48 5.20
N ALA TA 27 47.37 -18.66 6.15
CA ALA TA 27 48.15 -18.38 7.35
C ALA TA 27 47.29 -18.11 8.58
N ILE TA 28 47.83 -18.43 9.76
CA ILE TA 28 47.23 -18.04 11.03
C ILE TA 28 48.07 -16.93 11.64
N GLU TA 29 47.47 -15.76 11.77
CA GLU TA 29 48.19 -14.53 12.08
C GLU TA 29 48.59 -14.38 13.53
N GLU TA 40 55.46 -24.58 20.58
CA GLU TA 40 56.17 -25.61 21.33
C GLU TA 40 55.68 -27.00 20.92
N GLY TA 41 56.60 -27.82 20.42
CA GLY TA 41 56.28 -29.17 19.98
C GLY TA 41 56.36 -29.32 18.47
N LEU TA 43 54.34 -32.12 16.68
CA LEU TA 43 52.97 -32.57 16.42
C LEU TA 43 51.91 -31.52 16.77
N ASP TA 44 52.25 -30.64 17.70
CA ASP TA 44 51.35 -29.58 18.14
C ASP TA 44 51.01 -28.59 17.03
N LEU TA 45 51.95 -28.44 16.10
CA LEU TA 45 51.77 -27.65 14.88
C LEU TA 45 50.72 -28.27 13.96
N ILE TA 46 50.87 -29.56 13.69
CA ILE TA 46 49.94 -30.32 12.84
C ILE TA 46 48.52 -30.27 13.40
N ASN TA 47 48.42 -30.46 14.71
CA ASN TA 47 47.13 -30.48 15.41
C ASN TA 47 46.38 -29.15 15.30
N TYR TA 48 47.11 -28.04 15.41
CA TYR TA 48 46.53 -26.70 15.33
C TYR TA 48 45.99 -26.38 13.94
N ILE TA 49 46.70 -26.86 12.92
CA ILE TA 49 46.28 -26.67 11.52
C ILE TA 49 45.03 -27.50 11.22
N ASP TA 50 44.96 -28.71 11.79
CA ASP TA 50 43.77 -29.54 11.67
C ASP TA 50 42.54 -28.85 12.27
N VAL TA 51 42.73 -28.16 13.40
CA VAL TA 51 41.67 -27.39 14.05
C VAL TA 51 41.27 -26.18 13.20
N ALA TA 52 42.26 -25.46 12.70
CA ALA TA 52 42.04 -24.25 11.89
C ALA TA 52 41.31 -24.54 10.58
N GLN TA 53 41.56 -25.72 10.01
CA GLN TA 53 40.89 -26.15 8.78
C GLN TA 53 39.43 -26.53 9.06
N GLN TA 54 39.18 -27.14 10.21
CA GLN TA 54 37.84 -27.60 10.61
C GLN TA 54 36.89 -26.44 10.98
N ASP TA 55 37.42 -25.22 11.01
CA ASP TA 55 36.63 -24.04 11.39
C ASP TA 55 36.38 -23.08 10.23
N GLY TA 56 37.23 -23.17 9.20
CA GLY TA 56 37.10 -22.31 8.04
C GLY TA 56 38.04 -21.12 8.03
N LYS TA 57 38.93 -21.07 9.03
CA LYS TA 57 40.00 -20.06 9.08
C LYS TA 57 40.99 -20.29 7.93
N LEU TA 58 41.29 -21.57 7.68
CA LEU TA 58 42.12 -21.97 6.56
C LEU TA 58 41.41 -23.04 5.72
N PRO TA 59 41.50 -22.92 4.38
CA PRO TA 59 40.87 -23.91 3.50
C PRO TA 59 41.62 -25.23 3.47
N PHE TA 60 40.93 -26.29 3.05
CA PHE TA 60 41.54 -27.59 2.79
C PHE TA 60 42.23 -27.59 1.44
N VAL TA 61 41.91 -26.60 0.62
CA VAL TA 61 42.46 -26.48 -0.73
C VAL TA 61 42.89 -25.02 -0.98
N PRO TA 62 44.19 -24.80 -1.25
CA PRO TA 62 44.75 -23.50 -1.61
C PRO TA 62 44.19 -22.94 -2.93
N PRO TA 63 44.47 -21.67 -3.25
CA PRO TA 63 44.19 -21.22 -4.61
C PRO TA 63 45.17 -21.80 -5.63
N GLU TA 64 44.78 -21.76 -6.90
CA GLU TA 64 45.53 -22.40 -7.98
C GLU TA 64 46.88 -21.77 -8.27
N GLU TA 65 47.03 -20.50 -7.89
CA GLU TA 65 48.26 -19.75 -8.12
C GLU TA 65 49.48 -20.53 -7.65
N GLU TA 66 50.37 -20.81 -8.60
CA GLU TA 66 51.64 -21.46 -8.28
C GLU TA 66 52.66 -20.40 -7.86
N PHE TA 67 53.38 -20.70 -6.79
CA PHE TA 67 54.38 -19.78 -6.25
C PHE TA 67 55.75 -20.45 -6.21
N ILE TA 68 56.79 -19.62 -6.18
CA ILE TA 68 58.16 -20.12 -6.12
C ILE TA 68 58.76 -19.87 -4.73
N GLY TA 70 61.99 -19.92 -2.61
CA GLY TA 70 63.44 -19.91 -2.66
C GLY TA 70 64.06 -20.04 -1.28
N VAL TA 71 64.97 -21.00 -1.14
CA VAL TA 71 65.68 -21.22 0.12
C VAL TA 71 67.13 -20.79 -0.04
N SER TA 72 67.62 -20.00 0.92
CA SER TA 72 69.00 -19.51 0.92
C SER TA 72 69.58 -19.48 2.33
N LYS TA 73 70.80 -18.95 2.45
CA LYS TA 73 71.46 -18.79 3.75
C LYS TA 73 70.95 -17.55 4.48
N TYR TA 74 70.23 -16.69 3.76
CA TYR TA 74 69.63 -15.49 4.33
C TYR TA 74 68.24 -15.78 4.89
N GLY TA 75 67.54 -16.75 4.30
CA GLY TA 75 66.20 -17.14 4.74
C GLY TA 75 65.36 -17.75 3.63
N ILE TA 76 64.05 -17.84 3.86
CA ILE TA 76 63.12 -18.36 2.86
C ILE TA 76 62.41 -17.21 2.15
N LYS TA 77 62.44 -17.22 0.82
CA LYS TA 77 61.74 -16.22 0.02
C LYS TA 77 60.63 -16.87 -0.81
N VAL TA 78 59.44 -16.28 -0.76
CA VAL TA 78 58.30 -16.76 -1.55
C VAL TA 78 57.90 -15.71 -2.59
N SER TA 79 57.83 -16.13 -3.85
CA SER TA 79 57.54 -15.24 -4.97
C SER TA 79 56.54 -15.85 -5.95
N THR TA 80 56.04 -15.02 -6.87
CA THR TA 80 55.12 -15.49 -7.91
C THR TA 80 55.88 -16.20 -9.03
N SER TA 81 55.13 -16.89 -9.89
CA SER TA 81 55.68 -17.67 -11.00
C SER TA 81 56.55 -16.87 -11.97
N ASP TA 82 56.21 -15.61 -12.17
CA ASP TA 82 56.91 -14.73 -13.11
C ASP TA 82 58.05 -13.92 -12.50
N GLN TA 83 58.44 -14.27 -11.26
CA GLN TA 83 59.54 -13.63 -10.52
C GLN TA 83 59.30 -12.18 -10.09
N TYR TA 84 58.48 -11.45 -10.86
CA TYR TA 84 58.29 -10.01 -10.66
C TYR TA 84 57.31 -9.63 -9.53
N ASP TA 85 57.16 -10.53 -8.55
CA ASP TA 85 56.35 -10.25 -7.36
C ASP TA 85 56.73 -11.15 -6.19
N VAL TA 86 56.82 -10.57 -4.99
CA VAL TA 86 57.24 -11.28 -3.78
C VAL TA 86 56.08 -11.42 -2.80
N LEU TA 87 55.80 -12.65 -2.38
CA LEU TA 87 54.68 -12.94 -1.49
C LEU TA 87 55.06 -12.84 -0.01
N HIS TA 88 56.08 -13.58 0.39
CA HIS TA 88 56.52 -13.66 1.78
C HIS TA 88 58.01 -13.70 1.92
N ARG TA 89 58.51 -13.20 3.05
CA ARG TA 89 59.93 -13.26 3.38
C ARG TA 89 60.15 -13.66 4.83
N HIS TA 90 60.50 -14.92 5.04
CA HIS TA 90 60.74 -15.45 6.37
C HIS TA 90 62.21 -15.47 6.66
N ALA TA 91 62.61 -14.64 7.62
CA ALA TA 91 64.01 -14.54 8.04
C ALA TA 91 64.44 -15.80 8.77
N LEU TA 92 65.65 -16.28 8.46
CA LEU TA 92 66.21 -17.50 9.06
C LEU TA 92 66.31 -17.39 10.58
N TYR TA 93 66.57 -16.18 11.07
CA TYR TA 93 66.73 -15.91 12.49
C TYR TA 93 65.42 -16.06 13.25
N LEU TA 94 64.30 -15.82 12.55
CA LEU TA 94 62.97 -15.82 13.17
C LEU TA 94 62.18 -17.11 12.93
N ILE TA 95 62.71 -18.00 12.08
CA ILE TA 95 62.12 -19.31 11.84
C ILE TA 95 62.47 -20.26 12.99
N ILE TA 96 61.44 -20.85 13.58
CA ILE TA 96 61.62 -21.78 14.69
C ILE TA 96 61.52 -23.24 14.25
N ARG TA 97 60.42 -23.59 13.59
CA ARG TA 97 60.17 -24.97 13.20
C ARG TA 97 59.43 -25.07 11.86
N VAL TA 99 57.48 -27.96 9.47
CA VAL TA 99 56.88 -29.30 9.49
C VAL TA 99 56.20 -29.58 8.15
N CYS TA 100 56.47 -30.76 7.60
CA CYS TA 100 55.78 -31.21 6.39
C CYS TA 100 55.18 -32.61 6.56
N TYR TA 101 53.93 -32.75 6.15
CA TYR TA 101 53.20 -34.01 6.30
C TYR TA 101 52.16 -34.21 5.20
N ASP TA 102 51.90 -35.47 4.86
CA ASP TA 102 50.87 -35.84 3.90
C ASP TA 102 49.50 -35.60 4.52
N ASP TA 103 48.66 -34.84 3.80
CA ASP TA 103 47.32 -34.50 4.28
C ASP TA 103 46.36 -35.69 4.29
N GLY TA 104 46.58 -36.63 3.38
CA GLY TA 104 45.70 -37.77 3.20
C GLY TA 104 44.43 -37.43 2.44
N LEU TA 105 44.53 -36.42 1.56
CA LEU TA 105 43.42 -36.04 0.69
C LEU TA 105 43.28 -36.97 -0.50
N GLY TA 106 44.38 -37.59 -0.92
CA GLY TA 106 44.35 -38.62 -1.94
C GLY TA 106 45.46 -38.62 -2.96
N ALA TA 107 45.51 -37.56 -3.76
CA ALA TA 107 46.44 -37.45 -4.90
C ALA TA 107 47.91 -37.41 -4.49
N GLY TA 108 48.17 -37.57 -3.20
CA GLY TA 108 49.53 -37.55 -2.67
C GLY TA 108 50.01 -36.13 -2.43
N LYS TA 109 49.10 -35.25 -2.04
CA LYS TA 109 49.46 -33.88 -1.71
C LYS TA 109 49.91 -33.80 -0.26
N SER TA 110 50.80 -32.85 0.02
CA SER TA 110 51.32 -32.68 1.37
C SER TA 110 51.30 -31.21 1.81
N LEU TA 111 51.12 -31.00 3.11
CA LEU TA 111 51.05 -29.66 3.69
C LEU TA 111 52.38 -29.25 4.32
N LEU TA 112 52.78 -28.01 4.06
CA LEU TA 112 54.05 -27.48 4.54
C LEU TA 112 53.84 -26.33 5.53
N ALA TA 113 54.18 -26.55 6.78
CA ALA TA 113 53.93 -25.59 7.85
C ALA TA 113 55.19 -24.89 8.34
N LEU TA 114 55.13 -23.57 8.44
CA LEU TA 114 56.23 -22.77 8.95
C LEU TA 114 55.81 -21.96 10.18
N LYS TA 115 56.47 -22.23 11.30
CA LYS TA 115 56.25 -21.50 12.54
C LYS TA 115 57.31 -20.39 12.68
N THR TA 116 56.87 -19.14 12.57
CA THR TA 116 57.76 -17.99 12.68
C THR TA 116 57.36 -17.09 13.85
N THR TA 117 58.22 -16.13 14.18
CA THR TA 117 57.97 -15.20 15.28
C THR TA 117 58.37 -13.76 14.91
N ASP TA 118 58.22 -12.86 15.88
CA ASP TA 118 58.65 -11.47 15.76
C ASP TA 118 60.01 -11.24 16.44
N ALA TA 119 60.54 -10.02 16.32
CA ALA TA 119 61.83 -9.65 16.89
C ALA TA 119 61.83 -9.67 18.42
N SER TA 120 60.73 -9.21 19.02
CA SER TA 120 60.56 -9.23 20.48
C SER TA 120 60.28 -10.63 21.00
N ASN TA 121 59.89 -11.52 20.08
CA ASN TA 121 59.55 -12.92 20.38
C ASN TA 121 58.40 -13.05 21.39
N GLU TA 122 57.32 -12.32 21.12
CA GLU TA 122 56.13 -12.36 21.97
C GLU TA 122 54.96 -13.03 21.25
N GLU TA 123 55.00 -12.99 19.92
CA GLU TA 123 53.95 -13.57 19.09
C GLU TA 123 54.49 -14.58 18.08
N TYR TA 124 53.65 -15.54 17.73
CA TYR TA 124 54.00 -16.57 16.74
C TYR TA 124 53.05 -16.55 15.55
N SER TA 125 53.56 -16.91 14.38
CA SER TA 125 52.75 -16.96 13.16
C SER TA 125 52.97 -18.27 12.40
N LEU TA 126 51.89 -18.87 11.93
CA LEU TA 126 51.94 -20.11 11.17
C LEU TA 126 51.62 -19.88 9.70
N TRP TA 127 52.49 -20.38 8.82
CA TRP TA 127 52.30 -20.25 7.38
C TRP TA 127 52.19 -21.61 6.75
N VAL TA 128 51.05 -21.86 6.11
CA VAL TA 128 50.76 -23.17 5.55
C VAL TA 128 50.86 -23.16 4.02
N TYR TA 129 51.63 -24.09 3.49
CA TYR TA 129 51.84 -24.24 2.05
C TYR TA 129 51.47 -25.66 1.61
N GLN TA 130 51.33 -25.86 0.31
CA GLN TA 130 51.05 -27.19 -0.24
C GLN TA 130 52.08 -27.61 -1.29
N CYS TA 131 52.63 -28.80 -1.09
CA CYS TA 131 53.52 -29.43 -2.07
C CYS TA 131 52.78 -30.61 -2.69
N ASN TA 132 53.00 -30.83 -3.99
CA ASN TA 132 52.30 -31.87 -4.73
C ASN TA 132 52.75 -33.30 -4.40
N SER TA 133 53.75 -33.41 -3.51
CA SER TA 133 54.22 -34.71 -3.01
C SER TA 133 54.96 -34.55 -1.70
N LEU TA 134 54.95 -35.62 -0.89
CA LEU TA 134 55.67 -35.66 0.39
C LEU TA 134 57.18 -35.59 0.17
N GLU TA 135 57.65 -36.23 -0.90
CA GLU TA 135 59.07 -36.26 -1.24
C GLU TA 135 59.62 -34.87 -1.52
N GLN TA 136 58.84 -34.05 -2.25
CA GLN TA 136 59.23 -32.68 -2.55
C GLN TA 136 59.22 -31.81 -1.29
N ALA TA 137 58.24 -32.07 -0.42
CA ALA TA 137 58.10 -31.36 0.85
C ALA TA 137 59.27 -31.65 1.78
N GLN TA 138 59.76 -32.89 1.75
CA GLN TA 138 60.91 -33.30 2.54
C GLN TA 138 62.20 -32.71 1.98
N ALA TA 139 62.23 -32.51 0.67
CA ALA TA 139 63.39 -31.91 -0.02
C ALA TA 139 63.66 -30.50 0.47
N ILE TA 140 62.59 -29.71 0.63
CA ILE TA 140 62.71 -28.32 1.09
C ILE TA 140 63.20 -28.28 2.55
N CYS TA 141 62.74 -29.23 3.36
CA CYS TA 141 63.19 -29.37 4.74
C CYS TA 141 64.69 -29.64 4.81
N LYS TA 142 65.17 -30.50 3.91
CA LYS TA 142 66.59 -30.85 3.80
C LYS TA 142 67.46 -29.62 3.51
N VAL TA 143 67.02 -28.80 2.56
CA VAL TA 143 67.74 -27.58 2.18
C VAL TA 143 67.72 -26.55 3.31
N LEU TA 144 66.62 -26.51 4.07
CA LEU TA 144 66.52 -25.62 5.22
C LEU TA 144 67.44 -26.07 6.34
N SER TA 145 67.52 -27.39 6.56
CA SER TA 145 68.41 -27.96 7.57
C SER TA 145 69.87 -27.57 7.34
N THR TA 146 70.26 -27.50 6.07
CA THR TA 146 71.58 -27.04 5.66
C THR TA 146 71.82 -25.60 6.10
N ALA TA 147 70.84 -24.73 5.79
CA ALA TA 147 70.91 -23.31 6.12
C ALA TA 147 71.09 -23.06 7.62
N PHE TA 148 70.48 -23.92 8.43
CA PHE TA 148 70.61 -23.84 9.89
C PHE TA 148 71.94 -24.40 10.37
N ASP TA 149 72.50 -25.36 9.63
CA ASP TA 149 73.78 -25.97 9.97
C ASP TA 149 74.98 -25.12 9.56
N SER TA 150 74.79 -24.26 8.56
CA SER TA 150 75.87 -23.46 8.00
C SER TA 150 76.08 -22.12 8.71
N VAL TA 151 75.21 -21.80 9.67
CA VAL TA 151 75.28 -20.53 10.38
C VAL TA 151 75.87 -20.65 11.80
N LEU TA 152 75.75 -21.84 12.39
CA LEU TA 152 76.32 -22.10 13.71
C LEU TA 152 77.77 -22.58 13.60
N THR TA 153 78.70 -21.64 13.80
CA THR TA 153 80.16 -21.89 13.79
C THR TA 153 80.60 -23.08 12.93
N LYS UA 1 58.89 -45.12 5.31
CA LYS UA 1 58.29 -43.80 4.99
C LYS UA 1 58.13 -42.97 6.26
N SER UA 2 58.17 -41.65 6.12
CA SER UA 2 57.95 -40.76 7.26
C SER UA 2 56.68 -39.94 7.03
N ALA UA 3 55.76 -40.01 7.99
CA ALA UA 3 54.48 -39.33 7.87
C ALA UA 3 54.63 -37.82 8.10
N VAL UA 4 55.43 -37.44 9.09
CA VAL UA 4 55.76 -36.04 9.36
C VAL UA 4 57.26 -35.88 9.59
N THR UA 5 57.77 -34.67 9.39
CA THR UA 5 59.19 -34.35 9.61
C THR UA 5 59.42 -32.88 9.99
N THR UA 6 60.39 -32.66 10.88
CA THR UA 6 60.63 -31.35 11.47
C THR UA 6 62.07 -30.85 11.30
N VAL UA 7 62.21 -29.54 11.09
CA VAL UA 7 63.51 -28.87 11.14
C VAL UA 7 63.54 -27.92 12.34
N VAL UA 8 64.37 -28.26 13.32
CA VAL UA 8 64.42 -27.54 14.60
C VAL UA 8 65.25 -26.26 14.53
N ASN UA 9 65.00 -25.37 15.51
CA ASN UA 9 65.80 -24.16 15.67
C ASN UA 9 66.86 -24.32 16.77
N PRO UA 10 68.15 -24.22 16.39
CA PRO UA 10 69.23 -24.20 17.36
C PRO UA 10 69.53 -22.78 17.84
N CYS VA 17 64.38 -61.78 14.27
CA CYS VA 17 63.81 -61.50 15.62
C CYS VA 17 64.42 -60.27 16.26
N ALA VA 18 63.57 -59.48 16.92
CA ALA VA 18 64.00 -58.28 17.64
C ALA VA 18 63.10 -58.01 18.85
N GLU VA 19 63.73 -57.65 19.96
CA GLU VA 19 63.01 -57.41 21.21
C GLU VA 19 63.06 -55.95 21.63
N PHE VA 20 61.96 -55.46 22.20
CA PHE VA 20 61.88 -54.09 22.70
C PHE VA 20 61.16 -54.03 24.04
N ARG VA 21 61.62 -53.15 24.92
CA ARG VA 21 60.94 -52.91 26.20
C ARG VA 21 59.73 -52.02 25.97
N ILE VA 22 58.56 -52.52 26.37
CA ILE VA 22 57.30 -51.82 26.11
C ILE VA 22 56.38 -51.76 27.34
N LYS VA 23 55.40 -50.86 27.27
CA LYS VA 23 54.36 -50.74 28.28
C LYS VA 23 52.99 -51.03 27.63
N TYR VA 24 51.92 -50.77 28.36
CA TYR VA 24 50.56 -50.95 27.82
C TYR VA 24 49.61 -49.86 28.33
N VAL VA 25 49.37 -48.87 27.47
CA VAL VA 25 48.59 -47.68 27.83
C VAL VA 25 47.09 -47.99 27.91
N GLY VA 26 46.55 -48.52 26.81
CA GLY VA 26 45.13 -48.84 26.72
C GLY VA 26 44.81 -49.79 25.58
N ALA VA 27 43.57 -50.26 25.55
CA ALA VA 27 43.12 -51.20 24.53
C ALA VA 27 41.66 -50.95 24.14
N ILE VA 28 41.42 -50.86 22.84
CA ILE VA 28 40.07 -50.72 22.29
C ILE VA 28 39.93 -51.44 20.94
N LEU VA 39 40.18 -41.47 11.26
CA LEU VA 39 40.31 -42.87 11.63
C LEU VA 39 40.90 -43.70 10.48
N GLU VA 40 40.83 -43.13 9.27
CA GLU VA 40 41.27 -43.83 8.05
C GLU VA 40 42.62 -43.31 7.56
N GLY VA 41 43.67 -43.54 8.35
CA GLY VA 41 45.02 -43.11 8.00
C GLY VA 41 45.94 -42.93 9.20
N PRO VA 42 47.21 -42.55 8.94
CA PRO VA 42 48.21 -42.35 9.99
C PRO VA 42 47.90 -41.15 10.89
N LEU VA 43 47.70 -39.98 10.28
CA LEU VA 43 47.36 -38.77 11.02
C LEU VA 43 45.87 -38.74 11.37
N ASP VA 44 45.08 -39.52 10.64
CA ASP VA 44 43.68 -39.75 10.96
C ASP VA 44 43.55 -40.55 12.26
N LEU VA 45 44.62 -41.26 12.61
CA LEU VA 45 44.71 -42.00 13.86
C LEU VA 45 45.31 -41.12 14.97
N ILE VA 46 46.06 -40.10 14.57
CA ILE VA 46 46.72 -39.19 15.51
C ILE VA 46 45.70 -38.32 16.26
N ASN VA 47 44.53 -38.12 15.64
CA ASN VA 47 43.43 -37.37 16.25
C ASN VA 47 42.75 -38.18 17.36
N TYR VA 48 42.76 -39.51 17.23
CA TYR VA 48 42.27 -40.39 18.27
C TYR VA 48 43.34 -40.57 19.36
N ILE VA 49 43.06 -41.44 20.32
CA ILE VA 49 43.91 -41.63 21.52
C ILE VA 49 43.78 -40.43 22.47
N ASP VA 50 43.87 -39.22 21.91
CA ASP VA 50 43.60 -37.99 22.64
C ASP VA 50 42.12 -37.90 23.03
N VAL VA 51 41.26 -38.50 22.20
CA VAL VA 51 39.83 -38.62 22.49
C VAL VA 51 39.63 -39.55 23.69
N ALA VA 52 40.40 -40.63 23.73
CA ALA VA 52 40.36 -41.57 24.85
C ALA VA 52 40.97 -40.96 26.11
N GLN VA 53 41.98 -40.12 25.93
CA GLN VA 53 42.64 -39.42 27.04
C GLN VA 53 41.84 -38.18 27.43
N PRO VA 59 43.16 -43.21 29.83
CA PRO VA 59 44.19 -43.83 29.01
C PRO VA 59 45.43 -42.95 28.85
N PHE VA 60 45.71 -42.13 29.86
CA PHE VA 60 46.81 -41.16 29.81
C PHE VA 60 48.20 -41.79 29.98
N VAL VA 61 48.43 -42.41 31.13
CA VAL VA 61 49.76 -42.91 31.50
C VAL VA 61 49.78 -44.44 31.67
N PRO VA 62 50.68 -45.12 30.93
CA PRO VA 62 50.89 -46.57 31.06
C PRO VA 62 51.67 -46.97 32.31
N PRO VA 63 51.37 -48.16 32.88
CA PRO VA 63 52.09 -48.63 34.06
C PRO VA 63 53.44 -49.29 33.71
N GLY VA 70 58.46 -59.44 20.84
CA GLY VA 70 59.19 -60.15 19.81
C GLY VA 70 58.57 -60.00 18.43
N VAL VA 71 59.33 -59.41 17.51
CA VAL VA 71 58.89 -59.22 16.13
C VAL VA 71 59.29 -60.43 15.29
N SER VA 72 58.28 -61.09 14.71
CA SER VA 72 58.49 -62.27 13.88
C SER VA 72 59.04 -61.91 12.50
N GLY VA 75 53.73 -62.29 14.01
CA GLY VA 75 54.07 -60.91 13.69
C GLY VA 75 54.66 -60.16 14.87
N ILE VA 76 53.85 -60.00 15.91
CA ILE VA 76 54.29 -59.34 17.15
C ILE VA 76 53.88 -60.19 18.35
N LYS VA 77 54.87 -60.55 19.17
CA LYS VA 77 54.63 -61.35 20.38
C LYS VA 77 54.78 -60.49 21.63
N VAL VA 78 53.65 -60.19 22.28
CA VAL VA 78 53.63 -59.31 23.45
C VAL VA 78 53.51 -60.12 24.74
N SER VA 79 54.50 -59.98 25.62
CA SER VA 79 54.51 -60.65 26.92
C SER VA 79 55.24 -59.82 27.97
N HIS VA 88 50.07 -61.25 23.43
CA HIS VA 88 49.18 -60.85 22.34
C HIS VA 88 49.58 -61.48 21.04
N ARG VA 89 48.61 -62.11 20.38
CA ARG VA 89 48.85 -62.80 19.11
C ARG VA 89 48.33 -61.95 17.94
N HIS VA 90 49.27 -61.37 17.18
CA HIS VA 90 48.93 -60.56 16.01
C HIS VA 90 49.77 -60.94 14.83
N ALA VA 91 49.11 -61.32 13.74
CA ALA VA 91 49.78 -61.72 12.51
C ALA VA 91 49.62 -60.65 11.42
N LEU VA 92 50.57 -60.59 10.51
CA LEU VA 92 50.60 -59.58 9.44
C LEU VA 92 49.38 -59.62 8.52
N TYR VA 93 48.53 -60.62 8.70
CA TYR VA 93 47.27 -60.72 7.97
C TYR VA 93 46.25 -59.74 8.54
N LEU VA 94 46.36 -59.47 9.84
CA LEU VA 94 45.46 -58.55 10.53
C LEU VA 94 46.09 -57.17 10.75
N ILE VA 95 47.42 -57.14 10.88
CA ILE VA 95 48.17 -55.90 11.07
C ILE VA 95 48.22 -55.10 9.76
N ILE VA 96 47.79 -53.84 9.84
CA ILE VA 96 47.71 -52.99 8.66
C ILE VA 96 48.78 -51.88 8.68
N ARG VA 97 48.81 -51.11 9.77
CA ARG VA 97 49.67 -49.95 9.87
C ARG VA 97 50.22 -49.76 11.29
N VAL VA 99 52.04 -46.65 13.61
CA VAL VA 99 52.33 -45.22 13.69
C VAL VA 99 52.92 -44.89 15.07
N CYS VA 100 54.10 -44.27 15.07
CA CYS VA 100 54.76 -43.87 16.30
C CYS VA 100 54.88 -42.34 16.39
N TYR VA 101 54.59 -41.80 17.58
CA TYR VA 101 54.59 -40.35 17.78
C TYR VA 101 54.86 -39.95 19.23
N ASP VA 102 55.35 -38.73 19.43
CA ASP VA 102 55.63 -38.19 20.77
C ASP VA 102 54.33 -37.77 21.45
N ASP VA 103 54.16 -38.20 22.70
CA ASP VA 103 52.93 -37.97 23.47
C ASP VA 103 52.75 -36.52 23.92
N GLY VA 104 53.86 -35.81 24.12
CA GLY VA 104 53.82 -34.42 24.57
C GLY VA 104 54.25 -34.25 26.02
N LEU VA 105 53.55 -34.93 26.93
CA LEU VA 105 53.85 -34.87 28.36
C LEU VA 105 55.22 -35.47 28.68
N GLY VA 106 55.94 -34.80 29.58
CA GLY VA 106 57.30 -35.20 29.94
C GLY VA 106 58.27 -34.90 28.82
N ALA VA 107 59.08 -35.88 28.46
CA ALA VA 107 60.06 -35.76 27.37
C ALA VA 107 60.53 -37.12 26.87
N GLY VA 108 60.79 -37.19 25.57
CA GLY VA 108 61.27 -38.42 24.94
C GLY VA 108 60.19 -39.48 24.76
N LYS VA 109 59.37 -39.62 25.80
CA LYS VA 109 58.28 -40.59 25.84
C LYS VA 109 57.41 -40.56 24.57
N SER VA 110 57.16 -41.75 24.01
CA SER VA 110 56.40 -41.88 22.77
C SER VA 110 55.23 -42.86 22.90
N LEU VA 111 54.35 -42.87 21.92
CA LEU VA 111 53.19 -43.77 21.92
C LEU VA 111 53.16 -44.69 20.68
N LEU VA 112 52.24 -45.65 20.69
CA LEU VA 112 52.17 -46.67 19.64
C LEU VA 112 50.76 -46.75 19.04
N ALA VA 113 50.70 -47.13 17.77
CA ALA VA 113 49.43 -47.42 17.10
C ALA VA 113 49.49 -48.82 16.47
N LEU VA 114 48.45 -49.60 16.70
CA LEU VA 114 48.42 -50.99 16.23
C LEU VA 114 47.06 -51.30 15.59
N LYS VA 115 46.84 -50.78 14.39
CA LYS VA 115 45.58 -50.94 13.67
C LYS VA 115 45.37 -52.37 13.16
N THR VA 116 44.45 -53.09 13.79
CA THR VA 116 44.15 -54.48 13.44
C THR VA 116 42.66 -54.70 13.23
N THR VA 117 42.32 -55.80 12.53
CA THR VA 117 40.93 -56.13 12.24
C THR VA 117 40.64 -57.60 12.61
N ASP VA 118 40.17 -58.37 11.64
CA ASP VA 118 39.88 -59.79 11.81
C ASP VA 118 39.88 -60.53 10.47
N TYR VA 124 37.39 -54.53 14.10
CA TYR VA 124 38.43 -53.50 14.15
C TYR VA 124 38.87 -53.22 15.59
N SER VA 125 40.18 -53.22 15.80
CA SER VA 125 40.77 -52.96 17.12
C SER VA 125 42.14 -52.30 16.97
N LEU VA 126 42.44 -51.38 17.88
CA LEU VA 126 43.75 -50.71 17.90
C LEU VA 126 44.36 -50.70 19.29
N TRP VA 127 45.68 -50.87 19.36
CA TRP VA 127 46.39 -51.01 20.63
C TRP VA 127 47.48 -49.99 20.80
N VAL VA 128 47.71 -49.57 22.05
CA VAL VA 128 48.75 -48.59 22.38
C VAL VA 128 49.78 -49.16 23.36
N TYR VA 129 51.05 -49.08 22.96
CA TYR VA 129 52.19 -49.48 23.78
C TYR VA 129 53.15 -48.31 23.77
N GLN VA 130 53.58 -47.87 24.95
CA GLN VA 130 54.52 -46.76 25.01
C GLN VA 130 55.99 -47.19 24.88
N CYS VA 131 56.84 -46.25 24.49
CA CYS VA 131 58.30 -46.41 24.58
C CYS VA 131 58.93 -45.17 25.19
N ASN VA 132 59.96 -45.37 26.02
CA ASN VA 132 60.63 -44.29 26.76
C ASN VA 132 61.27 -43.21 25.88
N SER VA 133 61.70 -43.60 24.68
CA SER VA 133 62.30 -42.66 23.73
C SER VA 133 61.63 -42.73 22.37
N LEU VA 134 61.70 -41.63 21.63
CA LEU VA 134 61.11 -41.53 20.29
C LEU VA 134 61.81 -42.44 19.28
N GLU VA 135 63.13 -42.54 19.40
CA GLU VA 135 63.94 -43.38 18.52
C GLU VA 135 63.68 -44.87 18.74
N GLN VA 136 63.33 -45.23 19.98
CA GLN VA 136 62.98 -46.61 20.34
C GLN VA 136 61.76 -47.07 19.55
N ALA VA 137 60.73 -46.22 19.52
CA ALA VA 137 59.52 -46.48 18.76
C ALA VA 137 59.76 -46.42 17.24
N GLN VA 138 60.69 -45.56 16.84
CA GLN VA 138 61.11 -45.45 15.45
C GLN VA 138 61.83 -46.72 14.97
N ALA VA 139 62.57 -47.35 15.89
CA ALA VA 139 63.28 -48.58 15.60
C ALA VA 139 62.33 -49.75 15.34
N ILE VA 140 61.21 -49.78 16.06
CA ILE VA 140 60.19 -50.83 15.89
C ILE VA 140 59.58 -50.79 14.49
N CYS VA 141 59.36 -49.57 13.98
CA CYS VA 141 58.86 -49.37 12.62
C CYS VA 141 59.85 -49.91 11.58
N LYS VA 142 61.14 -49.69 11.85
CA LYS VA 142 62.21 -50.11 10.95
C LYS VA 142 62.34 -51.64 10.91
N VAL VA 143 62.13 -52.28 12.07
CA VAL VA 143 62.15 -53.73 12.17
C VAL VA 143 60.93 -54.36 11.49
N LEU VA 144 59.76 -53.75 11.70
CA LEU VA 144 58.50 -54.26 11.15
C LEU VA 144 58.49 -54.32 9.63
N SER VA 145 59.26 -53.43 9.00
CA SER VA 145 59.32 -53.34 7.54
C SER VA 145 60.05 -54.52 6.89
N THR VA 146 60.82 -55.27 7.68
CA THR VA 146 61.56 -56.43 7.18
C THR VA 146 60.62 -57.60 6.90
N ALA VA 147 59.62 -57.77 7.76
CA ALA VA 147 58.65 -58.85 7.63
C ALA VA 147 57.76 -58.67 6.38
N PHE VA 148 57.17 -57.48 6.25
CA PHE VA 148 56.30 -57.15 5.10
C PHE VA 148 57.01 -57.34 3.76
N ASP VA 149 58.32 -57.04 3.73
CA ASP VA 149 59.13 -57.17 2.53
C ASP VA 149 59.38 -58.64 2.16
N SER VA 150 59.29 -59.53 3.16
CA SER VA 150 59.58 -60.95 2.95
C SER VA 150 58.31 -61.79 2.79
N VAL VA 151 57.26 -61.47 3.55
CA VAL VA 151 56.02 -62.24 3.53
C VAL VA 151 55.16 -61.98 2.28
N LEU VA 152 55.46 -60.90 1.57
CA LEU VA 152 54.74 -60.55 0.34
C LEU VA 152 55.12 -61.48 -0.80
N LYS WA 1 64.84 -35.94 8.75
CA LYS WA 1 64.54 -36.06 10.20
C LYS WA 1 63.16 -36.69 10.42
N SER WA 2 63.11 -38.02 10.34
CA SER WA 2 61.86 -38.78 10.47
C SER WA 2 61.23 -38.63 11.85
N ALA WA 3 59.99 -38.13 11.88
CA ALA WA 3 59.26 -37.95 13.14
C ALA WA 3 58.17 -39.01 13.34
N VAL WA 4 57.53 -39.42 12.25
CA VAL WA 4 56.57 -40.53 12.29
C VAL WA 4 56.90 -41.54 11.20
N CYS XA 17 1.81 -40.08 0.29
CA CYS XA 17 0.77 -39.67 1.27
C CYS XA 17 1.36 -38.78 2.36
N ALA XA 18 0.81 -37.58 2.51
CA ALA XA 18 1.31 -36.60 3.47
C ALA XA 18 0.19 -35.73 4.05
N GLU XA 19 0.33 -35.38 5.32
CA GLU XA 19 -0.64 -34.54 6.02
C GLU XA 19 -0.03 -33.19 6.40
N PHE XA 20 -0.85 -32.15 6.33
CA PHE XA 20 -0.44 -30.79 6.67
C PHE XA 20 -1.51 -30.09 7.51
N ARG XA 21 -1.06 -29.25 8.44
CA ARG XA 21 -1.94 -28.55 9.37
C ARG XA 21 -2.01 -27.07 8.99
N ILE XA 22 -3.15 -26.65 8.48
CA ILE XA 22 -3.30 -25.31 7.89
C ILE XA 22 -4.61 -24.59 8.28
N LYS XA 23 -4.77 -23.36 7.78
CA LYS XA 23 -5.99 -22.57 8.00
C LYS XA 23 -6.77 -22.41 6.71
N TYR XA 24 -8.05 -22.06 6.84
CA TYR XA 24 -8.94 -21.88 5.69
C TYR XA 24 -9.36 -20.41 5.55
N VAL XA 25 -9.11 -19.84 4.38
CA VAL XA 25 -9.42 -18.44 4.10
C VAL XA 25 -10.82 -18.29 3.52
N GLY XA 26 -11.11 -19.03 2.45
CA GLY XA 26 -12.41 -18.99 1.79
C GLY XA 26 -12.41 -19.63 0.42
N ALA XA 27 -13.42 -19.32 -0.38
CA ALA XA 27 -13.57 -19.87 -1.73
C ALA XA 27 -14.33 -18.94 -2.68
N ILE XA 28 -13.96 -18.99 -3.95
CA ILE XA 28 -14.70 -18.30 -5.01
C ILE XA 28 -15.25 -19.36 -5.96
N GLU XA 29 -16.53 -19.69 -5.82
CA GLU XA 29 -17.14 -20.80 -6.56
C GLU XA 29 -17.78 -20.35 -7.86
N LEU XA 31 -17.22 -19.67 -11.65
CA LEU XA 31 -16.85 -19.17 -12.97
C LEU XA 31 -17.55 -19.93 -14.10
N GLU XA 40 -6.18 -19.91 -16.08
CA GLU XA 40 -5.12 -20.37 -16.95
C GLU XA 40 -3.92 -19.42 -16.89
N GLY XA 41 -2.83 -19.92 -16.33
CA GLY XA 41 -1.65 -19.11 -16.01
C GLY XA 41 -1.46 -19.00 -14.51
N PRO XA 42 -0.19 -19.03 -14.05
CA PRO XA 42 0.11 -18.97 -12.61
C PRO XA 42 -0.16 -17.59 -11.99
N LEU XA 43 0.12 -16.53 -12.74
CA LEU XA 43 -0.04 -15.16 -12.26
C LEU XA 43 -1.49 -14.68 -12.31
N ASP XA 44 -2.23 -15.15 -13.31
CA ASP XA 44 -3.64 -14.78 -13.49
C ASP XA 44 -4.51 -15.25 -12.31
N LEU XA 45 -4.12 -16.37 -11.72
CA LEU XA 45 -4.80 -16.91 -10.53
C LEU XA 45 -4.53 -16.09 -9.27
N ILE XA 46 -3.34 -15.50 -9.17
CA ILE XA 46 -2.99 -14.64 -8.03
C ILE XA 46 -3.78 -13.33 -8.07
N ASN XA 47 -3.86 -12.72 -9.25
CA ASN XA 47 -4.63 -11.50 -9.46
C ASN XA 47 -6.09 -11.60 -9.04
N TYR XA 48 -6.69 -12.77 -9.28
CA TYR XA 48 -8.09 -13.01 -8.96
C TYR XA 48 -8.36 -13.09 -7.46
N ILE XA 49 -7.33 -13.43 -6.69
CA ILE XA 49 -7.43 -13.50 -5.23
C ILE XA 49 -7.32 -12.10 -4.60
N ASP XA 50 -6.41 -11.28 -5.13
CA ASP XA 50 -6.21 -9.91 -4.64
C ASP XA 50 -7.40 -8.99 -4.89
N VAL XA 51 -8.06 -9.17 -6.04
CA VAL XA 51 -9.24 -8.38 -6.39
C VAL XA 51 -10.42 -8.69 -5.46
N ALA XA 52 -10.68 -9.99 -5.24
CA ALA XA 52 -11.77 -10.43 -4.38
C ALA XA 52 -11.49 -10.17 -2.91
N GLN XA 53 -10.20 -10.15 -2.55
CA GLN XA 53 -9.74 -9.91 -1.18
C GLN XA 53 -10.15 -8.52 -0.70
N GLN XA 54 -9.87 -7.52 -1.53
CA GLN XA 54 -10.27 -6.13 -1.28
C GLN XA 54 -11.79 -6.01 -1.26
N ASP XA 55 -12.43 -6.62 -2.25
CA ASP XA 55 -13.88 -6.51 -2.47
C ASP XA 55 -14.74 -7.26 -1.44
N GLY XA 56 -14.19 -7.42 -0.23
CA GLY XA 56 -14.95 -7.94 0.91
C GLY XA 56 -15.38 -9.39 0.85
N LYS XA 57 -15.07 -10.07 -0.26
CA LYS XA 57 -15.39 -11.48 -0.42
C LYS XA 57 -14.49 -12.35 0.46
N LEU XA 58 -13.18 -12.14 0.35
CA LEU XA 58 -12.19 -12.90 1.11
C LEU XA 58 -11.52 -12.02 2.17
N PRO XA 59 -11.51 -12.49 3.43
CA PRO XA 59 -10.86 -11.75 4.52
C PRO XA 59 -9.33 -11.80 4.40
N PHE XA 60 -8.70 -10.67 4.73
CA PHE XA 60 -7.25 -10.56 4.76
C PHE XA 60 -6.67 -11.41 5.89
N VAL XA 61 -7.37 -11.44 7.02
CA VAL XA 61 -7.02 -12.28 8.15
C VAL XA 61 -8.07 -13.39 8.30
N PRO XA 62 -7.66 -14.66 8.15
CA PRO XA 62 -8.59 -15.78 8.26
C PRO XA 62 -8.91 -16.14 9.71
N PRO XA 63 -9.94 -16.99 9.93
CA PRO XA 63 -10.28 -17.48 11.26
C PRO XA 63 -9.13 -18.23 11.91
N GLU XA 64 -8.99 -18.07 13.24
CA GLU XA 64 -7.87 -18.67 13.97
C GLU XA 64 -8.05 -20.18 14.19
N GLU XA 65 -9.21 -20.71 13.80
CA GLU XA 65 -9.46 -22.15 13.86
C GLU XA 65 -8.64 -22.90 12.82
N GLU XA 66 -8.22 -24.12 13.17
CA GLU XA 66 -7.29 -24.88 12.33
C GLU XA 66 -7.94 -26.02 11.57
N PHE XA 67 -7.30 -26.43 10.47
CA PHE XA 67 -7.78 -27.54 9.63
C PHE XA 67 -6.60 -28.41 9.19
N ILE XA 68 -6.91 -29.61 8.71
CA ILE XA 68 -5.88 -30.56 8.28
C ILE XA 68 -6.02 -30.91 6.79
N GLY XA 70 -4.76 -33.37 4.04
CA GLY XA 70 -4.11 -34.65 3.80
C GLY XA 70 -4.12 -35.05 2.33
N VAL XA 71 -2.95 -34.93 1.69
CA VAL XA 71 -2.79 -35.29 0.29
C VAL XA 71 -2.44 -36.78 0.20
N SER XA 72 -3.22 -37.51 -0.59
CA SER XA 72 -3.02 -38.95 -0.77
C SER XA 72 -2.97 -39.35 -2.25
N GLY XA 75 -5.36 -36.16 -4.79
CA GLY XA 75 -6.00 -36.75 -3.62
C GLY XA 75 -5.95 -35.84 -2.40
N ILE XA 76 -6.33 -34.58 -2.59
CA ILE XA 76 -6.29 -33.58 -1.53
C ILE XA 76 -7.58 -33.62 -0.74
N LYS XA 77 -7.48 -34.06 0.52
CA LYS XA 77 -8.63 -34.17 1.40
C LYS XA 77 -8.47 -33.23 2.60
N VAL XA 78 -9.23 -32.15 2.58
CA VAL XA 78 -9.22 -31.18 3.66
C VAL XA 78 -10.28 -31.58 4.69
N SER XA 79 -9.92 -31.48 5.97
CA SER XA 79 -10.81 -31.90 7.05
C SER XA 79 -10.66 -31.01 8.29
N THR XA 80 -11.54 -31.21 9.26
CA THR XA 80 -11.47 -30.51 10.55
C THR XA 80 -10.53 -31.25 11.51
N SER XA 81 -10.43 -30.76 12.74
CA SER XA 81 -9.59 -31.37 13.77
C SER XA 81 -10.17 -32.71 14.23
N ASP XA 85 -14.24 -34.75 11.20
CA ASP XA 85 -15.28 -34.49 10.23
C ASP XA 85 -14.70 -33.93 8.93
N VAL XA 86 -15.08 -34.56 7.81
CA VAL XA 86 -14.59 -34.19 6.48
C VAL XA 86 -15.13 -32.80 6.07
N LEU XA 87 -14.23 -31.90 5.71
CA LEU XA 87 -14.60 -30.56 5.28
C LEU XA 87 -15.00 -30.57 3.80
N HIS XA 88 -14.02 -30.83 2.93
CA HIS XA 88 -14.28 -31.04 1.51
C HIS XA 88 -13.25 -31.92 0.83
N ARG XA 89 -13.64 -32.46 -0.32
CA ARG XA 89 -12.89 -33.50 -1.01
C ARG XA 89 -12.59 -33.09 -2.46
N HIS XA 90 -11.38 -33.38 -2.91
CA HIS XA 90 -10.98 -33.09 -4.29
C HIS XA 90 -10.33 -34.27 -4.94
N ALA XA 91 -10.88 -34.70 -6.07
CA ALA XA 91 -10.33 -35.80 -6.83
C ALA XA 91 -9.20 -35.31 -7.74
N LEU XA 92 -8.15 -36.11 -7.81
CA LEU XA 92 -6.94 -35.83 -8.60
C LEU XA 92 -7.26 -35.50 -10.06
N TYR XA 93 -8.30 -36.14 -10.58
CA TYR XA 93 -8.79 -35.93 -11.94
C TYR XA 93 -9.28 -34.50 -12.13
N LEU XA 94 -9.90 -33.95 -11.09
CA LEU XA 94 -10.57 -32.65 -11.13
C LEU XA 94 -9.62 -31.47 -10.86
N ILE XA 95 -8.48 -31.74 -10.24
CA ILE XA 95 -7.49 -30.72 -9.92
C ILE XA 95 -6.71 -30.31 -11.18
N ILE XA 96 -6.56 -29.00 -11.37
CA ILE XA 96 -5.85 -28.46 -12.53
C ILE XA 96 -4.53 -27.79 -12.14
N ARG XA 97 -4.59 -26.85 -11.20
CA ARG XA 97 -3.41 -26.07 -10.80
C ARG XA 97 -3.42 -25.69 -9.31
N VAL XA 99 -1.31 -23.02 -6.68
CA VAL XA 99 -0.40 -21.88 -6.60
C VAL XA 99 -0.18 -21.48 -5.14
N CYS XA 100 1.07 -21.23 -4.77
CA CYS XA 100 1.40 -20.70 -3.45
C CYS XA 100 2.32 -19.48 -3.55
N TYR XA 101 2.11 -18.51 -2.65
CA TYR XA 101 2.83 -17.23 -2.68
C TYR XA 101 2.80 -16.51 -1.34
N ASP XA 102 3.82 -15.69 -1.09
CA ASP XA 102 3.86 -14.82 0.07
C ASP XA 102 2.79 -13.74 -0.05
N ASP XA 103 2.03 -13.53 1.02
CA ASP XA 103 0.94 -12.56 1.02
C ASP XA 103 1.43 -11.13 0.82
N GLY XA 104 2.43 -10.73 1.61
CA GLY XA 104 2.94 -9.36 1.59
C GLY XA 104 2.20 -8.48 2.58
N LEU XA 105 1.55 -9.11 3.56
CA LEU XA 105 0.82 -8.40 4.60
C LEU XA 105 1.77 -7.86 5.67
N GLY XA 106 2.55 -8.74 6.26
CA GLY XA 106 3.52 -8.35 7.29
C GLY XA 106 4.00 -9.49 8.17
N ALA XA 107 3.09 -10.38 8.54
CA ALA XA 107 3.43 -11.49 9.44
C ALA XA 107 3.98 -12.72 8.70
N GLY XA 108 4.90 -12.48 7.75
CA GLY XA 108 5.53 -13.54 6.96
C GLY XA 108 4.62 -14.70 6.56
N LYS XA 109 3.31 -14.46 6.61
CA LYS XA 109 2.31 -15.47 6.29
C LYS XA 109 2.37 -15.83 4.81
N SER XA 110 1.72 -16.92 4.43
CA SER XA 110 1.71 -17.35 3.04
C SER XA 110 0.35 -17.92 2.63
N LEU XA 111 -0.09 -17.55 1.43
CA LEU XA 111 -1.36 -18.03 0.89
C LEU XA 111 -1.17 -19.18 -0.10
N LEU XA 112 -2.14 -20.09 -0.13
CA LEU XA 112 -2.13 -21.24 -1.01
C LEU XA 112 -3.50 -21.42 -1.65
N ALA XA 113 -3.54 -21.50 -2.98
CA ALA XA 113 -4.79 -21.59 -3.73
C ALA XA 113 -4.84 -22.84 -4.62
N LEU XA 114 -6.00 -23.51 -4.61
CA LEU XA 114 -6.19 -24.74 -5.37
C LEU XA 114 -7.40 -24.67 -6.29
N LYS XA 115 -7.15 -24.77 -7.59
CA LYS XA 115 -8.21 -24.70 -8.61
C LYS XA 115 -8.72 -26.09 -8.99
N THR XA 116 -9.99 -26.34 -8.67
CA THR XA 116 -10.63 -27.63 -8.97
C THR XA 116 -11.83 -27.45 -9.90
N THR XA 117 -12.50 -28.56 -10.24
CA THR XA 117 -13.74 -28.52 -11.02
C THR XA 117 -14.76 -29.56 -10.52
N ASP XA 118 -16.03 -29.31 -10.84
CA ASP XA 118 -17.15 -30.13 -10.34
C ASP XA 118 -17.23 -31.52 -10.98
N ALA XA 119 -18.06 -32.38 -10.38
CA ALA XA 119 -18.26 -33.75 -10.86
C ALA XA 119 -18.87 -33.81 -12.26
N SER XA 120 -19.68 -32.80 -12.59
CA SER XA 120 -20.30 -32.69 -13.91
C SER XA 120 -19.44 -31.84 -14.86
N ASN XA 121 -18.26 -31.43 -14.39
CA ASN XA 121 -17.30 -30.63 -15.15
C ASN XA 121 -17.92 -29.39 -15.81
N GLU XA 122 -18.72 -28.66 -15.05
CA GLU XA 122 -19.42 -27.48 -15.54
C GLU XA 122 -18.43 -26.32 -15.70
N GLU XA 123 -17.90 -25.83 -14.59
CA GLU XA 123 -16.97 -24.69 -14.62
C GLU XA 123 -15.85 -24.75 -13.55
N TYR XA 124 -15.37 -23.58 -13.12
CA TYR XA 124 -14.11 -23.47 -12.39
C TYR XA 124 -14.25 -22.89 -10.99
N SER XA 125 -13.97 -23.71 -9.99
CA SER XA 125 -13.98 -23.29 -8.58
C SER XA 125 -12.58 -23.32 -8.00
N LEU XA 126 -12.23 -22.27 -7.25
CA LEU XA 126 -10.95 -22.21 -6.56
C LEU XA 126 -11.12 -22.07 -5.05
N TRP XA 127 -10.20 -22.68 -4.31
CA TRP XA 127 -10.26 -22.71 -2.85
C TRP XA 127 -9.00 -22.14 -2.28
N VAL XA 128 -9.15 -21.18 -1.37
CA VAL XA 128 -8.02 -20.46 -0.80
C VAL XA 128 -7.71 -20.90 0.63
N TYR XA 129 -6.46 -21.31 0.85
CA TYR XA 129 -6.00 -21.76 2.16
C TYR XA 129 -4.80 -20.92 2.60
N GLN XA 130 -4.35 -21.10 3.85
CA GLN XA 130 -3.20 -20.37 4.37
C GLN XA 130 -2.16 -21.28 5.04
N CYS XA 131 -0.89 -20.95 4.81
CA CYS XA 131 0.23 -21.54 5.54
C CYS XA 131 0.99 -20.46 6.30
N ASN XA 132 1.44 -20.79 7.50
CA ASN XA 132 2.19 -19.84 8.35
C ASN XA 132 3.59 -19.50 7.81
N SER XA 133 4.11 -20.36 6.94
CA SER XA 133 5.38 -20.12 6.27
C SER XA 133 5.26 -20.33 4.76
N LEU XA 134 6.26 -19.87 4.02
CA LEU XA 134 6.29 -20.04 2.57
C LEU XA 134 6.84 -21.41 2.19
N GLU XA 135 7.79 -21.91 2.97
CA GLU XA 135 8.42 -23.20 2.74
C GLU XA 135 7.43 -24.36 2.90
N GLN XA 136 6.53 -24.23 3.89
CA GLN XA 136 5.50 -25.24 4.14
C GLN XA 136 4.50 -25.32 2.99
N ALA XA 137 4.20 -24.15 2.40
CA ALA XA 137 3.30 -24.07 1.25
C ALA XA 137 3.93 -24.70 0.01
N GLN XA 138 5.25 -24.53 -0.14
CA GLN XA 138 6.01 -25.13 -1.24
C GLN XA 138 6.06 -26.65 -1.10
N ALA XA 139 6.10 -27.12 0.14
CA ALA XA 139 6.17 -28.56 0.45
C ALA XA 139 4.92 -29.31 -0.02
N ILE XA 140 3.75 -28.69 0.17
CA ILE XA 140 2.47 -29.29 -0.25
C ILE XA 140 2.41 -29.44 -1.77
N CYS XA 141 2.94 -28.45 -2.49
CA CYS XA 141 3.02 -28.48 -3.95
C CYS XA 141 3.90 -29.64 -4.45
N LYS XA 142 4.93 -29.97 -3.67
CA LYS XA 142 5.84 -31.06 -4.00
C LYS XA 142 5.18 -32.44 -3.91
N VAL XA 143 4.27 -32.59 -2.95
CA VAL XA 143 3.55 -33.86 -2.75
C VAL XA 143 2.62 -34.16 -3.91
N LEU XA 144 1.99 -33.11 -4.44
CA LEU XA 144 1.13 -33.22 -5.62
C LEU XA 144 1.94 -33.52 -6.89
N SER XA 145 3.22 -33.17 -6.88
CA SER XA 145 4.09 -33.35 -8.04
C SER XA 145 4.42 -34.82 -8.34
N THR XA 146 4.15 -35.69 -7.37
CA THR XA 146 4.33 -37.14 -7.54
C THR XA 146 3.05 -37.94 -7.39
N ALA XA 147 2.16 -37.49 -6.51
CA ALA XA 147 0.88 -38.14 -6.29
C ALA XA 147 0.07 -38.07 -7.58
N PHE XA 148 0.16 -36.93 -8.25
CA PHE XA 148 -0.44 -36.71 -9.56
C PHE XA 148 0.22 -37.58 -10.62
N ASP XA 149 1.47 -37.96 -10.39
CA ASP XA 149 2.26 -38.69 -11.39
C ASP XA 149 1.95 -40.19 -11.49
N SER XA 150 0.92 -40.64 -10.78
CA SER XA 150 0.44 -42.00 -10.89
C SER XA 150 -0.27 -42.25 -12.23
N VAL XA 151 -0.79 -41.18 -12.82
CA VAL XA 151 -1.54 -41.27 -14.08
C VAL XA 151 -0.65 -41.21 -15.34
N LEU XA 152 0.66 -41.31 -15.13
CA LEU XA 152 1.63 -41.35 -16.24
C LEU XA 152 1.86 -42.78 -16.71
N LYS YA 1 14.63 -17.19 -2.24
CA LYS YA 1 14.84 -18.26 -3.26
C LYS YA 1 13.78 -18.18 -4.35
N SER YA 2 12.64 -18.84 -4.12
CA SER YA 2 11.51 -18.80 -5.04
C SER YA 2 10.32 -18.14 -4.35
N ALA YA 3 9.97 -16.94 -4.82
CA ALA YA 3 8.89 -16.14 -4.23
C ALA YA 3 7.53 -16.78 -4.42
N VAL YA 4 7.28 -17.24 -5.66
CA VAL YA 4 6.06 -17.94 -6.02
C VAL YA 4 6.45 -19.22 -6.75
N THR YA 5 5.77 -20.32 -6.42
CA THR YA 5 5.96 -21.59 -7.13
C THR YA 5 4.62 -22.20 -7.51
N THR YA 6 4.56 -22.79 -8.70
CA THR YA 6 3.30 -23.29 -9.26
C THR YA 6 3.46 -24.70 -9.81
N VAL YA 7 2.50 -25.57 -9.48
CA VAL YA 7 2.44 -26.93 -10.03
C VAL YA 7 1.44 -26.96 -11.18
N VAL YA 8 1.96 -27.17 -12.39
CA VAL YA 8 1.14 -27.17 -13.59
C VAL YA 8 0.86 -28.60 -14.05
N ASN YA 9 -0.31 -29.11 -13.68
CA ASN YA 9 -0.78 -30.39 -14.19
C ASN YA 9 -0.97 -30.32 -15.70
N PRO YA 10 -0.50 -31.36 -16.42
CA PRO YA 10 -0.71 -31.41 -17.87
C PRO YA 10 -2.12 -31.01 -18.26
N LYS YA 11 -2.24 -29.87 -18.94
CA LYS YA 11 -3.52 -29.29 -19.36
C LYS YA 11 -4.70 -29.62 -18.46
N CYS ZA 17 31.56 -14.15 -12.48
CA CYS ZA 17 31.37 -13.33 -13.72
C CYS ZA 17 30.67 -14.15 -14.80
N ALA ZA 18 29.62 -13.55 -15.38
CA ALA ZA 18 28.81 -14.22 -16.40
C ALA ZA 18 28.18 -13.20 -17.35
N GLU ZA 19 28.02 -13.61 -18.61
CA GLU ZA 19 27.37 -12.78 -19.62
C GLU ZA 19 26.13 -13.50 -20.20
N PHE ZA 20 25.03 -12.76 -20.31
CA PHE ZA 20 23.77 -13.29 -20.81
C PHE ZA 20 23.22 -12.47 -21.96
N ARG ZA 21 22.66 -13.14 -22.96
CA ARG ZA 21 22.00 -12.47 -24.07
C ARG ZA 21 20.53 -12.24 -23.75
N ILE ZA 22 20.12 -10.96 -23.77
CA ILE ZA 22 18.76 -10.56 -23.40
C ILE ZA 22 18.20 -9.45 -24.31
N LYS ZA 23 16.90 -9.20 -24.19
CA LYS ZA 23 16.26 -8.09 -24.88
C LYS ZA 23 15.78 -7.05 -23.87
N TYR ZA 24 15.65 -5.80 -24.32
CA TYR ZA 24 15.29 -4.69 -23.43
C TYR ZA 24 13.89 -4.16 -23.69
N VAL ZA 25 12.98 -4.40 -22.75
CA VAL ZA 25 11.57 -4.03 -22.88
C VAL ZA 25 11.36 -2.52 -22.71
N GLY ZA 26 12.00 -1.95 -21.67
CA GLY ZA 26 11.87 -0.53 -21.36
C GLY ZA 26 12.14 -0.25 -19.89
N ALA ZA 27 11.81 0.96 -19.46
CA ALA ZA 27 12.03 1.38 -18.08
C ALA ZA 27 10.99 2.37 -17.57
N ILE ZA 28 10.74 2.34 -16.27
CA ILE ZA 28 9.93 3.34 -15.59
C ILE ZA 28 10.86 4.25 -14.79
N GLU ZA 29 10.92 5.51 -15.17
CA GLU ZA 29 11.94 6.43 -14.68
C GLU ZA 29 11.69 6.97 -13.29
N LEU ZA 39 5.93 -0.20 -1.10
CA LEU ZA 39 5.85 -1.10 -2.26
C LEU ZA 39 6.88 -2.23 -2.15
N GLU ZA 40 7.52 -2.36 -0.99
CA GLU ZA 40 8.56 -3.37 -0.78
C GLU ZA 40 7.98 -4.78 -0.70
N GLY ZA 41 8.51 -5.66 -1.55
CA GLY ZA 41 8.03 -7.04 -1.66
C GLY ZA 41 8.29 -7.62 -3.04
N PRO ZA 42 8.13 -8.94 -3.19
CA PRO ZA 42 8.39 -9.61 -4.47
C PRO ZA 42 7.33 -9.31 -5.54
N LEU ZA 43 6.08 -9.19 -5.11
CA LEU ZA 43 4.93 -9.16 -6.02
C LEU ZA 43 4.49 -7.76 -6.46
N ASP ZA 44 4.77 -6.77 -5.63
CA ASP ZA 44 4.41 -5.38 -5.89
C ASP ZA 44 5.12 -4.82 -7.14
N LEU ZA 45 6.31 -5.37 -7.41
CA LEU ZA 45 7.07 -5.08 -8.63
C LEU ZA 45 6.36 -5.58 -9.87
N ILE ZA 46 5.95 -6.85 -9.84
CA ILE ZA 46 5.25 -7.51 -10.95
C ILE ZA 46 3.95 -6.77 -11.26
N ASN ZA 47 3.21 -6.40 -10.22
CA ASN ZA 47 1.94 -5.72 -10.34
C ASN ZA 47 2.04 -4.36 -11.03
N TYR ZA 48 3.10 -3.61 -10.69
CA TYR ZA 48 3.34 -2.28 -11.25
C TYR ZA 48 3.68 -2.33 -12.74
N ILE ZA 49 4.42 -3.37 -13.13
CA ILE ZA 49 4.79 -3.58 -14.53
C ILE ZA 49 3.56 -3.98 -15.36
N ASP ZA 50 2.68 -4.78 -14.77
CA ASP ZA 50 1.40 -5.13 -15.39
C ASP ZA 50 0.56 -3.89 -15.67
N VAL ZA 51 0.56 -2.95 -14.73
CA VAL ZA 51 -0.15 -1.68 -14.88
C VAL ZA 51 0.49 -0.82 -15.97
N ALA ZA 52 1.82 -0.72 -15.94
CA ALA ZA 52 2.58 0.10 -16.88
C ALA ZA 52 2.44 -0.38 -18.33
N GLN ZA 53 2.30 -1.70 -18.50
CA GLN ZA 53 2.09 -2.29 -19.82
C GLN ZA 53 0.68 -2.01 -20.35
N GLN ZA 54 -0.29 -2.02 -19.44
CA GLN ZA 54 -1.70 -1.82 -19.79
C GLN ZA 54 -2.03 -0.35 -20.15
N ASP ZA 55 -1.04 0.53 -20.00
CA ASP ZA 55 -1.22 1.95 -20.28
C ASP ZA 55 -0.45 2.42 -21.52
N GLY ZA 56 0.56 1.66 -21.91
CA GLY ZA 56 1.36 1.97 -23.09
C GLY ZA 56 2.72 2.60 -22.82
N LYS ZA 57 3.03 2.81 -21.54
CA LYS ZA 57 4.33 3.33 -21.11
C LYS ZA 57 5.44 2.33 -21.41
N LEU ZA 58 5.15 1.05 -21.19
CA LEU ZA 58 6.05 -0.03 -21.53
C LEU ZA 58 5.37 -0.99 -22.51
N PRO ZA 59 6.10 -1.41 -23.57
CA PRO ZA 59 5.53 -2.35 -24.52
C PRO ZA 59 5.40 -3.75 -23.94
N PHE ZA 60 4.51 -4.56 -24.52
CA PHE ZA 60 4.45 -5.98 -24.21
C PHE ZA 60 5.55 -6.73 -24.95
N VAL ZA 61 6.12 -6.06 -25.95
CA VAL ZA 61 7.18 -6.63 -26.78
C VAL ZA 61 8.32 -5.63 -26.94
N PRO ZA 62 9.54 -5.99 -26.48
CA PRO ZA 62 10.76 -5.19 -26.64
C PRO ZA 62 11.16 -5.00 -28.11
N PRO ZA 63 12.14 -4.12 -28.40
CA PRO ZA 63 12.73 -4.14 -29.74
C PRO ZA 63 13.62 -5.36 -29.98
N GLU ZA 64 13.88 -5.66 -31.24
CA GLU ZA 64 14.59 -6.88 -31.63
C GLU ZA 64 16.07 -6.90 -31.22
N GLU ZA 65 16.65 -5.72 -31.02
CA GLU ZA 65 18.04 -5.57 -30.62
C GLU ZA 65 18.39 -6.50 -29.46
N GLU ZA 66 19.34 -7.40 -29.70
CA GLU ZA 66 19.84 -8.27 -28.65
C GLU ZA 66 20.96 -7.56 -27.89
N PHE ZA 67 20.91 -7.67 -26.57
CA PHE ZA 67 21.89 -7.02 -25.70
C PHE ZA 67 22.59 -8.05 -24.83
N ILE ZA 68 23.78 -7.69 -24.35
CA ILE ZA 68 24.56 -8.56 -23.47
C ILE ZA 68 24.54 -8.02 -22.03
N GLY ZA 70 26.08 -8.41 -18.52
CA GLY ZA 70 27.21 -8.91 -17.75
C GLY ZA 70 27.01 -8.74 -16.27
N VAL ZA 71 27.19 -9.82 -15.52
CA VAL ZA 71 27.09 -9.78 -14.07
C VAL ZA 71 28.48 -9.96 -13.45
N SER ZA 72 28.81 -9.10 -12.49
CA SER ZA 72 30.10 -9.15 -11.80
C SER ZA 72 29.97 -8.74 -10.34
N LYS ZA 73 31.11 -8.50 -9.70
CA LYS ZA 73 31.16 -8.02 -8.31
C LYS ZA 73 30.76 -6.53 -8.23
N TYR ZA 74 31.20 -5.75 -9.22
CA TYR ZA 74 30.92 -4.31 -9.27
C TYR ZA 74 29.47 -3.97 -9.61
N GLY ZA 75 28.71 -4.99 -10.03
CA GLY ZA 75 27.31 -4.83 -10.38
C GLY ZA 75 26.95 -5.42 -11.72
N ILE ZA 76 25.88 -4.93 -12.31
CA ILE ZA 76 25.37 -5.42 -13.58
C ILE ZA 76 25.69 -4.45 -14.71
N LYS ZA 77 26.27 -4.97 -15.79
CA LYS ZA 77 26.56 -4.16 -16.97
C LYS ZA 77 25.72 -4.63 -18.16
N VAL ZA 78 25.00 -3.70 -18.77
CA VAL ZA 78 24.19 -3.97 -19.95
C VAL ZA 78 24.84 -3.32 -21.17
N SER ZA 79 25.23 -4.15 -22.13
CA SER ZA 79 25.93 -3.69 -23.33
C SER ZA 79 25.28 -4.30 -24.57
N THR ZA 80 25.53 -3.69 -25.72
CA THR ZA 80 24.98 -4.16 -26.99
C THR ZA 80 25.64 -5.46 -27.45
N SER ZA 81 24.97 -6.17 -28.36
CA SER ZA 81 25.55 -7.34 -29.02
C SER ZA 81 26.59 -6.92 -30.06
N ASP ZA 82 26.49 -5.66 -30.48
CA ASP ZA 82 27.52 -5.03 -31.32
C ASP ZA 82 28.77 -4.76 -30.48
N GLN ZA 83 28.56 -4.59 -29.16
CA GLN ZA 83 29.61 -4.37 -28.17
C GLN ZA 83 30.32 -3.02 -28.29
N TYR ZA 84 30.18 -2.37 -29.45
CA TYR ZA 84 30.71 -1.03 -29.68
C TYR ZA 84 30.02 0.02 -28.81
N ASP ZA 85 28.86 -0.33 -28.26
CA ASP ZA 85 28.03 0.60 -27.50
C ASP ZA 85 27.56 -0.01 -26.17
N VAL ZA 86 27.50 0.85 -25.14
CA VAL ZA 86 26.98 0.46 -23.83
C VAL ZA 86 25.54 0.96 -23.66
N LEU ZA 87 24.79 0.36 -22.73
CA LEU ZA 87 23.39 0.72 -22.52
C LEU ZA 87 23.08 1.14 -21.09
N HIS ZA 88 23.36 0.26 -20.13
CA HIS ZA 88 23.08 0.52 -18.71
C HIS ZA 88 24.14 0.01 -17.78
N ARG ZA 89 24.29 0.68 -16.64
CA ARG ZA 89 25.21 0.27 -15.60
C ARG ZA 89 24.56 0.38 -14.22
N HIS ZA 90 24.11 -0.75 -13.70
CA HIS ZA 90 23.47 -0.79 -12.39
C HIS ZA 90 24.45 -1.21 -11.34
N ALA ZA 91 24.76 -0.28 -10.43
CA ALA ZA 91 25.69 -0.53 -9.35
C ALA ZA 91 25.10 -1.50 -8.33
N LEU ZA 92 25.92 -2.43 -7.86
CA LEU ZA 92 25.50 -3.44 -6.90
C LEU ZA 92 24.99 -2.84 -5.60
N TYR ZA 93 25.56 -1.69 -5.22
CA TYR ZA 93 25.21 -0.99 -4.00
C TYR ZA 93 23.81 -0.38 -4.07
N LEU ZA 94 23.38 -0.05 -5.29
CA LEU ZA 94 22.10 0.64 -5.50
C LEU ZA 94 20.97 -0.30 -5.96
N ILE ZA 95 21.31 -1.55 -6.25
CA ILE ZA 95 20.31 -2.56 -6.60
C ILE ZA 95 19.62 -3.07 -5.33
N ILE ZA 96 18.30 -3.02 -5.32
CA ILE ZA 96 17.52 -3.47 -4.17
C ILE ZA 96 16.93 -4.86 -4.40
N ARG ZA 97 16.18 -5.02 -5.49
CA ARG ZA 97 15.50 -6.28 -5.78
C ARG ZA 97 15.46 -6.61 -7.27
N VAL ZA 99 13.57 -9.32 -9.91
CA VAL ZA 99 12.46 -10.25 -10.04
C VAL ZA 99 12.37 -10.77 -11.48
N CYS ZA 100 12.23 -12.08 -11.63
CA CYS ZA 100 12.01 -12.68 -12.96
C CYS ZA 100 10.81 -13.62 -12.95
N TYR ZA 101 9.94 -13.46 -13.96
CA TYR ZA 101 8.71 -14.24 -14.06
C TYR ZA 101 8.29 -14.46 -15.51
N ASP ZA 102 7.63 -15.59 -15.75
CA ASP ZA 102 7.07 -15.90 -17.06
C ASP ZA 102 5.88 -14.99 -17.35
N ASP ZA 103 5.92 -14.31 -18.50
CA ASP ZA 103 4.85 -13.37 -18.88
C ASP ZA 103 3.54 -14.08 -19.21
N GLY ZA 104 3.64 -15.34 -19.65
CA GLY ZA 104 2.47 -16.14 -19.99
C GLY ZA 104 1.80 -15.74 -21.29
N LEU ZA 105 2.62 -15.24 -22.23
CA LEU ZA 105 2.13 -14.84 -23.54
C LEU ZA 105 1.85 -16.06 -24.43
N GLY ZA 106 2.69 -17.08 -24.30
CA GLY ZA 106 2.54 -18.33 -25.05
C GLY ZA 106 3.83 -18.85 -25.64
N ALA ZA 107 4.76 -17.96 -25.95
CA ALA ZA 107 6.01 -18.31 -26.60
C ALA ZA 107 7.01 -19.04 -25.67
N GLY ZA 108 6.91 -18.75 -24.37
CA GLY ZA 108 7.87 -19.27 -23.39
C GLY ZA 108 8.89 -18.23 -22.99
N LYS ZA 109 8.47 -16.96 -23.04
CA LYS ZA 109 9.32 -15.81 -22.74
C LYS ZA 109 9.10 -15.36 -21.30
N SER ZA 110 10.11 -14.74 -20.71
CA SER ZA 110 10.03 -14.26 -19.33
C SER ZA 110 10.54 -12.84 -19.18
N LEU ZA 111 9.94 -12.11 -18.23
CA LEU ZA 111 10.30 -10.72 -17.98
C LEU ZA 111 11.25 -10.59 -16.79
N LEU ZA 112 12.28 -9.75 -16.95
CA LEU ZA 112 13.30 -9.54 -15.93
C LEU ZA 112 13.27 -8.11 -15.40
N ALA ZA 113 12.90 -7.96 -14.13
CA ALA ZA 113 12.72 -6.65 -13.52
C ALA ZA 113 13.80 -6.30 -12.52
N LEU ZA 114 14.37 -5.10 -12.65
CA LEU ZA 114 15.38 -4.58 -11.73
C LEU ZA 114 14.92 -3.30 -11.07
N LYS ZA 115 14.81 -3.35 -9.73
CA LYS ZA 115 14.47 -2.17 -8.94
C LYS ZA 115 15.75 -1.53 -8.39
N THR ZA 116 16.08 -0.35 -8.90
CA THR ZA 116 17.28 0.38 -8.47
C THR ZA 116 16.91 1.72 -7.84
N THR ZA 117 17.89 2.38 -7.23
CA THR ZA 117 17.70 3.68 -6.59
C THR ZA 117 18.85 4.64 -6.90
N ASP ZA 118 18.77 5.86 -6.35
CA ASP ZA 118 19.83 6.85 -6.52
C ASP ZA 118 20.85 6.81 -5.38
N ALA ZA 119 21.77 7.78 -5.36
CA ALA ZA 119 22.78 7.91 -4.31
C ALA ZA 119 22.15 8.28 -2.97
N SER ZA 120 21.07 9.05 -3.01
CA SER ZA 120 20.35 9.50 -1.82
C SER ZA 120 19.50 8.41 -1.19
N ASN ZA 121 19.17 7.39 -1.99
CA ASN ZA 121 18.17 6.38 -1.65
C ASN ZA 121 16.81 7.02 -1.35
N GLU ZA 122 16.33 7.79 -2.31
CA GLU ZA 122 15.08 8.54 -2.17
C GLU ZA 122 14.13 8.34 -3.35
N GLU ZA 123 14.71 8.07 -4.52
CA GLU ZA 123 13.94 7.81 -5.74
C GLU ZA 123 14.23 6.41 -6.27
N TYR ZA 124 13.22 5.77 -6.87
CA TYR ZA 124 13.37 4.41 -7.37
C TYR ZA 124 13.16 4.32 -8.88
N SER ZA 125 13.87 3.39 -9.52
CA SER ZA 125 13.76 3.17 -10.95
C SER ZA 125 13.62 1.68 -11.29
N LEU ZA 126 12.70 1.37 -12.20
CA LEU ZA 126 12.46 0.00 -12.62
C LEU ZA 126 12.95 -0.25 -14.04
N TRP ZA 127 13.75 -1.30 -14.22
CA TRP ZA 127 14.27 -1.65 -15.53
C TRP ZA 127 13.78 -3.01 -15.92
N VAL ZA 128 13.07 -3.08 -17.04
CA VAL ZA 128 12.45 -4.33 -17.49
C VAL ZA 128 13.18 -4.90 -18.69
N TYR ZA 129 13.55 -6.18 -18.58
CA TYR ZA 129 14.25 -6.91 -19.64
C TYR ZA 129 13.46 -8.17 -20.01
N GLN ZA 130 13.81 -8.78 -21.13
CA GLN ZA 130 13.18 -10.02 -21.56
C GLN ZA 130 14.21 -11.13 -21.80
N CYS ZA 131 13.97 -12.29 -21.18
CA CYS ZA 131 14.75 -13.49 -21.42
C CYS ZA 131 13.89 -14.49 -22.18
N ASN ZA 132 14.50 -15.23 -23.10
CA ASN ZA 132 13.76 -16.17 -23.95
C ASN ZA 132 13.28 -17.43 -23.23
N SER ZA 133 13.61 -17.55 -21.94
CA SER ZA 133 13.12 -18.64 -21.09
C SER ZA 133 13.20 -18.27 -19.61
N LEU ZA 134 12.33 -18.89 -18.81
CA LEU ZA 134 12.30 -18.71 -17.36
C LEU ZA 134 13.59 -19.23 -16.72
N GLU ZA 135 14.09 -20.34 -17.26
CA GLU ZA 135 15.30 -20.99 -16.76
C GLU ZA 135 16.52 -20.08 -16.88
N GLN ZA 136 16.63 -19.38 -18.01
CA GLN ZA 136 17.73 -18.44 -18.23
C GLN ZA 136 17.60 -17.22 -17.33
N ALA ZA 137 16.36 -16.78 -17.11
CA ALA ZA 137 16.07 -15.65 -16.23
C ALA ZA 137 16.41 -15.96 -14.77
N GLN ZA 138 16.19 -17.21 -14.37
CA GLN ZA 138 16.53 -17.68 -13.04
C GLN ZA 138 18.05 -17.81 -12.87
N ALA ZA 139 18.73 -18.14 -13.97
CA ALA ZA 139 20.18 -18.28 -13.98
C ALA ZA 139 20.89 -16.97 -13.61
N ILE ZA 140 20.39 -15.86 -14.17
CA ILE ZA 140 20.95 -14.53 -13.92
C ILE ZA 140 20.72 -14.12 -12.46
N CYS ZA 141 19.57 -14.49 -11.92
CA CYS ZA 141 19.26 -14.26 -10.50
C CYS ZA 141 20.24 -14.98 -9.59
N LYS ZA 142 20.57 -16.22 -9.94
CA LYS ZA 142 21.52 -17.04 -9.20
C LYS ZA 142 22.91 -16.39 -9.14
N VAL ZA 143 23.38 -15.88 -10.28
CA VAL ZA 143 24.68 -15.22 -10.36
C VAL ZA 143 24.69 -13.90 -9.58
N LEU ZA 144 23.55 -13.21 -9.57
CA LEU ZA 144 23.41 -11.98 -8.79
C LEU ZA 144 23.42 -12.28 -7.29
N SER ZA 145 22.74 -13.35 -6.90
CA SER ZA 145 22.71 -13.78 -5.50
C SER ZA 145 24.11 -14.04 -4.94
N THR ZA 146 24.99 -14.59 -5.79
CA THR ZA 146 26.40 -14.78 -5.46
C THR ZA 146 27.10 -13.45 -5.17
N ALA ZA 147 26.89 -12.49 -6.07
CA ALA ZA 147 27.51 -11.17 -5.95
C ALA ZA 147 27.12 -10.45 -4.66
N PHE ZA 148 25.89 -10.69 -4.20
CA PHE ZA 148 25.41 -10.12 -2.94
C PHE ZA 148 25.95 -10.89 -1.73
N ASP ZA 149 26.22 -12.18 -1.92
CA ASP ZA 149 26.76 -13.02 -0.84
C ASP ZA 149 28.26 -12.85 -0.63
N SER ZA 150 28.96 -12.42 -1.68
CA SER ZA 150 30.42 -12.30 -1.66
C SER ZA 150 30.92 -10.96 -1.14
N VAL ZA 151 30.00 -10.03 -0.86
CA VAL ZA 151 30.38 -8.69 -0.42
C VAL ZA 151 30.15 -8.48 1.08
N LYS AB 1 7.63 -27.09 -9.09
CA LYS AB 1 8.18 -26.20 -10.14
C LYS AB 1 8.22 -24.75 -9.66
N SER AB 2 9.41 -24.27 -9.37
CA SER AB 2 9.63 -22.90 -8.87
C SER AB 2 9.33 -21.85 -9.95
N ALA AB 3 8.15 -21.23 -9.84
CA ALA AB 3 7.66 -20.30 -10.87
C ALA AB 3 8.40 -18.96 -10.89
N VAL AB 4 8.25 -18.17 -9.82
CA VAL AB 4 8.88 -16.86 -9.73
C VAL AB 4 10.02 -16.88 -8.71
N THR AB 5 11.14 -16.25 -9.07
CA THR AB 5 12.30 -16.12 -8.19
C THR AB 5 12.68 -14.66 -7.97
N THR AB 6 13.10 -14.33 -6.75
CA THR AB 6 13.48 -12.96 -6.38
C THR AB 6 14.82 -12.89 -5.65
N VAL AB 7 15.59 -11.84 -5.94
CA VAL AB 7 16.88 -11.60 -5.29
C VAL AB 7 16.86 -10.23 -4.61
N VAL AB 8 17.07 -10.20 -3.30
CA VAL AB 8 17.04 -8.95 -2.52
C VAL AB 8 18.42 -8.44 -2.12
N ASN AB 9 18.46 -7.19 -1.66
CA ASN AB 9 19.66 -6.58 -1.11
C ASN AB 9 19.62 -6.63 0.41
N PRO AB 10 20.57 -7.35 1.03
CA PRO AB 10 20.60 -7.51 2.50
C PRO AB 10 20.60 -6.17 3.24
N LYS AB 11 21.35 -5.19 2.75
CA LYS AB 11 21.35 -3.85 3.32
C LYS AB 11 20.41 -2.92 2.56
N CYS BB 17 3.62 -27.57 11.32
CA CYS BB 17 3.36 -28.99 11.68
C CYS BB 17 2.89 -29.79 10.47
N ALA BB 18 3.52 -30.94 10.25
CA ALA BB 18 3.23 -31.80 9.10
C ALA BB 18 3.53 -33.26 9.40
N GLU BB 19 2.74 -34.16 8.82
CA GLU BB 19 2.96 -35.60 8.95
C GLU BB 19 3.19 -36.25 7.58
N PHE BB 20 4.19 -37.12 7.51
CA PHE BB 20 4.58 -37.79 6.27
C PHE BB 20 4.62 -39.30 6.45
N ARG BB 21 4.17 -40.02 5.43
CA ARG BB 21 4.25 -41.48 5.43
C ARG BB 21 5.57 -41.92 4.80
N ILE BB 22 6.36 -42.67 5.57
CA ILE BB 22 7.70 -43.10 5.15
C ILE BB 22 8.01 -44.53 5.56
N LYS BB 23 9.10 -45.08 5.02
CA LYS BB 23 9.61 -46.39 5.43
C LYS BB 23 10.97 -46.23 6.11
N TYR BB 24 11.31 -47.19 6.97
CA TYR BB 24 12.54 -47.11 7.77
C TYR BB 24 13.59 -48.13 7.33
N VAL BB 25 14.67 -47.63 6.73
CA VAL BB 25 15.73 -48.47 6.19
C VAL BB 25 16.61 -49.07 7.29
N GLY BB 26 17.01 -48.24 8.25
CA GLY BB 26 17.86 -48.67 9.35
C GLY BB 26 18.65 -47.50 9.94
N ALA BB 27 19.63 -47.83 10.78
CA ALA BB 27 20.46 -46.81 11.43
C ALA BB 27 21.90 -47.27 11.67
N ILE BB 28 22.82 -46.31 11.69
CA ILE BB 28 24.20 -46.54 12.11
C ILE BB 28 24.38 -45.89 13.49
N GLU BB 29 24.64 -46.72 14.49
CA GLU BB 29 24.64 -46.29 15.89
C GLU BB 29 25.98 -45.66 16.30
N LYS BB 30 26.04 -44.61 17.14
CA LYS BB 30 27.32 -44.36 17.88
C LYS BB 30 28.63 -43.92 17.15
N LEU BB 31 28.58 -42.86 16.34
CA LEU BB 31 29.77 -42.40 15.59
C LEU BB 31 30.36 -41.08 16.12
N GLY BB 41 29.58 -30.27 5.10
CA GLY BB 41 29.74 -31.37 4.16
C GLY BB 41 28.51 -32.25 4.06
N PRO BB 42 27.68 -32.03 3.04
CA PRO BB 42 26.46 -32.83 2.84
C PRO BB 42 26.73 -34.17 2.14
N LEU BB 43 27.77 -34.23 1.32
CA LEU BB 43 28.05 -35.42 0.51
C LEU BB 43 28.70 -36.55 1.31
N ASP BB 44 29.39 -36.20 2.39
CA ASP BB 44 30.07 -37.18 3.25
C ASP BB 44 29.07 -38.13 3.92
N LEU BB 45 27.86 -37.63 4.14
CA LEU BB 45 26.74 -38.42 4.67
C LEU BB 45 26.30 -39.50 3.67
N ILE BB 46 26.08 -39.07 2.43
CA ILE BB 46 25.66 -39.96 1.34
C ILE BB 46 26.69 -41.07 1.12
N ASN BB 47 27.96 -40.68 1.13
CA ASN BB 47 29.07 -41.60 0.90
C ASN BB 47 29.15 -42.70 1.96
N TYR BB 48 28.93 -42.33 3.22
CA TYR BB 48 28.99 -43.27 4.35
C TYR BB 48 27.86 -44.30 4.29
N ILE BB 49 26.68 -43.86 3.85
CA ILE BB 49 25.51 -44.74 3.70
C ILE BB 49 25.73 -45.73 2.56
N ASP BB 50 26.36 -45.26 1.48
CA ASP BB 50 26.74 -46.12 0.37
C ASP BB 50 27.68 -47.23 0.82
N VAL BB 51 28.63 -46.89 1.69
CA VAL BB 51 29.56 -47.86 2.26
C VAL BB 51 28.84 -48.85 3.19
N ALA BB 52 27.98 -48.32 4.05
CA ALA BB 52 27.22 -49.13 5.01
C ALA BB 52 26.28 -50.13 4.35
N GLN BB 53 25.73 -49.76 3.20
CA GLN BB 53 24.86 -50.64 2.42
C GLN BB 53 25.66 -51.75 1.75
N GLN BB 54 26.86 -51.43 1.28
CA GLN BB 54 27.74 -52.36 0.58
C GLN BB 54 28.35 -53.43 1.50
N ASP BB 55 28.12 -53.30 2.80
CA ASP BB 55 28.68 -54.23 3.78
C ASP BB 55 27.62 -55.11 4.45
N PHE BB 60 19.54 -52.40 1.40
CA PHE BB 60 19.14 -51.58 0.25
C PHE BB 60 17.63 -51.40 0.21
N VAL BB 61 16.91 -52.26 0.95
CA VAL BB 61 15.46 -52.23 0.99
C VAL BB 61 14.98 -52.35 2.44
N PRO BB 62 14.24 -51.33 2.93
CA PRO BB 62 13.63 -51.31 4.28
C PRO BB 62 12.57 -52.41 4.45
N PRO BB 63 12.08 -52.62 5.69
CA PRO BB 63 10.88 -53.46 5.84
C PRO BB 63 9.63 -52.74 5.35
N GLU BB 64 8.57 -53.52 5.09
CA GLU BB 64 7.34 -53.01 4.48
C GLU BB 64 6.55 -52.07 5.39
N GLU BB 65 6.76 -52.19 6.70
CA GLU BB 65 6.07 -51.37 7.69
C GLU BB 65 6.11 -49.89 7.32
N GLU BB 66 4.94 -49.30 7.14
CA GLU BB 66 4.83 -47.87 6.87
C GLU BB 66 4.79 -47.13 8.20
N PHE BB 67 5.55 -46.03 8.28
CA PHE BB 67 5.63 -45.23 9.48
C PHE BB 67 5.23 -43.79 9.21
N ILE BB 68 4.83 -43.08 10.26
CA ILE BB 68 4.43 -41.68 10.15
C ILE BB 68 5.50 -40.77 10.75
N GLY BB 70 6.32 -37.16 11.84
CA GLY BB 70 5.75 -35.87 12.20
C GLY BB 70 6.83 -34.82 12.43
N VAL BB 71 6.69 -33.68 11.78
CA VAL BB 71 7.63 -32.56 11.94
C VAL BB 71 6.93 -31.44 12.70
N SER BB 72 7.61 -30.90 13.71
CA SER BB 72 7.09 -29.81 14.52
C SER BB 72 8.20 -28.84 14.92
N LYS BB 73 7.86 -27.84 15.73
CA LYS BB 73 8.86 -26.93 16.29
C LYS BB 73 9.60 -27.59 17.45
N TYR BB 74 9.01 -28.66 17.98
CA TYR BB 74 9.62 -29.47 19.04
C TYR BB 74 10.71 -30.38 18.50
N GLY BB 75 10.57 -30.78 17.25
CA GLY BB 75 11.52 -31.69 16.59
C GLY BB 75 10.85 -32.63 15.61
N ILE BB 76 11.48 -33.77 15.36
CA ILE BB 76 10.92 -34.80 14.47
C ILE BB 76 10.44 -36.00 15.28
N LYS BB 77 9.20 -36.40 15.07
CA LYS BB 77 8.63 -37.58 15.72
C LYS BB 77 8.31 -38.66 14.69
N HIS BB 88 10.86 -43.33 16.91
CA HIS BB 88 12.01 -42.45 17.15
C HIS BB 88 11.59 -41.05 17.51
N ARG BB 89 12.43 -40.38 18.29
CA ARG BB 89 12.23 -38.98 18.65
C ARG BB 89 13.54 -38.19 18.54
N HIS BB 90 13.68 -37.45 17.45
CA HIS BB 90 14.87 -36.65 17.21
C HIS BB 90 14.62 -35.22 17.61
N ALA BB 91 15.32 -34.78 18.65
CA ALA BB 91 15.20 -33.43 19.16
C ALA BB 91 15.81 -32.42 18.18
N LEU BB 92 15.11 -31.30 17.98
CA LEU BB 92 15.55 -30.27 17.05
C LEU BB 92 16.92 -29.69 17.42
N TYR BB 93 17.20 -29.66 18.72
CA TYR BB 93 18.47 -29.12 19.24
C TYR BB 93 19.65 -30.02 18.89
N LEU BB 94 19.39 -31.32 18.73
CA LEU BB 94 20.43 -32.31 18.49
C LEU BB 94 20.57 -32.73 17.03
N ILE BB 95 19.64 -32.27 16.18
CA ILE BB 95 19.71 -32.51 14.74
C ILE BB 95 20.71 -31.55 14.10
N ILE BB 96 21.67 -32.10 13.37
CA ILE BB 96 22.71 -31.30 12.71
C ILE BB 96 22.41 -31.11 11.22
N ARG BB 97 22.22 -32.21 10.50
CA ARG BB 97 22.01 -32.17 9.05
C ARG BB 97 21.03 -33.24 8.57
N VAL BB 99 19.68 -34.95 4.94
CA VAL BB 99 20.01 -35.09 3.51
C VAL BB 99 19.02 -36.05 2.86
N CYS BB 100 18.48 -35.66 1.70
CA CYS BB 100 17.63 -36.55 0.93
C CYS BB 100 18.08 -36.62 -0.53
N TYR BB 101 18.16 -37.84 -1.05
CA TYR BB 101 18.64 -38.09 -2.42
C TYR BB 101 17.99 -39.32 -3.04
N ASP BB 102 17.85 -39.30 -4.36
CA ASP BB 102 17.34 -40.44 -5.12
C ASP BB 102 18.38 -41.55 -5.13
N ASP BB 103 17.98 -42.75 -4.73
CA ASP BB 103 18.89 -43.90 -4.66
C ASP BB 103 19.30 -44.40 -6.05
N LYS BB 109 12.39 -44.16 -5.96
CA LYS BB 109 12.49 -44.11 -4.50
C LYS BB 109 13.68 -43.25 -4.07
N SER BB 110 13.58 -42.62 -2.90
CA SER BB 110 14.63 -41.77 -2.38
C SER BB 110 14.96 -42.06 -0.92
N LEU BB 111 16.22 -41.87 -0.56
CA LEU BB 111 16.71 -42.13 0.79
C LEU BB 111 16.78 -40.84 1.61
N LEU BB 112 16.32 -40.93 2.86
CA LEU BB 112 16.29 -39.78 3.77
C LEU BB 112 17.21 -40.00 4.97
N ALA BB 113 18.27 -39.20 5.05
CA ALA BB 113 19.30 -39.36 6.07
C ALA BB 113 19.26 -38.27 7.13
N LEU BB 114 19.29 -38.68 8.39
CA LEU BB 114 19.33 -37.75 9.51
C LEU BB 114 20.58 -37.96 10.37
N LYS BB 115 21.40 -36.91 10.45
CA LYS BB 115 22.59 -36.93 11.29
C LYS BB 115 22.28 -36.26 12.63
N THR BB 116 22.24 -37.05 13.70
CA THR BB 116 21.96 -36.54 15.04
C THR BB 116 23.15 -36.78 15.98
N THR BB 117 23.09 -36.17 17.17
CA THR BB 117 24.14 -36.31 18.18
C THR BB 117 23.56 -36.53 19.57
N TYR BB 124 27.97 -39.29 17.17
CA TYR BB 124 27.01 -39.00 16.10
C TYR BB 124 26.23 -40.26 15.71
N SER BB 125 24.98 -40.07 15.29
CA SER BB 125 24.13 -41.18 14.84
C SER BB 125 23.42 -40.86 13.54
N LEU BB 126 23.40 -41.82 12.63
CA LEU BB 126 22.76 -41.65 11.33
C LEU BB 126 21.49 -42.49 11.24
N TRP BB 127 20.40 -41.84 10.84
CA TRP BB 127 19.12 -42.52 10.69
C TRP BB 127 18.66 -42.44 9.26
N VAL BB 128 18.48 -43.60 8.63
CA VAL BB 128 18.13 -43.67 7.21
C VAL BB 128 16.68 -44.08 7.01
N TYR BB 129 15.96 -43.28 6.23
CA TYR BB 129 14.56 -43.52 5.91
C TYR BB 129 14.37 -43.59 4.40
N GLN BB 130 13.21 -44.07 3.96
CA GLN BB 130 12.89 -44.12 2.53
C GLN BB 130 11.57 -43.42 2.22
N CYS BB 131 11.63 -42.51 1.26
CA CYS BB 131 10.44 -41.86 0.72
C CYS BB 131 10.19 -42.38 -0.69
N ASN BB 132 8.91 -42.54 -1.04
CA ASN BB 132 8.54 -43.11 -2.35
C ASN BB 132 8.78 -42.18 -3.54
N SER BB 133 9.26 -40.96 -3.26
CA SER BB 133 9.63 -40.00 -4.30
C SER BB 133 10.59 -38.94 -3.76
N LEU BB 134 11.40 -38.39 -4.65
CA LEU BB 134 12.34 -37.31 -4.31
C LEU BB 134 11.60 -36.05 -3.89
N GLU BB 135 10.47 -35.79 -4.55
CA GLU BB 135 9.64 -34.61 -4.30
C GLU BB 135 9.10 -34.62 -2.86
N GLN BB 136 8.65 -35.78 -2.40
CA GLN BB 136 8.15 -35.93 -1.04
C GLN BB 136 9.28 -35.79 -0.01
N ALA BB 137 10.45 -36.30 -0.36
CA ALA BB 137 11.64 -36.22 0.49
C ALA BB 137 12.10 -34.77 0.66
N GLN BB 138 11.98 -34.00 -0.42
CA GLN BB 138 12.32 -32.57 -0.40
C GLN BB 138 11.30 -31.77 0.40
N ALA BB 139 10.06 -32.22 0.38
CA ALA BB 139 8.98 -31.57 1.13
C ALA BB 139 9.25 -31.58 2.64
N ILE BB 140 9.72 -32.71 3.15
CA ILE BB 140 10.04 -32.86 4.57
C ILE BB 140 11.21 -31.97 4.97
N CYS BB 141 12.19 -31.84 4.08
CA CYS BB 141 13.32 -30.94 4.27
C CYS BB 141 12.86 -29.49 4.40
N LYS BB 142 11.91 -29.10 3.55
CA LYS BB 142 11.33 -27.76 3.55
C LYS BB 142 10.68 -27.42 4.90
N VAL BB 143 9.90 -28.37 5.42
CA VAL BB 143 9.21 -28.20 6.71
C VAL BB 143 10.21 -28.15 7.87
N LEU BB 144 11.29 -28.91 7.74
CA LEU BB 144 12.36 -28.88 8.75
C LEU BB 144 13.10 -27.54 8.74
N SER BB 145 13.36 -27.02 7.53
CA SER BB 145 14.02 -25.74 7.37
C SER BB 145 13.25 -24.61 8.07
N THR BB 146 11.93 -24.69 8.02
CA THR BB 146 11.04 -23.76 8.74
C THR BB 146 11.28 -23.84 10.24
N ALA BB 147 11.29 -25.06 10.78
CA ALA BB 147 11.48 -25.30 12.21
C ALA BB 147 12.81 -24.73 12.73
N PHE BB 148 13.83 -24.76 11.88
CA PHE BB 148 15.14 -24.19 12.21
C PHE BB 148 15.16 -22.67 12.09
N ASP BB 149 14.32 -22.14 11.20
CA ASP BB 149 14.21 -20.68 10.99
C ASP BB 149 13.35 -19.99 12.04
N SER BB 150 12.44 -20.74 12.65
CA SER BB 150 11.48 -20.18 13.61
C SER BB 150 11.99 -20.14 15.05
N VAL BB 151 13.17 -20.70 15.28
CA VAL BB 151 13.73 -20.78 16.64
C VAL BB 151 14.85 -19.77 16.87
N LYS CB 1 17.05 -29.15 -11.96
CA LYS CB 1 16.42 -30.04 -10.95
C LYS CB 1 17.43 -30.41 -9.88
N SER CB 2 16.94 -30.85 -8.73
CA SER CB 2 17.81 -31.18 -7.60
C SER CB 2 18.18 -32.65 -7.57
N ALA CB 3 19.43 -32.93 -7.24
CA ALA CB 3 19.90 -34.30 -7.08
C ALA CB 3 20.00 -34.65 -5.60
N VAL CB 4 20.45 -33.68 -4.80
CA VAL CB 4 20.55 -33.79 -3.36
C VAL CB 4 19.96 -32.52 -2.75
N THR CB 5 19.30 -32.67 -1.59
CA THR CB 5 18.71 -31.53 -0.88
C THR CB 5 19.07 -31.60 0.61
N THR CB 6 19.42 -30.45 1.18
CA THR CB 6 19.99 -30.39 2.53
C THR CB 6 19.28 -29.40 3.44
N VAL CB 7 19.23 -29.74 4.74
CA VAL CB 7 18.80 -28.80 5.78
C VAL CB 7 19.79 -28.86 6.96
N VAL CB 8 20.60 -27.81 7.07
CA VAL CB 8 21.59 -27.69 8.14
C VAL CB 8 21.18 -26.56 9.09
N ASN CB 9 21.75 -26.54 10.28
CA ASN CB 9 21.54 -25.48 11.25
C ASN CB 9 22.03 -24.12 10.72
N PRO CB 10 21.12 -23.13 10.62
CA PRO CB 10 21.45 -21.81 10.11
C PRO CB 10 22.34 -21.02 11.07
N CYS DB 17 21.31 -18.27 -25.21
CA CYS DB 17 22.78 -18.14 -25.37
C CYS DB 17 23.39 -17.41 -24.17
N ALA DB 18 24.44 -18.00 -23.61
CA ALA DB 18 25.11 -17.48 -22.42
C ALA DB 18 26.58 -17.88 -22.38
N GLU DB 19 27.42 -17.00 -21.84
CA GLU DB 19 28.84 -17.29 -21.65
C GLU DB 19 29.24 -17.20 -20.18
N PHE DB 20 29.99 -18.19 -19.73
CA PHE DB 20 30.42 -18.29 -18.33
C PHE DB 20 31.94 -18.43 -18.21
N ARG DB 21 32.51 -17.75 -17.22
CA ARG DB 21 33.94 -17.87 -16.94
C ARG DB 21 34.17 -19.02 -15.95
N ILE DB 22 34.98 -20.00 -16.37
CA ILE DB 22 35.24 -21.21 -15.58
C ILE DB 22 36.69 -21.66 -15.66
N LYS DB 23 37.06 -22.60 -14.80
CA LYS DB 23 38.39 -23.23 -14.83
C LYS DB 23 38.24 -24.70 -15.22
N TYR DB 24 39.31 -25.27 -15.79
CA TYR DB 24 39.28 -26.65 -16.28
C TYR DB 24 40.14 -27.59 -15.44
N VAL DB 25 39.46 -28.48 -14.71
CA VAL DB 25 40.13 -29.42 -13.80
C VAL DB 25 40.85 -30.54 -14.55
N GLY DB 26 40.16 -31.12 -15.54
CA GLY DB 26 40.71 -32.23 -16.32
C GLY DB 26 39.61 -33.10 -16.91
N ALA DB 27 40.01 -34.27 -17.43
CA ALA DB 27 39.06 -35.20 -18.04
C ALA DB 27 39.44 -36.66 -17.87
N ILE DB 28 38.44 -37.53 -17.85
CA ILE DB 28 38.65 -38.97 -17.89
C ILE DB 28 38.24 -39.47 -19.28
N GLU DB 29 39.22 -39.98 -20.02
CA GLU DB 29 39.07 -40.24 -21.44
C GLU DB 29 38.29 -41.51 -21.78
N LEU DB 31 35.65 -44.68 -21.58
CA LEU DB 31 35.11 -45.73 -20.71
C LEU DB 31 34.10 -46.59 -21.47
N LYS DB 32 33.68 -47.70 -20.86
CA LYS DB 32 32.67 -48.57 -21.45
C LYS DB 32 31.44 -48.70 -20.55
N LEU DB 33 31.67 -48.67 -19.24
CA LEU DB 33 30.59 -48.76 -18.26
C LEU DB 33 31.00 -48.04 -16.97
N SER DB 34 32.32 -47.96 -16.75
CA SER DB 34 32.92 -47.33 -15.58
C SER DB 34 34.45 -47.34 -15.69
N GLY DB 41 22.58 -42.54 -13.85
CA GLY DB 41 23.17 -42.45 -12.52
C GLY DB 41 23.79 -41.10 -12.24
N PRO DB 42 23.05 -40.23 -11.50
CA PRO DB 42 23.55 -38.89 -11.15
C PRO DB 42 24.68 -38.89 -10.12
N LEU DB 43 24.48 -39.58 -9.00
CA LEU DB 43 25.49 -39.69 -7.94
C LEU DB 43 26.70 -40.52 -8.35
N ASP DB 44 26.49 -41.44 -9.28
CA ASP DB 44 27.55 -42.33 -9.77
C ASP DB 44 28.66 -41.55 -10.47
N LEU DB 45 28.28 -40.41 -11.05
CA LEU DB 45 29.23 -39.47 -11.67
C LEU DB 45 30.14 -38.84 -10.62
N ILE DB 46 29.53 -38.33 -9.55
CA ILE DB 46 30.25 -37.68 -8.45
C ILE DB 46 31.24 -38.66 -7.81
N ASN DB 47 30.77 -39.88 -7.59
CA ASN DB 47 31.56 -40.94 -6.96
C ASN DB 47 32.81 -41.30 -7.75
N TYR DB 48 32.68 -41.36 -9.07
CA TYR DB 48 33.78 -41.72 -9.97
C TYR DB 48 34.87 -40.63 -9.99
N ILE DB 49 34.44 -39.38 -9.91
CA ILE DB 49 35.37 -38.24 -9.88
C ILE DB 49 36.13 -38.20 -8.55
N ASP DB 50 35.44 -38.54 -7.47
CA ASP DB 50 36.07 -38.67 -6.15
C ASP DB 50 37.18 -39.73 -6.17
N VAL DB 51 36.92 -40.84 -6.87
CA VAL DB 51 37.90 -41.91 -7.02
C VAL DB 51 39.08 -41.46 -7.89
N ALA DB 52 38.77 -40.80 -9.00
CA ALA DB 52 39.78 -40.32 -9.95
C ALA DB 52 40.72 -39.28 -9.35
N GLN DB 53 40.19 -38.46 -8.44
CA GLN DB 53 40.98 -37.46 -7.73
C GLN DB 53 41.92 -38.11 -6.70
N GLN DB 54 41.43 -39.16 -6.05
CA GLN DB 54 42.17 -39.87 -5.01
C GLN DB 54 43.33 -40.72 -5.55
N ASP DB 55 43.44 -40.80 -6.88
CA ASP DB 55 44.49 -41.59 -7.52
C ASP DB 55 45.57 -40.74 -8.18
N GLY DB 56 45.31 -39.45 -8.33
CA GLY DB 56 46.27 -38.52 -8.92
C GLY DB 56 46.16 -38.47 -10.43
N LYS DB 57 45.00 -38.84 -10.95
CA LYS DB 57 44.71 -38.78 -12.37
C LYS DB 57 43.96 -37.48 -12.69
N LEU DB 58 43.06 -37.11 -11.79
CA LEU DB 58 42.43 -35.79 -11.80
C LEU DB 58 42.91 -34.99 -10.60
N PRO DB 59 43.39 -33.75 -10.84
CA PRO DB 59 43.83 -32.91 -9.73
C PRO DB 59 42.66 -32.42 -8.89
N PHE DB 60 42.94 -32.05 -7.64
CA PHE DB 60 41.96 -31.41 -6.79
C PHE DB 60 41.87 -29.92 -7.11
N VAL DB 61 42.89 -29.43 -7.82
CA VAL DB 61 42.98 -28.04 -8.21
C VAL DB 61 43.35 -27.94 -9.69
N PRO DB 62 42.49 -27.32 -10.52
CA PRO DB 62 42.74 -27.05 -11.95
C PRO DB 62 43.97 -26.15 -12.19
N PRO DB 63 44.37 -25.89 -13.44
CA PRO DB 63 45.31 -24.78 -13.68
C PRO DB 63 44.63 -23.41 -13.65
N GLU DB 64 45.41 -22.36 -13.47
CA GLU DB 64 44.90 -21.00 -13.26
C GLU DB 64 44.18 -20.41 -14.47
N GLU DB 65 44.50 -20.92 -15.65
CA GLU DB 65 43.91 -20.46 -16.91
C GLU DB 65 42.39 -20.38 -16.81
N GLU DB 66 41.86 -19.17 -17.00
CA GLU DB 66 40.43 -18.97 -17.04
C GLU DB 66 39.92 -19.22 -18.44
N PHE DB 67 38.81 -19.94 -18.54
CA PHE DB 67 38.21 -20.28 -19.83
C PHE DB 67 36.77 -19.78 -19.90
N ILE DB 68 36.28 -19.63 -21.13
CA ILE DB 68 34.91 -19.18 -21.36
C ILE DB 68 34.05 -20.33 -21.87
N GLY DB 70 30.62 -21.27 -23.37
CA GLY DB 70 29.45 -20.77 -24.08
C GLY DB 70 28.40 -21.85 -24.26
N VAL DB 71 27.17 -21.53 -23.86
CA VAL DB 71 26.04 -22.44 -24.02
C VAL DB 71 25.09 -21.91 -25.10
N SER DB 72 24.69 -22.80 -26.00
CA SER DB 72 23.80 -22.45 -27.11
C SER DB 72 22.85 -23.61 -27.43
N LYS DB 73 22.12 -23.50 -28.53
CA LYS DB 73 21.22 -24.56 -28.99
C LYS DB 73 21.96 -25.79 -29.53
N TYR DB 74 23.07 -25.55 -30.23
CA TYR DB 74 23.85 -26.63 -30.84
C TYR DB 74 24.75 -27.39 -29.86
N GLY DB 75 24.88 -26.86 -28.64
CA GLY DB 75 25.65 -27.52 -27.59
C GLY DB 75 26.41 -26.57 -26.69
N ILE DB 76 27.55 -27.06 -26.19
CA ILE DB 76 28.43 -26.29 -25.29
C ILE DB 76 29.78 -26.06 -25.95
N LYS DB 77 30.23 -24.81 -25.95
CA LYS DB 77 31.55 -24.45 -26.48
C LYS DB 77 32.45 -23.91 -25.38
N VAL DB 78 33.67 -24.42 -25.30
CA VAL DB 78 34.67 -23.96 -24.32
C VAL DB 78 35.87 -23.37 -25.05
N SER DB 79 36.27 -22.16 -24.66
CA SER DB 79 37.35 -21.44 -25.33
C SER DB 79 38.23 -20.63 -24.36
N THR DB 80 39.30 -20.04 -24.88
CA THR DB 80 40.19 -19.18 -24.11
C THR DB 80 39.54 -17.83 -23.77
N SER DB 81 40.13 -17.11 -22.81
CA SER DB 81 39.58 -15.85 -22.31
C SER DB 81 39.86 -14.63 -23.20
N ASP DB 82 40.51 -14.84 -24.34
CA ASP DB 82 40.77 -13.78 -25.31
C ASP DB 82 40.16 -14.10 -26.67
N GLN DB 83 39.32 -15.15 -26.71
CA GLN DB 83 38.79 -15.71 -27.96
C GLN DB 83 39.92 -16.16 -28.89
N TYR DB 84 41.07 -16.45 -28.28
CA TYR DB 84 42.30 -16.81 -28.99
C TYR DB 84 42.21 -18.23 -29.54
N ASP DB 85 41.93 -19.19 -28.65
CA ASP DB 85 41.83 -20.60 -29.01
C ASP DB 85 40.56 -21.25 -28.46
N VAL DB 86 40.16 -22.36 -29.08
CA VAL DB 86 39.03 -23.16 -28.63
C VAL DB 86 39.53 -24.44 -27.99
N LEU DB 87 38.99 -24.76 -26.81
CA LEU DB 87 39.40 -25.95 -26.06
C LEU DB 87 38.54 -27.18 -26.34
N HIS DB 88 37.24 -27.07 -26.08
CA HIS DB 88 36.32 -28.20 -26.22
C HIS DB 88 35.04 -27.84 -26.91
N ARG DB 89 34.45 -28.82 -27.58
CA ARG DB 89 33.15 -28.67 -28.22
C ARG DB 89 32.27 -29.89 -27.97
N HIS DB 90 31.35 -29.75 -27.02
CA HIS DB 90 30.44 -30.84 -26.68
C HIS DB 90 29.11 -30.63 -27.37
N ALA DB 91 28.80 -31.55 -28.28
CA ALA DB 91 27.57 -31.51 -29.04
C ALA DB 91 26.38 -31.84 -28.15
N LEU DB 92 25.29 -31.10 -28.32
CA LEU DB 92 24.08 -31.27 -27.53
C LEU DB 92 23.49 -32.67 -27.67
N TYR DB 93 23.66 -33.25 -28.85
CA TYR DB 93 23.13 -34.57 -29.16
C TYR DB 93 23.87 -35.68 -28.40
N LEU DB 94 25.14 -35.41 -28.07
CA LEU DB 94 26.00 -36.41 -27.43
C LEU DB 94 26.16 -36.21 -25.91
N ILE DB 95 25.62 -35.09 -25.41
CA ILE DB 95 25.61 -34.83 -23.96
C ILE DB 95 24.49 -35.63 -23.30
N ILE DB 96 24.85 -36.41 -22.28
CA ILE DB 96 23.88 -37.23 -21.55
C ILE DB 96 23.46 -36.59 -20.23
N ARG DB 97 24.44 -36.26 -19.39
CA ARG DB 97 24.16 -35.72 -18.07
C ARG DB 97 25.20 -34.70 -17.62
N VAL DB 99 26.35 -32.58 -14.14
CA VAL DB 99 26.23 -32.55 -12.69
C VAL DB 99 27.13 -31.46 -12.11
N CYS DB 100 26.59 -30.66 -11.20
CA CYS DB 100 27.39 -29.67 -10.49
C CYS DB 100 27.19 -29.77 -8.97
N TYR DB 101 28.30 -29.77 -8.23
CA TYR DB 101 28.27 -29.92 -6.78
C TYR DB 101 29.43 -29.18 -6.10
N ASP DB 102 29.18 -28.72 -4.88
CA ASP DB 102 30.21 -28.09 -4.07
C ASP DB 102 31.23 -29.13 -3.61
N ASP DB 103 32.51 -28.87 -3.90
CA ASP DB 103 33.58 -29.80 -3.53
C ASP DB 103 33.75 -29.92 -2.01
N GLY DB 104 33.24 -28.91 -1.29
CA GLY DB 104 33.20 -28.92 0.18
C GLY DB 104 34.59 -28.89 0.78
N LEU DB 105 35.44 -28.03 0.22
CA LEU DB 105 36.86 -28.04 0.54
C LEU DB 105 37.38 -26.62 0.79
N ALA DB 107 36.92 -22.50 -0.40
CA ALA DB 107 36.49 -21.16 -0.80
C ALA DB 107 35.19 -21.18 -1.61
N GLY DB 108 34.22 -21.97 -1.14
CA GLY DB 108 32.94 -22.14 -1.84
C GLY DB 108 33.08 -22.39 -3.33
N LYS DB 109 34.06 -23.22 -3.70
CA LYS DB 109 34.25 -23.63 -5.09
C LYS DB 109 33.40 -24.86 -5.39
N SER DB 110 33.00 -25.01 -6.64
CA SER DB 110 32.17 -26.14 -7.05
C SER DB 110 32.69 -26.81 -8.32
N LEU DB 111 32.47 -28.11 -8.42
CA LEU DB 111 32.92 -28.91 -9.57
C LEU DB 111 31.79 -29.14 -10.56
N LEU DB 112 32.11 -28.99 -11.84
CA LEU DB 112 31.14 -29.13 -12.92
C LEU DB 112 31.49 -30.31 -13.83
N ALA DB 113 30.66 -31.34 -13.81
CA ALA DB 113 30.91 -32.59 -14.52
C ALA DB 113 30.02 -32.77 -15.75
N LEU DB 114 30.63 -33.12 -16.87
CA LEU DB 114 29.90 -33.39 -18.10
C LEU DB 114 30.17 -34.81 -18.60
N LYS DB 115 29.10 -35.60 -18.68
CA LYS DB 115 29.18 -36.96 -19.22
C LYS DB 115 28.76 -36.94 -20.69
N THR DB 116 29.72 -37.18 -21.57
CA THR DB 116 29.47 -37.22 -23.02
C THR DB 116 29.77 -38.59 -23.60
N THR DB 117 29.40 -38.79 -24.86
CA THR DB 117 29.62 -40.05 -25.56
C THR DB 117 30.11 -39.83 -26.99
N ASP DB 118 30.40 -40.92 -27.69
CA ASP DB 118 30.80 -40.88 -29.10
C ASP DB 118 29.58 -40.85 -30.02
N ALA DB 119 29.82 -40.78 -31.32
CA ALA DB 119 28.75 -40.77 -32.32
C ALA DB 119 27.92 -42.05 -32.28
N SER DB 120 28.60 -43.18 -32.12
CA SER DB 120 27.96 -44.49 -32.08
C SER DB 120 27.23 -44.74 -30.76
N ASN DB 121 27.63 -43.99 -29.73
CA ASN DB 121 27.23 -44.23 -28.34
C ASN DB 121 27.75 -45.57 -27.82
N GLU DB 122 29.06 -45.77 -27.94
CA GLU DB 122 29.74 -46.96 -27.46
C GLU DB 122 30.56 -46.64 -26.21
N GLU DB 123 31.29 -45.52 -26.26
CA GLU DB 123 32.17 -45.10 -25.16
C GLU DB 123 31.61 -43.88 -24.42
N TYR DB 124 32.11 -43.62 -23.22
CA TYR DB 124 31.73 -42.44 -22.45
C TYR DB 124 32.94 -41.63 -22.00
N SER DB 125 32.78 -40.31 -21.93
CA SER DB 125 33.86 -39.41 -21.50
C SER DB 125 33.35 -38.41 -20.47
N LEU DB 126 34.14 -38.20 -19.43
CA LEU DB 126 33.80 -37.26 -18.36
C LEU DB 126 34.70 -36.03 -18.41
N TRP DB 127 34.08 -34.86 -18.39
CA TRP DB 127 34.81 -33.59 -18.41
C TRP DB 127 34.52 -32.81 -17.17
N VAL DB 128 35.57 -32.51 -16.40
CA VAL DB 128 35.40 -31.86 -15.11
C VAL DB 128 35.89 -30.41 -15.16
N TYR DB 129 35.02 -29.50 -14.72
CA TYR DB 129 35.31 -28.07 -14.69
C TYR DB 129 35.13 -27.53 -13.28
N GLN DB 130 35.61 -26.32 -13.04
CA GLN DB 130 35.44 -25.67 -11.73
C GLN DB 130 34.79 -24.30 -11.85
N CYS DB 131 33.72 -24.10 -11.08
CA CYS DB 131 33.08 -22.80 -10.95
C CYS DB 131 33.38 -22.23 -9.57
N ASN DB 132 33.56 -20.92 -9.49
CA ASN DB 132 33.93 -20.28 -8.23
C ASN DB 132 32.79 -20.19 -7.21
N SER DB 133 31.61 -20.67 -7.58
CA SER DB 133 30.46 -20.78 -6.67
C SER DB 133 29.45 -21.81 -7.17
N LEU DB 134 28.69 -22.38 -6.22
CA LEU DB 134 27.63 -23.34 -6.54
C LEU DB 134 26.50 -22.67 -7.33
N GLU DB 135 26.22 -21.42 -7.01
CA GLU DB 135 25.16 -20.65 -7.65
C GLU DB 135 25.44 -20.45 -9.13
N GLN DB 136 26.70 -20.17 -9.47
CA GLN DB 136 27.12 -20.00 -10.87
C GLN DB 136 27.06 -21.33 -11.61
N ALA DB 137 27.42 -22.40 -10.91
CA ALA DB 137 27.40 -23.75 -11.47
C ALA DB 137 25.98 -24.21 -11.78
N GLN DB 138 25.04 -23.81 -10.93
CA GLN DB 138 23.63 -24.10 -11.12
C GLN DB 138 23.04 -23.29 -12.27
N ALA DB 139 23.57 -22.08 -12.46
CA ALA DB 139 23.15 -21.19 -13.53
C ALA DB 139 23.38 -21.80 -14.91
N ILE DB 140 24.55 -22.42 -15.09
CA ILE DB 140 24.92 -23.06 -16.36
C ILE DB 140 24.03 -24.27 -16.64
N CYS DB 141 23.67 -25.01 -15.58
CA CYS DB 141 22.74 -26.12 -15.68
C CYS DB 141 21.37 -25.66 -16.16
N LYS DB 142 20.92 -24.52 -15.63
CA LYS DB 142 19.63 -23.93 -16.01
C LYS DB 142 19.58 -23.59 -17.51
N VAL DB 143 20.65 -22.99 -18.02
CA VAL DB 143 20.75 -22.62 -19.43
C VAL DB 143 20.83 -23.86 -20.32
N LEU DB 144 21.48 -24.92 -19.83
CA LEU DB 144 21.54 -26.19 -20.55
C LEU DB 144 20.18 -26.86 -20.61
N SER DB 145 19.44 -26.81 -19.50
CA SER DB 145 18.10 -27.38 -19.42
C SER DB 145 17.17 -26.77 -20.46
N THR DB 146 17.33 -25.47 -20.71
CA THR DB 146 16.60 -24.75 -21.76
C THR DB 146 16.91 -25.34 -23.13
N ALA DB 147 18.20 -25.52 -23.42
CA ALA DB 147 18.67 -26.04 -24.70
C ALA DB 147 18.10 -27.43 -25.01
N PHE DB 148 17.91 -28.23 -23.96
CA PHE DB 148 17.32 -29.56 -24.08
C PHE DB 148 15.81 -29.50 -24.24
N ASP DB 149 15.19 -28.47 -23.67
CA ASP DB 149 13.74 -28.27 -23.75
C ASP DB 149 13.29 -27.66 -25.08
N SER DB 150 14.19 -26.94 -25.74
CA SER DB 150 13.86 -26.21 -26.96
C SER DB 150 14.04 -27.05 -28.24
N VAL DB 151 14.55 -28.27 -28.09
CA VAL DB 151 14.82 -29.14 -29.24
C VAL DB 151 13.75 -30.24 -29.42
N LEU DB 152 13.07 -30.59 -28.33
CA LEU DB 152 11.96 -31.54 -28.38
C LEU DB 152 10.64 -30.84 -28.05
N ILE EB 22 62.46 -45.83 57.52
CA ILE EB 22 61.34 -46.42 58.32
C ILE EB 22 61.83 -47.31 59.45
N LYS EB 23 61.14 -47.26 60.58
CA LYS EB 23 61.55 -47.98 61.78
C LYS EB 23 60.65 -49.19 62.06
N TYR EB 24 61.27 -50.29 62.49
CA TYR EB 24 60.54 -51.49 62.88
C TYR EB 24 59.72 -51.24 64.15
N VAL EB 25 58.43 -51.04 63.96
CA VAL EB 25 57.49 -50.80 65.07
C VAL EB 25 57.07 -52.14 65.69
N GLY EB 26 56.70 -53.08 64.83
CA GLY EB 26 56.24 -54.40 65.25
C GLY EB 26 55.44 -55.06 64.14
N ALA EB 27 56.11 -55.91 63.37
CA ALA EB 27 55.51 -56.58 62.23
C ALA EB 27 54.43 -57.59 62.64
N ILE EB 28 53.32 -57.58 61.91
CA ILE EB 28 52.20 -58.49 62.16
C ILE EB 28 51.86 -59.29 60.91
N GLY EB 56 47.39 -51.41 72.11
CA GLY EB 56 47.69 -51.87 73.46
C GLY EB 56 48.87 -52.82 73.48
N LYS EB 57 48.81 -53.86 72.65
CA LYS EB 57 49.85 -54.88 72.57
C LYS EB 57 51.16 -54.37 71.94
N LEU EB 58 51.04 -53.58 70.88
CA LEU EB 58 52.19 -53.01 70.18
C LEU EB 58 52.84 -51.87 70.96
N PRO EB 59 54.19 -51.78 70.91
CA PRO EB 59 54.90 -50.62 71.47
C PRO EB 59 54.66 -49.36 70.64
N PHE EB 60 54.78 -48.20 71.27
CA PHE EB 60 54.50 -46.93 70.62
C PHE EB 60 55.76 -46.21 70.11
N VAL EB 61 56.90 -46.51 70.72
CA VAL EB 61 58.18 -45.93 70.32
C VAL EB 61 59.15 -47.01 69.83
N PRO EB 62 59.32 -47.13 68.50
CA PRO EB 62 60.24 -48.09 67.90
C PRO EB 62 61.72 -47.71 68.10
N PRO EB 63 62.65 -48.68 67.94
CA PRO EB 63 64.09 -48.46 68.09
C PRO EB 63 64.66 -47.41 67.12
N GLU EB 64 65.82 -46.87 67.48
CA GLU EB 64 66.46 -45.79 66.71
C GLU EB 64 67.33 -46.31 65.56
N GLU EB 65 67.34 -47.62 65.36
CA GLU EB 65 68.09 -48.24 64.26
C GLU EB 65 67.40 -48.04 62.92
N GLU EB 66 68.20 -47.96 61.85
CA GLU EB 66 67.69 -47.75 60.50
C GLU EB 66 67.75 -49.03 59.66
N GLY EB 70 62.20 -48.82 49.93
CA GLY EB 70 62.69 -49.23 48.62
C GLY EB 70 61.57 -49.47 47.62
N VAL EB 71 60.99 -48.38 47.11
CA VAL EB 71 59.92 -48.46 46.12
C VAL EB 71 60.47 -48.12 44.73
N SER EB 72 60.23 -49.01 43.77
CA SER EB 72 60.65 -48.81 42.39
C SER EB 72 59.72 -49.53 41.41
N ARG EB 97 46.22 -50.17 52.17
CA ARG EB 97 45.64 -48.87 52.46
C ARG EB 97 46.67 -47.95 53.13
N VAL EB 99 47.46 -44.82 55.12
CA VAL EB 99 46.83 -43.88 56.07
C VAL EB 99 47.92 -43.15 56.87
N CYS EB 100 47.99 -41.83 56.67
CA CYS EB 100 48.92 -40.97 57.39
C CYS EB 100 48.34 -39.57 57.57
N SER EB 110 53.89 -39.59 62.86
CA SER EB 110 54.38 -40.15 61.60
C SER EB 110 54.18 -41.67 61.57
N LEU EB 111 53.15 -42.11 60.86
CA LEU EB 111 52.84 -43.52 60.71
C LEU EB 111 52.45 -43.85 59.29
N LEU EB 112 53.17 -44.79 58.67
CA LEU EB 112 52.84 -45.27 57.33
C LEU EB 112 52.09 -46.59 57.41
N ALA EB 113 50.77 -46.50 57.54
CA ALA EB 113 49.90 -47.67 57.70
C ALA EB 113 49.92 -48.58 56.47
N LEU EB 114 50.07 -49.87 56.73
CA LEU EB 114 50.15 -50.88 55.67
C LEU EB 114 49.43 -52.17 56.08
N LYS EB 115 48.12 -52.21 55.84
CA LYS EB 115 47.35 -53.44 56.08
C LYS EB 115 47.58 -54.42 54.93
N SER EB 125 47.58 -60.07 57.24
CA SER EB 125 48.85 -59.51 57.69
C SER EB 125 48.82 -57.98 57.72
N LEU EB 126 49.35 -57.41 58.80
CA LEU EB 126 49.40 -55.97 58.97
C LEU EB 126 50.83 -55.49 59.20
N TRP EB 127 51.12 -54.26 58.76
CA TRP EB 127 52.45 -53.66 58.94
C TRP EB 127 52.32 -52.22 59.30
N VAL EB 128 53.14 -51.78 60.26
CA VAL EB 128 53.18 -50.37 60.69
C VAL EB 128 54.63 -49.89 60.75
N TYR EB 129 54.90 -48.73 60.17
CA TYR EB 129 56.25 -48.16 60.16
C TYR EB 129 56.28 -46.69 60.57
N GLN EB 130 57.33 -46.31 61.29
CA GLN EB 130 57.52 -44.92 61.75
C GLN EB 130 58.72 -44.28 61.06
N CYS EB 131 58.60 -42.99 60.76
CA CYS EB 131 59.66 -42.24 60.10
C CYS EB 131 60.33 -41.23 61.03
N ASN EB 132 60.97 -40.22 60.45
CA ASN EB 132 61.61 -39.15 61.21
C ASN EB 132 60.61 -38.14 61.76
N CYS EB 141 54.25 -41.97 50.63
CA CYS EB 141 52.88 -42.14 50.17
C CYS EB 141 52.77 -41.90 48.66
N LYS EB 142 53.53 -40.92 48.15
CA LYS EB 142 53.44 -40.48 46.76
C LYS EB 142 54.17 -41.38 45.77
N VAL EB 143 55.29 -41.97 46.20
CA VAL EB 143 56.05 -42.90 45.36
C VAL EB 143 55.27 -44.20 45.17
N LEU EB 144 54.56 -44.61 46.23
CA LEU EB 144 53.73 -45.82 46.19
C LEU EB 144 52.46 -45.61 45.37
N SER EB 145 51.89 -44.41 45.46
CA SER EB 145 50.66 -44.07 44.73
C SER EB 145 50.84 -44.04 43.21
N THR EB 146 52.07 -43.77 42.78
CA THR EB 146 52.40 -43.70 41.35
C THR EB 146 52.45 -45.10 40.71
N ALA EB 147 52.79 -46.11 41.51
CA ALA EB 147 52.91 -47.49 41.04
C ALA EB 147 51.58 -48.06 40.55
N PHE EB 148 50.50 -47.79 41.28
CA PHE EB 148 49.16 -48.21 40.89
C PHE EB 148 48.67 -47.41 39.67
N ASP EB 149 49.04 -46.12 39.64
CA ASP EB 149 48.63 -45.21 38.58
C ASP EB 149 49.69 -45.14 37.50
N LYS FB 1 17.33 -26.48 0.47
CA LYS FB 1 18.53 -26.03 -0.30
C LYS FB 1 19.18 -27.21 -1.02
N SER FB 2 19.44 -27.04 -2.32
CA SER FB 2 19.98 -28.11 -3.14
C SER FB 2 21.52 -28.15 -3.12
N ALA FB 3 22.07 -29.23 -2.61
CA ALA FB 3 23.52 -29.44 -2.56
C ALA FB 3 24.08 -29.81 -3.93
N VAL FB 4 23.29 -30.55 -4.70
CA VAL FB 4 23.68 -31.01 -6.03
C VAL FB 4 22.51 -30.79 -6.98
N THR FB 5 22.82 -30.35 -8.20
CA THR FB 5 21.83 -30.21 -9.26
C THR FB 5 22.27 -30.89 -10.55
N THR FB 6 21.32 -31.44 -11.28
CA THR FB 6 21.60 -32.20 -12.50
C THR FB 6 20.72 -31.77 -13.68
N VAL FB 7 21.27 -31.91 -14.90
CA VAL FB 7 20.52 -31.67 -16.14
C VAL FB 7 20.79 -32.82 -17.10
N VAL FB 8 19.72 -33.45 -17.58
CA VAL FB 8 19.82 -34.69 -18.36
C VAL FB 8 19.21 -34.62 -19.76
N ASN FB 9 19.76 -35.42 -20.67
CA ASN FB 9 19.19 -35.63 -22.00
C ASN FB 9 17.87 -36.37 -21.91
N PRO FB 10 16.91 -36.04 -22.81
CA PRO FB 10 15.72 -36.87 -22.99
C PRO FB 10 16.04 -38.34 -23.21
N LYS FB 11 17.24 -38.61 -23.74
CA LYS FB 11 17.73 -39.97 -23.96
C LYS FB 11 18.15 -40.64 -22.64
N TYR FB 12 17.36 -40.41 -21.59
CA TYR FB 12 17.67 -40.88 -20.22
C TYR FB 12 19.09 -40.51 -19.77
N CYS GB 17 41.07 1.41 1.83
CA CYS GB 17 39.90 1.82 2.65
C CYS GB 17 40.29 2.94 3.63
N ALA GB 18 39.47 4.00 3.63
CA ALA GB 18 39.72 5.18 4.46
C ALA GB 18 38.43 5.90 4.80
N GLU GB 19 38.38 6.49 6.00
CA GLU GB 19 37.24 7.28 6.45
C GLU GB 19 37.66 8.72 6.77
N PHE GB 20 36.88 9.67 6.28
CA PHE GB 20 37.16 11.10 6.46
C PHE GB 20 35.98 11.84 7.07
N ARG GB 21 36.26 12.76 7.98
CA ARG GB 21 35.23 13.62 8.56
C ARG GB 21 35.05 14.86 7.71
N ILE GB 22 33.83 15.06 7.21
CA ILE GB 22 33.50 16.17 6.31
C ILE GB 22 32.14 16.81 6.62
N LYS GB 23 31.88 17.96 6.01
CA LYS GB 23 30.58 18.61 6.08
C LYS GB 23 29.91 18.61 4.70
N TYR GB 24 28.58 18.67 4.68
CA TYR GB 24 27.82 18.58 3.44
C TYR GB 24 27.16 19.91 3.05
N VAL GB 25 27.68 20.51 1.98
CA VAL GB 25 27.20 21.83 1.52
C VAL GB 25 25.83 21.73 0.84
N GLY GB 26 25.67 20.75 -0.04
CA GLY GB 26 24.43 20.56 -0.79
C GLY GB 26 24.66 19.83 -2.09
N ALA GB 27 23.65 19.83 -2.95
CA ALA GB 27 23.72 19.15 -4.24
C ALA GB 27 22.92 19.84 -5.34
N ILE GB 28 23.39 19.71 -6.58
CA ILE GB 28 22.63 20.13 -7.74
C ILE GB 28 22.08 18.91 -8.43
N GLU GB 29 20.76 18.86 -8.48
CA GLU GB 29 20.09 17.68 -8.88
C GLU GB 29 19.97 17.41 -10.34
N LYS GB 30 20.32 18.12 -11.39
CA LYS GB 30 20.03 17.27 -12.59
C LYS GB 30 20.45 17.99 -13.80
N LEU GB 31 21.40 17.40 -14.50
CA LEU GB 31 21.98 18.06 -15.63
C LEU GB 31 21.98 17.16 -16.84
N LYS GB 32 21.54 17.73 -17.96
CA LYS GB 32 21.56 17.04 -19.23
C LYS GB 32 22.91 17.27 -19.91
N GLU GB 40 32.09 18.18 -17.69
CA GLU GB 40 32.84 18.29 -18.94
C GLU GB 40 34.35 18.35 -18.65
N GLY GB 41 34.79 19.42 -18.01
CA GLY GB 41 36.20 19.60 -17.68
C GLY GB 41 36.47 19.75 -16.19
N PRO GB 42 37.74 19.98 -15.82
CA PRO GB 42 38.13 20.13 -14.42
C PRO GB 42 37.64 21.45 -13.83
N LEU GB 43 37.68 22.50 -14.64
CA LEU GB 43 37.34 23.86 -14.21
C LEU GB 43 35.86 24.18 -14.39
N ASP GB 44 35.22 23.51 -15.33
CA ASP GB 44 33.80 23.73 -15.63
C ASP GB 44 32.91 23.35 -14.45
N LEU GB 45 33.38 22.39 -13.65
CA LEU GB 45 32.72 21.99 -12.41
C LEU GB 45 32.76 23.11 -11.37
N ILE GB 46 33.94 23.67 -11.16
CA ILE GB 46 34.15 24.76 -10.21
C ILE GB 46 33.30 25.97 -10.57
N ASN GB 47 33.28 26.30 -11.86
CA ASN GB 47 32.53 27.44 -12.37
C ASN GB 47 31.02 27.33 -12.13
N TYR GB 48 30.49 26.12 -12.30
CA TYR GB 48 29.05 25.87 -12.14
C TYR GB 48 28.62 26.00 -10.67
N ILE GB 49 29.50 25.57 -9.76
CA ILE GB 49 29.25 25.67 -8.32
C ILE GB 49 29.29 27.13 -7.86
N ASP GB 50 30.21 27.90 -8.45
CA ASP GB 50 30.28 29.35 -8.20
C ASP GB 50 28.97 30.04 -8.60
N VAL GB 51 28.40 29.62 -9.73
CA VAL GB 51 27.12 30.15 -10.20
C VAL GB 51 25.97 29.73 -9.29
N ALA GB 52 25.95 28.45 -8.91
CA ALA GB 52 24.91 27.89 -8.05
C ALA GB 52 24.88 28.53 -6.66
N GLN GB 53 26.05 28.91 -6.16
CA GLN GB 53 26.15 29.60 -4.87
C GLN GB 53 25.64 31.03 -4.95
N GLN GB 54 25.92 31.70 -6.08
CA GLN GB 54 25.54 33.09 -6.30
C GLN GB 54 24.03 33.28 -6.52
N ASP GB 55 23.29 32.18 -6.58
CA ASP GB 55 21.85 32.22 -6.82
C ASP GB 55 21.02 31.78 -5.62
N GLY GB 56 21.64 30.99 -4.74
CA GLY GB 56 20.96 30.45 -3.56
C GLY GB 56 20.53 29.00 -3.71
N LYS GB 57 21.04 28.34 -4.74
CA LYS GB 57 20.78 26.92 -4.95
C LYS GB 57 21.75 26.06 -4.13
N LEU GB 58 22.95 26.59 -3.93
CA LEU GB 58 23.93 26.03 -3.00
C LEU GB 58 24.35 27.10 -2.02
N PRO GB 59 24.39 26.77 -0.72
CA PRO GB 59 24.85 27.73 0.28
C PRO GB 59 26.35 27.94 0.20
N PHE GB 60 26.85 29.02 0.80
CA PHE GB 60 28.28 29.24 0.95
C PHE GB 60 28.78 28.53 2.19
N VAL GB 61 27.84 28.17 3.08
CA VAL GB 61 28.17 27.52 4.34
C VAL GB 61 27.21 26.33 4.56
N PRO GB 62 27.76 25.10 4.67
CA PRO GB 62 27.00 23.88 4.97
C PRO GB 62 26.36 23.91 6.37
N PRO GB 63 25.48 22.93 6.69
CA PRO GB 63 25.07 22.80 8.08
C PRO GB 63 26.19 22.20 8.95
N GLU GB 64 26.07 22.38 10.26
CA GLU GB 64 27.11 22.00 11.21
C GLU GB 64 27.35 20.49 11.34
N GLU GB 65 26.32 19.72 10.97
CA GLU GB 65 26.37 18.26 11.04
C GLU GB 65 27.65 17.72 10.40
N GLU GB 66 28.45 17.03 11.20
CA GLU GB 66 29.64 16.38 10.69
C GLU GB 66 29.28 15.00 10.17
N PHE GB 67 29.82 14.67 9.00
CA PHE GB 67 29.55 13.38 8.35
C PHE GB 67 30.84 12.62 8.11
N ILE GB 68 30.71 11.31 7.95
CA ILE GB 68 31.86 10.43 7.69
C ILE GB 68 31.84 9.96 6.25
N GLY GB 70 33.43 7.51 3.72
CA GLY GB 70 34.22 6.29 3.57
C GLY GB 70 34.53 6.00 2.12
N VAL GB 71 35.81 5.77 1.83
CA VAL GB 71 36.26 5.43 0.48
C VAL GB 71 36.70 3.96 0.45
N SER GB 72 36.23 3.24 -0.56
CA SER GB 72 36.54 1.82 -0.74
C SER GB 72 36.65 1.47 -2.23
N LYS GB 73 36.68 0.19 -2.56
CA LYS GB 73 36.86 -0.25 -3.95
C LYS GB 73 35.57 -0.28 -4.77
N TYR GB 74 34.42 -0.36 -4.11
CA TYR GB 74 33.14 -0.38 -4.83
C TYR GB 74 32.49 1.00 -4.95
N GLY GB 75 32.93 1.93 -4.13
CA GLY GB 75 32.47 3.30 -4.20
C GLY GB 75 32.66 4.10 -2.92
N ILE GB 76 32.17 5.34 -2.95
CA ILE GB 76 32.24 6.26 -1.82
C ILE GB 76 30.96 6.16 -1.00
N LYS GB 77 31.10 6.01 0.31
CA LYS GB 77 29.97 5.96 1.22
C LYS GB 77 29.98 7.15 2.17
N VAL GB 78 28.84 7.82 2.30
CA VAL GB 78 28.68 8.95 3.21
C VAL GB 78 27.68 8.57 4.30
N SER GB 79 28.10 8.69 5.56
CA SER GB 79 27.24 8.46 6.71
C SER GB 79 27.41 9.60 7.71
N THR GB 80 26.51 9.68 8.68
CA THR GB 80 26.58 10.70 9.71
C THR GB 80 27.65 10.34 10.75
N SER GB 81 28.17 11.36 11.44
CA SER GB 81 29.10 11.17 12.58
C SER GB 81 28.54 10.16 13.58
N ASP GB 82 27.25 10.30 13.90
CA ASP GB 82 26.50 9.24 14.55
C ASP GB 82 26.25 8.15 13.51
N GLN GB 83 27.06 7.10 13.55
CA GLN GB 83 27.06 6.05 12.54
C GLN GB 83 25.74 5.30 12.46
N TYR GB 84 24.83 5.81 11.62
CA TYR GB 84 23.52 5.20 11.41
C TYR GB 84 23.03 5.41 9.99
N ASP GB 85 22.60 6.64 9.69
CA ASP GB 85 21.98 6.96 8.41
C ASP GB 85 22.98 7.06 7.27
N VAL GB 86 22.77 6.23 6.24
CA VAL GB 86 23.56 6.29 5.02
C VAL GB 86 23.07 7.48 4.21
N LEU GB 87 23.81 8.58 4.31
CA LEU GB 87 23.43 9.85 3.68
C LEU GB 87 23.49 9.75 2.16
N HIS GB 88 24.63 9.25 1.66
CA HIS GB 88 24.83 9.06 0.22
C HIS GB 88 25.66 7.86 -0.10
N ARG GB 89 25.40 7.28 -1.28
CA ARG GB 89 26.19 6.15 -1.79
C ARG GB 89 26.51 6.34 -3.27
N HIS GB 90 27.73 6.78 -3.54
CA HIS GB 90 28.17 7.00 -4.91
C HIS GB 90 28.96 5.83 -5.40
N ALA GB 91 28.40 5.13 -6.39
CA ALA GB 91 29.04 3.96 -6.98
C ALA GB 91 30.25 4.37 -7.79
N LEU GB 92 31.33 3.59 -7.67
CA LEU GB 92 32.59 3.86 -8.36
C LEU GB 92 32.42 3.86 -9.88
N TYR GB 93 31.50 3.03 -10.37
CA TYR GB 93 31.23 2.88 -11.79
C TYR GB 93 30.57 4.14 -12.36
N LEU GB 94 29.83 4.86 -11.52
CA LEU GB 94 29.06 6.03 -11.95
C LEU GB 94 29.74 7.37 -11.65
N ILE GB 95 30.84 7.32 -10.89
CA ILE GB 95 31.63 8.52 -10.60
C ILE GB 95 32.50 8.87 -11.80
N ILE GB 96 32.39 10.12 -12.27
CA ILE GB 96 33.17 10.58 -13.43
C ILE GB 96 34.37 11.41 -13.00
N ARG GB 97 34.13 12.46 -12.21
CA ARG GB 97 35.19 13.37 -11.81
C ARG GB 97 35.00 13.91 -10.39
N VAL GB 99 36.59 16.88 -7.83
CA VAL GB 99 37.37 18.11 -7.81
C VAL GB 99 37.37 18.69 -6.40
N CYS GB 100 38.55 19.07 -5.90
CA CYS GB 100 38.66 19.76 -4.63
C CYS GB 100 39.50 21.04 -4.75
N TYR GB 101 38.98 22.12 -4.17
CA TYR GB 101 39.62 23.44 -4.25
C TYR GB 101 39.33 24.29 -3.02
N ASP GB 102 40.29 25.16 -2.69
CA ASP GB 102 40.11 26.13 -1.60
C ASP GB 102 39.11 27.20 -2.02
N ASP GB 103 38.09 27.40 -1.18
CA ASP GB 103 37.03 28.38 -1.47
C ASP GB 103 37.52 29.83 -1.38
N GLY GB 104 38.51 30.07 -0.52
CA GLY GB 104 39.11 31.39 -0.34
C GLY GB 104 38.26 32.36 0.45
N LEU GB 105 37.40 31.83 1.31
CA LEU GB 105 36.52 32.67 2.14
C LEU GB 105 37.22 33.23 3.39
N GLY GB 106 38.37 32.66 3.73
CA GLY GB 106 39.19 33.17 4.82
C GLY GB 106 39.22 32.33 6.08
N ALA GB 107 39.13 31.00 5.93
CA ALA GB 107 39.19 30.08 7.06
C ALA GB 107 40.00 28.81 6.73
N GLY GB 108 40.60 28.78 5.54
CA GLY GB 108 41.37 27.63 5.08
C GLY GB 108 40.50 26.46 4.62
N LYS GB 109 39.20 26.70 4.55
CA LYS GB 109 38.24 25.67 4.19
C LYS GB 109 38.27 25.39 2.69
N SER GB 110 37.94 24.16 2.31
CA SER GB 110 37.94 23.76 0.90
C SER GB 110 36.68 23.02 0.51
N LEU GB 111 36.28 23.19 -0.75
CA LEU GB 111 35.07 22.56 -1.28
C LEU GB 111 35.39 21.30 -2.07
N LEU GB 112 34.59 20.26 -1.83
CA LEU GB 112 34.78 18.96 -2.48
C LEU GB 112 33.62 18.61 -3.38
N ALA GB 113 33.88 18.58 -4.69
CA ALA GB 113 32.83 18.36 -5.69
C ALA GB 113 32.89 16.98 -6.34
N LEU GB 114 31.73 16.31 -6.39
CA LEU GB 114 31.61 15.01 -7.03
C LEU GB 114 30.60 15.05 -8.17
N LYS GB 115 31.07 14.76 -9.38
CA LYS GB 115 30.22 14.67 -10.55
C LYS GB 115 29.86 13.20 -10.81
N THR GB 116 28.60 12.86 -10.60
CA THR GB 116 28.10 11.50 -10.81
C THR GB 116 27.03 11.46 -11.90
N THR GB 117 26.67 10.25 -12.33
CA THR GB 117 25.64 10.06 -13.35
C THR GB 117 24.66 8.95 -12.99
N ASP GB 118 23.65 8.77 -13.82
CA ASP GB 118 22.67 7.71 -13.64
C ASP GB 118 23.09 6.44 -14.36
N ALA GB 119 22.35 5.35 -14.12
CA ALA GB 119 22.63 4.05 -14.72
C ALA GB 119 22.63 4.07 -16.25
N SER GB 120 21.66 4.81 -16.81
CA SER GB 120 21.50 4.91 -18.27
C SER GB 120 22.50 5.87 -18.93
N ASN GB 121 23.39 6.45 -18.12
CA ASN GB 121 24.40 7.41 -18.57
C ASN GB 121 23.80 8.57 -19.37
N GLU GB 122 22.85 9.26 -18.74
CA GLU GB 122 22.18 10.40 -19.36
C GLU GB 122 22.36 11.65 -18.51
N GLU GB 123 21.76 11.65 -17.32
CA GLU GB 123 21.70 12.84 -16.47
C GLU GB 123 22.81 12.87 -15.43
N TYR GB 124 23.36 14.06 -15.20
CA TYR GB 124 24.50 14.25 -14.30
C TYR GB 124 24.06 14.92 -12.99
N SER GB 125 24.76 14.57 -11.91
CA SER GB 125 24.48 15.15 -10.59
C SER GB 125 25.77 15.60 -9.89
N LEU GB 126 25.72 16.78 -9.29
CA LEU GB 126 26.87 17.33 -8.57
C LEU GB 126 26.65 17.33 -7.07
N TRP GB 127 27.61 16.79 -6.34
CA TRP GB 127 27.53 16.73 -4.88
C TRP GB 127 28.67 17.51 -4.28
N VAL GB 128 28.32 18.52 -3.50
CA VAL GB 128 29.31 19.43 -2.93
C VAL GB 128 29.50 19.19 -1.43
N TYR GB 129 30.75 19.00 -1.02
CA TYR GB 129 31.12 18.77 0.36
C TYR GB 129 32.14 19.81 0.82
N GLN GB 130 32.35 19.90 2.13
CA GLN GB 130 33.36 20.82 2.67
C GLN GB 130 34.37 20.10 3.56
N CYS GB 131 35.65 20.30 3.27
CA CYS GB 131 36.75 19.82 4.10
C CYS GB 131 37.40 21.01 4.79
N ASN GB 132 37.81 20.81 6.04
CA ASN GB 132 38.38 21.91 6.84
C ASN GB 132 39.79 22.34 6.42
N SER GB 133 40.34 21.66 5.41
CA SER GB 133 41.62 22.04 4.81
C SER GB 133 41.78 21.46 3.40
N LEU GB 134 42.58 22.14 2.59
CA LEU GB 134 42.89 21.69 1.22
C LEU GB 134 43.67 20.38 1.24
N GLU GB 135 44.54 20.23 2.22
CA GLU GB 135 45.38 19.04 2.36
C GLU GB 135 44.54 17.78 2.61
N GLN GB 136 43.52 17.91 3.45
CA GLN GB 136 42.59 16.80 3.72
C GLN GB 136 41.75 16.47 2.49
N ALA GB 137 41.36 17.51 1.75
CA ALA GB 137 40.56 17.36 0.54
C ALA GB 137 41.36 16.64 -0.54
N GLN GB 138 42.65 16.93 -0.61
CA GLN GB 138 43.55 16.26 -1.56
C GLN GB 138 43.80 14.81 -1.16
N ALA GB 139 43.79 14.54 0.14
CA ALA GB 139 43.97 13.19 0.67
C ALA GB 139 42.89 12.24 0.18
N ILE GB 140 41.64 12.70 0.19
CA ILE GB 140 40.50 11.89 -0.26
C ILE GB 140 40.58 11.61 -1.76
N CYS GB 141 41.06 12.59 -2.52
CA CYS GB 141 41.29 12.42 -3.96
C CYS GB 141 42.33 11.34 -4.23
N LYS GB 142 43.39 11.32 -3.42
CA LYS GB 142 44.46 10.33 -3.53
C LYS GB 142 43.94 8.91 -3.32
N VAL GB 143 43.09 8.73 -2.31
CA VAL GB 143 42.50 7.43 -1.99
C VAL GB 143 41.52 6.98 -3.08
N LEU GB 144 40.81 7.95 -3.69
CA LEU GB 144 39.91 7.67 -4.79
C LEU GB 144 40.69 7.26 -6.05
N SER GB 145 41.81 7.93 -6.31
CA SER GB 145 42.67 7.62 -7.43
C SER GB 145 43.15 6.17 -7.40
N THR GB 146 43.42 5.68 -6.19
CA THR GB 146 43.80 4.29 -5.95
C THR GB 146 42.67 3.34 -6.37
N ALA GB 147 41.45 3.65 -5.93
CA ALA GB 147 40.27 2.84 -6.22
C ALA GB 147 40.01 2.70 -7.72
N PHE GB 148 40.33 3.76 -8.47
CA PHE GB 148 40.20 3.76 -9.93
C PHE GB 148 41.35 3.01 -10.61
N ASP GB 149 42.52 3.01 -9.96
CA ASP GB 149 43.69 2.31 -10.49
C ASP GB 149 43.66 0.80 -10.23
N SER GB 150 42.93 0.39 -9.18
CA SER GB 150 42.90 -1.02 -8.76
C SER GB 150 41.83 -1.85 -9.47
N VAL GB 151 41.02 -1.20 -10.29
CA VAL GB 151 39.91 -1.88 -10.99
C VAL GB 151 40.17 -2.14 -12.47
N LEU GB 152 40.94 -1.25 -13.10
CA LEU GB 152 41.17 -1.29 -14.54
C LEU GB 152 42.41 -2.12 -14.89
N CYS HB 17 65.45 -37.50 55.44
CA CYS HB 17 66.44 -38.02 54.48
C CYS HB 17 65.77 -38.96 53.47
N ALA HB 18 65.80 -38.59 52.20
CA ALA HB 18 65.16 -39.34 51.14
C ALA HB 18 65.93 -39.29 49.83
N GLU HB 19 65.84 -40.37 49.04
CA GLU HB 19 66.49 -40.44 47.73
C GLU HB 19 65.49 -40.61 46.60
N PHE HB 20 65.69 -39.88 45.52
CA PHE HB 20 64.82 -39.92 44.35
C PHE HB 20 65.63 -40.05 43.06
N ARG HB 21 65.14 -40.88 42.14
CA ARG HB 21 65.79 -41.07 40.85
C ARG HB 21 65.25 -40.08 39.83
N ILE HB 22 66.11 -39.11 39.47
CA ILE HB 22 65.73 -37.99 38.62
C ILE HB 22 66.67 -37.83 37.41
N LYS HB 23 66.22 -37.06 36.42
CA LYS HB 23 67.06 -36.74 35.26
C LYS HB 23 67.45 -35.26 35.25
N TYR HB 24 68.68 -34.99 34.84
CA TYR HB 24 69.19 -33.62 34.77
C TYR HB 24 68.93 -33.01 33.39
N VAL HB 25 68.28 -31.85 33.38
CA VAL HB 25 67.91 -31.17 32.13
C VAL HB 25 68.96 -30.14 31.73
N GLY HB 26 69.29 -29.24 32.65
CA GLY HB 26 70.28 -28.19 32.40
C GLY HB 26 70.26 -27.11 33.46
N ALA HB 27 71.05 -26.06 33.24
CA ALA HB 27 71.18 -24.96 34.19
C ALA HB 27 71.56 -23.65 33.53
N ILE HB 28 70.93 -22.57 33.99
CA ILE HB 28 71.32 -21.22 33.60
C ILE HB 28 72.00 -20.56 34.80
N LEU HB 43 56.72 -18.10 41.35
CA LEU HB 43 55.90 -18.23 40.15
C LEU HB 43 56.63 -17.65 38.93
N ASP HB 44 57.44 -16.62 39.16
CA ASP HB 44 58.22 -15.97 38.11
C ASP HB 44 59.29 -16.88 37.53
N LEU HB 45 59.60 -17.95 38.26
CA LEU HB 45 60.62 -18.92 37.88
C LEU HB 45 60.16 -19.77 36.69
N ILE HB 46 58.85 -19.99 36.59
CA ILE HB 46 58.25 -20.81 35.53
C ILE HB 46 58.33 -20.10 34.18
N ASN HB 47 58.01 -18.80 34.17
CA ASN HB 47 58.01 -18.01 32.94
C ASN HB 47 59.40 -17.80 32.35
N TYR HB 48 60.41 -17.75 33.21
CA TYR HB 48 61.80 -17.60 32.79
C TYR HB 48 62.31 -18.89 32.12
N ILE HB 49 61.84 -20.03 32.62
CA ILE HB 49 62.18 -21.34 32.06
C ILE HB 49 61.06 -21.82 31.15
N LYS HB 57 68.58 -22.03 24.89
CA LYS HB 57 69.56 -22.19 25.97
C LYS HB 57 69.36 -23.46 26.78
N LEU HB 58 68.10 -23.76 27.09
CA LEU HB 58 67.74 -24.98 27.80
C LEU HB 58 67.08 -25.99 26.87
N PRO HB 59 67.50 -27.26 26.94
CA PRO HB 59 66.88 -28.33 26.16
C PRO HB 59 65.49 -28.66 26.69
N PHE HB 60 64.59 -29.05 25.79
CA PHE HB 60 63.24 -29.48 26.17
C PHE HB 60 63.29 -30.90 26.73
N VAL HB 61 64.12 -31.74 26.11
CA VAL HB 61 64.26 -33.14 26.50
C VAL HB 61 65.63 -33.38 27.15
N PRO HB 62 65.63 -33.90 28.40
CA PRO HB 62 66.86 -34.17 29.13
C PRO HB 62 67.61 -35.40 28.59
N PRO HB 63 68.93 -35.47 28.80
CA PRO HB 63 69.71 -36.68 28.51
C PRO HB 63 69.25 -37.87 29.35
N GLU HB 64 69.43 -39.07 28.80
CA GLU HB 64 68.93 -40.31 29.40
C GLU HB 64 69.48 -40.67 30.78
N GLU HB 65 70.69 -40.21 31.09
CA GLU HB 65 71.35 -40.59 32.34
C GLU HB 65 70.58 -40.15 33.58
N GLU HB 66 70.41 -41.11 34.50
CA GLU HB 66 69.65 -40.91 35.72
C GLU HB 66 70.57 -40.57 36.88
N PHE HB 67 70.16 -39.60 37.69
CA PHE HB 67 70.92 -39.18 38.86
C PHE HB 67 70.12 -39.43 40.15
N ILE HB 68 70.84 -39.55 41.26
CA ILE HB 68 70.23 -39.78 42.56
C ILE HB 68 70.21 -38.48 43.37
N GLY HB 70 69.68 -36.75 46.71
CA GLY HB 70 69.71 -37.05 48.13
C GLY HB 70 69.55 -35.82 48.99
N VAL HB 71 68.33 -35.64 49.51
CA VAL HB 71 68.03 -34.52 50.41
C VAL HB 71 68.31 -34.93 51.85
N SER HB 72 68.95 -34.05 52.60
CA SER HB 72 69.21 -34.25 54.02
C SER HB 72 69.05 -32.93 54.78
N LYS HB 73 69.72 -32.82 55.92
CA LYS HB 73 69.70 -31.60 56.73
C LYS HB 73 70.65 -30.55 56.16
N TYR HB 74 71.71 -31.01 55.51
CA TYR HB 74 72.78 -30.16 55.00
C TYR HB 74 72.40 -29.52 53.66
N GLY HB 75 71.52 -30.17 52.93
CA GLY HB 75 71.06 -29.68 51.63
C GLY HB 75 70.73 -30.78 50.65
N ILE HB 76 70.94 -30.50 49.36
CA ILE HB 76 70.65 -31.45 48.30
C ILE HB 76 71.94 -32.01 47.70
N LYS HB 77 71.96 -33.33 47.50
CA LYS HB 77 73.11 -34.03 46.95
C LYS HB 77 72.73 -34.76 45.67
N VAL HB 78 73.33 -34.35 44.55
CA VAL HB 78 73.09 -34.99 43.26
C VAL HB 78 74.33 -35.78 42.85
N SER HB 79 74.18 -37.10 42.69
CA SER HB 79 75.30 -37.96 42.36
C SER HB 79 75.02 -38.89 41.17
N THR HB 80 76.08 -39.44 40.61
CA THR HB 80 75.97 -40.41 39.50
C THR HB 80 75.45 -41.76 39.98
N SER HB 81 74.57 -42.36 39.18
CA SER HB 81 73.95 -43.65 39.52
C SER HB 81 74.75 -44.81 38.94
N ALA HB 91 73.64 -26.38 49.21
CA ALA HB 91 73.37 -26.34 50.64
C ALA HB 91 71.97 -25.80 50.92
N LEU HB 92 71.37 -26.28 52.01
CA LEU HB 92 70.01 -25.90 52.40
C LEU HB 92 69.87 -24.40 52.69
N TYR HB 93 70.96 -23.80 53.18
CA TYR HB 93 71.03 -22.37 53.47
C TYR HB 93 70.91 -21.48 52.24
N LEU HB 94 71.47 -21.95 51.12
CA LEU HB 94 71.51 -21.18 49.89
C LEU HB 94 70.19 -21.26 49.09
N ILE HB 95 69.49 -22.39 49.23
CA ILE HB 95 68.24 -22.63 48.51
C ILE HB 95 67.15 -21.64 48.94
N ILE HB 96 66.59 -20.93 47.96
CA ILE HB 96 65.56 -19.92 48.20
C ILE HB 96 64.17 -20.46 47.88
N ARG HB 97 63.99 -20.96 46.65
CA ARG HB 97 62.70 -21.46 46.19
C ARG HB 97 62.85 -22.68 45.27
N VAL HB 99 60.39 -25.10 42.55
CA VAL HB 99 59.13 -25.18 41.81
C VAL HB 99 59.06 -26.48 41.02
N CYS HB 100 57.88 -27.10 40.99
CA CYS HB 100 57.62 -28.28 40.16
C CYS HB 100 56.30 -28.15 39.40
N TYR HB 101 56.31 -28.58 38.14
CA TYR HB 101 55.14 -28.45 37.26
C TYR HB 101 55.19 -29.44 36.09
N ASP HB 102 54.05 -29.58 35.40
CA ASP HB 102 53.94 -30.44 34.21
C ASP HB 102 54.86 -29.99 33.08
N SER HB 110 57.61 -34.29 34.66
CA SER HB 110 57.56 -33.05 35.41
C SER HB 110 58.93 -32.36 35.48
N LEU HB 111 58.91 -31.04 35.37
CA LEU HB 111 60.13 -30.23 35.48
C LEU HB 111 60.31 -29.70 36.90
N LEU HB 112 61.54 -29.84 37.41
CA LEU HB 112 61.88 -29.42 38.76
C LEU HB 112 62.88 -28.28 38.72
N ALA HB 113 62.47 -27.11 39.21
CA ALA HB 113 63.29 -25.91 39.17
C ALA HB 113 63.84 -25.52 40.55
N LEU HB 114 65.16 -25.47 40.66
CA LEU HB 114 65.83 -25.05 41.89
C LEU HB 114 66.51 -23.70 41.75
N LYS HB 115 66.31 -22.84 42.75
CA LYS HB 115 66.90 -21.51 42.75
C LYS HB 115 67.92 -21.36 43.88
N THR HB 116 69.16 -21.05 43.51
CA THR HB 116 70.23 -20.85 44.47
C THR HB 116 70.91 -19.49 44.30
N THR HB 117 71.52 -19.00 45.38
CA THR HB 117 72.30 -17.76 45.34
C THR HB 117 73.71 -17.97 45.90
N TYR HB 124 72.14 -14.99 40.79
CA TYR HB 124 71.28 -16.14 41.04
C TYR HB 124 71.51 -17.25 40.01
N SER HB 125 71.28 -18.49 40.43
CA SER HB 125 71.42 -19.65 39.55
C SER HB 125 70.16 -20.50 39.54
N LEU HB 126 69.80 -21.01 38.36
CA LEU HB 126 68.65 -21.88 38.21
C LEU HB 126 69.09 -23.29 37.79
N TRP HB 127 68.54 -24.30 38.47
CA TRP HB 127 68.83 -25.69 38.17
C TRP HB 127 67.58 -26.39 37.78
N VAL HB 128 67.58 -27.02 36.60
CA VAL HB 128 66.38 -27.69 36.09
C VAL HB 128 66.58 -29.21 36.06
N TYR HB 129 65.63 -29.92 36.67
CA TYR HB 129 65.63 -31.38 36.71
C TYR HB 129 64.30 -31.93 36.19
N GLN HB 130 64.29 -33.21 35.81
CA GLN HB 130 63.06 -33.85 35.35
C GLN HB 130 62.72 -35.09 36.18
N CYS HB 131 61.45 -35.21 36.53
CA CYS HB 131 60.93 -36.37 37.25
C CYS HB 131 59.97 -37.14 36.35
N ASN HB 132 60.08 -38.47 36.35
CA ASN HB 132 59.30 -39.31 35.45
C ASN HB 132 57.80 -39.34 35.74
N SER HB 133 57.38 -38.67 36.82
CA SER HB 133 55.98 -38.53 37.17
C SER HB 133 55.70 -37.21 37.92
N LEU HB 134 54.44 -36.80 37.92
CA LEU HB 134 54.01 -35.55 38.55
C LEU HB 134 54.08 -35.62 40.09
N GLU HB 135 53.74 -36.79 40.63
CA GLU HB 135 53.59 -36.97 42.06
C GLU HB 135 54.92 -37.29 42.75
N GLN HB 136 55.92 -37.66 41.95
CA GLN HB 136 57.27 -37.88 42.45
C GLN HB 136 57.97 -36.53 42.66
N ALA HB 137 57.70 -35.58 41.77
CA ALA HB 137 58.23 -34.23 41.87
C ALA HB 137 57.65 -33.50 43.07
N GLN HB 138 56.39 -33.82 43.40
CA GLN HB 138 55.71 -33.26 44.56
C GLN HB 138 56.19 -33.91 45.85
N ALA HB 139 56.72 -35.13 45.75
CA ALA HB 139 57.27 -35.85 46.89
C ALA HB 139 58.57 -35.22 47.40
N ILE HB 140 59.37 -34.72 46.48
CA ILE HB 140 60.64 -34.05 46.81
C ILE HB 140 60.38 -32.69 47.47
N CYS HB 141 59.26 -32.06 47.11
CA CYS HB 141 58.81 -30.81 47.73
C CYS HB 141 58.52 -31.01 49.22
N LYS HB 142 58.01 -32.18 49.57
CA LYS HB 142 57.68 -32.53 50.96
C LYS HB 142 58.93 -32.71 51.81
N VAL HB 143 59.97 -33.29 51.20
CA VAL HB 143 61.22 -33.59 51.91
C VAL HB 143 62.00 -32.31 52.25
N LEU HB 144 61.92 -31.31 51.38
CA LEU HB 144 62.50 -29.99 51.65
C LEU HB 144 61.72 -29.24 52.73
N SER HB 145 60.41 -29.43 52.75
CA SER HB 145 59.54 -28.83 53.78
C SER HB 145 59.87 -29.39 55.17
N THR HB 146 60.40 -30.60 55.21
CA THR HB 146 60.87 -31.23 56.43
C THR HB 146 62.19 -30.59 56.89
N ALA HB 147 63.10 -30.39 55.93
CA ALA HB 147 64.43 -29.87 56.23
C ALA HB 147 64.42 -28.38 56.62
N PHE HB 148 63.53 -27.62 56.00
CA PHE HB 148 63.35 -26.19 56.33
C PHE HB 148 62.73 -26.00 57.72
N ASP HB 149 61.96 -26.98 58.18
CA ASP HB 149 61.36 -26.95 59.52
C ASP HB 149 62.25 -27.62 60.57
N SER HB 150 63.26 -28.37 60.11
CA SER HB 150 64.19 -29.07 61.00
C SER HB 150 65.21 -28.13 61.63
N VAL HB 151 65.65 -27.14 60.86
CA VAL HB 151 66.64 -26.17 61.31
C VAL HB 151 66.03 -24.92 61.96
N LEU HB 152 64.82 -24.57 61.53
CA LEU HB 152 64.13 -23.39 62.05
C LEU HB 152 63.35 -23.74 63.31
N LYS IB 1 53.03 25.13 -5.60
CA LYS IB 1 52.28 23.94 -5.09
C LYS IB 1 50.90 23.78 -5.76
N SER IB 2 50.34 22.58 -5.62
CA SER IB 2 49.06 22.22 -6.25
C SER IB 2 47.88 23.00 -5.68
N ALA IB 3 47.03 23.49 -6.57
CA ALA IB 3 45.84 24.25 -6.20
C ALA IB 3 44.56 23.44 -6.39
N VAL IB 4 44.42 22.83 -7.56
CA VAL IB 4 43.23 22.03 -7.91
C VAL IB 4 43.62 20.70 -8.52
N THR IB 5 43.18 19.61 -7.89
CA THR IB 5 43.46 18.25 -8.37
C THR IB 5 42.18 17.49 -8.75
N THR IB 6 42.28 16.63 -9.75
CA THR IB 6 41.13 15.92 -10.29
C THR IB 6 41.32 14.41 -10.38
N VAL IB 7 40.24 13.68 -10.13
CA VAL IB 7 40.23 12.21 -10.25
C VAL IB 7 39.24 11.82 -11.34
N VAL IB 8 39.72 11.77 -12.58
CA VAL IB 8 38.88 11.44 -13.73
C VAL IB 8 38.63 9.93 -13.85
N ASN IB 9 37.44 9.59 -14.36
CA ASN IB 9 37.11 8.21 -14.68
C ASN IB 9 37.60 7.88 -16.09
N PRO IB 10 38.47 6.86 -16.22
CA PRO IB 10 39.02 6.49 -17.52
C PRO IB 10 38.06 5.65 -18.37
N LYS IB 11 36.81 6.08 -18.45
CA LYS IB 11 35.79 5.39 -19.25
C LYS IB 11 34.94 6.40 -20.04
N THR JB 6 57.02 -25.85 45.19
CA THR JB 6 56.17 -25.17 46.20
C THR JB 6 56.94 -24.85 47.50
N VAL JB 7 58.26 -25.03 47.45
CA VAL JB 7 59.12 -24.79 48.61
C VAL JB 7 59.58 -23.33 48.64
N VAL JB 8 59.52 -22.73 49.82
CA VAL JB 8 59.98 -21.36 50.04
C VAL JB 8 61.01 -21.30 51.17
N ASN JB 9 61.38 -20.11 51.58
CA ASN JB 9 62.30 -19.91 52.71
C ASN JB 9 61.68 -19.06 53.80
N PRO JB 10 61.28 -19.69 54.92
CA PRO JB 10 60.70 -18.98 56.05
C PRO JB 10 61.76 -18.28 56.89
#